data_8ED7
#
_entry.id   8ED7
#
_cell.length_a   1.00
_cell.length_b   1.00
_cell.length_c   1.00
_cell.angle_alpha   90.00
_cell.angle_beta   90.00
_cell.angle_gamma   90.00
#
_symmetry.space_group_name_H-M   'P 1'
#
loop_
_entity.id
_entity.type
_entity.pdbx_description
1 polymer 'Transient receptor potential cation channel, subfamily M, member 3'
2 polymer 'Unidentified segment at the N-terminus of TRPM3'
3 non-polymer (3beta,14beta,17beta,25R)-3-[4-methoxy-3-(methoxymethyl)butoxy]spirost-5-en
#
loop_
_entity_poly.entity_id
_entity_poly.type
_entity_poly.pdbx_seq_one_letter_code
_entity_poly.pdbx_strand_id
1 'polypeptide(L)'
;MGKKWRDAGELERGCSDREDSAESRRRSRSASRGRFAESWKRLSSKQGSTKRSGLPAQQTPAQKSWIERAFYKRECVHII
PSTKDPHRCCCGRLIGQHVGLTPSISVLQNEKNESRLSRNDIQSEKWSISKHTQLSPTDAFGTIEFQGGGHSNKAMYVRV
SFDTKPDLLLHLMTKEWQLELPKLLISVHGGLQNFELQPKLKQVFGKGLIKAAMTTGAWIFTGGVNTGVIRHVGDALKDH
ASKSRGKICTIGIAPWGIVENQEDLIGRDVVRPYQTMSNPMSKLTVLNSMHSHFILADNGTTGKYGAEVKLRRQLEKHIS
LQKINTRIGQGVPVVALIVEGGPNVISIVLEYLRDTPPVPVVVCDGSGRASDILAFGHKYSEEGGLINESLRDQLLVTIQ
KTFTYTRTQAQHLFIILMECMKKKELITVFRMGSEGHQDIDLAILTALLKGANASAPDQLSLALAWNRVDIARSQIFIYG
QQWPVGSLEQAMLDALVLDRVDFVKLLIENGVSMHRFLTISRLEELYNTRHGPSNTLYHLVRDVKKGNLPPDYRISLIDI
GLVIEYLMGGAYRCNYTRKRFRTLYHNLFGPKRPKALKLLGMEDDIPLRRGRKTTKKREEEVDIDLDDPEINHFPFPFHE
LMVWAVLMKRQKMALFFWQHGEEAMAKALVACKLCKAMAHEASENDMVDDISQELNHNSRDFGQLAVELLDQSYKQDEQL
AMKLLTYELKNWSNATCLQLAVAAKHRDFIAHTCSQMLLTDMWMGRLRMRKNSGLKVILGILLPPSILSLEFKNKDDMPY
MTQAQEIHLQEKEPEEPEKPTKEKDEEDMELTAMLGRSNGESSRKKDEEEVQSRHRLIPVGRKIYEFYNAPIVKFWFYTL
AYIGYLMLFNYIVLVKMERWPSTQEWIVISYIFTLGIEKMREILMSEPGKLLQKVKVWLQEYWNVTDLIAILLFSVGMIL
RLQDQPFRSDGRVIYCVNIIYWYIRLLDIFGVNKYLGPYVMMIGKMMIDMMYFVIIMLVVLMSFGVARQAILFPNEEPSW
KLAKNIFYMPYWMIYGEVFADQIDPPCGQNETREDGKTIQLPPCKTGAWIVPAIMACYLLVANILLVNLLIAVFNNTFFE
VKSISNQVWKFQRYQLIMTFHERPVLPPPLIIFSHMTMIFQHVCCRWRKHESDQDERDYGLKLFITDDELKKVHDFEEQC
IEEYFREKDDRFNSSNDERIRVTSERVENMSMRLEEVNEREHSMKASLQTVDIRLAQLEDLIGRMATALERLTGLERAES
NKIRSRTSSDCTDAAYIVRQSSFNSQEGNTFKLQESIDPAGEETISPTSPTLMPRMRSHSFYSV
;
A,B,C,D
2 'polypeptide(L)'
;(UNK)(UNK)(UNK)(UNK)(UNK)(UNK)(UNK)(UNK)(UNK)(UNK)(UNK)(UNK)(UNK)(UNK)(UNK)(UNK)
(UNK)
;
E,F,G,H
#
loop_
_chem_comp.id
_chem_comp.type
_chem_comp.name
_chem_comp.formula
9Z9 non-polymer (3beta,14beta,17beta,25R)-3-[4-methoxy-3-(methoxymethyl)butoxy]spirost-5-en 'C34 H56 O5'
#
# COMPACT_ATOMS: atom_id res chain seq x y z
N ILE A 129 -62.18 -17.95 -47.40
CA ILE A 129 -62.21 -17.41 -48.75
C ILE A 129 -60.85 -17.59 -49.43
N SER A 130 -60.79 -17.23 -50.70
CA SER A 130 -59.58 -17.41 -51.51
C SER A 130 -58.67 -16.18 -51.40
N LYS A 131 -58.22 -15.93 -50.17
CA LYS A 131 -57.34 -14.80 -49.85
C LYS A 131 -57.96 -13.48 -50.28
N HIS A 132 -59.27 -13.35 -50.08
CA HIS A 132 -60.01 -12.15 -50.52
C HIS A 132 -59.95 -11.11 -49.41
N THR A 133 -58.83 -10.40 -49.37
CA THR A 133 -58.59 -9.33 -48.41
C THR A 133 -58.23 -8.06 -49.16
N GLN A 134 -58.90 -6.96 -48.80
CA GLN A 134 -58.61 -5.68 -49.43
C GLN A 134 -57.25 -5.18 -48.97
N LEU A 135 -56.52 -4.55 -49.89
CA LEU A 135 -55.16 -4.10 -49.61
C LEU A 135 -55.18 -2.65 -49.09
N SER A 136 -55.75 -2.52 -47.89
CA SER A 136 -55.73 -1.24 -47.20
C SER A 136 -54.31 -0.89 -46.80
N PRO A 137 -53.98 0.40 -46.67
CA PRO A 137 -52.64 0.78 -46.26
C PRO A 137 -52.35 0.37 -44.82
N THR A 138 -51.06 0.20 -44.53
CA THR A 138 -50.62 -0.17 -43.20
C THR A 138 -50.93 0.94 -42.20
N ASP A 139 -51.32 0.55 -41.00
CA ASP A 139 -51.68 1.50 -39.96
C ASP A 139 -51.04 1.15 -38.62
N ALA A 140 -49.93 0.43 -38.65
CA ALA A 140 -49.24 0.05 -37.40
C ALA A 140 -47.74 -0.02 -37.69
N PHE A 141 -47.06 1.09 -37.42
CA PHE A 141 -45.61 1.14 -37.60
C PHE A 141 -45.05 2.27 -36.77
N GLY A 142 -43.96 2.01 -36.06
CA GLY A 142 -43.39 2.99 -35.15
C GLY A 142 -42.43 2.38 -34.16
N THR A 143 -42.63 2.65 -32.88
CA THR A 143 -41.78 2.13 -31.82
C THR A 143 -42.66 1.65 -30.67
N ILE A 144 -42.26 0.55 -30.04
CA ILE A 144 -42.97 0.04 -28.88
C ILE A 144 -41.96 -0.19 -27.75
N GLU A 145 -42.40 0.07 -26.53
CA GLU A 145 -41.61 -0.24 -25.35
C GLU A 145 -42.30 -1.35 -24.58
N PHE A 146 -41.50 -2.28 -24.06
CA PHE A 146 -42.03 -3.45 -23.38
C PHE A 146 -42.12 -3.14 -21.89
N GLN A 147 -43.35 -2.98 -21.40
CA GLN A 147 -43.61 -2.73 -19.99
C GLN A 147 -43.92 -4.05 -19.30
N GLY A 148 -43.44 -4.19 -18.06
CA GLY A 148 -43.64 -5.39 -17.27
C GLY A 148 -42.42 -6.29 -17.25
N GLY A 149 -41.52 -6.13 -18.21
CA GLY A 149 -40.30 -6.90 -18.21
C GLY A 149 -39.33 -6.40 -17.14
N GLY A 150 -38.17 -7.04 -17.11
CA GLY A 150 -37.15 -6.66 -16.15
C GLY A 150 -36.17 -5.65 -16.71
N HIS A 151 -36.56 -4.95 -17.76
CA HIS A 151 -35.68 -4.03 -18.46
C HIS A 151 -36.51 -3.02 -19.23
N SER A 152 -35.84 -1.98 -19.71
CA SER A 152 -36.43 -0.99 -20.58
C SER A 152 -35.82 -1.15 -21.97
N ASN A 153 -36.64 -1.58 -22.94
CA ASN A 153 -36.16 -1.86 -24.28
C ASN A 153 -37.09 -1.24 -25.29
N LYS A 154 -36.53 -0.82 -26.42
CA LYS A 154 -37.28 -0.24 -27.53
C LYS A 154 -37.12 -1.13 -28.74
N ALA A 155 -38.14 -1.12 -29.61
CA ALA A 155 -38.14 -2.00 -30.77
C ALA A 155 -39.02 -1.42 -31.86
N MET A 156 -38.41 -1.06 -32.98
CA MET A 156 -39.19 -0.64 -34.14
C MET A 156 -39.99 -1.82 -34.67
N TYR A 157 -41.16 -1.52 -35.21
CA TYR A 157 -42.06 -2.54 -35.72
C TYR A 157 -42.80 -1.99 -36.92
N VAL A 158 -42.97 -2.82 -37.95
CA VAL A 158 -43.74 -2.48 -39.14
C VAL A 158 -44.53 -3.71 -39.55
N ARG A 159 -45.84 -3.56 -39.70
CA ARG A 159 -46.65 -4.63 -40.26
C ARG A 159 -46.72 -4.45 -41.77
N VAL A 160 -46.63 -5.57 -42.50
CA VAL A 160 -46.60 -5.57 -43.94
C VAL A 160 -47.44 -6.74 -44.44
N SER A 161 -47.54 -6.85 -45.77
CA SER A 161 -48.26 -7.92 -46.42
C SER A 161 -47.30 -9.01 -46.88
N PHE A 162 -47.83 -10.20 -47.13
CA PHE A 162 -47.02 -11.34 -47.52
C PHE A 162 -46.46 -11.20 -48.94
N ASP A 163 -46.93 -10.24 -49.73
CA ASP A 163 -46.47 -10.05 -51.09
C ASP A 163 -45.45 -8.93 -51.23
N THR A 164 -44.93 -8.42 -50.12
CA THR A 164 -43.95 -7.34 -50.19
C THR A 164 -42.64 -7.85 -50.78
N LYS A 165 -42.10 -7.12 -51.75
CA LYS A 165 -40.86 -7.53 -52.40
C LYS A 165 -39.69 -7.40 -51.43
N PRO A 166 -38.73 -8.32 -51.48
CA PRO A 166 -37.57 -8.23 -50.58
C PRO A 166 -36.78 -6.94 -50.74
N ASP A 167 -36.69 -6.39 -51.96
CA ASP A 167 -35.95 -5.15 -52.15
C ASP A 167 -36.60 -4.00 -51.39
N LEU A 168 -37.93 -3.96 -51.37
CA LEU A 168 -38.63 -2.91 -50.63
C LEU A 168 -38.37 -3.05 -49.13
N LEU A 169 -38.42 -4.27 -48.61
CA LEU A 169 -38.14 -4.49 -47.20
C LEU A 169 -36.71 -4.12 -46.85
N LEU A 170 -35.76 -4.45 -47.72
CA LEU A 170 -34.38 -4.06 -47.49
C LEU A 170 -34.21 -2.55 -47.52
N HIS A 171 -34.94 -1.87 -48.40
CA HIS A 171 -34.91 -0.41 -48.41
C HIS A 171 -35.43 0.17 -47.12
N LEU A 172 -36.55 -0.37 -46.61
CA LEU A 172 -37.08 0.09 -45.33
C LEU A 172 -36.13 -0.23 -44.19
N MET A 173 -35.41 -1.35 -44.29
CA MET A 173 -34.52 -1.76 -43.21
C MET A 173 -33.25 -0.93 -43.18
N THR A 174 -32.74 -0.54 -44.35
CA THR A 174 -31.51 0.22 -44.43
C THR A 174 -31.72 1.73 -44.39
N LYS A 175 -32.95 2.20 -44.59
CA LYS A 175 -33.22 3.64 -44.66
C LYS A 175 -34.01 4.15 -43.47
N GLU A 176 -35.16 3.56 -43.17
CA GLU A 176 -35.99 4.07 -42.08
C GLU A 176 -35.41 3.70 -40.72
N TRP A 177 -34.73 2.56 -40.61
CA TRP A 177 -34.17 2.10 -39.35
C TRP A 177 -32.67 2.36 -39.23
N GLN A 178 -32.02 2.82 -40.30
CA GLN A 178 -30.59 3.13 -40.31
C GLN A 178 -29.75 1.90 -39.91
N LEU A 179 -29.90 0.83 -40.70
CA LEU A 179 -29.15 -0.39 -40.51
C LEU A 179 -28.26 -0.62 -41.74
N GLU A 180 -26.96 -0.73 -41.51
CA GLU A 180 -26.04 -0.99 -42.60
C GLU A 180 -26.16 -2.43 -43.06
N LEU A 181 -25.56 -2.72 -44.21
CA LEU A 181 -25.51 -4.09 -44.69
C LEU A 181 -24.64 -4.92 -43.76
N PRO A 182 -25.11 -6.07 -43.28
CA PRO A 182 -24.34 -6.84 -42.31
C PRO A 182 -23.20 -7.61 -42.97
N LYS A 183 -22.22 -7.96 -42.14
CA LYS A 183 -21.09 -8.78 -42.56
C LYS A 183 -21.32 -10.26 -42.29
N LEU A 184 -22.49 -10.62 -41.77
CA LEU A 184 -22.84 -11.99 -41.45
C LEU A 184 -24.35 -12.05 -41.25
N LEU A 185 -24.96 -13.14 -41.70
CA LEU A 185 -26.41 -13.32 -41.59
C LEU A 185 -26.69 -14.71 -41.04
N ILE A 186 -27.35 -14.78 -39.89
CA ILE A 186 -27.65 -16.04 -39.22
C ILE A 186 -29.16 -16.25 -39.24
N SER A 187 -29.58 -17.42 -39.68
CA SER A 187 -30.98 -17.82 -39.65
C SER A 187 -31.15 -18.90 -38.60
N VAL A 188 -32.09 -18.69 -37.68
CA VAL A 188 -32.33 -19.60 -36.57
C VAL A 188 -33.69 -20.24 -36.75
N HIS A 189 -33.72 -21.57 -36.76
CA HIS A 189 -34.96 -22.33 -36.87
C HIS A 189 -35.14 -23.21 -35.64
N GLY A 190 -36.40 -23.47 -35.31
CA GLY A 190 -36.69 -24.30 -34.16
C GLY A 190 -38.13 -24.77 -34.20
N GLY A 191 -38.55 -25.40 -33.11
CA GLY A 191 -39.91 -25.87 -32.98
C GLY A 191 -40.77 -24.87 -32.24
N LEU A 192 -41.96 -24.61 -32.79
CA LEU A 192 -42.89 -23.70 -32.14
C LEU A 192 -43.39 -24.24 -30.81
N GLN A 193 -43.24 -25.54 -30.57
CA GLN A 193 -43.54 -26.10 -29.26
C GLN A 193 -42.57 -25.54 -28.23
N ASN A 194 -43.08 -25.27 -27.03
CA ASN A 194 -42.28 -24.67 -25.97
C ASN A 194 -41.47 -25.76 -25.27
N PHE A 195 -40.38 -26.15 -25.93
CA PHE A 195 -39.54 -27.24 -25.43
C PHE A 195 -38.63 -26.78 -24.30
N GLU A 196 -37.72 -27.65 -23.87
CA GLU A 196 -36.84 -27.36 -22.75
C GLU A 196 -35.46 -27.92 -23.06
N LEU A 197 -34.43 -27.15 -22.72
CA LEU A 197 -33.05 -27.54 -22.96
C LEU A 197 -32.37 -27.87 -21.64
N GLN A 198 -31.48 -28.86 -21.70
CA GLN A 198 -30.77 -29.32 -20.52
C GLN A 198 -29.81 -28.25 -20.01
N PRO A 199 -29.45 -28.30 -18.73
CA PRO A 199 -28.43 -27.38 -18.21
C PRO A 199 -27.10 -27.61 -18.91
N LYS A 200 -26.30 -26.52 -18.95
CA LYS A 200 -24.95 -26.44 -19.51
C LYS A 200 -24.97 -26.51 -21.04
N LEU A 201 -26.13 -26.78 -21.64
CA LEU A 201 -26.25 -26.70 -23.09
C LEU A 201 -26.77 -25.34 -23.51
N LYS A 202 -27.84 -24.87 -22.86
CA LYS A 202 -28.42 -23.58 -23.22
C LYS A 202 -27.45 -22.43 -22.92
N GLN A 203 -26.67 -22.57 -21.84
CA GLN A 203 -25.69 -21.53 -21.50
C GLN A 203 -24.61 -21.44 -22.56
N VAL A 204 -24.01 -22.58 -22.93
CA VAL A 204 -22.92 -22.58 -23.90
C VAL A 204 -23.44 -22.13 -25.25
N PHE A 205 -24.60 -22.62 -25.66
CA PHE A 205 -25.20 -22.22 -26.93
C PHE A 205 -25.49 -20.72 -26.96
N GLY A 206 -26.07 -20.19 -25.88
CA GLY A 206 -26.39 -18.79 -25.82
C GLY A 206 -25.16 -17.91 -25.89
N LYS A 207 -24.13 -18.25 -25.11
CA LYS A 207 -22.93 -17.42 -25.13
C LYS A 207 -22.18 -17.54 -26.46
N GLY A 208 -22.17 -18.72 -27.07
CA GLY A 208 -21.54 -18.84 -28.38
C GLY A 208 -22.26 -18.04 -29.44
N LEU A 209 -23.60 -18.11 -29.47
CA LEU A 209 -24.36 -17.31 -30.43
C LEU A 209 -24.15 -15.82 -30.20
N ILE A 210 -24.16 -15.39 -28.93
CA ILE A 210 -23.99 -13.98 -28.63
C ILE A 210 -22.60 -13.51 -29.05
N LYS A 211 -21.57 -14.30 -28.77
CA LYS A 211 -20.22 -13.92 -29.19
C LYS A 211 -20.12 -13.85 -30.71
N ALA A 212 -20.70 -14.82 -31.41
CA ALA A 212 -20.64 -14.83 -32.87
C ALA A 212 -21.41 -13.67 -33.48
N ALA A 213 -22.44 -13.18 -32.80
CA ALA A 213 -23.16 -12.02 -33.31
C ALA A 213 -22.60 -10.69 -32.81
N MET A 214 -21.74 -10.71 -31.81
CA MET A 214 -21.19 -9.49 -31.22
C MET A 214 -19.83 -9.12 -31.78
N THR A 215 -18.91 -10.10 -31.89
CA THR A 215 -17.58 -9.78 -32.43
C THR A 215 -17.69 -9.29 -33.87
N THR A 216 -18.51 -9.95 -34.68
CA THR A 216 -18.76 -9.55 -36.05
C THR A 216 -20.18 -9.01 -36.17
N GLY A 217 -20.33 -7.87 -36.86
CA GLY A 217 -21.65 -7.29 -37.04
C GLY A 217 -22.56 -8.21 -37.82
N ALA A 218 -23.65 -8.66 -37.20
CA ALA A 218 -24.48 -9.69 -37.80
C ALA A 218 -25.93 -9.48 -37.43
N TRP A 219 -26.81 -10.00 -38.28
CA TRP A 219 -28.25 -9.99 -38.05
C TRP A 219 -28.70 -11.38 -37.64
N ILE A 220 -29.57 -11.45 -36.65
CA ILE A 220 -30.10 -12.71 -36.16
C ILE A 220 -31.58 -12.77 -36.52
N PHE A 221 -31.90 -13.51 -37.58
CA PHE A 221 -33.29 -13.72 -37.94
C PHE A 221 -33.92 -14.76 -37.02
N THR A 222 -35.08 -14.44 -36.46
CA THR A 222 -35.76 -15.35 -35.56
C THR A 222 -37.23 -15.41 -35.93
N GLY A 223 -37.95 -16.34 -35.30
CA GLY A 223 -39.38 -16.44 -35.52
C GLY A 223 -40.13 -15.21 -35.02
N GLY A 224 -39.76 -14.71 -33.84
CA GLY A 224 -40.34 -13.49 -33.34
C GLY A 224 -41.26 -13.66 -32.15
N VAL A 225 -42.13 -14.67 -32.20
CA VAL A 225 -43.03 -14.93 -31.08
C VAL A 225 -42.27 -15.60 -29.94
N ASN A 226 -42.83 -15.50 -28.74
CA ASN A 226 -42.17 -16.01 -27.54
C ASN A 226 -42.52 -17.49 -27.35
N THR A 227 -42.01 -18.32 -28.26
CA THR A 227 -42.20 -19.76 -28.19
C THR A 227 -40.91 -20.48 -28.53
N GLY A 228 -40.61 -21.53 -27.78
CA GLY A 228 -39.56 -22.46 -28.17
C GLY A 228 -38.17 -21.83 -28.13
N VAL A 229 -37.43 -22.02 -29.23
CA VAL A 229 -36.05 -21.57 -29.31
C VAL A 229 -35.96 -20.05 -29.29
N ILE A 230 -37.00 -19.35 -29.72
CA ILE A 230 -36.98 -17.90 -29.69
C ILE A 230 -36.95 -17.38 -28.26
N ARG A 231 -37.63 -18.06 -27.35
CA ARG A 231 -37.51 -17.72 -25.94
C ARG A 231 -36.09 -17.96 -25.44
N HIS A 232 -35.45 -19.01 -25.93
CA HIS A 232 -34.07 -19.29 -25.51
C HIS A 232 -33.12 -18.20 -26.00
N VAL A 233 -33.27 -17.74 -27.24
CA VAL A 233 -32.39 -16.68 -27.70
C VAL A 233 -32.74 -15.35 -27.03
N GLY A 234 -34.00 -15.16 -26.64
CA GLY A 234 -34.35 -14.00 -25.84
C GLY A 234 -33.66 -14.01 -24.49
N ASP A 235 -33.62 -15.17 -23.84
CA ASP A 235 -32.89 -15.28 -22.58
C ASP A 235 -31.39 -15.12 -22.77
N ALA A 236 -30.86 -15.63 -23.89
CA ALA A 236 -29.44 -15.44 -24.18
C ALA A 236 -29.10 -13.97 -24.34
N LEU A 237 -29.94 -13.22 -25.04
CA LEU A 237 -29.77 -11.77 -25.14
C LEU A 237 -29.97 -11.10 -23.79
N LYS A 238 -30.83 -11.65 -22.94
CA LYS A 238 -31.02 -11.12 -21.60
C LYS A 238 -29.73 -11.25 -20.78
N ASP A 239 -29.05 -12.38 -20.90
CA ASP A 239 -27.79 -12.56 -20.19
C ASP A 239 -26.70 -11.66 -20.77
N HIS A 240 -26.71 -11.44 -22.09
CA HIS A 240 -25.67 -10.64 -22.72
C HIS A 240 -25.73 -9.19 -22.27
N ALA A 241 -26.91 -8.58 -22.35
CA ALA A 241 -27.06 -7.19 -21.95
C ALA A 241 -26.85 -6.99 -20.45
N SER A 242 -26.89 -8.08 -19.68
CA SER A 242 -26.63 -7.98 -18.25
C SER A 242 -25.20 -7.57 -17.98
N LYS A 243 -24.24 -8.04 -18.79
CA LYS A 243 -22.83 -7.87 -18.46
C LYS A 243 -21.99 -7.47 -19.67
N SER A 244 -22.56 -6.81 -20.67
CA SER A 244 -21.79 -6.38 -21.83
C SER A 244 -22.48 -5.22 -22.51
N ARG A 245 -21.71 -4.49 -23.29
CA ARG A 245 -22.17 -3.30 -23.99
C ARG A 245 -22.67 -3.66 -25.39
N GLY A 246 -22.86 -2.66 -26.23
CA GLY A 246 -23.20 -2.89 -27.62
C GLY A 246 -24.65 -3.26 -27.81
N LYS A 247 -25.06 -3.30 -29.09
CA LYS A 247 -26.41 -3.68 -29.46
C LYS A 247 -26.35 -4.70 -30.58
N ILE A 248 -27.15 -5.75 -30.44
CA ILE A 248 -27.23 -6.83 -31.43
C ILE A 248 -28.51 -6.64 -32.21
N CYS A 249 -28.39 -6.49 -33.53
CA CYS A 249 -29.55 -6.23 -34.38
C CYS A 249 -30.25 -7.55 -34.65
N THR A 250 -31.14 -7.93 -33.75
CA THR A 250 -31.92 -9.15 -33.88
C THR A 250 -33.28 -8.82 -34.46
N ILE A 251 -33.64 -9.47 -35.56
CA ILE A 251 -34.84 -9.15 -36.33
C ILE A 251 -35.78 -10.34 -36.22
N GLY A 252 -37.00 -10.08 -35.75
CA GLY A 252 -37.99 -11.14 -35.63
C GLY A 252 -39.13 -10.98 -36.60
N ILE A 253 -39.20 -11.86 -37.60
CA ILE A 253 -40.24 -11.83 -38.62
C ILE A 253 -41.34 -12.80 -38.19
N ALA A 254 -42.42 -12.26 -37.63
CA ALA A 254 -43.50 -13.05 -37.07
C ALA A 254 -44.82 -12.74 -37.77
N PRO A 255 -45.72 -13.72 -37.85
CA PRO A 255 -47.04 -13.46 -38.43
C PRO A 255 -47.85 -12.51 -37.56
N TRP A 256 -48.73 -11.75 -38.22
CA TRP A 256 -49.47 -10.69 -37.52
C TRP A 256 -50.58 -11.25 -36.64
N GLY A 257 -51.19 -12.36 -37.04
CA GLY A 257 -52.37 -12.84 -36.35
C GLY A 257 -52.12 -13.45 -34.99
N ILE A 258 -50.90 -13.91 -34.71
CA ILE A 258 -50.64 -14.69 -33.50
C ILE A 258 -50.22 -13.83 -32.32
N VAL A 259 -50.04 -12.52 -32.51
CA VAL A 259 -49.72 -11.66 -31.38
C VAL A 259 -50.93 -11.58 -30.46
N GLU A 260 -50.66 -11.46 -29.16
CA GLU A 260 -51.76 -11.42 -28.19
C GLU A 260 -52.62 -10.18 -28.38
N ASN A 261 -52.00 -9.04 -28.61
CA ASN A 261 -52.70 -7.77 -28.78
C ASN A 261 -52.47 -7.29 -30.20
N GLN A 262 -53.40 -7.65 -31.10
CA GLN A 262 -53.39 -7.06 -32.43
C GLN A 262 -53.60 -5.56 -32.35
N GLU A 263 -54.47 -5.12 -31.45
CA GLU A 263 -54.59 -3.71 -31.10
C GLU A 263 -53.46 -3.34 -30.16
N ASP A 264 -53.56 -2.19 -29.51
CA ASP A 264 -52.55 -1.62 -28.63
C ASP A 264 -51.26 -1.29 -29.37
N LEU A 265 -51.22 -1.48 -30.69
CA LEU A 265 -50.07 -1.13 -31.50
C LEU A 265 -50.45 -0.29 -32.72
N ILE A 266 -51.74 0.06 -32.88
CA ILE A 266 -52.20 0.72 -34.10
C ILE A 266 -51.78 2.17 -34.20
N GLY A 267 -51.09 2.70 -33.19
CA GLY A 267 -50.60 4.05 -33.26
C GLY A 267 -49.49 4.22 -34.27
N ARG A 268 -49.76 4.89 -35.38
CA ARG A 268 -48.79 5.05 -36.45
C ARG A 268 -47.73 6.07 -36.03
N ASP A 269 -46.46 5.66 -36.17
CA ASP A 269 -45.31 6.53 -35.91
C ASP A 269 -45.30 7.08 -34.50
N VAL A 270 -45.89 6.34 -33.55
CA VAL A 270 -46.00 6.78 -32.17
C VAL A 270 -45.61 5.61 -31.27
N VAL A 271 -45.20 5.94 -30.05
CA VAL A 271 -44.84 4.94 -29.06
C VAL A 271 -46.11 4.32 -28.50
N ARG A 272 -46.09 2.99 -28.34
CA ARG A 272 -47.23 2.26 -27.82
C ARG A 272 -46.75 1.37 -26.68
N PRO A 273 -47.20 1.59 -25.45
CA PRO A 273 -46.82 0.69 -24.36
C PRO A 273 -47.33 -0.72 -24.61
N TYR A 274 -46.51 -1.69 -24.25
CA TYR A 274 -46.79 -3.10 -24.48
C TYR A 274 -46.56 -3.88 -23.19
N GLN A 275 -47.38 -4.90 -22.98
CA GLN A 275 -47.35 -5.69 -21.75
C GLN A 275 -46.70 -7.03 -22.03
N THR A 276 -45.61 -7.32 -21.32
CA THR A 276 -44.92 -8.59 -21.48
C THR A 276 -45.63 -9.74 -20.78
N MET A 277 -46.65 -9.46 -19.98
CA MET A 277 -47.37 -10.52 -19.28
C MET A 277 -48.21 -11.33 -20.25
N SER A 278 -48.24 -12.64 -20.03
CA SER A 278 -48.96 -13.57 -20.89
C SER A 278 -49.74 -14.56 -20.03
N ASN A 279 -50.79 -15.13 -20.61
CA ASN A 279 -51.63 -16.09 -19.93
C ASN A 279 -51.79 -17.34 -20.79
N PRO A 280 -51.91 -18.51 -20.16
CA PRO A 280 -51.99 -19.77 -20.94
C PRO A 280 -53.20 -19.85 -21.86
N MET A 281 -54.33 -19.26 -21.48
CA MET A 281 -55.57 -19.41 -22.23
C MET A 281 -55.75 -18.36 -23.31
N SER A 282 -54.75 -17.51 -23.56
CA SER A 282 -54.89 -16.46 -24.56
C SER A 282 -54.92 -17.01 -25.97
N LYS A 283 -54.21 -18.11 -26.21
CA LYS A 283 -54.04 -18.78 -27.51
C LYS A 283 -53.26 -17.94 -28.51
N LEU A 284 -52.86 -16.72 -28.14
CA LEU A 284 -52.02 -15.88 -28.98
C LEU A 284 -50.80 -15.47 -28.17
N THR A 285 -49.63 -15.89 -28.62
CA THR A 285 -48.40 -15.67 -27.88
C THR A 285 -47.94 -14.23 -28.04
N VAL A 286 -47.42 -13.65 -26.96
CA VAL A 286 -46.91 -12.29 -27.02
C VAL A 286 -45.59 -12.26 -27.77
N LEU A 287 -45.26 -11.07 -28.29
CA LEU A 287 -43.98 -10.88 -28.93
C LEU A 287 -42.87 -10.93 -27.90
N ASN A 288 -41.83 -11.69 -28.19
CA ASN A 288 -40.69 -11.81 -27.28
C ASN A 288 -39.99 -10.47 -27.15
N SER A 289 -39.62 -10.12 -25.92
CA SER A 289 -38.84 -8.92 -25.70
C SER A 289 -37.38 -9.19 -26.07
N MET A 290 -36.53 -8.19 -25.83
CA MET A 290 -35.10 -8.27 -26.14
C MET A 290 -34.87 -8.50 -27.64
N HIS A 291 -35.79 -8.01 -28.46
CA HIS A 291 -35.65 -8.02 -29.92
C HIS A 291 -35.63 -6.58 -30.42
N SER A 292 -34.59 -6.24 -31.18
CA SER A 292 -34.40 -4.83 -31.53
C SER A 292 -35.34 -4.36 -32.62
N HIS A 293 -35.72 -5.22 -33.56
CA HIS A 293 -36.62 -4.83 -34.64
C HIS A 293 -37.61 -5.95 -34.90
N PHE A 294 -38.75 -5.57 -35.50
CA PHE A 294 -39.80 -6.52 -35.82
C PHE A 294 -40.32 -6.23 -37.22
N ILE A 295 -40.83 -7.28 -37.86
CA ILE A 295 -41.58 -7.16 -39.11
C ILE A 295 -42.74 -8.14 -39.03
N LEU A 296 -43.96 -7.64 -39.16
CA LEU A 296 -45.16 -8.45 -39.00
C LEU A 296 -45.78 -8.73 -40.35
N ALA A 297 -46.00 -10.00 -40.65
CA ALA A 297 -46.57 -10.43 -41.91
C ALA A 297 -48.05 -10.76 -41.72
N ASP A 298 -48.88 -10.28 -42.63
CA ASP A 298 -50.33 -10.45 -42.54
C ASP A 298 -50.85 -11.08 -43.81
N ASN A 299 -51.68 -12.13 -43.65
CA ASN A 299 -52.41 -12.73 -44.75
C ASN A 299 -53.92 -12.73 -44.52
N GLY A 300 -54.37 -12.49 -43.29
CA GLY A 300 -55.78 -12.38 -43.01
C GLY A 300 -56.25 -13.19 -41.82
N THR A 301 -55.70 -14.38 -41.63
CA THR A 301 -56.16 -15.25 -40.57
C THR A 301 -55.57 -14.83 -39.22
N THR A 302 -56.09 -15.43 -38.16
CA THR A 302 -55.65 -15.17 -36.79
C THR A 302 -55.56 -16.50 -36.06
N GLY A 303 -54.37 -16.82 -35.56
CA GLY A 303 -54.12 -18.09 -34.93
C GLY A 303 -53.51 -19.14 -35.84
N LYS A 304 -53.16 -18.77 -37.07
CA LYS A 304 -52.58 -19.70 -38.03
C LYS A 304 -51.24 -19.18 -38.53
N TYR A 305 -50.26 -20.09 -38.63
CA TYR A 305 -48.91 -19.77 -39.05
C TYR A 305 -48.78 -19.88 -40.57
N GLY A 306 -47.55 -19.91 -41.05
CA GLY A 306 -47.27 -20.10 -42.46
C GLY A 306 -47.68 -18.94 -43.34
N ALA A 307 -47.41 -17.71 -42.88
CA ALA A 307 -47.68 -16.52 -43.67
C ALA A 307 -46.43 -15.71 -43.97
N GLU A 308 -45.28 -16.05 -43.39
CA GLU A 308 -44.06 -15.28 -43.56
C GLU A 308 -42.88 -16.12 -44.02
N VAL A 309 -43.02 -17.43 -44.13
CA VAL A 309 -41.89 -18.30 -44.43
C VAL A 309 -41.31 -17.99 -45.80
N LYS A 310 -42.18 -17.85 -46.82
CA LYS A 310 -41.70 -17.50 -48.15
C LYS A 310 -41.06 -16.11 -48.15
N LEU A 311 -41.66 -15.16 -47.43
CA LEU A 311 -41.06 -13.84 -47.32
C LEU A 311 -39.71 -13.90 -46.63
N ARG A 312 -39.59 -14.71 -45.59
CA ARG A 312 -38.32 -14.84 -44.88
C ARG A 312 -37.23 -15.42 -45.78
N ARG A 313 -37.56 -16.48 -46.52
CA ARG A 313 -36.58 -17.09 -47.40
C ARG A 313 -36.18 -16.15 -48.53
N GLN A 314 -37.15 -15.43 -49.11
CA GLN A 314 -36.83 -14.48 -50.16
C GLN A 314 -35.97 -13.34 -49.63
N LEU A 315 -36.24 -12.88 -48.41
CA LEU A 315 -35.39 -11.83 -47.83
C LEU A 315 -33.97 -12.32 -47.61
N GLU A 316 -33.82 -13.55 -47.12
CA GLU A 316 -32.48 -14.09 -46.94
C GLU A 316 -31.75 -14.23 -48.28
N LYS A 317 -32.46 -14.71 -49.31
CA LYS A 317 -31.85 -14.85 -50.62
C LYS A 317 -31.44 -13.49 -51.19
N HIS A 318 -32.27 -12.47 -50.99
CA HIS A 318 -31.96 -11.15 -51.51
C HIS A 318 -30.79 -10.52 -50.76
N ILE A 319 -30.69 -10.76 -49.45
CA ILE A 319 -29.54 -10.26 -48.72
C ILE A 319 -28.26 -10.98 -49.14
N SER A 320 -28.37 -12.28 -49.41
CA SER A 320 -27.20 -13.05 -49.81
C SER A 320 -26.63 -12.57 -51.14
N LEU A 321 -27.48 -12.07 -52.04
CA LEU A 321 -27.00 -11.56 -53.31
C LEU A 321 -26.37 -10.18 -53.19
N GLN A 322 -26.62 -9.46 -52.10
CA GLN A 322 -26.02 -8.15 -51.92
C GLN A 322 -24.52 -8.29 -51.72
N LYS A 323 -23.77 -7.45 -52.42
CA LYS A 323 -22.31 -7.50 -52.36
C LYS A 323 -21.82 -6.94 -51.03
N ILE A 324 -20.90 -7.66 -50.40
CA ILE A 324 -20.23 -7.16 -49.21
C ILE A 324 -19.26 -6.09 -49.66
N ASN A 325 -18.70 -5.33 -48.71
CA ASN A 325 -17.86 -4.18 -49.06
C ASN A 325 -16.63 -4.60 -49.84
N THR A 326 -16.12 -5.82 -49.61
CA THR A 326 -14.89 -6.25 -50.27
C THR A 326 -15.08 -6.34 -51.78
N ARG A 327 -14.02 -6.00 -52.50
CA ARG A 327 -14.05 -5.95 -53.96
C ARG A 327 -13.74 -7.29 -54.60
N ILE A 328 -13.54 -8.33 -53.78
CA ILE A 328 -13.24 -9.67 -54.31
C ILE A 328 -14.43 -10.18 -55.13
N GLY A 329 -15.64 -10.00 -54.61
CA GLY A 329 -16.82 -10.39 -55.36
C GLY A 329 -17.70 -11.41 -54.66
N GLN A 330 -17.67 -11.45 -53.34
CA GLN A 330 -18.52 -12.36 -52.60
C GLN A 330 -19.63 -11.60 -51.89
N GLY A 331 -20.80 -12.23 -51.82
CA GLY A 331 -21.93 -11.65 -51.12
C GLY A 331 -21.86 -11.89 -49.63
N VAL A 332 -22.88 -11.40 -48.94
CA VAL A 332 -22.93 -11.56 -47.48
C VAL A 332 -23.22 -13.03 -47.18
N PRO A 333 -22.33 -13.72 -46.48
CA PRO A 333 -22.54 -15.14 -46.21
C PRO A 333 -23.69 -15.38 -45.25
N VAL A 334 -24.40 -16.48 -45.46
CA VAL A 334 -25.59 -16.84 -44.69
C VAL A 334 -25.35 -18.21 -44.07
N VAL A 335 -25.68 -18.33 -42.79
CA VAL A 335 -25.59 -19.60 -42.08
C VAL A 335 -26.95 -19.90 -41.46
N ALA A 336 -27.22 -21.19 -41.26
CA ALA A 336 -28.47 -21.64 -40.66
C ALA A 336 -28.15 -22.46 -39.42
N LEU A 337 -28.85 -22.15 -38.34
CA LEU A 337 -28.65 -22.83 -37.06
C LEU A 337 -29.95 -23.49 -36.63
N ILE A 338 -29.90 -24.77 -36.31
CA ILE A 338 -31.08 -25.57 -36.01
C ILE A 338 -31.00 -26.06 -34.58
N VAL A 339 -32.06 -25.83 -33.81
CA VAL A 339 -32.20 -26.35 -32.46
C VAL A 339 -33.60 -26.93 -32.31
N GLU A 340 -33.68 -28.14 -31.75
CA GLU A 340 -34.94 -28.84 -31.51
C GLU A 340 -35.72 -29.05 -32.80
N GLY A 341 -36.72 -28.21 -33.06
CA GLY A 341 -37.51 -28.34 -34.26
C GLY A 341 -38.48 -29.51 -34.21
N GLY A 342 -38.95 -29.88 -35.39
CA GLY A 342 -39.89 -30.98 -35.54
C GLY A 342 -39.82 -31.57 -36.92
N PRO A 343 -40.96 -32.06 -37.43
CA PRO A 343 -40.99 -32.62 -38.78
C PRO A 343 -40.60 -31.62 -39.86
N ASN A 344 -40.96 -30.35 -39.71
CA ASN A 344 -40.68 -29.35 -40.74
C ASN A 344 -39.21 -28.96 -40.78
N VAL A 345 -38.45 -29.21 -39.71
CA VAL A 345 -37.05 -28.81 -39.68
C VAL A 345 -36.26 -29.60 -40.73
N ILE A 346 -36.58 -30.87 -40.93
CA ILE A 346 -35.90 -31.66 -41.95
C ILE A 346 -36.16 -31.07 -43.33
N SER A 347 -37.42 -30.70 -43.61
CA SER A 347 -37.76 -30.12 -44.89
C SER A 347 -37.05 -28.79 -45.11
N ILE A 348 -36.97 -27.97 -44.06
CA ILE A 348 -36.33 -26.67 -44.20
C ILE A 348 -34.82 -26.83 -44.42
N VAL A 349 -34.19 -27.76 -43.70
CA VAL A 349 -32.77 -28.01 -43.90
C VAL A 349 -32.51 -28.53 -45.31
N LEU A 350 -33.37 -29.42 -45.80
CA LEU A 350 -33.21 -29.92 -47.15
C LEU A 350 -33.38 -28.81 -48.19
N GLU A 351 -34.35 -27.91 -47.97
CA GLU A 351 -34.52 -26.79 -48.89
C GLU A 351 -33.34 -25.84 -48.86
N TYR A 352 -32.74 -25.64 -47.69
CA TYR A 352 -31.54 -24.82 -47.59
C TYR A 352 -30.38 -25.44 -48.35
N LEU A 353 -30.18 -26.76 -48.17
CA LEU A 353 -29.02 -27.41 -48.76
C LEU A 353 -29.15 -27.56 -50.28
N ARG A 354 -30.37 -27.57 -50.79
CA ARG A 354 -30.56 -27.79 -52.23
C ARG A 354 -30.54 -26.51 -53.04
N ASP A 355 -30.48 -25.34 -52.40
CA ASP A 355 -30.39 -24.09 -53.14
C ASP A 355 -29.05 -24.02 -53.86
N THR A 356 -29.05 -23.40 -55.04
CA THR A 356 -27.86 -23.44 -55.89
C THR A 356 -26.63 -22.83 -55.23
N PRO A 357 -26.68 -21.67 -54.56
CA PRO A 357 -25.63 -21.37 -53.58
C PRO A 357 -25.94 -22.05 -52.27
N PRO A 358 -25.17 -23.06 -51.89
CA PRO A 358 -25.48 -23.83 -50.69
C PRO A 358 -25.32 -22.99 -49.43
N VAL A 359 -26.15 -23.26 -48.44
CA VAL A 359 -26.14 -22.58 -47.16
C VAL A 359 -25.77 -23.60 -46.08
N PRO A 360 -24.61 -23.47 -45.45
CA PRO A 360 -24.21 -24.44 -44.42
C PRO A 360 -25.16 -24.42 -43.23
N VAL A 361 -25.32 -25.58 -42.60
CA VAL A 361 -26.28 -25.79 -41.54
C VAL A 361 -25.57 -26.36 -40.32
N VAL A 362 -25.80 -25.76 -39.16
CA VAL A 362 -25.20 -26.19 -37.91
C VAL A 362 -26.30 -26.69 -36.99
N VAL A 363 -26.11 -27.88 -36.43
CA VAL A 363 -27.13 -28.57 -35.64
C VAL A 363 -26.58 -28.90 -34.26
N CYS A 364 -27.40 -28.73 -33.24
CA CYS A 364 -27.04 -29.12 -31.87
C CYS A 364 -27.77 -30.40 -31.50
N ASP A 365 -27.00 -31.39 -31.02
CA ASP A 365 -27.55 -32.72 -30.80
C ASP A 365 -28.41 -32.82 -29.55
N GLY A 366 -28.05 -32.09 -28.50
CA GLY A 366 -28.65 -32.30 -27.19
C GLY A 366 -30.07 -31.82 -27.05
N SER A 367 -30.66 -31.24 -28.10
CA SER A 367 -32.04 -30.77 -28.02
C SER A 367 -33.01 -31.92 -27.81
N GLY A 368 -32.84 -33.02 -28.54
CA GLY A 368 -33.67 -34.20 -28.36
C GLY A 368 -34.55 -34.54 -29.55
N ARG A 369 -35.10 -33.52 -30.20
CA ARG A 369 -35.97 -33.71 -31.36
C ARG A 369 -35.14 -33.92 -32.62
N ALA A 370 -35.76 -33.72 -33.79
CA ALA A 370 -35.18 -34.03 -35.10
C ALA A 370 -33.77 -33.48 -35.33
N SER A 371 -33.33 -32.56 -34.48
CA SER A 371 -31.91 -32.24 -34.44
C SER A 371 -31.09 -33.47 -34.02
N ASP A 372 -31.58 -34.21 -33.03
CA ASP A 372 -30.87 -35.39 -32.55
C ASP A 372 -30.82 -36.48 -33.62
N ILE A 373 -31.91 -36.68 -34.36
CA ILE A 373 -31.89 -37.69 -35.41
C ILE A 373 -30.99 -37.26 -36.57
N LEU A 374 -30.88 -35.96 -36.82
CA LEU A 374 -29.93 -35.48 -37.81
C LEU A 374 -28.50 -35.74 -37.35
N ALA A 375 -28.23 -35.53 -36.05
CA ALA A 375 -26.92 -35.85 -35.52
C ALA A 375 -26.62 -37.34 -35.61
N PHE A 376 -27.62 -38.18 -35.37
CA PHE A 376 -27.44 -39.62 -35.51
C PHE A 376 -27.14 -40.01 -36.96
N GLY A 377 -27.92 -39.48 -37.90
CA GLY A 377 -27.68 -39.75 -39.30
C GLY A 377 -26.36 -39.20 -39.81
N HIS A 378 -25.82 -38.17 -39.17
CA HIS A 378 -24.48 -37.71 -39.49
C HIS A 378 -23.44 -38.78 -39.17
N LYS A 379 -23.71 -39.58 -38.14
CA LYS A 379 -22.83 -40.68 -37.80
C LYS A 379 -23.23 -41.95 -38.56
N TYR A 380 -22.24 -42.80 -38.82
CA TYR A 380 -22.36 -44.05 -39.57
C TYR A 380 -23.24 -43.88 -40.82
N SER A 381 -22.82 -42.96 -41.68
CA SER A 381 -23.51 -42.70 -42.93
C SER A 381 -22.79 -43.44 -44.06
N GLU A 382 -23.25 -43.20 -45.29
CA GLU A 382 -22.67 -43.83 -46.46
C GLU A 382 -21.73 -42.87 -47.17
N VAL A 397 -29.24 -50.14 -40.42
CA VAL A 397 -29.58 -49.23 -39.33
C VAL A 397 -31.00 -48.72 -39.47
N THR A 398 -31.74 -49.25 -40.46
CA THR A 398 -33.13 -48.86 -40.64
C THR A 398 -33.98 -49.25 -39.44
N ILE A 399 -33.59 -50.32 -38.73
CA ILE A 399 -34.28 -50.68 -37.50
C ILE A 399 -34.02 -49.65 -36.42
N GLN A 400 -32.85 -49.00 -36.45
CA GLN A 400 -32.56 -47.92 -35.50
C GLN A 400 -33.34 -46.65 -35.81
N LYS A 401 -34.03 -46.58 -36.96
CA LYS A 401 -34.82 -45.43 -37.34
C LYS A 401 -36.25 -45.49 -36.79
N THR A 402 -36.46 -46.21 -35.71
CA THR A 402 -37.76 -46.30 -35.05
C THR A 402 -37.75 -45.32 -33.88
N PHE A 403 -38.03 -44.06 -34.18
CA PHE A 403 -38.13 -43.01 -33.17
C PHE A 403 -39.56 -42.76 -32.73
N THR A 404 -40.51 -42.76 -33.67
CA THR A 404 -41.94 -42.68 -33.40
C THR A 404 -42.32 -41.44 -32.57
N TYR A 405 -41.62 -40.32 -32.80
CA TYR A 405 -42.01 -39.09 -32.14
C TYR A 405 -43.01 -38.29 -32.98
N THR A 406 -43.00 -38.47 -34.30
CA THR A 406 -43.91 -37.76 -35.18
C THR A 406 -45.28 -38.43 -35.20
N ARG A 407 -45.33 -39.67 -35.67
CA ARG A 407 -46.58 -40.33 -35.97
C ARG A 407 -46.37 -41.85 -35.90
N THR A 408 -47.30 -42.60 -36.46
CA THR A 408 -47.20 -44.05 -36.48
C THR A 408 -46.00 -44.51 -37.30
N GLN A 409 -45.54 -45.72 -37.00
CA GLN A 409 -44.32 -46.26 -37.60
C GLN A 409 -44.47 -46.51 -39.10
N ALA A 410 -45.70 -46.65 -39.60
CA ALA A 410 -45.89 -46.99 -41.01
C ALA A 410 -45.40 -45.90 -41.94
N GLN A 411 -45.49 -44.64 -41.53
CA GLN A 411 -45.05 -43.52 -42.35
C GLN A 411 -43.63 -43.10 -41.97
N HIS A 412 -42.84 -42.72 -42.98
CA HIS A 412 -41.47 -42.32 -42.75
C HIS A 412 -41.06 -41.27 -43.77
N LEU A 413 -40.03 -40.51 -43.42
CA LEU A 413 -39.40 -39.52 -44.29
C LEU A 413 -37.97 -39.93 -44.60
N PHE A 414 -37.78 -41.25 -44.78
CA PHE A 414 -36.43 -41.78 -44.99
C PHE A 414 -35.85 -41.32 -46.31
N ILE A 415 -36.69 -41.00 -47.29
CA ILE A 415 -36.19 -40.47 -48.56
C ILE A 415 -35.47 -39.15 -48.34
N ILE A 416 -36.12 -38.22 -47.65
CA ILE A 416 -35.50 -36.91 -47.44
C ILE A 416 -34.36 -37.00 -46.43
N LEU A 417 -34.44 -37.92 -45.46
CA LEU A 417 -33.31 -38.07 -44.54
C LEU A 417 -32.08 -38.64 -45.26
N MET A 418 -32.29 -39.58 -46.17
CA MET A 418 -31.17 -40.08 -46.98
C MET A 418 -30.64 -39.01 -47.92
N GLU A 419 -31.51 -38.12 -48.42
CA GLU A 419 -31.01 -36.99 -49.20
C GLU A 419 -30.13 -36.09 -48.35
N CYS A 420 -30.55 -35.82 -47.11
CA CYS A 420 -29.74 -35.00 -46.21
C CYS A 420 -28.40 -35.66 -45.91
N MET A 421 -28.40 -36.97 -45.67
CA MET A 421 -27.14 -37.68 -45.46
C MET A 421 -26.30 -37.78 -46.72
N LYS A 422 -26.93 -37.69 -47.89
CA LYS A 422 -26.17 -37.62 -49.14
C LYS A 422 -25.44 -36.29 -49.27
N LYS A 423 -26.13 -35.19 -48.97
CA LYS A 423 -25.48 -33.88 -48.91
C LYS A 423 -25.09 -33.55 -47.47
N LYS A 424 -24.13 -34.31 -46.95
CA LYS A 424 -23.72 -34.20 -45.56
C LYS A 424 -22.38 -33.51 -45.36
N GLU A 425 -21.69 -33.11 -46.44
CA GLU A 425 -20.45 -32.39 -46.27
C GLU A 425 -20.69 -30.96 -45.81
N LEU A 426 -21.81 -30.36 -46.23
CA LEU A 426 -22.13 -29.01 -45.80
C LEU A 426 -22.62 -28.96 -44.36
N ILE A 427 -23.22 -30.04 -43.88
CA ILE A 427 -23.75 -30.09 -42.53
C ILE A 427 -22.60 -30.20 -41.54
N THR A 428 -22.59 -29.32 -40.55
CA THR A 428 -21.63 -29.37 -39.44
C THR A 428 -22.43 -29.54 -38.16
N VAL A 429 -22.01 -30.48 -37.32
CA VAL A 429 -22.74 -30.80 -36.10
C VAL A 429 -21.91 -30.39 -34.89
N PHE A 430 -22.56 -29.77 -33.92
CA PHE A 430 -21.94 -29.35 -32.68
C PHE A 430 -22.19 -30.40 -31.60
N ARG A 431 -21.14 -30.71 -30.84
CA ARG A 431 -21.24 -31.62 -29.72
C ARG A 431 -20.20 -31.23 -28.69
N MET A 432 -20.44 -31.61 -27.44
CA MET A 432 -19.60 -31.21 -26.31
C MET A 432 -18.65 -32.35 -25.98
N GLY A 433 -17.37 -32.16 -26.31
CA GLY A 433 -16.34 -33.13 -26.03
C GLY A 433 -16.30 -34.32 -26.97
N SER A 434 -17.43 -34.69 -27.58
CA SER A 434 -17.44 -35.82 -28.51
C SER A 434 -16.58 -35.55 -29.73
N GLU A 435 -16.64 -34.33 -30.26
CA GLU A 435 -15.84 -33.94 -31.41
C GLU A 435 -15.31 -32.52 -31.18
N GLY A 436 -14.80 -31.90 -32.23
CA GLY A 436 -14.23 -30.58 -32.14
C GLY A 436 -15.28 -29.49 -32.07
N HIS A 437 -14.79 -28.25 -32.11
CA HIS A 437 -15.61 -27.04 -32.02
C HIS A 437 -16.44 -27.03 -30.73
N GLN A 438 -15.73 -27.00 -29.60
CA GLN A 438 -16.41 -26.98 -28.31
C GLN A 438 -17.13 -25.67 -28.06
N ASP A 439 -16.85 -24.63 -28.84
CA ASP A 439 -17.54 -23.36 -28.75
C ASP A 439 -18.53 -23.24 -29.91
N ILE A 440 -19.75 -22.81 -29.59
CA ILE A 440 -20.73 -22.52 -30.63
C ILE A 440 -20.20 -21.42 -31.54
N ASP A 441 -19.50 -20.44 -30.96
CA ASP A 441 -18.93 -19.36 -31.77
C ASP A 441 -17.94 -19.88 -32.79
N LEU A 442 -17.07 -20.82 -32.39
CA LEU A 442 -16.14 -21.40 -33.36
C LEU A 442 -16.86 -22.34 -34.33
N ALA A 443 -17.95 -22.96 -33.90
CA ALA A 443 -18.67 -23.87 -34.78
C ALA A 443 -19.34 -23.11 -35.92
N ILE A 444 -19.98 -21.98 -35.62
CA ILE A 444 -20.72 -21.25 -36.65
C ILE A 444 -19.76 -20.62 -37.66
N LEU A 445 -18.71 -19.96 -37.16
CA LEU A 445 -17.81 -19.24 -38.05
C LEU A 445 -17.06 -20.18 -38.99
N THR A 446 -16.62 -21.33 -38.49
CA THR A 446 -15.90 -22.27 -39.33
C THR A 446 -16.80 -22.92 -40.38
N ALA A 447 -18.12 -22.87 -40.20
CA ALA A 447 -19.02 -23.38 -41.22
C ALA A 447 -19.07 -22.48 -42.44
N LEU A 448 -18.95 -21.17 -42.23
CA LEU A 448 -18.95 -20.24 -43.35
C LEU A 448 -17.68 -20.36 -44.18
N LEU A 449 -16.55 -20.66 -43.55
CA LEU A 449 -15.28 -20.74 -44.27
C LEU A 449 -15.26 -21.96 -45.18
N LYS A 450 -15.35 -23.16 -44.60
CA LYS A 450 -15.30 -24.37 -45.41
C LYS A 450 -16.56 -24.57 -46.25
N GLY A 451 -17.63 -23.83 -45.95
CA GLY A 451 -18.83 -23.95 -46.74
C GLY A 451 -18.75 -23.24 -48.07
N ALA A 452 -17.97 -22.16 -48.15
CA ALA A 452 -17.84 -21.43 -49.40
C ALA A 452 -17.01 -22.19 -50.42
N ASN A 453 -16.01 -22.93 -49.97
CA ASN A 453 -15.11 -23.70 -50.83
C ASN A 453 -14.47 -22.81 -51.90
N ALA A 454 -14.10 -21.60 -51.50
CA ALA A 454 -13.52 -20.63 -52.41
C ALA A 454 -11.99 -20.63 -52.25
N SER A 455 -11.34 -19.69 -52.92
CA SER A 455 -9.89 -19.57 -52.81
C SER A 455 -9.50 -19.00 -51.45
N ALA A 456 -8.22 -19.17 -51.11
CA ALA A 456 -7.69 -18.62 -49.88
C ALA A 456 -7.85 -17.10 -49.75
N PRO A 457 -7.63 -16.28 -50.79
CA PRO A 457 -7.86 -14.83 -50.61
C PRO A 457 -9.28 -14.48 -50.23
N ASP A 458 -10.28 -15.23 -50.67
CA ASP A 458 -11.65 -14.92 -50.29
C ASP A 458 -11.90 -15.19 -48.82
N GLN A 459 -11.41 -16.32 -48.31
CA GLN A 459 -11.52 -16.59 -46.88
C GLN A 459 -10.76 -15.55 -46.06
N LEU A 460 -9.58 -15.16 -46.53
CA LEU A 460 -8.80 -14.15 -45.82
C LEU A 460 -9.54 -12.81 -45.81
N SER A 461 -10.16 -12.45 -46.92
CA SER A 461 -10.93 -11.20 -46.97
C SER A 461 -12.13 -11.26 -46.04
N LEU A 462 -12.80 -12.41 -45.98
CA LEU A 462 -13.91 -12.57 -45.03
C LEU A 462 -13.43 -12.39 -43.59
N ALA A 463 -12.32 -13.04 -43.23
CA ALA A 463 -11.81 -12.91 -41.87
C ALA A 463 -11.36 -11.49 -41.59
N LEU A 464 -10.82 -10.79 -42.59
CA LEU A 464 -10.42 -9.40 -42.41
C LEU A 464 -11.63 -8.51 -42.19
N ALA A 465 -12.72 -8.75 -42.92
CA ALA A 465 -13.93 -7.95 -42.74
C ALA A 465 -14.58 -8.21 -41.40
N TRP A 466 -14.55 -9.47 -40.92
CA TRP A 466 -15.15 -9.77 -39.62
C TRP A 466 -14.30 -9.28 -38.46
N ASN A 467 -13.05 -8.92 -38.70
CA ASN A 467 -12.08 -8.58 -37.65
C ASN A 467 -11.97 -9.71 -36.63
N ARG A 468 -11.80 -10.93 -37.15
CA ARG A 468 -11.53 -12.11 -36.34
C ARG A 468 -10.16 -12.62 -36.74
N VAL A 469 -9.17 -12.41 -35.88
CA VAL A 469 -7.79 -12.73 -36.24
C VAL A 469 -7.45 -14.18 -35.93
N ASP A 470 -7.93 -14.73 -34.82
CA ASP A 470 -7.57 -16.09 -34.43
C ASP A 470 -8.14 -17.12 -35.40
N ILE A 471 -9.30 -16.83 -36.01
CA ILE A 471 -9.86 -17.74 -37.01
C ILE A 471 -8.93 -17.83 -38.21
N ALA A 472 -8.43 -16.69 -38.69
CA ALA A 472 -7.46 -16.71 -39.78
C ALA A 472 -6.15 -17.35 -39.35
N ARG A 473 -5.75 -17.15 -38.09
CA ARG A 473 -4.49 -17.70 -37.61
C ARG A 473 -4.54 -19.21 -37.57
N SER A 474 -5.68 -19.79 -37.19
CA SER A 474 -5.80 -21.24 -37.10
C SER A 474 -6.30 -21.85 -38.42
N GLN A 475 -7.48 -21.42 -38.88
CA GLN A 475 -8.10 -22.10 -40.01
C GLN A 475 -7.43 -21.76 -41.34
N ILE A 476 -7.03 -20.52 -41.54
CA ILE A 476 -6.58 -20.11 -42.86
C ILE A 476 -5.12 -20.49 -43.08
N PHE A 477 -4.21 -19.94 -42.28
CA PHE A 477 -2.78 -20.17 -42.47
C PHE A 477 -2.43 -21.57 -41.98
N ILE A 478 -2.47 -22.53 -42.90
CA ILE A 478 -2.19 -23.94 -42.58
C ILE A 478 -1.16 -24.48 -43.56
N TYR A 479 -0.90 -25.79 -43.46
CA TYR A 479 0.14 -26.45 -44.23
C TYR A 479 -0.17 -26.36 -45.73
N GLY A 480 0.71 -25.71 -46.48
CA GLY A 480 0.60 -25.67 -47.92
C GLY A 480 -0.64 -24.96 -48.44
N GLN A 481 -0.82 -23.71 -48.06
CA GLN A 481 -2.01 -22.97 -48.50
C GLN A 481 -1.97 -22.69 -50.00
N GLN A 482 -0.78 -22.64 -50.60
CA GLN A 482 -0.60 -22.34 -52.02
C GLN A 482 -1.23 -20.98 -52.35
N TRP A 483 -0.64 -19.95 -51.77
CA TRP A 483 -1.13 -18.59 -52.00
C TRP A 483 -0.86 -18.16 -53.43
N PRO A 484 -1.84 -17.63 -54.14
CA PRO A 484 -1.57 -17.07 -55.47
C PRO A 484 -0.65 -15.88 -55.38
N VAL A 485 0.13 -15.67 -56.44
CA VAL A 485 1.10 -14.59 -56.45
C VAL A 485 0.38 -13.25 -56.45
N GLY A 486 0.81 -12.36 -55.55
CA GLY A 486 0.18 -11.06 -55.41
C GLY A 486 -1.01 -11.02 -54.48
N SER A 487 -1.42 -12.15 -53.92
CA SER A 487 -2.56 -12.17 -53.00
C SER A 487 -2.21 -11.58 -51.65
N LEU A 488 -1.05 -11.95 -51.09
CA LEU A 488 -0.67 -11.51 -49.76
C LEU A 488 -0.48 -9.99 -49.72
N GLU A 489 0.14 -9.42 -50.75
CA GLU A 489 0.33 -7.97 -50.76
C GLU A 489 -0.99 -7.23 -50.93
N GLN A 490 -1.92 -7.78 -51.72
CA GLN A 490 -3.24 -7.17 -51.82
C GLN A 490 -3.97 -7.23 -50.49
N ALA A 491 -3.85 -8.35 -49.77
CA ALA A 491 -4.46 -8.44 -48.45
C ALA A 491 -3.83 -7.47 -47.47
N MET A 492 -2.51 -7.27 -47.55
CA MET A 492 -1.86 -6.28 -46.70
C MET A 492 -2.36 -4.87 -47.00
N LEU A 493 -2.51 -4.54 -48.28
CA LEU A 493 -3.04 -3.23 -48.65
C LEU A 493 -4.46 -3.05 -48.13
N ASP A 494 -5.28 -4.09 -48.22
CA ASP A 494 -6.64 -4.00 -47.70
C ASP A 494 -6.66 -3.91 -46.18
N ALA A 495 -5.74 -4.58 -45.49
CA ALA A 495 -5.71 -4.53 -44.04
C ALA A 495 -5.22 -3.19 -43.52
N LEU A 496 -4.33 -2.52 -44.27
CA LEU A 496 -3.82 -1.22 -43.83
C LEU A 496 -4.92 -0.18 -43.78
N VAL A 497 -5.73 -0.08 -44.84
CA VAL A 497 -6.72 0.99 -44.91
C VAL A 497 -7.85 0.80 -43.93
N LEU A 498 -8.08 -0.42 -43.46
CA LEU A 498 -9.17 -0.70 -42.54
C LEU A 498 -8.74 -0.63 -41.07
N ASP A 499 -7.49 -0.29 -40.80
CA ASP A 499 -6.96 -0.15 -39.43
C ASP A 499 -7.11 -1.46 -38.65
N ARG A 500 -6.40 -2.48 -39.12
CA ARG A 500 -6.36 -3.79 -38.46
C ARG A 500 -4.91 -4.07 -38.09
N VAL A 501 -4.52 -3.73 -36.85
CA VAL A 501 -3.14 -3.92 -36.43
C VAL A 501 -2.79 -5.41 -36.39
N ASP A 502 -3.69 -6.23 -35.85
CA ASP A 502 -3.41 -7.65 -35.68
C ASP A 502 -3.21 -8.33 -37.03
N PHE A 503 -4.03 -7.99 -38.02
CA PHE A 503 -3.88 -8.63 -39.32
C PHE A 503 -2.63 -8.17 -40.04
N VAL A 504 -2.25 -6.89 -39.89
CA VAL A 504 -1.00 -6.44 -40.48
C VAL A 504 0.18 -7.17 -39.86
N LYS A 505 0.17 -7.34 -38.54
CA LYS A 505 1.24 -8.10 -37.89
C LYS A 505 1.25 -9.55 -38.36
N LEU A 506 0.07 -10.16 -38.49
CA LEU A 506 -0.01 -11.55 -38.92
C LEU A 506 0.51 -11.73 -40.34
N LEU A 507 0.15 -10.81 -41.24
CA LEU A 507 0.65 -10.91 -42.60
C LEU A 507 2.15 -10.65 -42.68
N ILE A 508 2.66 -9.75 -41.84
CA ILE A 508 4.11 -9.53 -41.80
C ILE A 508 4.82 -10.79 -41.33
N GLU A 509 4.28 -11.45 -40.32
CA GLU A 509 4.92 -12.64 -39.77
C GLU A 509 4.86 -13.84 -40.71
N ASN A 510 4.18 -13.75 -41.85
CA ASN A 510 4.03 -14.87 -42.76
C ASN A 510 4.43 -14.49 -44.18
N GLY A 511 5.58 -13.83 -44.33
CA GLY A 511 6.22 -13.67 -45.61
C GLY A 511 6.07 -12.33 -46.29
N VAL A 512 5.17 -11.47 -45.85
CA VAL A 512 5.00 -10.16 -46.48
C VAL A 512 6.08 -9.22 -45.97
N SER A 513 6.83 -8.64 -46.90
CA SER A 513 7.92 -7.73 -46.57
C SER A 513 7.56 -6.32 -47.03
N MET A 514 7.65 -5.36 -46.11
CA MET A 514 7.29 -3.99 -46.43
C MET A 514 8.26 -3.35 -47.42
N HIS A 515 9.50 -3.83 -47.49
CA HIS A 515 10.48 -3.25 -48.40
C HIS A 515 10.10 -3.46 -49.86
N ARG A 516 9.31 -4.50 -50.16
CA ARG A 516 8.81 -4.72 -51.51
C ARG A 516 7.34 -4.34 -51.64
N PHE A 517 6.58 -4.40 -50.56
CA PHE A 517 5.16 -4.04 -50.63
C PHE A 517 4.98 -2.56 -50.88
N LEU A 518 5.67 -1.71 -50.12
CA LEU A 518 5.45 -0.28 -50.17
C LEU A 518 6.06 0.32 -51.42
N THR A 519 5.28 1.12 -52.14
CA THR A 519 5.74 1.88 -53.29
C THR A 519 5.20 3.29 -53.17
N ILE A 520 5.47 4.12 -54.18
CA ILE A 520 4.91 5.47 -54.20
C ILE A 520 3.40 5.41 -54.42
N SER A 521 2.96 4.56 -55.35
CA SER A 521 1.54 4.46 -55.66
C SER A 521 0.74 3.94 -54.47
N ARG A 522 1.25 2.90 -53.79
CA ARG A 522 0.52 2.35 -52.66
C ARG A 522 0.46 3.33 -51.50
N LEU A 523 1.54 4.07 -51.25
CA LEU A 523 1.52 5.09 -50.21
C LEU A 523 0.53 6.20 -50.57
N GLU A 524 0.49 6.57 -51.85
CA GLU A 524 -0.47 7.57 -52.29
C GLU A 524 -1.90 7.10 -52.08
N GLU A 525 -2.18 5.83 -52.38
CA GLU A 525 -3.50 5.29 -52.12
C GLU A 525 -3.81 5.25 -50.63
N LEU A 526 -2.80 4.98 -49.80
CA LEU A 526 -3.00 5.01 -48.35
C LEU A 526 -3.38 6.39 -47.86
N TYR A 527 -2.79 7.44 -48.44
CA TYR A 527 -3.07 8.78 -47.98
C TYR A 527 -4.43 9.31 -48.43
N ASN A 528 -5.10 8.65 -49.38
CA ASN A 528 -6.39 9.09 -49.86
C ASN A 528 -7.51 8.14 -49.45
N THR A 529 -7.30 7.32 -48.44
CA THR A 529 -8.29 6.32 -48.06
C THR A 529 -9.49 6.98 -47.38
N ARG A 530 -10.60 6.24 -47.36
CA ARG A 530 -11.82 6.68 -46.73
C ARG A 530 -12.41 5.71 -45.72
N HIS A 531 -12.00 4.44 -45.74
CA HIS A 531 -12.60 3.42 -44.89
C HIS A 531 -11.86 3.31 -43.57
N GLY A 532 -11.82 4.42 -42.85
CA GLY A 532 -11.12 4.47 -41.58
C GLY A 532 -11.70 5.52 -40.65
N PRO A 533 -11.09 5.67 -39.49
CA PRO A 533 -11.58 6.65 -38.51
C PRO A 533 -11.36 8.07 -39.01
N SER A 534 -12.01 9.01 -38.31
CA SER A 534 -11.94 10.41 -38.69
C SER A 534 -10.54 10.96 -38.50
N ASN A 535 -10.14 11.88 -39.38
CA ASN A 535 -8.82 12.49 -39.33
C ASN A 535 -8.93 13.95 -39.75
N THR A 536 -7.92 14.73 -39.38
CA THR A 536 -7.86 16.14 -39.73
C THR A 536 -6.81 16.43 -40.78
N LEU A 537 -6.46 15.42 -41.60
CA LEU A 537 -5.45 15.64 -42.62
C LEU A 537 -5.97 16.55 -43.72
N TYR A 538 -7.24 16.39 -44.11
CA TYR A 538 -7.77 17.18 -45.21
C TYR A 538 -7.83 18.65 -44.85
N HIS A 539 -8.20 18.99 -43.62
CA HIS A 539 -8.24 20.38 -43.21
C HIS A 539 -6.85 21.02 -43.22
N LEU A 540 -5.84 20.28 -42.76
CA LEU A 540 -4.47 20.79 -42.82
C LEU A 540 -4.03 20.99 -44.25
N VAL A 541 -4.38 20.05 -45.15
CA VAL A 541 -4.02 20.19 -46.55
C VAL A 541 -4.68 21.42 -47.15
N ARG A 542 -5.95 21.64 -46.82
CA ARG A 542 -6.66 22.82 -47.32
C ARG A 542 -6.03 24.10 -46.79
N ASP A 543 -5.65 24.13 -45.52
CA ASP A 543 -5.06 25.34 -44.95
C ASP A 543 -3.69 25.63 -45.54
N VAL A 544 -2.89 24.59 -45.78
CA VAL A 544 -1.57 24.80 -46.39
C VAL A 544 -1.72 25.33 -47.81
N LYS A 545 -2.65 24.76 -48.57
CA LYS A 545 -2.90 25.20 -49.94
C LYS A 545 -3.83 26.41 -50.02
N LYS A 546 -4.12 27.04 -48.88
CA LYS A 546 -4.91 28.27 -48.81
C LYS A 546 -6.32 28.11 -49.37
N GLY A 547 -6.88 26.92 -49.24
CA GLY A 547 -8.26 26.68 -49.63
C GLY A 547 -8.55 26.83 -51.11
N ASN A 548 -7.59 26.50 -51.96
CA ASN A 548 -7.77 26.59 -53.40
C ASN A 548 -8.06 25.24 -54.05
N LEU A 549 -8.26 24.20 -53.25
CA LEU A 549 -8.44 22.88 -53.80
C LEU A 549 -9.82 22.73 -54.46
N PRO A 550 -9.91 21.99 -55.55
CA PRO A 550 -11.21 21.67 -56.13
C PRO A 550 -11.93 20.63 -55.29
N PRO A 551 -13.21 20.38 -55.55
CA PRO A 551 -13.90 19.28 -54.85
C PRO A 551 -13.23 17.94 -55.13
N ASP A 552 -13.27 17.06 -54.12
CA ASP A 552 -12.59 15.76 -54.10
C ASP A 552 -11.20 15.82 -54.73
N TYR A 553 -10.43 16.81 -54.29
CA TYR A 553 -9.07 16.97 -54.78
C TYR A 553 -8.18 15.85 -54.27
N ARG A 554 -7.46 15.20 -55.19
CA ARG A 554 -6.63 14.06 -54.83
C ARG A 554 -5.30 14.53 -54.27
N ILE A 555 -5.01 14.14 -53.03
CA ILE A 555 -3.78 14.54 -52.38
C ILE A 555 -2.59 13.89 -53.08
N SER A 556 -1.43 14.54 -53.01
CA SER A 556 -0.18 14.01 -53.54
C SER A 556 0.89 14.13 -52.47
N LEU A 557 1.98 13.38 -52.66
CA LEU A 557 3.05 13.35 -51.66
C LEU A 557 3.67 14.73 -51.47
N ILE A 558 3.66 15.57 -52.50
CA ILE A 558 4.17 16.92 -52.37
C ILE A 558 3.31 17.71 -51.39
N ASP A 559 1.99 17.49 -51.43
CA ASP A 559 1.11 18.14 -50.47
C ASP A 559 1.41 17.69 -49.04
N ILE A 560 1.68 16.39 -48.86
CA ILE A 560 2.03 15.88 -47.55
C ILE A 560 3.35 16.48 -47.07
N GLY A 561 4.31 16.64 -47.99
CA GLY A 561 5.55 17.30 -47.64
C GLY A 561 5.35 18.74 -47.21
N LEU A 562 4.47 19.45 -47.91
CA LEU A 562 4.15 20.83 -47.52
C LEU A 562 3.50 20.87 -46.14
N VAL A 563 2.61 19.92 -45.86
CA VAL A 563 1.97 19.85 -44.55
C VAL A 563 3.00 19.59 -43.46
N ILE A 564 3.93 18.67 -43.71
CA ILE A 564 4.96 18.37 -42.72
C ILE A 564 5.85 19.58 -42.47
N GLU A 565 6.28 20.25 -43.55
CA GLU A 565 7.13 21.43 -43.37
C GLU A 565 6.39 22.56 -42.68
N TYR A 566 5.07 22.63 -42.85
CA TYR A 566 4.30 23.63 -42.12
C TYR A 566 4.17 23.27 -40.65
N LEU A 567 4.01 21.99 -40.34
CA LEU A 567 3.80 21.56 -38.96
C LEU A 567 5.08 21.62 -38.14
N MET A 568 6.21 21.21 -38.71
CA MET A 568 7.43 21.03 -37.93
C MET A 568 7.96 22.35 -37.39
N GLY A 569 8.11 23.34 -38.26
CA GLY A 569 8.68 24.59 -37.80
C GLY A 569 9.14 25.43 -38.98
N GLY A 570 10.22 26.19 -38.76
CA GLY A 570 10.70 27.11 -39.75
C GLY A 570 11.84 26.57 -40.59
N ALA A 571 12.85 26.01 -39.95
CA ALA A 571 14.03 25.53 -40.66
C ALA A 571 13.87 24.12 -41.20
N TYR A 572 12.73 23.47 -40.96
CA TYR A 572 12.55 22.10 -41.42
C TYR A 572 12.40 22.06 -42.93
N ARG A 573 12.89 20.97 -43.52
CA ARG A 573 12.84 20.76 -44.97
C ARG A 573 12.58 19.28 -45.21
N CYS A 574 11.32 18.94 -45.49
CA CYS A 574 10.94 17.55 -45.65
C CYS A 574 11.58 16.95 -46.90
N ASN A 575 11.78 15.63 -46.86
CA ASN A 575 12.42 14.95 -47.99
C ASN A 575 11.51 14.87 -49.20
N TYR A 576 10.20 15.08 -49.03
CA TYR A 576 9.29 15.04 -50.17
C TYR A 576 9.43 16.24 -51.08
N THR A 577 9.74 17.41 -50.52
CA THR A 577 9.75 18.65 -51.29
C THR A 577 11.12 18.98 -51.86
N ARG A 578 12.11 18.10 -51.71
CA ARG A 578 13.40 18.34 -52.32
C ARG A 578 13.31 18.13 -53.83
N LYS A 579 14.32 18.63 -54.55
CA LYS A 579 14.26 18.62 -56.01
C LYS A 579 14.37 17.21 -56.58
N ARG A 580 15.18 16.34 -55.97
CA ARG A 580 15.35 15.00 -56.52
C ARG A 580 14.04 14.22 -56.50
N PHE A 581 13.32 14.27 -55.38
CA PHE A 581 12.06 13.56 -55.29
C PHE A 581 11.00 14.17 -56.20
N ARG A 582 11.00 15.49 -56.35
CA ARG A 582 10.05 16.11 -57.28
C ARG A 582 10.33 15.68 -58.71
N THR A 583 11.61 15.57 -59.08
CA THR A 583 11.94 15.06 -60.41
C THR A 583 11.50 13.62 -60.59
N LEU A 584 11.74 12.78 -59.57
CA LEU A 584 11.34 11.38 -59.69
C LEU A 584 9.82 11.21 -59.67
N TYR A 585 9.09 12.17 -59.11
CA TYR A 585 7.64 12.10 -59.07
C TYR A 585 6.99 12.71 -60.30
N HIS A 586 7.66 13.67 -60.96
CA HIS A 586 7.11 14.26 -62.17
C HIS A 586 7.13 13.26 -63.32
N ASN A 587 8.24 12.55 -63.51
CA ASN A 587 8.41 11.65 -64.64
C ASN A 587 7.83 10.26 -64.40
N LEU A 588 6.85 10.14 -63.51
CA LEU A 588 6.25 8.86 -63.21
C LEU A 588 4.85 9.03 -62.64
N ASN A 632 8.27 3.16 -56.84
CA ASN A 632 9.65 2.76 -57.02
C ASN A 632 10.13 1.96 -55.81
N HIS A 633 11.05 2.55 -55.05
CA HIS A 633 11.58 1.95 -53.83
C HIS A 633 11.57 2.99 -52.73
N PHE A 634 11.52 2.51 -51.49
CA PHE A 634 11.67 3.37 -50.31
C PHE A 634 12.71 2.75 -49.41
N PRO A 635 13.86 3.41 -49.20
CA PRO A 635 14.93 2.78 -48.41
C PRO A 635 14.53 2.47 -46.97
N PHE A 636 13.67 3.28 -46.37
CA PHE A 636 13.21 3.07 -45.00
C PHE A 636 11.69 3.17 -44.99
N PRO A 637 10.99 2.08 -45.29
CA PRO A 637 9.53 2.14 -45.38
C PRO A 637 8.86 2.52 -44.07
N PHE A 638 9.41 2.08 -42.93
CA PHE A 638 8.74 2.32 -41.66
C PHE A 638 8.71 3.78 -41.26
N HIS A 639 9.67 4.58 -41.75
CA HIS A 639 9.58 6.03 -41.51
C HIS A 639 8.30 6.60 -42.12
N GLU A 640 8.05 6.30 -43.39
CA GLU A 640 6.86 6.82 -44.05
C GLU A 640 5.59 6.20 -43.47
N LEU A 641 5.62 4.92 -43.11
CA LEU A 641 4.43 4.32 -42.51
C LEU A 641 4.12 4.94 -41.15
N MET A 642 5.15 5.20 -40.34
CA MET A 642 4.93 5.86 -39.05
C MET A 642 4.39 7.27 -39.23
N VAL A 643 4.93 8.02 -40.20
CA VAL A 643 4.43 9.37 -40.42
C VAL A 643 2.97 9.33 -40.89
N TRP A 644 2.64 8.40 -41.78
CA TRP A 644 1.26 8.25 -42.24
C TRP A 644 0.34 7.91 -41.08
N ALA A 645 0.76 7.01 -40.20
CA ALA A 645 -0.08 6.63 -39.06
C ALA A 645 -0.26 7.79 -38.09
N VAL A 646 0.77 8.61 -37.90
CA VAL A 646 0.66 9.74 -36.99
C VAL A 646 -0.27 10.80 -37.57
N LEU A 647 -0.14 11.10 -38.86
CA LEU A 647 -0.92 12.19 -39.45
C LEU A 647 -2.40 11.87 -39.51
N MET A 648 -2.76 10.62 -39.81
CA MET A 648 -4.15 10.24 -39.92
C MET A 648 -4.76 9.83 -38.59
N LYS A 649 -4.05 10.03 -37.48
CA LYS A 649 -4.55 9.81 -36.13
C LYS A 649 -4.97 8.35 -35.92
N ARG A 650 -4.04 7.44 -36.15
CA ARG A 650 -4.21 6.03 -35.85
C ARG A 650 -3.09 5.64 -34.89
N GLN A 651 -3.39 5.68 -33.59
CA GLN A 651 -2.33 5.56 -32.59
C GLN A 651 -1.74 4.17 -32.55
N LYS A 652 -2.59 3.13 -32.61
CA LYS A 652 -2.08 1.76 -32.48
C LYS A 652 -1.15 1.42 -33.65
N MET A 653 -1.51 1.83 -34.86
CA MET A 653 -0.64 1.60 -36.01
C MET A 653 0.69 2.33 -35.84
N ALA A 654 0.65 3.56 -35.32
CA ALA A 654 1.88 4.31 -35.09
C ALA A 654 2.77 3.60 -34.08
N LEU A 655 2.18 3.09 -32.99
CA LEU A 655 2.98 2.40 -31.99
C LEU A 655 3.52 1.08 -32.52
N PHE A 656 2.80 0.42 -33.43
CA PHE A 656 3.35 -0.78 -34.04
C PHE A 656 4.50 -0.47 -34.96
N PHE A 657 4.37 0.57 -35.79
CA PHE A 657 5.44 0.94 -36.70
C PHE A 657 6.62 1.57 -36.01
N TRP A 658 6.46 2.05 -34.78
CA TRP A 658 7.57 2.72 -34.11
C TRP A 658 8.70 1.76 -33.80
N GLN A 659 8.39 0.55 -33.36
CA GLN A 659 9.42 -0.34 -32.85
C GLN A 659 10.15 -1.12 -33.94
N HIS A 660 9.74 -1.01 -35.19
CA HIS A 660 10.38 -1.70 -36.30
C HIS A 660 11.19 -0.71 -37.11
N GLY A 661 12.44 -1.05 -37.37
CA GLY A 661 13.30 -0.23 -38.21
C GLY A 661 14.34 0.51 -37.40
N GLU A 662 15.06 1.39 -38.08
CA GLU A 662 16.16 2.14 -37.52
C GLU A 662 15.70 3.52 -37.07
N GLU A 663 16.55 4.18 -36.26
CA GLU A 663 16.32 5.53 -35.77
C GLU A 663 15.00 5.61 -34.99
N ALA A 664 14.94 4.87 -33.89
CA ALA A 664 13.72 4.85 -33.08
C ALA A 664 13.51 6.17 -32.35
N MET A 665 14.58 6.74 -31.80
CA MET A 665 14.43 7.97 -31.03
C MET A 665 14.03 9.14 -31.93
N ALA A 666 14.59 9.22 -33.13
CA ALA A 666 14.20 10.27 -34.05
C ALA A 666 12.73 10.17 -34.41
N LYS A 667 12.25 8.96 -34.67
CA LYS A 667 10.84 8.76 -34.97
C LYS A 667 9.96 9.15 -33.79
N ALA A 668 10.36 8.78 -32.58
CA ALA A 668 9.57 9.14 -31.40
C ALA A 668 9.49 10.66 -31.24
N LEU A 669 10.62 11.35 -31.34
CA LEU A 669 10.62 12.80 -31.17
C LEU A 669 9.82 13.49 -32.26
N VAL A 670 9.97 13.06 -33.51
CA VAL A 670 9.23 13.67 -34.61
C VAL A 670 7.73 13.45 -34.43
N ALA A 671 7.33 12.25 -34.02
CA ALA A 671 5.92 11.99 -33.77
C ALA A 671 5.37 12.85 -32.64
N CYS A 672 6.16 13.03 -31.57
CA CYS A 672 5.72 13.89 -30.48
C CYS A 672 5.50 15.31 -30.95
N LYS A 673 6.45 15.86 -31.72
CA LYS A 673 6.31 17.21 -32.23
C LYS A 673 5.10 17.34 -33.14
N LEU A 674 4.90 16.37 -34.03
CA LEU A 674 3.77 16.43 -34.96
C LEU A 674 2.44 16.37 -34.24
N CYS A 675 2.32 15.48 -33.23
CA CYS A 675 1.07 15.41 -32.48
C CYS A 675 0.80 16.71 -31.74
N LYS A 676 1.84 17.31 -31.16
CA LYS A 676 1.66 18.58 -30.46
C LYS A 676 1.20 19.68 -31.43
N ALA A 677 1.83 19.76 -32.60
CA ALA A 677 1.47 20.80 -33.55
C ALA A 677 0.06 20.60 -34.10
N MET A 678 -0.33 19.35 -34.37
CA MET A 678 -1.69 19.10 -34.83
C MET A 678 -2.71 19.38 -33.74
N ALA A 679 -2.38 19.13 -32.48
CA ALA A 679 -3.27 19.51 -31.39
C ALA A 679 -3.48 21.01 -31.37
N HIS A 680 -2.40 21.77 -31.54
CA HIS A 680 -2.54 23.23 -31.58
C HIS A 680 -3.39 23.67 -32.76
N GLU A 681 -3.16 23.09 -33.94
CA GLU A 681 -3.93 23.47 -35.13
C GLU A 681 -5.40 23.14 -34.98
N ALA A 682 -5.73 21.98 -34.41
CA ALA A 682 -7.12 21.62 -34.20
C ALA A 682 -7.79 22.48 -33.14
N SER A 683 -7.04 22.85 -32.10
CA SER A 683 -7.60 23.75 -31.10
C SER A 683 -7.85 25.14 -31.66
N GLU A 684 -7.03 25.55 -32.64
CA GLU A 684 -7.23 26.86 -33.25
C GLU A 684 -8.53 26.93 -34.04
N ASN A 685 -8.76 25.97 -34.93
CA ASN A 685 -9.89 26.03 -35.86
C ASN A 685 -11.11 25.29 -35.34
N ASP A 686 -11.52 25.63 -34.11
CA ASP A 686 -12.80 25.27 -33.49
C ASP A 686 -13.30 23.88 -33.87
N MET A 687 -12.44 22.89 -33.64
CA MET A 687 -12.79 21.51 -33.93
C MET A 687 -13.73 20.97 -32.85
N VAL A 688 -14.03 19.67 -32.91
CA VAL A 688 -14.97 19.07 -31.97
C VAL A 688 -14.40 18.99 -30.56
N ASP A 689 -13.13 19.33 -30.39
CA ASP A 689 -12.39 19.51 -29.14
C ASP A 689 -12.05 18.18 -28.47
N ASP A 690 -12.54 17.05 -28.95
CA ASP A 690 -11.99 15.78 -28.49
C ASP A 690 -10.65 15.51 -29.15
N ILE A 691 -10.47 16.00 -30.37
CA ILE A 691 -9.19 15.87 -31.06
C ILE A 691 -8.11 16.63 -30.32
N SER A 692 -8.42 17.83 -29.86
CA SER A 692 -7.46 18.68 -29.16
C SER A 692 -7.11 18.15 -27.77
N GLN A 693 -7.74 17.08 -27.33
CA GLN A 693 -7.34 16.43 -26.09
C GLN A 693 -6.96 14.96 -26.28
N GLU A 694 -7.08 14.42 -27.49
CA GLU A 694 -6.45 13.14 -27.81
C GLU A 694 -5.07 13.29 -28.42
N LEU A 695 -4.85 14.34 -29.22
CA LEU A 695 -3.53 14.55 -29.80
C LEU A 695 -2.50 14.87 -28.74
N ASN A 696 -2.89 15.57 -27.67
CA ASN A 696 -1.98 15.78 -26.57
C ASN A 696 -1.62 14.48 -25.87
N HIS A 697 -2.59 13.56 -25.74
CA HIS A 697 -2.29 12.25 -25.18
C HIS A 697 -1.28 11.50 -26.05
N ASN A 698 -1.48 11.55 -27.37
CA ASN A 698 -0.52 10.89 -28.26
C ASN A 698 0.87 11.50 -28.12
N SER A 699 0.95 12.83 -28.05
CA SER A 699 2.24 13.49 -27.90
C SER A 699 2.92 13.10 -26.59
N ARG A 700 2.15 13.03 -25.51
CA ARG A 700 2.74 12.65 -24.22
C ARG A 700 3.22 11.21 -24.23
N ASP A 701 2.47 10.31 -24.88
CA ASP A 701 2.91 8.93 -24.98
C ASP A 701 4.22 8.83 -25.75
N PHE A 702 4.33 9.55 -26.87
CA PHE A 702 5.56 9.46 -27.65
C PHE A 702 6.75 10.07 -26.92
N GLY A 703 6.53 11.19 -26.22
CA GLY A 703 7.61 11.77 -25.43
C GLY A 703 8.07 10.84 -24.33
N GLN A 704 7.12 10.18 -23.66
CA GLN A 704 7.49 9.23 -22.60
C GLN A 704 8.28 8.06 -23.17
N LEU A 705 7.89 7.57 -24.35
CA LEU A 705 8.66 6.50 -24.98
C LEU A 705 10.08 6.95 -25.30
N ALA A 706 10.23 8.16 -25.81
CA ALA A 706 11.57 8.67 -26.12
C ALA A 706 12.43 8.77 -24.86
N VAL A 707 11.85 9.27 -23.77
CA VAL A 707 12.61 9.40 -22.52
C VAL A 707 13.01 8.03 -22.00
N GLU A 708 12.10 7.05 -22.03
CA GLU A 708 12.44 5.72 -21.54
C GLU A 708 13.53 5.07 -22.39
N LEU A 709 13.45 5.23 -23.70
CA LEU A 709 14.48 4.66 -24.56
C LEU A 709 15.83 5.31 -24.30
N LEU A 710 15.86 6.63 -24.11
CA LEU A 710 17.11 7.30 -23.78
C LEU A 710 17.67 6.79 -22.46
N ASP A 711 16.80 6.61 -21.47
CA ASP A 711 17.26 6.11 -20.18
C ASP A 711 17.85 4.71 -20.29
N GLN A 712 17.21 3.83 -21.06
CA GLN A 712 17.74 2.50 -21.27
C GLN A 712 19.10 2.55 -21.98
N SER A 713 19.21 3.39 -23.01
CA SER A 713 20.47 3.48 -23.74
C SER A 713 21.59 4.02 -22.86
N TYR A 714 21.30 5.02 -22.04
CA TYR A 714 22.31 5.57 -21.15
C TYR A 714 22.72 4.56 -20.09
N LYS A 715 21.76 3.78 -19.59
CA LYS A 715 22.10 2.75 -18.61
C LYS A 715 22.99 1.68 -19.23
N GLN A 716 22.71 1.27 -20.47
CA GLN A 716 23.49 0.20 -21.07
C GLN A 716 24.91 0.66 -21.40
N ASP A 717 25.06 1.83 -22.01
CA ASP A 717 26.37 2.34 -22.39
C ASP A 717 26.30 3.85 -22.54
N GLU A 718 27.30 4.55 -22.00
CA GLU A 718 27.24 6.01 -21.98
C GLU A 718 27.79 6.63 -23.25
N GLN A 719 28.94 6.14 -23.74
CA GLN A 719 29.57 6.74 -24.90
C GLN A 719 28.70 6.61 -26.14
N LEU A 720 28.13 5.42 -26.35
CA LEU A 720 27.26 5.24 -27.51
C LEU A 720 25.96 6.02 -27.36
N ALA A 721 25.46 6.17 -26.13
CA ALA A 721 24.28 7.01 -25.93
C ALA A 721 24.55 8.45 -26.28
N MET A 722 25.71 8.97 -25.87
CA MET A 722 26.07 10.35 -26.22
C MET A 722 26.31 10.50 -27.71
N LYS A 723 26.92 9.50 -28.36
CA LYS A 723 27.09 9.56 -29.80
C LYS A 723 25.76 9.50 -30.53
N LEU A 724 24.78 8.83 -29.94
CA LEU A 724 23.46 8.69 -30.58
C LEU A 724 22.68 10.00 -30.54
N LEU A 725 22.98 10.88 -29.60
CA LEU A 725 22.24 12.11 -29.44
C LEU A 725 22.76 13.26 -30.30
N THR A 726 23.79 13.04 -31.11
CA THR A 726 24.42 14.15 -31.81
C THR A 726 24.62 13.95 -33.29
N TYR A 727 24.65 12.72 -33.81
CA TYR A 727 24.97 12.53 -35.21
C TYR A 727 23.86 13.09 -36.09
N GLU A 728 24.25 13.57 -37.27
CA GLU A 728 23.30 14.19 -38.17
C GLU A 728 22.36 13.16 -38.77
N LEU A 729 21.06 13.42 -38.66
CA LEU A 729 20.04 12.53 -39.21
C LEU A 729 19.76 12.96 -40.65
N LYS A 730 20.18 12.14 -41.61
CA LYS A 730 20.01 12.52 -43.00
C LYS A 730 18.55 12.49 -43.43
N ASN A 731 17.75 11.60 -42.85
CA ASN A 731 16.38 11.39 -43.29
C ASN A 731 15.39 12.34 -42.64
N TRP A 732 15.83 13.16 -41.68
CA TRP A 732 14.92 14.04 -40.94
C TRP A 732 15.38 15.47 -41.01
N SER A 733 15.70 15.92 -42.23
CA SER A 733 16.04 17.31 -42.52
C SER A 733 17.26 17.79 -41.75
N ASN A 734 18.24 16.89 -41.57
CA ASN A 734 19.58 17.24 -41.09
C ASN A 734 19.54 17.93 -39.73
N ALA A 735 19.06 17.20 -38.74
CA ALA A 735 19.04 17.69 -37.36
C ALA A 735 19.45 16.57 -36.43
N THR A 736 19.93 16.95 -35.26
CA THR A 736 20.25 15.99 -34.22
C THR A 736 18.99 15.66 -33.43
N CYS A 737 19.07 14.60 -32.61
CA CYS A 737 17.95 14.27 -31.74
C CYS A 737 17.75 15.36 -30.69
N LEU A 738 18.83 16.01 -30.26
CA LEU A 738 18.74 17.07 -29.27
C LEU A 738 17.94 18.26 -29.80
N GLN A 739 18.18 18.65 -31.05
CA GLN A 739 17.44 19.76 -31.64
C GLN A 739 15.96 19.43 -31.78
N LEU A 740 15.65 18.18 -32.15
CA LEU A 740 14.26 17.76 -32.22
C LEU A 740 13.60 17.78 -30.85
N ALA A 741 14.32 17.37 -29.81
CA ALA A 741 13.77 17.43 -28.46
C ALA A 741 13.53 18.87 -28.04
N VAL A 742 14.45 19.78 -28.38
CA VAL A 742 14.30 21.18 -27.99
C VAL A 742 13.15 21.85 -28.74
N ALA A 743 13.04 21.59 -30.03
CA ALA A 743 11.96 22.17 -30.82
C ALA A 743 10.60 21.65 -30.38
N ALA A 744 10.54 20.45 -29.85
CA ALA A 744 9.30 19.90 -29.32
C ALA A 744 9.01 20.36 -27.91
N LYS A 745 9.89 21.17 -27.32
CA LYS A 745 9.75 21.69 -25.97
C LYS A 745 9.59 20.56 -24.95
N HIS A 746 10.33 19.48 -25.17
CA HIS A 746 10.29 18.32 -24.29
C HIS A 746 11.28 18.54 -23.17
N ARG A 747 10.78 18.96 -22.01
CA ARG A 747 11.67 19.32 -20.91
C ARG A 747 12.25 18.11 -20.20
N ASP A 748 11.52 17.00 -20.14
CA ASP A 748 12.01 15.83 -19.43
C ASP A 748 13.15 15.15 -20.17
N PHE A 749 13.24 15.32 -21.49
CA PHE A 749 14.33 14.72 -22.25
C PHE A 749 15.65 15.46 -22.00
N ILE A 750 15.61 16.80 -22.02
CA ILE A 750 16.83 17.58 -21.77
C ILE A 750 17.27 17.45 -20.32
N ALA A 751 16.32 17.37 -19.39
CA ALA A 751 16.66 17.29 -17.98
C ALA A 751 17.28 15.97 -17.58
N HIS A 752 17.28 14.97 -18.47
CA HIS A 752 17.88 13.69 -18.16
C HIS A 752 19.38 13.85 -17.97
N THR A 753 19.98 12.89 -17.27
CA THR A 753 21.39 12.99 -16.91
C THR A 753 22.28 12.93 -18.15
N CYS A 754 21.92 12.11 -19.14
CA CYS A 754 22.74 11.98 -20.33
C CYS A 754 22.82 13.29 -21.10
N SER A 755 21.70 13.98 -21.24
CA SER A 755 21.71 15.26 -21.93
C SER A 755 22.54 16.29 -21.18
N GLN A 756 22.47 16.27 -19.84
CA GLN A 756 23.28 17.18 -19.05
C GLN A 756 24.76 16.91 -19.22
N MET A 757 25.15 15.64 -19.24
CA MET A 757 26.56 15.30 -19.48
C MET A 757 27.00 15.78 -20.85
N LEU A 758 26.17 15.56 -21.88
CA LEU A 758 26.53 16.00 -23.22
C LEU A 758 26.63 17.51 -23.30
N LEU A 759 25.71 18.23 -22.66
CA LEU A 759 25.76 19.68 -22.70
C LEU A 759 26.94 20.24 -21.92
N THR A 760 27.33 19.58 -20.82
CA THR A 760 28.55 20.00 -20.13
C THR A 760 29.78 19.78 -21.00
N ASP A 761 29.84 18.65 -21.69
CA ASP A 761 30.96 18.40 -22.60
C ASP A 761 30.98 19.36 -23.78
N MET A 762 29.83 19.88 -24.19
CA MET A 762 29.82 20.96 -25.16
C MET A 762 30.28 22.27 -24.54
N TRP A 763 29.88 22.51 -23.28
CA TRP A 763 30.21 23.75 -22.60
C TRP A 763 31.71 23.90 -22.38
N MET A 764 32.38 22.81 -22.01
CA MET A 764 33.82 22.84 -21.79
C MET A 764 34.61 22.98 -23.08
N GLY A 765 33.97 22.87 -24.24
CA GLY A 765 34.67 23.01 -25.50
C GLY A 765 35.60 21.85 -25.78
N ARG A 766 36.90 22.12 -25.76
CA ARG A 766 37.91 21.12 -26.09
C ARG A 766 38.92 20.98 -24.96
N LEU A 767 38.46 21.03 -23.73
CA LEU A 767 39.32 20.93 -22.55
C LEU A 767 38.84 19.78 -21.67
N ARG A 768 39.79 19.16 -20.98
CA ARG A 768 39.49 18.14 -19.98
C ARG A 768 39.39 18.72 -18.58
N MET A 769 39.13 20.02 -18.46
CA MET A 769 39.17 20.70 -17.17
C MET A 769 37.90 20.39 -16.36
N ARG A 770 37.71 19.09 -16.09
CA ARG A 770 36.61 18.63 -15.28
C ARG A 770 36.88 18.81 -13.79
N LYS A 771 38.10 19.23 -13.44
CA LYS A 771 38.44 19.61 -12.08
C LYS A 771 37.95 21.04 -11.84
N ASN A 772 38.37 21.65 -10.73
CA ASN A 772 37.84 22.96 -10.36
C ASN A 772 38.19 24.01 -11.39
N SER A 773 37.21 24.40 -12.21
CA SER A 773 37.38 25.37 -13.27
C SER A 773 36.95 26.74 -12.80
N GLY A 774 36.78 27.67 -13.74
CA GLY A 774 36.42 29.02 -13.38
C GLY A 774 37.64 29.80 -12.97
N LEU A 775 38.21 29.45 -11.83
CA LEU A 775 39.46 30.08 -11.40
C LEU A 775 40.58 29.79 -12.38
N LYS A 776 40.71 28.54 -12.82
CA LYS A 776 41.74 28.19 -13.78
C LYS A 776 41.47 28.84 -15.14
N VAL A 777 40.19 28.92 -15.53
CA VAL A 777 39.85 29.54 -16.79
C VAL A 777 40.18 31.04 -16.77
N ILE A 778 39.82 31.72 -15.68
CA ILE A 778 40.10 33.16 -15.64
C ILE A 778 41.59 33.44 -15.52
N LEU A 779 42.33 32.59 -14.80
CA LEU A 779 43.77 32.80 -14.74
C LEU A 779 44.43 32.54 -16.10
N GLY A 780 43.94 31.54 -16.84
CA GLY A 780 44.42 31.35 -18.20
C GLY A 780 44.07 32.51 -19.12
N ILE A 781 42.90 33.12 -18.91
CA ILE A 781 42.52 34.31 -19.65
C ILE A 781 43.50 35.44 -19.35
N LEU A 782 43.81 35.65 -18.07
CA LEU A 782 44.74 36.70 -17.68
C LEU A 782 46.17 36.35 -18.02
N LEU A 783 46.52 35.06 -18.02
CA LEU A 783 47.90 34.62 -18.28
C LEU A 783 47.93 33.74 -19.53
N PRO A 784 48.20 34.30 -20.70
CA PRO A 784 48.39 33.46 -21.90
C PRO A 784 49.54 32.47 -21.76
N PRO A 785 50.61 32.77 -21.01
CA PRO A 785 51.57 31.69 -20.71
C PRO A 785 50.97 30.49 -19.99
N SER A 786 49.94 30.69 -19.17
CA SER A 786 49.33 29.55 -18.48
C SER A 786 48.44 28.73 -19.38
N ILE A 787 48.09 29.22 -20.57
CA ILE A 787 47.19 28.47 -21.45
C ILE A 787 47.84 27.17 -21.90
N LEU A 788 49.12 27.23 -22.30
CA LEU A 788 49.78 26.05 -22.85
C LEU A 788 50.06 24.99 -21.80
N SER A 789 49.94 25.31 -20.51
CA SER A 789 50.17 24.36 -19.43
C SER A 789 48.88 23.65 -19.02
N LEU A 790 47.86 23.66 -19.87
CA LEU A 790 46.58 23.02 -19.63
C LEU A 790 46.49 21.74 -20.45
N GLU A 791 45.30 21.15 -20.47
CA GLU A 791 45.04 19.91 -21.21
C GLU A 791 44.01 20.16 -22.30
N PHE A 792 44.29 19.67 -23.49
CA PHE A 792 43.40 19.81 -24.64
C PHE A 792 43.11 18.44 -25.23
N LYS A 793 41.86 18.23 -25.62
CA LYS A 793 41.50 16.99 -26.29
C LYS A 793 41.98 17.00 -27.73
N ASN A 794 42.18 15.80 -28.27
CA ASN A 794 42.69 15.64 -29.63
C ASN A 794 41.68 16.08 -30.67
N GLY A 861 50.64 27.12 -30.81
CA GLY A 861 50.17 27.77 -32.03
C GLY A 861 48.66 27.69 -32.21
N ARG A 862 48.16 26.47 -32.42
CA ARG A 862 46.74 26.25 -32.56
C ARG A 862 46.02 26.14 -31.22
N LYS A 863 46.76 26.03 -30.11
CA LYS A 863 46.13 25.87 -28.81
C LYS A 863 45.45 27.15 -28.36
N ILE A 864 45.99 28.32 -28.72
CA ILE A 864 45.36 29.58 -28.35
C ILE A 864 44.05 29.77 -29.10
N TYR A 865 44.06 29.52 -30.41
CA TYR A 865 42.84 29.63 -31.21
C TYR A 865 41.79 28.63 -30.76
N GLU A 866 42.20 27.42 -30.42
CA GLU A 866 41.26 26.44 -29.89
C GLU A 866 40.76 26.84 -28.51
N PHE A 867 41.57 27.57 -27.75
CA PHE A 867 41.16 27.97 -26.41
C PHE A 867 40.13 29.09 -26.46
N TYR A 868 40.33 30.09 -27.32
CA TYR A 868 39.43 31.23 -27.35
C TYR A 868 38.06 30.91 -27.94
N ASN A 869 37.88 29.76 -28.56
CA ASN A 869 36.60 29.41 -29.16
C ASN A 869 35.73 28.55 -28.24
N ALA A 870 36.23 28.16 -27.08
CA ALA A 870 35.40 27.44 -26.13
C ALA A 870 34.30 28.36 -25.60
N PRO A 871 33.07 27.87 -25.45
CA PRO A 871 32.00 28.74 -24.93
C PRO A 871 32.27 29.29 -23.55
N ILE A 872 32.94 28.52 -22.69
CA ILE A 872 33.14 28.96 -21.32
C ILE A 872 34.09 30.15 -21.27
N VAL A 873 35.10 30.17 -22.14
CA VAL A 873 36.03 31.29 -22.16
C VAL A 873 35.35 32.54 -22.68
N LYS A 874 34.49 32.40 -23.69
CA LYS A 874 33.70 33.55 -24.15
C LYS A 874 32.79 34.07 -23.06
N PHE A 875 32.16 33.16 -22.30
CA PHE A 875 31.29 33.59 -21.21
C PHE A 875 32.06 34.35 -20.14
N TRP A 876 33.24 33.84 -19.76
CA TRP A 876 34.02 34.55 -18.75
C TRP A 876 34.54 35.88 -19.25
N PHE A 877 34.91 35.96 -20.53
CA PHE A 877 35.31 37.24 -21.10
C PHE A 877 34.17 38.24 -21.05
N TYR A 878 32.95 37.80 -21.39
CA TYR A 878 31.80 38.69 -21.31
C TYR A 878 31.52 39.13 -19.88
N THR A 879 31.65 38.21 -18.93
CA THR A 879 31.42 38.56 -17.53
C THR A 879 32.43 39.61 -17.05
N LEU A 880 33.70 39.41 -17.39
CA LEU A 880 34.72 40.37 -16.97
C LEU A 880 34.52 41.74 -17.61
N ALA A 881 34.18 41.75 -18.90
CA ALA A 881 33.93 43.03 -19.56
C ALA A 881 32.71 43.74 -18.96
N TYR A 882 31.66 42.99 -18.65
CA TYR A 882 30.48 43.61 -18.05
C TYR A 882 30.79 44.16 -16.67
N ILE A 883 31.60 43.43 -15.89
CA ILE A 883 31.95 43.93 -14.56
C ILE A 883 32.78 45.21 -14.67
N GLY A 884 33.72 45.25 -15.61
CA GLY A 884 34.48 46.48 -15.82
C GLY A 884 33.61 47.64 -16.24
N TYR A 885 32.65 47.39 -17.13
CA TYR A 885 31.73 48.44 -17.55
C TYR A 885 30.89 48.92 -16.37
N LEU A 886 30.45 48.01 -15.52
CA LEU A 886 29.66 48.39 -14.35
C LEU A 886 30.47 49.26 -13.40
N MET A 887 31.74 48.91 -13.20
CA MET A 887 32.60 49.72 -12.34
C MET A 887 32.77 51.13 -12.92
N LEU A 888 33.00 51.23 -14.23
CA LEU A 888 33.13 52.54 -14.84
C LEU A 888 31.84 53.35 -14.73
N PHE A 889 30.69 52.69 -14.88
CA PHE A 889 29.41 53.39 -14.72
C PHE A 889 29.26 53.95 -13.31
N ASN A 890 29.57 53.14 -12.29
CA ASN A 890 29.49 53.62 -10.92
C ASN A 890 30.44 54.79 -10.70
N TYR A 891 31.65 54.70 -11.25
CA TYR A 891 32.60 55.80 -11.08
C TYR A 891 32.10 57.09 -11.73
N ILE A 892 31.54 56.99 -12.94
CA ILE A 892 31.13 58.23 -13.61
C ILE A 892 29.84 58.79 -13.04
N VAL A 893 29.04 58.01 -12.33
CA VAL A 893 27.87 58.60 -11.68
C VAL A 893 28.16 59.09 -10.27
N LEU A 894 29.18 58.55 -9.59
CA LEU A 894 29.44 58.99 -8.23
C LEU A 894 30.13 60.35 -8.16
N VAL A 895 31.02 60.65 -9.10
CA VAL A 895 31.82 61.86 -9.03
C VAL A 895 31.16 62.94 -9.86
N LYS A 896 31.63 64.17 -9.71
CA LYS A 896 31.01 65.32 -10.36
C LYS A 896 31.15 65.21 -11.88
N MET A 897 30.08 65.58 -12.58
CA MET A 897 30.05 65.57 -14.02
C MET A 897 30.64 66.88 -14.56
N GLU A 898 31.33 66.78 -15.68
CA GLU A 898 31.93 67.94 -16.32
C GLU A 898 30.98 68.48 -17.39
N ARG A 899 31.37 69.60 -17.99
CA ARG A 899 30.64 70.11 -19.16
C ARG A 899 30.78 69.15 -20.33
N TRP A 900 31.97 68.61 -20.54
CA TRP A 900 32.18 67.63 -21.59
C TRP A 900 32.52 66.27 -20.98
N PRO A 901 32.12 65.18 -21.64
CA PRO A 901 32.27 63.86 -21.03
C PRO A 901 33.74 63.48 -20.79
N SER A 902 33.95 62.73 -19.72
CA SER A 902 35.27 62.22 -19.39
C SER A 902 35.56 60.94 -20.18
N THR A 903 36.78 60.44 -20.04
CA THR A 903 37.20 59.25 -20.79
C THR A 903 36.35 58.03 -20.43
N GLN A 904 36.13 57.82 -19.13
CA GLN A 904 35.33 56.67 -18.71
C GLN A 904 33.89 56.80 -19.19
N GLU A 905 33.36 58.02 -19.23
CA GLU A 905 32.03 58.23 -19.79
C GLU A 905 32.00 57.84 -21.26
N TRP A 906 33.04 58.18 -22.02
CA TRP A 906 33.10 57.78 -23.42
C TRP A 906 33.19 56.27 -23.56
N ILE A 907 33.92 55.61 -22.68
CA ILE A 907 33.96 54.14 -22.69
C ILE A 907 32.57 53.57 -22.47
N VAL A 908 31.81 54.14 -21.52
CA VAL A 908 30.46 53.67 -21.26
C VAL A 908 29.56 53.88 -22.48
N ILE A 909 29.67 55.05 -23.12
CA ILE A 909 28.85 55.33 -24.30
C ILE A 909 29.17 54.33 -25.41
N SER A 910 30.46 54.06 -25.63
CA SER A 910 30.85 53.10 -26.65
C SER A 910 30.32 51.72 -26.33
N TYR A 911 30.37 51.30 -25.06
CA TYR A 911 29.85 49.99 -24.69
C TYR A 911 28.36 49.89 -24.98
N ILE A 912 27.59 50.92 -24.60
CA ILE A 912 26.15 50.89 -24.85
C ILE A 912 25.85 50.84 -26.34
N PHE A 913 26.56 51.66 -27.12
CA PHE A 913 26.33 51.67 -28.57
C PHE A 913 26.67 50.33 -29.21
N THR A 914 27.78 49.73 -28.80
CA THR A 914 28.17 48.44 -29.37
C THR A 914 27.19 47.34 -28.97
N LEU A 915 26.74 47.34 -27.72
CA LEU A 915 25.75 46.35 -27.30
C LEU A 915 24.46 46.50 -28.09
N GLY A 916 24.02 47.75 -28.30
CA GLY A 916 22.80 47.96 -29.07
C GLY A 916 22.92 47.51 -30.51
N ILE A 917 24.04 47.83 -31.17
CA ILE A 917 24.18 47.43 -32.56
C ILE A 917 24.35 45.92 -32.68
N GLU A 918 25.01 45.29 -31.70
CA GLU A 918 25.11 43.83 -31.73
C GLU A 918 23.75 43.19 -31.54
N LYS A 919 22.92 43.74 -30.65
CA LYS A 919 21.58 43.19 -30.47
C LYS A 919 20.73 43.34 -31.71
N MET A 920 20.77 44.51 -32.37
CA MET A 920 19.98 44.68 -33.58
C MET A 920 20.51 43.82 -34.72
N ARG A 921 21.83 43.62 -34.79
CA ARG A 921 22.37 42.70 -35.78
C ARG A 921 21.91 41.27 -35.53
N GLU A 922 21.88 40.86 -34.26
CA GLU A 922 21.35 39.54 -33.94
C GLU A 922 19.87 39.43 -34.28
N ILE A 923 19.15 40.55 -34.19
CA ILE A 923 17.76 40.57 -34.64
C ILE A 923 17.69 40.33 -36.15
N LEU A 924 18.53 41.04 -36.91
CA LEU A 924 18.42 41.00 -38.36
C LEU A 924 19.06 39.76 -38.98
N MET A 925 19.86 38.99 -38.23
CA MET A 925 20.40 37.74 -38.74
C MET A 925 19.58 36.53 -38.30
N SER A 926 18.49 36.76 -37.57
CA SER A 926 17.66 35.66 -37.07
C SER A 926 16.89 35.00 -38.20
N GLY A 929 12.91 35.10 -41.49
CA GLY A 929 12.86 35.55 -42.86
C GLY A 929 12.19 36.90 -43.01
N LYS A 930 10.89 36.96 -42.71
CA LYS A 930 10.16 38.22 -42.76
C LYS A 930 10.67 39.15 -41.67
N LEU A 931 10.92 40.41 -42.05
CA LEU A 931 11.47 41.38 -41.10
C LEU A 931 10.52 41.61 -39.93
N LEU A 932 9.22 41.72 -40.22
CA LEU A 932 8.24 41.92 -39.16
C LEU A 932 7.99 40.66 -38.35
N GLN A 933 8.41 39.49 -38.86
CA GLN A 933 8.19 38.25 -38.13
C GLN A 933 9.31 37.96 -37.14
N LYS A 934 10.53 38.40 -37.45
CA LYS A 934 11.65 38.15 -36.54
C LYS A 934 11.54 38.99 -35.27
N VAL A 935 11.05 40.22 -35.40
CA VAL A 935 11.01 41.12 -34.25
C VAL A 935 10.01 40.61 -33.21
N LYS A 936 8.85 40.11 -33.65
CA LYS A 936 7.85 39.64 -32.70
C LYS A 936 8.27 38.32 -32.05
N VAL A 937 9.09 37.52 -32.74
CA VAL A 937 9.66 36.34 -32.12
C VAL A 937 10.70 36.74 -31.08
N TRP A 938 11.54 37.73 -31.43
CA TRP A 938 12.63 38.12 -30.55
C TRP A 938 12.13 38.86 -29.32
N LEU A 939 11.01 39.57 -29.43
CA LEU A 939 10.41 40.26 -28.28
C LEU A 939 9.52 39.32 -27.49
N GLN A 940 10.06 38.16 -27.12
CA GLN A 940 9.38 37.21 -26.27
C GLN A 940 10.13 36.89 -24.99
N GLU A 941 11.37 37.34 -24.86
CA GLU A 941 12.12 37.24 -23.61
C GLU A 941 12.16 38.62 -22.97
N TYR A 942 11.88 38.67 -21.67
CA TYR A 942 11.76 39.94 -20.97
C TYR A 942 13.08 40.69 -20.94
N TRP A 943 14.20 39.97 -20.94
CA TRP A 943 15.50 40.61 -20.91
C TRP A 943 15.73 41.47 -22.14
N ASN A 944 15.30 40.99 -23.31
CA ASN A 944 15.46 41.76 -24.54
C ASN A 944 14.67 43.05 -24.50
N VAL A 945 13.41 42.99 -24.04
CA VAL A 945 12.58 44.19 -23.96
C VAL A 945 13.17 45.19 -22.96
N THR A 946 13.62 44.70 -21.80
CA THR A 946 14.21 45.59 -20.82
C THR A 946 15.51 46.20 -21.34
N ASP A 947 16.30 45.43 -22.09
CA ASP A 947 17.51 45.99 -22.70
C ASP A 947 17.17 47.09 -23.68
N LEU A 948 16.15 46.89 -24.51
CA LEU A 948 15.75 47.93 -25.45
C LEU A 948 15.30 49.18 -24.72
N ILE A 949 14.48 49.03 -23.68
CA ILE A 949 13.98 50.19 -22.96
C ILE A 949 15.13 50.93 -22.27
N ALA A 950 16.05 50.18 -21.66
CA ALA A 950 17.18 50.81 -20.98
C ALA A 950 18.10 51.52 -21.96
N ILE A 951 18.35 50.92 -23.13
CA ILE A 951 19.23 51.53 -24.11
C ILE A 951 18.59 52.80 -24.67
N LEU A 952 17.28 52.76 -24.95
CA LEU A 952 16.61 53.97 -25.44
C LEU A 952 16.61 55.08 -24.40
N LEU A 953 16.34 54.74 -23.14
CA LEU A 953 16.37 55.74 -22.08
C LEU A 953 17.77 56.31 -21.91
N PHE A 954 18.79 55.47 -22.00
CA PHE A 954 20.17 55.93 -21.89
C PHE A 954 20.55 56.81 -23.07
N SER A 955 20.05 56.50 -24.27
CA SER A 955 20.29 57.38 -25.42
C SER A 955 19.63 58.73 -25.22
N VAL A 956 18.41 58.75 -24.70
CA VAL A 956 17.75 60.04 -24.46
C VAL A 956 18.49 60.79 -23.35
N GLY A 957 19.07 60.08 -22.38
CA GLY A 957 19.89 60.74 -21.38
C GLY A 957 21.16 61.33 -22.00
N MET A 958 21.76 60.60 -22.93
CA MET A 958 22.94 61.10 -23.63
C MET A 958 22.62 62.36 -24.42
N ILE A 959 21.49 62.35 -25.13
CA ILE A 959 21.07 63.55 -25.88
C ILE A 959 20.80 64.70 -24.93
N LEU A 960 20.11 64.43 -23.82
CA LEU A 960 19.79 65.48 -22.87
C LEU A 960 21.02 65.94 -22.10
N ARG A 961 22.07 65.13 -22.04
CA ARG A 961 23.24 65.48 -21.23
C ARG A 961 24.08 66.56 -21.90
N LEU A 962 24.15 66.57 -23.22
CA LEU A 962 24.96 67.56 -23.95
C LEU A 962 24.10 68.74 -24.37
N GLN A 963 23.57 69.44 -23.38
CA GLN A 963 22.71 70.60 -23.59
C GLN A 963 22.94 71.58 -22.44
N ASP A 964 21.98 72.48 -22.22
CA ASP A 964 22.10 73.51 -21.20
C ASP A 964 22.14 72.89 -19.80
N GLN A 965 22.47 73.74 -18.82
CA GLN A 965 22.73 73.26 -17.46
C GLN A 965 21.55 72.55 -16.80
N PRO A 966 20.32 73.08 -16.80
CA PRO A 966 19.21 72.27 -16.27
C PRO A 966 19.00 70.97 -17.03
N PHE A 967 19.19 71.00 -18.35
CA PHE A 967 19.13 69.77 -19.13
C PHE A 967 20.29 68.84 -18.79
N ARG A 968 21.45 69.39 -18.46
CA ARG A 968 22.56 68.57 -18.01
C ARG A 968 22.23 67.85 -16.71
N SER A 969 21.61 68.57 -15.77
CA SER A 969 21.20 67.95 -14.51
C SER A 969 20.15 66.86 -14.75
N ASP A 970 19.20 67.12 -15.64
CA ASP A 970 18.19 66.11 -15.96
C ASP A 970 18.83 64.87 -16.58
N GLY A 971 19.82 65.07 -17.45
CA GLY A 971 20.53 63.93 -18.03
C GLY A 971 21.29 63.14 -17.00
N ARG A 972 21.93 63.83 -16.04
CA ARG A 972 22.62 63.12 -14.96
C ARG A 972 21.63 62.31 -14.13
N VAL A 973 20.45 62.87 -13.86
CA VAL A 973 19.42 62.13 -13.12
C VAL A 973 18.98 60.91 -13.91
N ILE A 974 18.85 61.05 -15.23
CA ILE A 974 18.47 59.92 -16.08
C ILE A 974 19.52 58.81 -16.01
N TYR A 975 20.80 59.19 -16.06
CA TYR A 975 21.87 58.20 -15.89
C TYR A 975 21.77 57.50 -14.56
N CYS A 976 21.54 58.26 -13.48
CA CYS A 976 21.50 57.68 -12.15
C CYS A 976 20.33 56.71 -11.99
N VAL A 977 19.16 57.05 -12.54
CA VAL A 977 18.04 56.15 -12.49
C VAL A 977 18.30 54.92 -13.36
N ASN A 978 18.95 55.11 -14.50
CA ASN A 978 19.20 54.01 -15.43
C ASN A 978 20.23 53.02 -14.89
N ILE A 979 21.13 53.45 -14.01
CA ILE A 979 22.15 52.54 -13.50
C ILE A 979 21.55 51.39 -12.69
N ILE A 980 20.34 51.54 -12.18
CA ILE A 980 19.74 50.48 -11.37
C ILE A 980 19.51 49.23 -12.20
N TYR A 981 19.07 49.39 -13.45
CA TYR A 981 18.84 48.22 -14.28
C TYR A 981 20.14 47.47 -14.58
N TRP A 982 21.22 48.21 -14.85
CA TRP A 982 22.49 47.55 -15.11
C TRP A 982 23.07 46.92 -13.87
N TYR A 983 22.74 47.46 -12.70
CA TYR A 983 23.13 46.82 -11.45
C TYR A 983 22.28 45.59 -11.15
N ILE A 984 21.05 45.56 -11.65
CA ILE A 984 20.12 44.48 -11.34
C ILE A 984 20.28 43.30 -12.29
N ARG A 985 20.51 43.53 -13.57
CA ARG A 985 20.54 42.40 -14.50
C ARG A 985 21.76 41.51 -14.34
N LEU A 986 22.59 41.70 -13.31
CA LEU A 986 23.61 40.71 -12.98
C LEU A 986 23.00 39.38 -12.56
N LEU A 987 21.71 39.35 -12.23
CA LEU A 987 21.05 38.08 -11.95
C LEU A 987 21.01 37.19 -13.19
N ASP A 988 20.93 37.79 -14.38
CA ASP A 988 21.00 37.01 -15.60
C ASP A 988 22.35 36.33 -15.74
N ILE A 989 23.43 37.02 -15.38
CA ILE A 989 24.75 36.41 -15.39
C ILE A 989 24.85 35.34 -14.29
N PHE A 990 24.23 35.59 -13.14
CA PHE A 990 24.23 34.62 -12.06
C PHE A 990 23.46 33.36 -12.42
N GLY A 991 22.50 33.45 -13.34
CA GLY A 991 21.72 32.29 -13.73
C GLY A 991 22.54 31.16 -14.33
N VAL A 992 23.78 31.42 -14.74
CA VAL A 992 24.65 30.36 -15.22
C VAL A 992 25.08 29.45 -14.08
N ASN A 993 25.16 29.99 -12.86
CA ASN A 993 25.58 29.19 -11.72
C ASN A 993 24.54 28.13 -11.40
N LYS A 994 25.01 26.98 -10.90
CA LYS A 994 24.15 25.84 -10.68
C LYS A 994 23.15 26.08 -9.54
N TYR A 995 23.43 27.03 -8.64
CA TYR A 995 22.55 27.30 -7.52
C TYR A 995 21.84 28.63 -7.61
N LEU A 996 22.38 29.60 -8.33
CA LEU A 996 21.80 30.94 -8.39
C LEU A 996 20.73 31.08 -9.47
N GLY A 997 20.56 30.07 -10.32
CA GLY A 997 19.52 30.10 -11.32
C GLY A 997 18.15 29.78 -10.76
N PRO A 998 18.01 28.61 -10.14
CA PRO A 998 16.72 28.25 -9.53
C PRO A 998 16.22 29.26 -8.52
N TYR A 999 17.09 29.91 -7.74
CA TYR A 999 16.61 30.89 -6.78
C TYR A 999 16.07 32.14 -7.46
N VAL A 1000 16.71 32.56 -8.56
CA VAL A 1000 16.20 33.70 -9.31
C VAL A 1000 14.84 33.35 -9.93
N MET A 1001 14.71 32.14 -10.48
CA MET A 1001 13.41 31.74 -11.01
C MET A 1001 12.35 31.66 -9.91
N MET A 1002 12.74 31.19 -8.73
CA MET A 1002 11.81 31.12 -7.61
C MET A 1002 11.35 32.51 -7.19
N ILE A 1003 12.27 33.49 -7.19
CA ILE A 1003 11.89 34.86 -6.87
C ILE A 1003 10.90 35.39 -7.91
N GLY A 1004 11.19 35.13 -9.19
CA GLY A 1004 10.26 35.54 -10.24
C GLY A 1004 8.89 34.94 -10.08
N LYS A 1005 8.82 33.69 -9.59
CA LYS A 1005 7.52 33.07 -9.38
C LYS A 1005 6.79 33.59 -8.14
N MET A 1006 7.52 33.92 -7.07
CA MET A 1006 6.88 34.44 -5.86
C MET A 1006 6.45 35.90 -6.00
N MET A 1007 6.94 36.59 -7.03
CA MET A 1007 6.52 37.96 -7.26
C MET A 1007 5.00 38.13 -7.35
N ILE A 1008 4.28 37.13 -7.85
CA ILE A 1008 2.83 37.26 -8.03
C ILE A 1008 2.11 37.32 -6.69
N ASP A 1009 2.43 36.40 -5.79
CA ASP A 1009 1.83 36.43 -4.46
C ASP A 1009 2.23 37.70 -3.72
N MET A 1010 3.49 38.13 -3.91
CA MET A 1010 3.90 39.40 -3.34
C MET A 1010 3.02 40.54 -3.85
N MET A 1011 2.68 40.52 -5.14
CA MET A 1011 1.83 41.56 -5.71
C MET A 1011 0.43 41.55 -5.12
N TYR A 1012 -0.16 40.37 -4.95
CA TYR A 1012 -1.51 40.31 -4.40
C TYR A 1012 -1.55 40.85 -2.97
N PHE A 1013 -0.62 40.41 -2.13
CA PHE A 1013 -0.61 40.92 -0.77
C PHE A 1013 -0.25 42.41 -0.73
N VAL A 1014 0.51 42.89 -1.71
CA VAL A 1014 0.75 44.32 -1.84
C VAL A 1014 -0.54 45.06 -2.11
N ILE A 1015 -1.40 44.50 -2.97
CA ILE A 1015 -2.70 45.13 -3.27
C ILE A 1015 -3.51 45.29 -1.99
N ILE A 1016 -3.63 44.20 -1.22
CA ILE A 1016 -4.45 44.25 0.00
C ILE A 1016 -3.85 45.23 1.01
N MET A 1017 -2.53 45.18 1.18
CA MET A 1017 -1.87 46.08 2.12
C MET A 1017 -2.06 47.53 1.71
N LEU A 1018 -2.03 47.82 0.40
CA LEU A 1018 -2.25 49.18 -0.07
C LEU A 1018 -3.66 49.64 0.27
N VAL A 1019 -4.65 48.77 0.12
CA VAL A 1019 -6.02 49.15 0.47
C VAL A 1019 -6.10 49.55 1.94
N VAL A 1020 -5.58 48.70 2.83
CA VAL A 1020 -5.68 48.99 4.26
C VAL A 1020 -4.89 50.24 4.61
N LEU A 1021 -3.68 50.37 4.06
CA LEU A 1021 -2.82 51.50 4.37
C LEU A 1021 -3.43 52.82 3.92
N MET A 1022 -4.00 52.84 2.72
CA MET A 1022 -4.66 54.07 2.25
C MET A 1022 -5.84 54.42 3.14
N SER A 1023 -6.61 53.42 3.57
CA SER A 1023 -7.73 53.70 4.47
C SER A 1023 -7.25 54.38 5.74
N PHE A 1024 -6.25 53.81 6.40
CA PHE A 1024 -5.76 54.39 7.66
C PHE A 1024 -5.17 55.77 7.44
N GLY A 1025 -4.38 55.94 6.39
CA GLY A 1025 -3.74 57.22 6.15
C GLY A 1025 -4.75 58.33 5.89
N VAL A 1026 -5.76 58.05 5.07
CA VAL A 1026 -6.79 59.05 4.79
C VAL A 1026 -7.55 59.39 6.05
N ALA A 1027 -7.91 58.38 6.85
CA ALA A 1027 -8.64 58.65 8.09
C ALA A 1027 -7.84 59.55 9.03
N ARG A 1028 -6.56 59.21 9.24
CA ARG A 1028 -5.75 59.99 10.17
C ARG A 1028 -5.53 61.41 9.66
N GLN A 1029 -5.19 61.56 8.37
CA GLN A 1029 -4.94 62.90 7.84
C GLN A 1029 -6.20 63.75 7.86
N ALA A 1030 -7.36 63.15 7.63
CA ALA A 1030 -8.61 63.90 7.70
C ALA A 1030 -8.95 64.29 9.13
N ILE A 1031 -8.66 63.43 10.10
CA ILE A 1031 -8.96 63.79 11.49
C ILE A 1031 -8.05 64.91 11.97
N LEU A 1032 -6.74 64.80 11.72
CA LEU A 1032 -5.79 65.73 12.33
C LEU A 1032 -5.81 67.11 11.69
N PHE A 1033 -5.92 67.21 10.37
CA PHE A 1033 -5.81 68.50 9.67
C PHE A 1033 -7.14 68.85 9.02
N PRO A 1034 -7.93 69.74 9.62
CA PRO A 1034 -9.27 70.01 9.09
C PRO A 1034 -9.36 71.23 8.19
N ASN A 1035 -8.29 72.02 8.11
CA ASN A 1035 -8.35 73.28 7.38
C ASN A 1035 -7.35 73.34 6.24
N GLU A 1036 -7.28 72.30 5.44
CA GLU A 1036 -6.31 72.20 4.36
C GLU A 1036 -6.93 72.66 3.05
N GLU A 1037 -6.28 73.62 2.41
CA GLU A 1037 -6.67 74.01 1.06
C GLU A 1037 -6.29 72.89 0.08
N PRO A 1038 -7.12 72.64 -0.93
CA PRO A 1038 -6.80 71.56 -1.90
C PRO A 1038 -5.48 71.78 -2.61
N SER A 1039 -4.53 70.87 -2.38
CA SER A 1039 -3.23 70.92 -3.01
C SER A 1039 -2.69 69.51 -3.14
N TRP A 1040 -1.66 69.35 -3.98
CA TRP A 1040 -1.07 68.03 -4.17
C TRP A 1040 -0.34 67.53 -2.94
N LYS A 1041 -0.08 68.39 -1.96
CA LYS A 1041 0.51 67.93 -0.70
C LYS A 1041 -0.42 66.98 0.02
N LEU A 1042 -1.74 67.14 -0.16
CA LEU A 1042 -2.71 66.25 0.46
C LEU A 1042 -2.56 64.82 -0.05
N ALA A 1043 -2.26 64.67 -1.35
CA ALA A 1043 -2.11 63.34 -1.94
C ALA A 1043 -0.84 62.64 -1.48
N LYS A 1044 0.06 63.33 -0.79
CA LYS A 1044 1.28 62.71 -0.29
C LYS A 1044 1.20 62.29 1.16
N ASN A 1045 0.41 63.00 1.97
CA ASN A 1045 0.34 62.71 3.39
C ASN A 1045 -0.52 61.49 3.71
N ILE A 1046 -1.25 60.94 2.74
CA ILE A 1046 -2.10 59.78 3.00
C ILE A 1046 -1.39 58.46 2.75
N PHE A 1047 -0.14 58.49 2.27
CA PHE A 1047 0.54 57.26 1.90
C PHE A 1047 1.92 57.16 2.54
N TYR A 1048 2.57 58.30 2.73
CA TYR A 1048 3.96 58.35 3.17
C TYR A 1048 4.16 57.78 4.58
N MET A 1049 3.60 58.46 5.57
CA MET A 1049 3.77 58.02 6.96
C MET A 1049 3.16 56.65 7.25
N PRO A 1050 1.94 56.31 6.82
CA PRO A 1050 1.44 54.95 7.08
C PRO A 1050 2.26 53.86 6.43
N TYR A 1051 3.04 54.18 5.40
CA TYR A 1051 3.92 53.18 4.81
C TYR A 1051 5.26 53.09 5.53
N TRP A 1052 5.79 54.22 5.98
CA TRP A 1052 7.04 54.12 6.74
C TRP A 1052 6.83 53.59 8.15
N MET A 1053 5.62 53.68 8.69
CA MET A 1053 5.40 53.25 10.07
C MET A 1053 5.12 51.77 10.22
N ILE A 1054 5.07 51.00 9.12
CA ILE A 1054 4.96 49.55 9.23
C ILE A 1054 6.31 48.87 9.17
N TYR A 1055 7.37 49.58 8.81
CA TYR A 1055 8.72 49.04 8.76
C TYR A 1055 9.51 49.40 10.01
N GLY A 1056 8.85 49.49 11.16
CA GLY A 1056 9.52 49.76 12.41
C GLY A 1056 9.63 51.21 12.79
N GLU A 1057 9.26 52.13 11.90
CA GLU A 1057 9.34 53.57 12.22
C GLU A 1057 8.03 54.05 12.83
N VAL A 1058 7.73 53.53 14.01
CA VAL A 1058 6.52 53.86 14.75
C VAL A 1058 6.82 55.06 15.65
N PHE A 1059 5.84 55.93 15.82
CA PHE A 1059 5.99 57.09 16.70
C PHE A 1059 4.64 57.54 17.25
N CYS A 1084 -6.70 71.40 21.25
CA CYS A 1084 -6.71 70.03 20.75
C CYS A 1084 -7.75 69.85 19.67
N LYS A 1085 -7.39 69.10 18.63
CA LYS A 1085 -8.33 68.80 17.57
C LYS A 1085 -9.44 67.89 18.09
N THR A 1086 -10.65 68.12 17.60
CA THR A 1086 -11.80 67.36 18.07
C THR A 1086 -11.67 65.91 17.64
N GLY A 1087 -11.85 64.99 18.59
CA GLY A 1087 -11.69 63.58 18.31
C GLY A 1087 -10.29 63.19 17.91
N ALA A 1088 -9.27 63.84 18.48
CA ALA A 1088 -7.89 63.49 18.16
C ALA A 1088 -7.44 62.21 18.84
N TRP A 1089 -8.15 61.77 19.88
CA TRP A 1089 -7.75 60.56 20.59
C TRP A 1089 -8.07 59.29 19.83
N ILE A 1090 -8.80 59.37 18.72
CA ILE A 1090 -9.09 58.18 17.93
C ILE A 1090 -7.88 57.77 17.09
N VAL A 1091 -6.96 58.70 16.83
CA VAL A 1091 -5.79 58.39 16.00
C VAL A 1091 -4.93 57.30 16.61
N PRO A 1092 -4.54 57.34 17.89
CA PRO A 1092 -3.78 56.20 18.42
C PRO A 1092 -4.53 54.89 18.42
N ALA A 1093 -5.86 54.91 18.62
CA ALA A 1093 -6.62 53.66 18.60
C ALA A 1093 -6.64 53.04 17.22
N ILE A 1094 -6.94 53.84 16.20
CA ILE A 1094 -6.94 53.29 14.85
C ILE A 1094 -5.53 52.93 14.42
N MET A 1095 -4.51 53.62 14.94
CA MET A 1095 -3.14 53.24 14.64
C MET A 1095 -2.79 51.89 15.24
N ALA A 1096 -3.23 51.64 16.47
CA ALA A 1096 -3.00 50.33 17.08
C ALA A 1096 -3.70 49.24 16.29
N CYS A 1097 -4.95 49.47 15.89
CA CYS A 1097 -5.66 48.48 15.09
C CYS A 1097 -4.96 48.25 13.75
N TYR A 1098 -4.51 49.33 13.12
CA TYR A 1098 -3.85 49.22 11.82
C TYR A 1098 -2.55 48.43 11.91
N LEU A 1099 -1.75 48.70 12.94
CA LEU A 1099 -0.51 47.95 13.10
C LEU A 1099 -0.79 46.48 13.41
N LEU A 1100 -1.76 46.22 14.28
CA LEU A 1100 -2.09 44.84 14.63
C LEU A 1100 -2.66 44.07 13.45
N VAL A 1101 -3.28 44.75 12.48
CA VAL A 1101 -3.79 44.06 11.31
C VAL A 1101 -2.72 43.89 10.24
N ALA A 1102 -2.03 44.98 9.88
CA ALA A 1102 -1.09 44.92 8.77
C ALA A 1102 0.18 44.15 9.12
N ASN A 1103 0.70 44.36 10.33
CA ASN A 1103 1.98 43.77 10.69
C ASN A 1103 1.87 42.35 11.23
N ILE A 1104 0.65 41.85 11.45
CA ILE A 1104 0.48 40.54 12.06
C ILE A 1104 -0.37 39.64 11.18
N LEU A 1105 -1.56 40.11 10.82
CA LEU A 1105 -2.54 39.26 10.16
C LEU A 1105 -2.12 38.92 8.74
N LEU A 1106 -1.48 39.85 8.04
CA LEU A 1106 -1.13 39.66 6.64
C LEU A 1106 0.29 39.16 6.43
N VAL A 1107 1.26 39.63 7.21
CA VAL A 1107 2.65 39.22 7.01
C VAL A 1107 2.81 37.73 7.30
N ASN A 1108 2.23 37.25 8.39
CA ASN A 1108 2.34 35.83 8.72
C ASN A 1108 1.58 34.97 7.72
N LEU A 1109 0.46 35.46 7.20
CA LEU A 1109 -0.23 34.73 6.14
C LEU A 1109 0.62 34.66 4.88
N LEU A 1110 1.32 35.74 4.54
CA LEU A 1110 2.22 35.72 3.39
C LEU A 1110 3.35 34.72 3.61
N ILE A 1111 3.88 34.66 4.84
CA ILE A 1111 4.91 33.68 5.16
C ILE A 1111 4.37 32.27 4.97
N ALA A 1112 3.15 32.00 5.44
CA ALA A 1112 2.57 30.68 5.27
C ALA A 1112 2.37 30.33 3.80
N VAL A 1113 1.94 31.31 3.00
CA VAL A 1113 1.73 31.08 1.58
C VAL A 1113 3.05 30.78 0.88
N PHE A 1114 4.11 31.55 1.19
CA PHE A 1114 5.42 31.25 0.63
C PHE A 1114 5.93 29.89 1.06
N ASN A 1115 5.58 29.48 2.29
CA ASN A 1115 6.09 28.21 2.79
C ASN A 1115 5.42 27.03 2.11
N ASN A 1116 4.10 27.09 1.95
CA ASN A 1116 3.35 25.93 1.46
C ASN A 1116 3.24 25.89 -0.06
N THR A 1117 3.87 26.82 -0.77
CA THR A 1117 3.91 26.77 -2.23
C THR A 1117 5.36 26.82 -2.70
N PHE A 1118 6.20 25.99 -2.12
CA PHE A 1118 7.64 26.05 -2.32
C PHE A 1118 8.22 24.83 -3.01
N PHE A 1119 7.76 23.63 -2.65
CA PHE A 1119 8.36 22.41 -3.19
C PHE A 1119 8.14 22.28 -4.68
N GLU A 1120 6.88 22.44 -5.13
CA GLU A 1120 6.59 22.38 -6.55
C GLU A 1120 7.29 23.49 -7.31
N VAL A 1121 7.35 24.69 -6.72
CA VAL A 1121 7.99 25.81 -7.38
C VAL A 1121 9.48 25.53 -7.57
N LYS A 1122 10.15 25.00 -6.56
CA LYS A 1122 11.58 24.74 -6.71
C LYS A 1122 11.84 23.59 -7.68
N SER A 1123 10.98 22.58 -7.71
CA SER A 1123 11.18 21.50 -8.69
C SER A 1123 10.99 22.02 -10.11
N ILE A 1124 9.98 22.85 -10.32
CA ILE A 1124 9.75 23.44 -11.64
C ILE A 1124 10.91 24.33 -12.03
N SER A 1125 11.44 25.11 -11.09
CA SER A 1125 12.58 25.97 -11.40
C SER A 1125 13.81 25.17 -11.77
N ASN A 1126 14.07 24.07 -11.05
CA ASN A 1126 15.21 23.22 -11.40
C ASN A 1126 15.04 22.65 -12.81
N GLN A 1127 13.84 22.16 -13.13
CA GLN A 1127 13.61 21.60 -14.46
C GLN A 1127 13.79 22.65 -15.53
N VAL A 1128 13.27 23.85 -15.31
CA VAL A 1128 13.37 24.91 -16.31
C VAL A 1128 14.82 25.35 -16.50
N TRP A 1129 15.58 25.41 -15.41
CA TRP A 1129 16.99 25.77 -15.53
C TRP A 1129 17.77 24.72 -16.32
N LYS A 1130 17.53 23.44 -16.03
CA LYS A 1130 18.19 22.39 -16.80
C LYS A 1130 17.78 22.44 -18.26
N PHE A 1131 16.55 22.86 -18.55
CA PHE A 1131 16.16 22.98 -19.95
C PHE A 1131 16.85 24.16 -20.63
N GLN A 1132 17.00 25.28 -19.92
CA GLN A 1132 17.55 26.49 -20.52
C GLN A 1132 19.07 26.47 -20.63
N ARG A 1133 19.73 25.51 -19.97
CA ARG A 1133 21.17 25.34 -20.17
C ARG A 1133 21.52 25.22 -21.66
N TYR A 1134 20.69 24.52 -22.42
CA TYR A 1134 20.98 24.30 -23.85
C TYR A 1134 20.97 25.62 -24.62
N GLN A 1135 19.94 26.44 -24.41
CA GLN A 1135 19.89 27.74 -25.08
C GLN A 1135 21.05 28.63 -24.65
N LEU A 1136 21.41 28.58 -23.37
CA LEU A 1136 22.54 29.36 -22.90
C LEU A 1136 23.84 28.95 -23.60
N ILE A 1137 24.04 27.64 -23.76
CA ILE A 1137 25.25 27.15 -24.43
C ILE A 1137 25.27 27.56 -25.89
N MET A 1138 24.14 27.42 -26.58
CA MET A 1138 24.11 27.77 -28.00
C MET A 1138 24.31 29.26 -28.23
N THR A 1139 23.77 30.10 -27.33
CA THR A 1139 23.91 31.54 -27.50
C THR A 1139 25.36 31.98 -27.48
N PHE A 1140 26.21 31.31 -26.69
CA PHE A 1140 27.62 31.65 -26.65
C PHE A 1140 28.43 30.88 -27.69
N HIS A 1141 27.96 29.72 -28.15
CA HIS A 1141 28.64 29.08 -29.27
C HIS A 1141 28.53 29.92 -30.53
N GLU A 1142 27.36 30.55 -30.75
CA GLU A 1142 27.21 31.44 -31.89
C GLU A 1142 27.91 32.78 -31.68
N ARG A 1143 28.21 33.14 -30.44
CA ARG A 1143 28.65 34.50 -30.13
C ARG A 1143 30.07 34.75 -30.64
N PRO A 1144 30.36 35.96 -31.12
CA PRO A 1144 31.73 36.31 -31.47
C PRO A 1144 32.62 36.34 -30.24
N VAL A 1145 33.93 36.23 -30.50
CA VAL A 1145 34.89 36.06 -29.41
C VAL A 1145 35.02 37.35 -28.59
N LEU A 1146 35.09 38.50 -29.24
CA LEU A 1146 35.39 39.72 -28.53
C LEU A 1146 34.20 40.23 -27.72
N PRO A 1147 34.46 40.83 -26.57
CA PRO A 1147 33.38 41.42 -25.76
C PRO A 1147 32.84 42.67 -26.41
N PRO A 1148 31.66 43.13 -25.99
CA PRO A 1148 31.03 44.32 -26.60
C PRO A 1148 31.90 45.58 -26.56
N PRO A 1149 32.65 45.88 -25.49
CA PRO A 1149 33.42 47.14 -25.51
C PRO A 1149 34.45 47.21 -26.63
N LEU A 1150 34.95 46.08 -27.11
CA LEU A 1150 35.87 46.05 -28.24
C LEU A 1150 35.36 45.10 -29.31
N ILE A 1151 34.03 45.07 -29.51
CA ILE A 1151 33.43 44.29 -30.59
C ILE A 1151 33.38 45.06 -31.90
N ILE A 1152 33.85 46.32 -31.91
CA ILE A 1152 33.79 47.11 -33.12
C ILE A 1152 34.63 46.49 -34.23
N PHE A 1153 35.75 45.87 -33.88
CA PHE A 1153 36.62 45.28 -34.88
C PHE A 1153 35.93 44.13 -35.60
N SER A 1154 35.35 43.20 -34.85
CA SER A 1154 34.61 42.10 -35.47
C SER A 1154 33.28 42.54 -36.05
N HIS A 1155 32.80 43.75 -35.72
CA HIS A 1155 31.60 44.28 -36.34
C HIS A 1155 31.87 44.93 -37.68
N MET A 1156 33.13 45.19 -38.03
CA MET A 1156 33.47 45.75 -39.33
C MET A 1156 34.27 44.79 -40.20
N THR A 1157 34.98 43.83 -39.60
CA THR A 1157 35.63 42.81 -40.42
C THR A 1157 34.62 41.88 -41.06
N MET A 1158 33.48 41.65 -40.41
CA MET A 1158 32.42 40.84 -41.00
C MET A 1158 31.77 41.55 -42.18
N ILE A 1159 31.85 42.88 -42.25
CA ILE A 1159 31.25 43.60 -43.36
C ILE A 1159 32.02 43.35 -44.66
N PHE A 1160 33.35 43.35 -44.57
CA PHE A 1160 34.17 43.16 -45.77
C PHE A 1160 34.04 41.74 -46.33
N GLN A 1161 33.90 40.75 -45.46
CA GLN A 1161 33.80 39.37 -45.92
C GLN A 1161 32.47 39.07 -46.62
N HIS A 1162 31.47 39.93 -46.45
CA HIS A 1162 30.20 39.72 -47.12
C HIS A 1162 30.32 39.87 -48.62
N VAL A 1163 31.13 40.85 -49.08
CA VAL A 1163 31.31 41.10 -50.50
C VAL A 1163 32.56 40.42 -51.05
N CYS A 1164 33.20 39.57 -50.25
CA CYS A 1164 34.41 38.87 -50.68
C CYS A 1164 34.06 37.75 -51.66
N ARG A 1177 30.45 24.52 -37.57
CA ARG A 1177 29.60 23.65 -36.76
C ARG A 1177 30.11 22.22 -36.76
N ASP A 1178 31.43 22.05 -36.81
CA ASP A 1178 32.02 20.72 -36.79
C ASP A 1178 31.65 19.98 -35.51
N TYR A 1179 31.72 20.66 -34.38
CA TYR A 1179 31.19 20.14 -33.13
C TYR A 1179 30.69 21.31 -32.30
N GLY A 1180 29.82 21.02 -31.34
CA GLY A 1180 29.07 22.02 -30.62
C GLY A 1180 27.67 22.23 -31.14
N LEU A 1181 27.40 21.79 -32.37
CA LEU A 1181 26.06 21.73 -32.92
C LEU A 1181 25.69 20.31 -33.34
N LYS A 1182 26.55 19.64 -34.11
CA LYS A 1182 26.29 18.32 -34.62
C LYS A 1182 27.55 17.47 -34.46
N LEU A 1183 27.54 16.28 -35.05
CA LEU A 1183 28.70 15.40 -35.04
C LEU A 1183 28.62 14.52 -36.28
N PHE A 1184 29.34 14.90 -37.33
CA PHE A 1184 29.33 14.11 -38.55
C PHE A 1184 30.10 12.82 -38.35
N ILE A 1185 29.49 11.70 -38.71
CA ILE A 1185 30.07 10.39 -38.50
C ILE A 1185 30.23 9.69 -39.85
N THR A 1186 30.95 8.58 -39.83
CA THR A 1186 31.19 7.77 -41.02
C THR A 1186 30.01 6.81 -41.22
N ASP A 1187 30.17 5.85 -42.12
CA ASP A 1187 29.10 4.90 -42.41
C ASP A 1187 29.17 3.66 -41.52
N ASP A 1188 30.36 3.14 -41.28
CA ASP A 1188 30.49 1.95 -40.43
C ASP A 1188 30.05 2.27 -39.00
N GLU A 1189 30.44 3.42 -38.48
CA GLU A 1189 29.99 3.82 -37.16
C GLU A 1189 28.48 4.04 -37.15
N LEU A 1190 27.92 4.52 -38.26
CA LEU A 1190 26.47 4.66 -38.37
C LEU A 1190 25.79 3.30 -38.26
N LYS A 1191 26.32 2.29 -38.93
CA LYS A 1191 25.78 0.94 -38.82
C LYS A 1191 25.88 0.43 -37.39
N LYS A 1192 27.02 0.67 -36.74
CA LYS A 1192 27.20 0.24 -35.36
C LYS A 1192 26.17 0.89 -34.45
N VAL A 1193 25.95 2.19 -34.62
CA VAL A 1193 24.99 2.91 -33.78
C VAL A 1193 23.57 2.41 -34.01
N HIS A 1194 23.21 2.14 -35.28
CA HIS A 1194 21.88 1.62 -35.57
C HIS A 1194 21.66 0.27 -34.91
N ASP A 1195 22.65 -0.63 -35.01
CA ASP A 1195 22.50 -1.93 -34.35
C ASP A 1195 22.44 -1.79 -32.83
N PHE A 1196 23.21 -0.86 -32.27
CA PHE A 1196 23.15 -0.62 -30.83
C PHE A 1196 21.75 -0.16 -30.41
N GLU A 1197 21.17 0.78 -31.15
CA GLU A 1197 19.84 1.27 -30.81
C GLU A 1197 18.79 0.18 -30.96
N GLU A 1198 18.91 -0.66 -31.99
CA GLU A 1198 17.97 -1.76 -32.15
C GLU A 1198 18.07 -2.75 -31.00
N GLN A 1199 19.29 -3.07 -30.57
CA GLN A 1199 19.44 -3.97 -29.43
C GLN A 1199 18.85 -3.34 -28.17
N CYS A 1200 19.04 -2.03 -27.99
CA CYS A 1200 18.49 -1.36 -26.82
C CYS A 1200 16.96 -1.41 -26.80
N ILE A 1201 16.33 -1.15 -27.95
CA ILE A 1201 14.86 -1.13 -27.96
C ILE A 1201 14.30 -2.53 -27.76
N GLU A 1202 14.95 -3.54 -28.35
CA GLU A 1202 14.51 -4.92 -28.13
C GLU A 1202 14.62 -5.30 -26.65
N GLU A 1203 15.75 -4.95 -26.03
CA GLU A 1203 15.93 -5.25 -24.61
C GLU A 1203 14.91 -4.52 -23.75
N TYR A 1204 14.61 -3.27 -24.09
CA TYR A 1204 13.64 -2.50 -23.32
C TYR A 1204 12.25 -3.13 -23.40
N PHE A 1205 11.82 -3.54 -24.59
CA PHE A 1205 10.51 -4.17 -24.70
C PHE A 1205 10.46 -5.50 -23.96
N ARG A 1206 11.52 -6.30 -24.07
CA ARG A 1206 11.54 -7.58 -23.36
C ARG A 1206 11.49 -7.37 -21.86
N GLU A 1207 12.24 -6.38 -21.35
CA GLU A 1207 12.22 -6.11 -19.92
C GLU A 1207 10.85 -5.62 -19.47
N LYS A 1208 10.20 -4.78 -20.27
CA LYS A 1208 8.86 -4.33 -19.90
C LYS A 1208 7.88 -5.49 -19.83
N ASP A 1209 7.91 -6.38 -20.83
CA ASP A 1209 7.01 -7.53 -20.80
C ASP A 1209 7.29 -8.44 -19.61
N ASP A 1210 8.58 -8.69 -19.33
CA ASP A 1210 8.94 -9.55 -18.20
C ASP A 1210 8.52 -8.93 -16.88
N ARG A 1211 8.66 -7.62 -16.73
CA ARG A 1211 8.20 -6.95 -15.52
C ARG A 1211 6.69 -7.02 -15.39
N PHE A 1212 5.96 -6.87 -16.50
CA PHE A 1212 4.51 -6.88 -16.43
C PHE A 1212 3.97 -8.27 -16.10
N ASN A 1213 4.57 -9.32 -16.64
CA ASN A 1213 4.06 -10.66 -16.41
C ASN A 1213 4.35 -11.20 -15.02
N SER A 1214 5.16 -10.51 -14.23
CA SER A 1214 5.50 -10.98 -12.89
C SER A 1214 4.89 -10.13 -11.79
N SER A 1215 4.10 -9.12 -12.13
CA SER A 1215 3.47 -8.30 -11.11
C SER A 1215 2.36 -9.09 -10.41
N ASN A 1216 1.98 -8.62 -9.23
CA ASN A 1216 1.03 -9.36 -8.41
C ASN A 1216 -0.35 -9.42 -9.06
N ASP A 1217 -0.79 -8.33 -9.69
CA ASP A 1217 -2.12 -8.31 -10.29
C ASP A 1217 -2.24 -9.35 -11.39
N GLU A 1218 -1.24 -9.45 -12.25
CA GLU A 1218 -1.30 -10.42 -13.33
C GLU A 1218 -1.32 -11.84 -12.81
N ARG A 1219 -0.50 -12.15 -11.81
CA ARG A 1219 -0.50 -13.49 -11.24
C ARG A 1219 -1.83 -13.81 -10.59
N ILE A 1220 -2.42 -12.85 -9.88
CA ILE A 1220 -3.71 -13.09 -9.23
C ILE A 1220 -4.78 -13.37 -10.27
N ARG A 1221 -4.82 -12.55 -11.32
CA ARG A 1221 -5.86 -12.73 -12.35
C ARG A 1221 -5.70 -14.06 -13.07
N VAL A 1222 -4.48 -14.41 -13.45
CA VAL A 1222 -4.25 -15.67 -14.17
C VAL A 1222 -4.56 -16.86 -13.27
N THR A 1223 -4.18 -16.78 -11.99
CA THR A 1223 -4.49 -17.86 -11.07
C THR A 1223 -5.99 -18.03 -10.89
N SER A 1224 -6.71 -16.92 -10.78
CA SER A 1224 -8.16 -17.00 -10.63
C SER A 1224 -8.81 -17.64 -11.85
N GLU A 1225 -8.39 -17.23 -13.05
CA GLU A 1225 -8.97 -17.81 -14.26
C GLU A 1225 -8.66 -19.30 -14.36
N ARG A 1226 -7.42 -19.69 -14.10
CA ARG A 1226 -7.07 -21.10 -14.19
C ARG A 1226 -7.77 -21.92 -13.11
N VAL A 1227 -7.94 -21.37 -11.91
CA VAL A 1227 -8.66 -22.08 -10.86
C VAL A 1227 -10.12 -22.29 -11.25
N GLU A 1228 -10.75 -21.27 -11.83
CA GLU A 1228 -12.14 -21.41 -12.26
C GLU A 1228 -12.27 -22.47 -13.36
N ASN A 1229 -11.39 -22.43 -14.36
CA ASN A 1229 -11.43 -23.43 -15.41
C ASN A 1229 -11.21 -24.83 -14.87
N MET A 1230 -10.24 -24.97 -13.95
CA MET A 1230 -9.96 -26.27 -13.35
C MET A 1230 -11.13 -26.76 -12.52
N SER A 1231 -11.82 -25.85 -11.82
CA SER A 1231 -12.99 -26.23 -11.04
C SER A 1231 -14.10 -26.75 -11.94
N MET A 1232 -14.35 -26.07 -13.06
CA MET A 1232 -15.35 -26.55 -13.99
C MET A 1232 -14.97 -27.93 -14.55
N ARG A 1233 -13.69 -28.11 -14.90
CA ARG A 1233 -13.26 -29.38 -15.46
C ARG A 1233 -13.37 -30.50 -14.43
N LEU A 1234 -13.04 -30.22 -13.17
CA LEU A 1234 -13.13 -31.24 -12.14
C LEU A 1234 -14.59 -31.56 -11.81
N GLU A 1235 -15.48 -30.57 -11.88
CA GLU A 1235 -16.90 -30.86 -11.74
C GLU A 1235 -17.38 -31.78 -12.85
N GLU A 1236 -16.90 -31.54 -14.07
CA GLU A 1236 -17.22 -32.46 -15.17
C GLU A 1236 -16.68 -33.86 -14.91
N VAL A 1237 -15.46 -33.96 -14.40
CA VAL A 1237 -14.84 -35.26 -14.15
C VAL A 1237 -15.62 -36.03 -13.09
N ASN A 1238 -15.94 -35.36 -11.98
CA ASN A 1238 -16.69 -36.02 -10.92
C ASN A 1238 -18.15 -36.23 -11.29
N GLU A 1239 -18.65 -35.55 -12.32
CA GLU A 1239 -20.03 -35.76 -12.74
C GLU A 1239 -20.23 -37.17 -13.29
N ARG A 1240 -19.25 -37.69 -14.02
CA ARG A 1240 -19.36 -39.03 -14.58
C ARG A 1240 -19.33 -40.08 -13.47
N GLU A 1241 -20.10 -41.15 -13.66
CA GLU A 1241 -20.19 -42.23 -12.69
C GLU A 1241 -20.21 -43.55 -13.46
N HIS A 1242 -19.04 -44.18 -13.59
CA HIS A 1242 -18.97 -45.48 -14.25
C HIS A 1242 -19.30 -46.63 -13.31
N SER A 1243 -19.38 -46.38 -12.01
CA SER A 1243 -19.71 -47.42 -11.04
C SER A 1243 -21.15 -47.87 -11.18
N UNK B 1 -46.47 9.82 -44.23
CA UNK B 1 -45.19 9.33 -43.72
C UNK B 1 -44.26 8.98 -44.88
N UNK B 2 -43.32 8.09 -44.62
CA UNK B 2 -42.42 7.61 -45.65
C UNK B 2 -42.74 6.16 -45.97
N UNK B 3 -43.56 5.55 -45.12
CA UNK B 3 -43.99 4.17 -45.31
C UNK B 3 -45.29 4.10 -46.07
N UNK B 4 -45.36 4.83 -47.18
CA UNK B 4 -46.55 4.80 -48.04
C UNK B 4 -46.35 3.82 -49.18
N UNK B 5 -45.50 2.83 -48.94
CA UNK B 5 -45.19 1.81 -49.95
C UNK B 5 -45.90 0.51 -49.64
N UNK B 6 -45.76 0.05 -48.40
CA UNK B 6 -46.39 -1.19 -47.96
C UNK B 6 -47.83 -0.95 -47.55
N UNK B 7 -48.71 -1.88 -47.91
CA UNK B 7 -50.12 -1.80 -47.56
C UNK B 7 -50.54 -3.03 -46.76
N UNK B 8 -51.41 -2.82 -45.78
CA UNK B 8 -51.86 -3.91 -44.90
C UNK B 8 -52.83 -4.85 -45.62
N UNK B 9 -53.55 -5.64 -44.84
CA UNK B 9 -54.51 -6.58 -45.40
C UNK B 9 -55.63 -6.87 -44.41
N UNK B 10 -56.85 -6.46 -44.77
CA UNK B 10 -58.01 -6.68 -43.91
C UNK B 10 -59.01 -7.62 -44.57
N UNK B 11 -59.58 -8.52 -43.77
CA UNK B 11 -60.53 -9.51 -44.29
C UNK B 11 -61.83 -8.89 -44.77
N UNK B 12 -62.57 -9.63 -45.60
CA UNK B 12 -63.84 -9.17 -46.14
C UNK B 12 -64.97 -10.07 -45.66
N UNK B 13 -65.96 -10.27 -46.53
CA UNK B 13 -67.09 -11.12 -46.19
C UNK B 13 -66.68 -12.60 -46.17
N UNK B 14 -66.23 -13.06 -45.01
CA UNK B 14 -65.80 -14.44 -44.86
C UNK B 14 -66.98 -15.40 -44.82
N UNK B 15 -66.87 -16.48 -45.58
CA UNK B 15 -67.95 -17.47 -45.68
C UNK B 15 -67.44 -18.87 -45.36
N UNK B 16 -67.53 -19.26 -44.09
CA UNK B 16 -67.11 -20.59 -43.65
C UNK B 16 -67.80 -20.96 -42.35
N UNK B 17 -67.02 -21.50 -41.40
CA UNK B 17 -67.49 -21.90 -40.09
C UNK B 17 -68.62 -22.93 -40.17
N ILE C 129 -49.74 -47.17 41.82
CA ILE C 129 -51.16 -46.88 41.99
C ILE C 129 -51.78 -46.46 40.68
N SER C 130 -53.07 -46.09 40.73
CA SER C 130 -53.82 -45.70 39.54
C SER C 130 -53.69 -44.20 39.28
N LYS C 131 -52.42 -43.75 39.22
CA LYS C 131 -52.07 -42.35 38.96
C LYS C 131 -52.74 -41.43 39.98
N HIS C 132 -52.67 -41.83 41.25
CA HIS C 132 -53.29 -41.06 42.34
C HIS C 132 -52.24 -40.11 42.93
N THR C 133 -52.11 -38.96 42.28
CA THR C 133 -51.17 -37.93 42.69
C THR C 133 -51.93 -36.62 42.94
N GLN C 134 -51.68 -36.01 44.09
CA GLN C 134 -52.32 -34.74 44.41
C GLN C 134 -51.80 -33.64 43.50
N LEU C 135 -52.70 -32.74 43.10
CA LEU C 135 -52.35 -31.68 42.16
C LEU C 135 -51.90 -30.44 42.92
N SER C 136 -50.76 -30.57 43.58
CA SER C 136 -50.14 -29.44 44.24
C SER C 136 -49.67 -28.42 43.20
N PRO C 137 -49.60 -27.14 43.57
CA PRO C 137 -49.13 -26.13 42.61
C PRO C 137 -47.67 -26.31 42.26
N THR C 138 -47.30 -25.82 41.08
CA THR C 138 -45.92 -25.89 40.62
C THR C 138 -45.02 -25.06 41.51
N ASP C 139 -43.81 -25.57 41.76
CA ASP C 139 -42.85 -24.89 42.61
C ASP C 139 -41.46 -24.88 41.99
N ALA C 140 -41.37 -24.94 40.66
CA ALA C 140 -40.08 -24.91 39.97
C ALA C 140 -40.27 -24.24 38.62
N PHE C 141 -40.04 -22.93 38.58
CA PHE C 141 -40.13 -22.18 37.33
C PHE C 141 -39.33 -20.90 37.47
N GLY C 142 -38.55 -20.56 36.45
CA GLY C 142 -37.66 -19.42 36.51
C GLY C 142 -36.59 -19.47 35.45
N THR C 143 -35.34 -19.31 35.85
CA THR C 143 -34.21 -19.34 34.94
C THR C 143 -33.09 -20.17 35.55
N ILE C 144 -32.38 -20.91 34.70
CA ILE C 144 -31.23 -21.69 35.14
C ILE C 144 -30.05 -21.37 34.25
N GLU C 145 -28.86 -21.33 34.86
CA GLU C 145 -27.62 -21.19 34.12
C GLU C 145 -26.82 -22.49 34.23
N PHE C 146 -26.20 -22.88 33.14
CA PHE C 146 -25.47 -24.14 33.06
C PHE C 146 -24.02 -23.89 33.42
N GLN C 147 -23.60 -24.40 34.57
CA GLN C 147 -22.23 -24.29 35.04
C GLN C 147 -21.49 -25.59 34.71
N GLY C 148 -20.26 -25.46 34.24
CA GLY C 148 -19.43 -26.60 33.86
C GLY C 148 -19.25 -26.75 32.37
N GLY C 149 -20.16 -26.18 31.59
CA GLY C 149 -20.02 -26.21 30.14
C GLY C 149 -18.95 -25.25 29.67
N GLY C 150 -18.78 -25.21 28.35
CA GLY C 150 -17.81 -24.33 27.76
C GLY C 150 -18.39 -22.98 27.37
N HIS C 151 -19.54 -22.64 27.96
CA HIS C 151 -20.25 -21.43 27.58
C HIS C 151 -21.10 -20.97 28.75
N SER C 152 -21.59 -19.74 28.65
CA SER C 152 -22.54 -19.18 29.59
C SER C 152 -23.88 -19.05 28.88
N ASN C 153 -24.86 -19.83 29.30
CA ASN C 153 -26.15 -19.88 28.64
C ASN C 153 -27.26 -19.84 29.69
N LYS C 154 -28.38 -19.21 29.32
CA LYS C 154 -29.55 -19.10 30.17
C LYS C 154 -30.72 -19.82 29.51
N ALA C 155 -31.63 -20.33 30.34
CA ALA C 155 -32.73 -21.13 29.82
C ALA C 155 -33.91 -21.08 30.79
N MET C 156 -35.00 -20.48 30.35
CA MET C 156 -36.23 -20.51 31.14
C MET C 156 -36.76 -21.93 31.22
N TYR C 157 -37.34 -22.27 32.37
CA TYR C 157 -37.87 -23.60 32.61
C TYR C 157 -39.14 -23.48 33.42
N VAL C 158 -40.12 -24.32 33.09
CA VAL C 158 -41.38 -24.41 33.83
C VAL C 158 -41.78 -25.86 33.87
N ARG C 159 -41.96 -26.41 35.07
CA ARG C 159 -42.52 -27.75 35.21
C ARG C 159 -44.04 -27.65 35.24
N VAL C 160 -44.70 -28.58 34.56
CA VAL C 160 -46.14 -28.59 34.43
C VAL C 160 -46.64 -30.03 34.53
N SER C 161 -47.94 -30.20 34.45
CA SER C 161 -48.59 -31.50 34.49
C SER C 161 -49.00 -31.92 33.09
N PHE C 162 -49.17 -33.24 32.91
CA PHE C 162 -49.51 -33.80 31.61
C PHE C 162 -50.91 -33.43 31.14
N ASP C 163 -51.76 -32.87 32.02
CA ASP C 163 -53.12 -32.50 31.66
C ASP C 163 -53.24 -31.04 31.26
N THR C 164 -52.13 -30.31 31.16
CA THR C 164 -52.19 -28.90 30.81
C THR C 164 -52.68 -28.74 29.37
N LYS C 165 -53.66 -27.86 29.17
CA LYS C 165 -54.19 -27.63 27.83
C LYS C 165 -53.15 -26.92 26.97
N PRO C 166 -53.09 -27.24 25.68
CA PRO C 166 -52.13 -26.57 24.79
C PRO C 166 -52.31 -25.06 24.71
N ASP C 167 -53.55 -24.56 24.83
CA ASP C 167 -53.76 -23.12 24.77
C ASP C 167 -53.10 -22.42 25.96
N LEU C 168 -53.17 -23.04 27.14
CA LEU C 168 -52.53 -22.46 28.31
C LEU C 168 -51.00 -22.44 28.14
N LEU C 169 -50.43 -23.51 27.61
CA LEU C 169 -48.99 -23.55 27.37
C LEU C 169 -48.59 -22.51 26.34
N LEU C 170 -49.38 -22.35 25.28
CA LEU C 170 -49.07 -21.32 24.29
C LEU C 170 -49.18 -19.92 24.89
N HIS C 171 -50.14 -19.71 25.80
CA HIS C 171 -50.24 -18.43 26.48
C HIS C 171 -48.99 -18.16 27.31
N LEU C 172 -48.53 -19.16 28.06
CA LEU C 172 -47.31 -19.01 28.84
C LEU C 172 -46.09 -18.81 27.95
N MET C 173 -46.09 -19.42 26.77
CA MET C 173 -44.95 -19.33 25.87
C MET C 173 -44.88 -17.97 25.18
N THR C 174 -46.04 -17.40 24.84
CA THR C 174 -46.09 -16.13 24.15
C THR C 174 -46.09 -14.92 25.08
N LYS C 175 -46.47 -15.11 26.34
CA LYS C 175 -46.61 -14.00 27.28
C LYS C 175 -45.48 -13.91 28.29
N GLU C 176 -45.23 -14.99 29.03
CA GLU C 176 -44.21 -14.94 30.08
C GLU C 176 -42.80 -14.95 29.50
N TRP C 177 -42.59 -15.61 28.36
CA TRP C 177 -41.27 -15.72 27.75
C TRP C 177 -41.07 -14.75 26.59
N GLN C 178 -42.13 -14.05 26.17
CA GLN C 178 -42.08 -13.08 25.06
C GLN C 178 -41.58 -13.73 23.77
N LEU C 179 -42.32 -14.73 23.32
CA LEU C 179 -42.03 -15.43 22.07
C LEU C 179 -43.19 -15.22 21.11
N GLU C 180 -42.88 -14.65 19.94
CA GLU C 180 -43.91 -14.44 18.93
C GLU C 180 -44.29 -15.77 18.29
N LEU C 181 -45.39 -15.75 17.55
CA LEU C 181 -45.81 -16.92 16.79
C LEU C 181 -44.78 -17.19 15.69
N PRO C 182 -44.26 -18.41 15.58
CA PRO C 182 -43.21 -18.68 14.60
C PRO C 182 -43.76 -18.80 13.19
N LYS C 183 -42.87 -18.60 12.23
CA LYS C 183 -43.18 -18.77 10.82
C LYS C 183 -42.84 -20.17 10.31
N LEU C 184 -42.37 -21.05 11.20
CA LEU C 184 -42.01 -22.41 10.85
C LEU C 184 -41.90 -23.20 12.15
N LEU C 185 -42.31 -24.47 12.12
CA LEU C 185 -42.27 -25.33 13.28
C LEU C 185 -41.68 -26.67 12.88
N ILE C 186 -40.57 -27.04 13.52
CA ILE C 186 -39.84 -28.26 13.20
C ILE C 186 -39.94 -29.19 14.39
N SER C 187 -40.38 -30.42 14.15
CA SER C 187 -40.40 -31.46 15.17
C SER C 187 -39.31 -32.47 14.87
N VAL C 188 -38.46 -32.74 15.86
CA VAL C 188 -37.32 -33.63 15.70
C VAL C 188 -37.54 -34.86 16.56
N HIS C 189 -37.50 -36.03 15.93
CA HIS C 189 -37.62 -37.31 16.62
C HIS C 189 -36.36 -38.12 16.40
N GLY C 190 -36.04 -38.97 17.36
CA GLY C 190 -34.85 -39.77 17.25
C GLY C 190 -34.86 -40.92 18.24
N GLY C 191 -33.72 -41.59 18.32
CA GLY C 191 -33.58 -42.72 19.24
C GLY C 191 -33.23 -42.25 20.65
N LEU C 192 -33.91 -42.85 21.62
CA LEU C 192 -33.65 -42.54 23.02
C LEU C 192 -32.30 -43.06 23.49
N GLN C 193 -31.64 -43.89 22.68
CA GLN C 193 -30.31 -44.41 23.02
C GLN C 193 -29.26 -43.34 22.78
N ASN C 194 -27.98 -43.73 22.79
CA ASN C 194 -26.90 -42.78 22.61
C ASN C 194 -26.12 -43.11 21.34
N PHE C 195 -26.85 -43.28 20.25
CA PHE C 195 -26.26 -43.71 18.98
C PHE C 195 -25.22 -42.71 18.48
N GLU C 196 -24.26 -43.23 17.72
CA GLU C 196 -23.25 -42.43 17.05
C GLU C 196 -23.44 -42.58 15.55
N LEU C 197 -23.59 -41.47 14.85
CA LEU C 197 -23.75 -41.47 13.41
C LEU C 197 -22.42 -41.17 12.72
N GLN C 198 -22.39 -41.47 11.42
CA GLN C 198 -21.15 -41.44 10.67
C GLN C 198 -20.59 -40.02 10.57
N PRO C 199 -19.27 -39.88 10.43
CA PRO C 199 -18.70 -38.55 10.18
C PRO C 199 -19.10 -38.04 8.80
N LYS C 200 -19.00 -36.71 8.65
CA LYS C 200 -19.34 -35.96 7.44
C LYS C 200 -20.85 -35.89 7.24
N LEU C 201 -21.61 -36.60 8.08
CA LEU C 201 -23.06 -36.46 8.10
C LEU C 201 -23.52 -35.54 9.21
N LYS C 202 -22.86 -35.60 10.37
CA LYS C 202 -23.23 -34.73 11.49
C LYS C 202 -23.00 -33.27 11.13
N GLN C 203 -21.92 -32.96 10.42
CA GLN C 203 -21.64 -31.58 10.05
C GLN C 203 -22.68 -31.05 9.07
N VAL C 204 -22.97 -31.82 8.02
CA VAL C 204 -23.92 -31.36 7.00
C VAL C 204 -25.31 -31.24 7.60
N PHE C 205 -25.74 -32.23 8.38
CA PHE C 205 -27.05 -32.18 9.00
C PHE C 205 -27.16 -31.02 9.98
N GLY C 206 -26.12 -30.81 10.79
CA GLY C 206 -26.16 -29.71 11.74
C GLY C 206 -26.24 -28.36 11.05
N LYS C 207 -25.41 -28.16 10.02
CA LYS C 207 -25.42 -26.88 9.31
C LYS C 207 -26.75 -26.67 8.59
N GLY C 208 -27.31 -27.72 7.98
CA GLY C 208 -28.59 -27.57 7.31
C GLY C 208 -29.71 -27.21 8.26
N LEU C 209 -29.78 -27.91 9.40
CA LEU C 209 -30.82 -27.61 10.37
C LEU C 209 -30.65 -26.20 10.93
N ILE C 210 -29.42 -25.81 11.24
CA ILE C 210 -29.18 -24.49 11.81
C ILE C 210 -29.54 -23.40 10.81
N LYS C 211 -29.17 -23.58 9.54
CA LYS C 211 -29.53 -22.60 8.53
C LYS C 211 -31.04 -22.50 8.35
N ALA C 212 -31.72 -23.65 8.33
CA ALA C 212 -33.16 -23.65 8.16
C ALA C 212 -33.89 -23.03 9.35
N ALA C 213 -33.30 -23.09 10.54
CA ALA C 213 -33.90 -22.45 11.70
C ALA C 213 -33.45 -21.02 11.90
N MET C 214 -32.38 -20.59 11.21
CA MET C 214 -31.82 -19.25 11.38
C MET C 214 -32.32 -18.27 10.35
N THR C 215 -32.34 -18.66 9.06
CA THR C 215 -32.82 -17.74 8.04
C THR C 215 -34.28 -17.38 8.25
N THR C 216 -35.11 -18.37 8.58
CA THR C 216 -36.51 -18.16 8.90
C THR C 216 -36.72 -18.40 10.39
N GLY C 217 -37.47 -17.51 11.03
CA GLY C 217 -37.76 -17.67 12.44
C GLY C 217 -38.55 -18.94 12.71
N ALA C 218 -38.01 -19.83 13.53
CA ALA C 218 -38.61 -21.14 13.69
C ALA C 218 -38.33 -21.67 15.09
N TRP C 219 -39.18 -22.60 15.52
CA TRP C 219 -39.03 -23.30 16.78
C TRP C 219 -38.58 -24.72 16.52
N ILE C 220 -37.61 -25.18 17.29
CA ILE C 220 -37.08 -26.55 17.17
C ILE C 220 -37.53 -27.33 18.39
N PHE C 221 -38.57 -28.14 18.23
CA PHE C 221 -39.00 -29.01 19.30
C PHE C 221 -38.06 -30.20 19.41
N THR C 222 -37.58 -30.48 20.61
CA THR C 222 -36.67 -31.60 20.84
C THR C 222 -37.13 -32.37 22.06
N GLY C 223 -36.49 -33.54 22.26
CA GLY C 223 -36.78 -34.33 23.44
C GLY C 223 -36.40 -33.64 24.73
N GLY C 224 -35.21 -33.03 24.75
CA GLY C 224 -34.80 -32.24 25.89
C GLY C 224 -33.65 -32.84 26.69
N VAL C 225 -33.70 -34.15 26.93
CA VAL C 225 -32.64 -34.81 27.67
C VAL C 225 -31.42 -34.99 26.77
N ASN C 226 -30.25 -35.14 27.39
CA ASN C 226 -29.00 -35.22 26.65
C ASN C 226 -28.72 -36.67 26.24
N THR C 227 -29.52 -37.13 25.28
CA THR C 227 -29.37 -38.48 24.73
C THR C 227 -29.56 -38.45 23.22
N GLY C 228 -28.68 -39.13 22.51
CA GLY C 228 -28.91 -39.43 21.10
C GLY C 228 -28.94 -38.19 20.22
N VAL C 229 -30.01 -38.07 19.42
CA VAL C 229 -30.13 -36.99 18.45
C VAL C 229 -30.22 -35.64 19.13
N ILE C 230 -30.73 -35.58 20.36
CA ILE C 230 -30.80 -34.31 21.08
C ILE C 230 -29.39 -33.81 21.41
N ARG C 231 -28.48 -34.73 21.75
CA ARG C 231 -27.09 -34.34 21.93
C ARG C 231 -26.50 -33.84 20.61
N HIS C 232 -26.88 -34.45 19.50
CA HIS C 232 -26.36 -34.01 18.20
C HIS C 232 -26.84 -32.60 17.87
N VAL C 233 -28.11 -32.29 18.11
CA VAL C 233 -28.59 -30.94 17.82
C VAL C 233 -28.01 -29.95 18.84
N GLY C 234 -27.73 -30.40 20.07
CA GLY C 234 -27.04 -29.54 21.01
C GLY C 234 -25.65 -29.18 20.54
N ASP C 235 -24.92 -30.16 20.00
CA ASP C 235 -23.60 -29.87 19.45
C ASP C 235 -23.68 -29.00 18.20
N ALA C 236 -24.71 -29.21 17.37
CA ALA C 236 -24.89 -28.36 16.20
C ALA C 236 -25.14 -26.91 16.60
N LEU C 237 -25.95 -26.70 17.63
CA LEU C 237 -26.13 -25.36 18.18
C LEU C 237 -24.84 -24.82 18.79
N LYS C 238 -24.05 -25.69 19.41
CA LYS C 238 -22.78 -25.26 19.99
C LYS C 238 -21.83 -24.76 18.93
N ASP C 239 -21.73 -25.46 17.80
CA ASP C 239 -20.87 -25.00 16.72
C ASP C 239 -21.35 -23.68 16.14
N HIS C 240 -22.67 -23.55 15.95
CA HIS C 240 -23.23 -22.36 15.30
C HIS C 240 -23.02 -21.12 16.14
N ALA C 241 -23.31 -21.20 17.44
CA ALA C 241 -23.20 -20.03 18.30
C ALA C 241 -21.77 -19.53 18.41
N SER C 242 -20.78 -20.39 18.21
CA SER C 242 -19.39 -19.97 18.22
C SER C 242 -19.01 -19.19 16.97
N LYS C 243 -19.77 -19.33 15.89
CA LYS C 243 -19.39 -18.71 14.62
C LYS C 243 -20.57 -17.98 13.97
N SER C 244 -21.59 -17.62 14.74
CA SER C 244 -22.72 -16.89 14.18
C SER C 244 -23.44 -16.13 15.29
N ARG C 245 -24.21 -15.13 14.87
CA ARG C 245 -24.98 -14.29 15.78
C ARG C 245 -26.38 -14.86 15.95
N GLY C 246 -27.27 -14.07 16.54
CA GLY C 246 -28.67 -14.44 16.64
C GLY C 246 -28.93 -15.48 17.71
N LYS C 247 -30.21 -15.74 17.93
CA LYS C 247 -30.64 -16.74 18.89
C LYS C 247 -31.71 -17.62 18.26
N ILE C 248 -31.57 -18.93 18.44
CA ILE C 248 -32.51 -19.91 17.92
C ILE C 248 -33.37 -20.38 19.08
N CYS C 249 -34.69 -20.24 18.94
CA CYS C 249 -35.62 -20.59 20.01
C CYS C 249 -35.87 -22.09 19.97
N THR C 250 -34.96 -22.85 20.58
CA THR C 250 -35.09 -24.29 20.64
C THR C 250 -35.78 -24.66 21.95
N ILE C 251 -36.86 -25.42 21.85
CA ILE C 251 -37.70 -25.76 23.00
C ILE C 251 -37.60 -27.25 23.25
N GLY C 252 -37.21 -27.62 24.46
CA GLY C 252 -37.09 -29.02 24.80
C GLY C 252 -38.15 -29.47 25.80
N ILE C 253 -39.08 -30.30 25.37
CA ILE C 253 -40.15 -30.79 26.21
C ILE C 253 -39.74 -32.17 26.71
N ALA C 254 -39.26 -32.23 27.96
CA ALA C 254 -38.75 -33.44 28.55
C ALA C 254 -39.53 -33.83 29.79
N PRO C 255 -39.64 -35.12 30.09
CA PRO C 255 -40.31 -35.54 31.32
C PRO C 255 -39.56 -35.08 32.56
N TRP C 256 -40.32 -34.85 33.64
CA TRP C 256 -39.73 -34.28 34.84
C TRP C 256 -38.90 -35.30 35.62
N GLY C 257 -39.29 -36.57 35.57
CA GLY C 257 -38.66 -37.56 36.43
C GLY C 257 -37.26 -37.98 36.03
N ILE C 258 -36.85 -37.75 34.77
CA ILE C 258 -35.59 -38.30 34.27
C ILE C 258 -34.42 -37.34 34.44
N VAL C 259 -34.66 -36.10 34.85
CA VAL C 259 -33.56 -35.17 35.08
C VAL C 259 -32.72 -35.67 36.26
N GLU C 260 -31.41 -35.46 36.17
CA GLU C 260 -30.51 -35.98 37.21
C GLU C 260 -30.78 -35.32 38.55
N ASN C 261 -30.99 -34.01 38.56
CA ASN C 261 -31.25 -33.26 39.77
C ASN C 261 -32.69 -32.75 39.71
N GLN C 262 -33.61 -33.53 40.27
CA GLN C 262 -34.98 -33.04 40.46
C GLN C 262 -34.99 -31.84 41.39
N GLU C 263 -34.15 -31.87 42.42
CA GLU C 263 -33.88 -30.71 43.25
C GLU C 263 -32.90 -29.80 42.51
N ASP C 264 -32.33 -28.83 43.21
CA ASP C 264 -31.42 -27.82 42.67
C ASP C 264 -32.11 -26.92 41.64
N LEU C 265 -33.41 -27.09 41.43
CA LEU C 265 -34.19 -26.24 40.55
C LEU C 265 -35.46 -25.72 41.20
N ILE C 266 -35.70 -26.05 42.48
CA ILE C 266 -36.97 -25.73 43.13
C ILE C 266 -37.12 -24.25 43.45
N GLY C 267 -36.10 -23.44 43.21
CA GLY C 267 -36.21 -22.02 43.43
C GLY C 267 -37.16 -21.35 42.45
N ARG C 268 -38.31 -20.92 42.94
CA ARG C 268 -39.32 -20.33 42.08
C ARG C 268 -38.91 -18.92 41.69
N ASP C 269 -38.96 -18.63 40.39
CA ASP C 269 -38.69 -17.30 39.83
C ASP C 269 -37.30 -16.80 40.19
N VAL C 270 -36.36 -17.72 40.44
CA VAL C 270 -35.01 -17.36 40.83
C VAL C 270 -34.02 -18.19 40.00
N VAL C 271 -32.80 -17.66 39.89
CA VAL C 271 -31.75 -18.35 39.17
C VAL C 271 -31.24 -19.50 40.00
N ARG C 272 -31.01 -20.65 39.35
CA ARG C 272 -30.52 -21.83 40.01
C ARG C 272 -29.31 -22.36 39.24
N PRO C 273 -28.12 -22.36 39.83
CA PRO C 273 -26.96 -22.95 39.16
C PRO C 273 -27.17 -24.43 38.89
N TYR C 274 -26.72 -24.87 37.72
CA TYR C 274 -26.90 -26.24 37.26
C TYR C 274 -25.57 -26.78 36.77
N GLN C 275 -25.33 -28.07 37.01
CA GLN C 275 -24.05 -28.70 36.67
C GLN C 275 -24.23 -29.53 35.41
N THR C 276 -23.43 -29.25 34.39
CA THR C 276 -23.49 -29.99 33.14
C THR C 276 -22.76 -31.33 33.22
N MET C 277 -22.03 -31.59 34.30
CA MET C 277 -21.31 -32.84 34.41
C MET C 277 -22.27 -33.99 34.65
N SER C 278 -22.11 -35.06 33.88
CA SER C 278 -22.97 -36.24 33.95
C SER C 278 -22.12 -37.45 34.33
N ASN C 279 -22.59 -38.22 35.30
CA ASN C 279 -21.86 -39.41 35.70
C ASN C 279 -22.44 -40.66 35.03
N PRO C 280 -21.57 -41.58 34.61
CA PRO C 280 -22.06 -42.75 33.85
C PRO C 280 -22.97 -43.67 34.62
N MET C 281 -22.84 -43.76 35.95
CA MET C 281 -23.62 -44.72 36.72
C MET C 281 -25.02 -44.23 37.05
N SER C 282 -25.33 -42.97 36.79
CA SER C 282 -26.65 -42.45 37.11
C SER C 282 -27.67 -42.91 36.06
N LYS C 283 -28.80 -43.43 36.55
CA LYS C 283 -29.88 -43.78 35.63
C LYS C 283 -30.52 -42.52 35.05
N LEU C 284 -30.71 -41.49 35.87
CA LEU C 284 -31.26 -40.23 35.39
C LEU C 284 -30.24 -39.51 34.51
N THR C 285 -30.74 -38.75 33.55
CA THR C 285 -29.91 -38.07 32.56
C THR C 285 -30.06 -36.56 32.72
N VAL C 286 -28.94 -35.84 32.56
CA VAL C 286 -28.96 -34.39 32.71
C VAL C 286 -29.64 -33.74 31.51
N LEU C 287 -30.18 -32.55 31.74
CA LEU C 287 -30.75 -31.77 30.66
C LEU C 287 -29.64 -31.26 29.74
N ASN C 288 -29.87 -31.37 28.44
CA ASN C 288 -28.91 -30.88 27.48
C ASN C 288 -28.80 -29.36 27.57
N SER C 289 -27.57 -28.85 27.48
CA SER C 289 -27.36 -27.42 27.42
C SER C 289 -27.65 -26.92 26.01
N MET C 290 -27.40 -25.63 25.78
CA MET C 290 -27.63 -24.98 24.49
C MET C 290 -29.10 -25.07 24.06
N HIS C 291 -30.01 -25.16 25.02
CA HIS C 291 -31.45 -25.11 24.75
C HIS C 291 -32.01 -23.86 25.41
N SER C 292 -32.73 -23.05 24.62
CA SER C 292 -33.13 -21.74 25.12
C SER C 292 -34.30 -21.81 26.09
N HIS C 293 -35.21 -22.75 25.92
CA HIS C 293 -36.36 -22.87 26.82
C HIS C 293 -36.61 -24.34 27.11
N PHE C 294 -37.30 -24.58 28.23
CA PHE C 294 -37.63 -25.93 28.66
C PHE C 294 -39.06 -25.97 29.15
N ILE C 295 -39.69 -27.14 29.03
CA ILE C 295 -40.98 -27.43 29.65
C ILE C 295 -40.92 -28.85 30.17
N LEU C 296 -41.15 -29.02 31.47
CA LEU C 296 -41.00 -30.30 32.13
C LEU C 296 -42.38 -30.88 32.43
N ALA C 297 -42.62 -32.10 31.97
CA ALA C 297 -43.90 -32.78 32.15
C ALA C 297 -43.76 -33.79 33.28
N ASP C 298 -44.74 -33.80 34.19
CA ASP C 298 -44.71 -34.66 35.36
C ASP C 298 -45.97 -35.50 35.42
N ASN C 299 -45.80 -36.80 35.62
CA ASN C 299 -46.92 -37.71 35.90
C ASN C 299 -46.75 -38.46 37.22
N GLY C 300 -45.57 -38.46 37.81
CA GLY C 300 -45.38 -39.07 39.12
C GLY C 300 -44.19 -39.98 39.22
N THR C 301 -43.88 -40.73 38.17
CA THR C 301 -42.80 -41.70 38.22
C THR C 301 -41.45 -41.02 38.03
N THR C 302 -40.39 -41.79 38.25
CA THR C 302 -39.02 -41.32 38.10
C THR C 302 -38.21 -42.40 37.41
N GLY C 303 -37.64 -42.08 36.26
CA GLY C 303 -36.93 -43.04 35.45
C GLY C 303 -37.75 -43.67 34.34
N LYS C 304 -38.99 -43.22 34.14
CA LYS C 304 -39.88 -43.76 33.13
C LYS C 304 -40.34 -42.65 32.18
N TYR C 305 -40.34 -42.96 30.88
CA TYR C 305 -40.69 -42.00 29.84
C TYR C 305 -42.19 -42.10 29.53
N GLY C 306 -42.61 -41.47 28.43
CA GLY C 306 -43.98 -41.54 27.99
C GLY C 306 -44.96 -40.74 28.83
N ALA C 307 -44.58 -39.53 29.23
CA ALA C 307 -45.47 -38.65 29.98
C ALA C 307 -45.73 -37.33 29.27
N GLU C 308 -45.01 -37.04 28.18
CA GLU C 308 -45.14 -35.77 27.47
C GLU C 308 -45.50 -35.91 26.01
N VAL C 309 -45.53 -37.14 25.48
CA VAL C 309 -45.73 -37.34 24.05
C VAL C 309 -47.08 -36.82 23.59
N LYS C 310 -48.13 -37.14 24.34
CA LYS C 310 -49.46 -36.62 23.99
C LYS C 310 -49.50 -35.10 24.12
N LEU C 311 -48.87 -34.56 25.16
CA LEU C 311 -48.79 -33.11 25.31
C LEU C 311 -48.03 -32.49 24.15
N ARG C 312 -46.94 -33.11 23.72
CA ARG C 312 -46.15 -32.59 22.61
C ARG C 312 -46.95 -32.57 21.31
N ARG C 313 -47.65 -33.67 21.02
CA ARG C 313 -48.45 -33.73 19.80
C ARG C 313 -49.60 -32.73 19.84
N GLN C 314 -50.26 -32.60 20.99
CA GLN C 314 -51.35 -31.64 21.10
C GLN C 314 -50.84 -30.21 20.94
N LEU C 315 -49.65 -29.91 21.49
CA LEU C 315 -49.08 -28.58 21.33
C LEU C 315 -48.75 -28.31 19.87
N GLU C 316 -48.19 -29.28 19.17
CA GLU C 316 -47.91 -29.10 17.75
C GLU C 316 -49.19 -28.88 16.95
N LYS C 317 -50.23 -29.66 17.25
CA LYS C 317 -51.50 -29.50 16.56
C LYS C 317 -52.12 -28.13 16.84
N HIS C 318 -52.01 -27.65 18.08
CA HIS C 318 -52.59 -26.35 18.41
C HIS C 318 -51.82 -25.21 17.77
N ILE C 319 -50.49 -25.36 17.65
CA ILE C 319 -49.71 -24.33 16.96
C ILE C 319 -50.03 -24.35 15.46
N SER C 320 -50.23 -25.54 14.89
CA SER C 320 -50.52 -25.64 13.47
C SER C 320 -51.84 -24.96 13.11
N LEU C 321 -52.80 -24.94 14.03
CA LEU C 321 -54.07 -24.28 13.78
C LEU C 321 -54.00 -22.77 13.92
N GLN C 322 -52.95 -22.25 14.55
CA GLN C 322 -52.81 -20.80 14.69
C GLN C 322 -52.53 -20.16 13.34
N LYS C 323 -53.24 -19.08 13.05
CA LYS C 323 -53.10 -18.40 11.77
C LYS C 323 -51.79 -17.65 11.73
N ILE C 324 -51.07 -17.80 10.61
CA ILE C 324 -49.87 -17.01 10.37
C ILE C 324 -50.32 -15.59 10.05
N ASN C 325 -49.37 -14.65 10.02
CA ASN C 325 -49.73 -13.25 9.83
C ASN C 325 -50.43 -12.99 8.51
N THR C 326 -50.12 -13.78 7.48
CA THR C 326 -50.71 -13.56 6.16
C THR C 326 -52.21 -13.83 6.19
N ARG C 327 -52.94 -13.06 5.40
CA ARG C 327 -54.39 -13.15 5.32
C ARG C 327 -54.85 -14.11 4.24
N ILE C 328 -53.94 -14.86 3.63
CA ILE C 328 -54.31 -15.85 2.63
C ILE C 328 -55.18 -16.94 3.26
N GLY C 329 -54.79 -17.41 4.44
CA GLY C 329 -55.59 -18.37 5.15
C GLY C 329 -54.88 -19.66 5.51
N GLN C 330 -53.56 -19.62 5.65
CA GLN C 330 -52.79 -20.79 6.03
C GLN C 330 -52.23 -20.63 7.43
N GLY C 331 -52.18 -21.74 8.15
CA GLY C 331 -51.60 -21.76 9.48
C GLY C 331 -50.09 -21.93 9.43
N VAL C 332 -49.49 -22.02 10.60
CA VAL C 332 -48.04 -22.17 10.69
C VAL C 332 -47.70 -23.59 10.23
N PRO C 333 -46.90 -23.73 9.18
CA PRO C 333 -46.59 -25.08 8.68
C PRO C 333 -45.67 -25.83 9.62
N VAL C 334 -45.88 -27.15 9.68
CA VAL C 334 -45.14 -28.03 10.58
C VAL C 334 -44.43 -29.09 9.75
N VAL C 335 -43.17 -29.36 10.08
CA VAL C 335 -42.39 -30.40 9.43
C VAL C 335 -41.83 -31.31 10.51
N ALA C 336 -41.59 -32.57 10.14
CA ALA C 336 -41.03 -33.55 11.04
C ALA C 336 -39.73 -34.10 10.46
N LEU C 337 -38.71 -34.18 11.29
CA LEU C 337 -37.39 -34.65 10.88
C LEU C 337 -37.00 -35.85 11.72
N ILE C 338 -36.59 -36.93 11.05
CA ILE C 338 -36.32 -38.21 11.71
C ILE C 338 -34.86 -38.56 11.49
N VAL C 339 -34.17 -38.88 12.58
CA VAL C 339 -32.79 -39.36 12.54
C VAL C 339 -32.69 -40.56 13.47
N GLU C 340 -32.09 -41.64 12.99
CA GLU C 340 -31.91 -42.90 13.74
C GLU C 340 -33.25 -43.44 14.20
N GLY C 341 -33.62 -43.16 15.44
CA GLY C 341 -34.89 -43.64 15.95
C GLY C 341 -34.88 -45.14 16.25
N GLY C 342 -36.07 -45.62 16.57
CA GLY C 342 -36.26 -47.02 16.89
C GLY C 342 -37.58 -47.54 16.35
N PRO C 343 -38.11 -48.60 16.96
CA PRO C 343 -39.41 -49.11 16.52
C PRO C 343 -40.54 -48.11 16.66
N ASN C 344 -40.48 -47.24 17.68
CA ASN C 344 -41.54 -46.24 17.87
C ASN C 344 -41.50 -45.15 16.81
N VAL C 345 -40.37 -44.98 16.12
CA VAL C 345 -40.27 -43.94 15.09
C VAL C 345 -41.21 -44.24 13.94
N ILE C 346 -41.37 -45.52 13.57
CA ILE C 346 -42.29 -45.88 12.51
C ILE C 346 -43.72 -45.54 12.92
N SER C 347 -44.08 -45.83 14.17
CA SER C 347 -45.42 -45.52 14.65
C SER C 347 -45.66 -44.01 14.66
N ILE C 348 -44.66 -43.23 15.07
CA ILE C 348 -44.82 -41.78 15.12
C ILE C 348 -44.96 -41.21 13.71
N VAL C 349 -44.15 -41.70 12.77
CA VAL C 349 -44.26 -41.26 11.38
C VAL C 349 -45.63 -41.62 10.82
N LEU C 350 -46.12 -42.81 11.15
CA LEU C 350 -47.45 -43.21 10.67
C LEU C 350 -48.54 -42.31 11.26
N GLU C 351 -48.42 -41.96 12.54
CA GLU C 351 -49.39 -41.05 13.14
C GLU C 351 -49.34 -39.67 12.48
N TYR C 352 -48.14 -39.19 12.18
CA TYR C 352 -48.00 -37.90 11.51
C TYR C 352 -48.62 -37.92 10.12
N LEU C 353 -48.38 -38.97 9.35
CA LEU C 353 -48.85 -39.01 7.97
C LEU C 353 -50.36 -39.22 7.89
N ARG C 354 -50.94 -39.93 8.86
CA ARG C 354 -52.37 -40.21 8.80
C ARG C 354 -53.23 -39.04 9.29
N ASP C 355 -52.64 -38.06 9.95
CA ASP C 355 -53.42 -36.92 10.44
C ASP C 355 -53.99 -36.13 9.27
N THR C 356 -55.20 -35.61 9.46
CA THR C 356 -55.93 -34.99 8.35
C THR C 356 -55.21 -33.79 7.75
N PRO C 357 -54.63 -32.86 8.52
CA PRO C 357 -53.62 -31.95 7.95
C PRO C 357 -52.25 -32.61 7.98
N PRO C 358 -51.89 -33.37 6.95
CA PRO C 358 -50.69 -34.21 7.03
C PRO C 358 -49.42 -33.40 7.21
N VAL C 359 -48.48 -33.97 7.95
CA VAL C 359 -47.20 -33.35 8.26
C VAL C 359 -46.12 -34.04 7.43
N PRO C 360 -45.49 -33.37 6.48
CA PRO C 360 -44.43 -34.00 5.70
C PRO C 360 -43.26 -34.41 6.58
N VAL C 361 -42.61 -35.50 6.20
CA VAL C 361 -41.57 -36.13 7.01
C VAL C 361 -40.30 -36.25 6.17
N VAL C 362 -39.18 -35.82 6.73
CA VAL C 362 -37.88 -35.90 6.08
C VAL C 362 -37.00 -36.85 6.88
N VAL C 363 -36.38 -37.80 6.19
CA VAL C 363 -35.63 -38.88 6.83
C VAL C 363 -34.20 -38.87 6.30
N CYS C 364 -33.24 -39.09 7.20
CA CYS C 364 -31.85 -39.26 6.82
C CYS C 364 -31.45 -40.72 6.94
N ASP C 365 -30.78 -41.24 5.92
CA ASP C 365 -30.48 -42.68 5.84
C ASP C 365 -29.11 -43.06 6.39
N GLY C 366 -28.21 -42.09 6.57
CA GLY C 366 -26.90 -42.43 7.09
C GLY C 366 -26.87 -42.83 8.56
N SER C 367 -28.00 -42.74 9.25
CA SER C 367 -28.04 -43.07 10.67
C SER C 367 -27.82 -44.56 10.89
N GLY C 368 -28.54 -45.40 10.15
CA GLY C 368 -28.36 -46.83 10.26
C GLY C 368 -29.56 -47.59 10.78
N ARG C 369 -30.29 -47.00 11.72
CA ARG C 369 -31.46 -47.64 12.33
C ARG C 369 -32.68 -47.44 11.44
N ALA C 370 -33.87 -47.64 12.00
CA ALA C 370 -35.14 -47.69 11.28
C ALA C 370 -35.38 -46.51 10.33
N SER C 371 -34.59 -45.44 10.47
CA SER C 371 -34.57 -44.43 9.41
C SER C 371 -34.03 -45.02 8.11
N ASP C 372 -32.99 -45.85 8.21
CA ASP C 372 -32.40 -46.46 7.02
C ASP C 372 -33.35 -47.43 6.34
N ILE C 373 -34.09 -48.23 7.13
CA ILE C 373 -35.05 -49.15 6.54
C ILE C 373 -36.21 -48.38 5.93
N LEU C 374 -36.58 -47.24 6.50
CA LEU C 374 -37.58 -46.39 5.86
C LEU C 374 -37.07 -45.85 4.53
N ALA C 375 -35.80 -45.45 4.49
CA ALA C 375 -35.22 -44.96 3.24
C ALA C 375 -35.19 -46.04 2.17
N PHE C 376 -34.84 -47.26 2.55
CA PHE C 376 -34.83 -48.36 1.58
C PHE C 376 -36.23 -48.77 1.14
N GLY C 377 -37.20 -48.77 2.07
CA GLY C 377 -38.58 -49.00 1.67
C GLY C 377 -39.14 -47.92 0.79
N HIS C 378 -38.60 -46.69 0.89
CA HIS C 378 -38.97 -45.64 -0.04
C HIS C 378 -38.53 -45.98 -1.46
N LYS C 379 -37.49 -46.79 -1.60
CA LYS C 379 -37.04 -47.25 -2.91
C LYS C 379 -37.62 -48.64 -3.21
N TYR C 380 -37.58 -49.00 -4.48
CA TYR C 380 -38.21 -50.22 -5.03
C TYR C 380 -39.59 -50.46 -4.42
N SER C 381 -40.44 -49.46 -4.56
CA SER C 381 -41.80 -49.49 -4.03
C SER C 381 -42.77 -49.94 -5.11
N GLU C 382 -44.06 -49.87 -4.81
CA GLU C 382 -45.10 -50.31 -5.73
C GLU C 382 -46.07 -49.18 -6.06
N VAL C 397 -39.31 -58.75 -2.24
CA VAL C 397 -38.32 -58.05 -1.44
C VAL C 397 -38.54 -58.32 0.04
N THR C 398 -39.53 -59.15 0.35
CA THR C 398 -39.77 -59.53 1.74
C THR C 398 -38.60 -60.30 2.32
N ILE C 399 -37.86 -61.04 1.48
CA ILE C 399 -36.66 -61.70 1.95
C ILE C 399 -35.58 -60.68 2.30
N GLN C 400 -35.59 -59.52 1.64
CA GLN C 400 -34.67 -58.44 1.98
C GLN C 400 -35.04 -57.72 3.26
N LYS C 401 -36.20 -58.03 3.86
CA LYS C 401 -36.66 -57.37 5.07
C LYS C 401 -36.17 -58.08 6.33
N THR C 402 -35.03 -58.75 6.26
CA THR C 402 -34.42 -59.38 7.43
C THR C 402 -33.43 -58.40 8.06
N PHE C 403 -33.77 -57.94 9.27
CA PHE C 403 -32.91 -57.03 10.01
C PHE C 403 -32.73 -57.40 11.47
N THR C 404 -33.51 -58.34 11.98
CA THR C 404 -33.41 -58.83 13.37
C THR C 404 -33.50 -57.69 14.38
N TYR C 405 -34.29 -56.66 14.03
CA TYR C 405 -34.53 -55.58 14.97
C TYR C 405 -35.50 -56.01 16.07
N THR C 406 -36.56 -56.74 15.71
CA THR C 406 -37.58 -57.19 16.64
C THR C 406 -37.88 -58.66 16.35
N ARG C 407 -37.16 -59.55 17.03
CA ARG C 407 -37.42 -61.00 17.00
C ARG C 407 -37.39 -61.56 15.57
N THR C 408 -36.30 -61.25 14.86
CA THR C 408 -35.92 -61.85 13.59
C THR C 408 -37.06 -61.96 12.58
N GLN C 409 -37.10 -63.07 11.84
CA GLN C 409 -38.15 -63.30 10.86
C GLN C 409 -39.47 -63.69 11.52
N ALA C 410 -39.44 -64.17 12.76
CA ALA C 410 -40.67 -64.59 13.43
C ALA C 410 -41.61 -63.41 13.66
N GLN C 411 -41.08 -62.29 14.13
CA GLN C 411 -41.87 -61.08 14.28
C GLN C 411 -41.59 -60.15 13.12
N HIS C 412 -42.59 -59.90 12.28
CA HIS C 412 -42.48 -58.98 11.17
C HIS C 412 -43.39 -57.79 11.44
N LEU C 413 -42.80 -56.60 11.49
CA LEU C 413 -43.55 -55.35 11.61
C LEU C 413 -43.73 -54.71 10.23
N PHE C 414 -44.36 -55.47 9.34
CA PHE C 414 -44.43 -55.11 7.94
C PHE C 414 -45.71 -54.36 7.58
N ILE C 415 -46.75 -54.47 8.39
CA ILE C 415 -48.01 -53.78 8.08
C ILE C 415 -47.82 -52.27 8.08
N ILE C 416 -47.18 -51.74 9.12
CA ILE C 416 -47.04 -50.29 9.20
C ILE C 416 -46.03 -49.76 8.17
N LEU C 417 -45.00 -50.54 7.83
CA LEU C 417 -44.11 -50.13 6.76
C LEU C 417 -44.83 -50.12 5.42
N MET C 418 -45.72 -51.08 5.19
CA MET C 418 -46.57 -51.04 4.00
C MET C 418 -47.48 -49.82 4.01
N GLU C 419 -47.98 -49.43 5.18
CA GLU C 419 -48.75 -48.19 5.29
C GLU C 419 -47.90 -46.98 4.89
N CYS C 420 -46.66 -46.95 5.37
CA CYS C 420 -45.77 -45.83 5.05
C CYS C 420 -45.51 -45.76 3.54
N MET C 421 -45.28 -46.91 2.91
CA MET C 421 -45.14 -46.93 1.46
C MET C 421 -46.45 -46.61 0.75
N LYS C 422 -47.60 -46.86 1.40
CA LYS C 422 -48.88 -46.46 0.84
C LYS C 422 -49.03 -44.95 0.83
N LYS C 423 -48.46 -44.26 1.82
CA LYS C 423 -48.43 -42.81 1.86
C LYS C 423 -47.04 -42.26 1.60
N LYS C 424 -46.33 -42.84 0.62
CA LYS C 424 -44.93 -42.53 0.40
C LYS C 424 -44.69 -41.26 -0.39
N GLU C 425 -45.74 -40.57 -0.86
CA GLU C 425 -45.52 -39.33 -1.59
C GLU C 425 -45.14 -38.18 -0.68
N LEU C 426 -45.62 -38.18 0.56
CA LEU C 426 -45.29 -37.11 1.49
C LEU C 426 -43.88 -37.23 2.05
N ILE C 427 -43.37 -38.46 2.16
CA ILE C 427 -42.01 -38.67 2.67
C ILE C 427 -41.01 -38.12 1.66
N THR C 428 -40.03 -37.36 2.15
CA THR C 428 -39.00 -36.75 1.31
C THR C 428 -37.65 -37.10 1.93
N VAL C 429 -37.11 -38.23 1.52
CA VAL C 429 -35.87 -38.73 2.11
C VAL C 429 -34.69 -37.90 1.61
N PHE C 430 -33.64 -37.84 2.44
CA PHE C 430 -32.42 -37.09 2.13
C PHE C 430 -31.25 -38.05 2.06
N ARG C 431 -30.34 -37.79 1.12
CA ARG C 431 -29.10 -38.53 1.01
C ARG C 431 -28.06 -37.66 0.31
N MET C 432 -26.80 -38.07 0.43
CA MET C 432 -25.70 -37.37 -0.20
C MET C 432 -25.33 -37.96 -1.57
N GLY C 433 -26.10 -38.93 -2.06
CA GLY C 433 -25.80 -39.56 -3.32
C GLY C 433 -26.47 -38.87 -4.50
N SER C 434 -27.33 -39.61 -5.20
CA SER C 434 -27.94 -39.10 -6.42
C SER C 434 -28.98 -38.02 -6.17
N GLU C 435 -29.37 -37.76 -4.93
CA GLU C 435 -30.37 -36.75 -4.64
C GLU C 435 -29.84 -35.36 -4.95
N GLY C 436 -30.69 -34.54 -5.58
CA GLY C 436 -30.32 -33.17 -5.89
C GLY C 436 -30.36 -32.25 -4.68
N HIS C 437 -30.94 -32.70 -3.57
CA HIS C 437 -30.99 -31.91 -2.34
C HIS C 437 -29.81 -32.29 -1.45
N GLN C 438 -28.62 -31.85 -1.87
CA GLN C 438 -27.41 -32.11 -1.09
C GLN C 438 -27.36 -31.29 0.19
N ASP C 439 -28.26 -30.32 0.36
CA ASP C 439 -28.34 -29.53 1.57
C ASP C 439 -29.64 -29.85 2.29
N ILE C 440 -29.53 -30.20 3.58
CA ILE C 440 -30.73 -30.44 4.38
C ILE C 440 -31.56 -29.16 4.50
N ASP C 441 -30.90 -28.00 4.45
CA ASP C 441 -31.62 -26.73 4.47
C ASP C 441 -32.59 -26.62 3.29
N LEU C 442 -32.15 -27.02 2.10
CA LEU C 442 -33.08 -27.05 0.97
C LEU C 442 -34.03 -28.24 1.07
N ALA C 443 -33.61 -29.32 1.71
CA ALA C 443 -34.47 -30.50 1.82
C ALA C 443 -35.68 -30.22 2.69
N ILE C 444 -35.48 -29.54 3.84
CA ILE C 444 -36.58 -29.32 4.77
C ILE C 444 -37.58 -28.33 4.19
N LEU C 445 -37.09 -27.22 3.64
CA LEU C 445 -37.98 -26.16 3.17
C LEU C 445 -38.82 -26.63 2.00
N THR C 446 -38.24 -27.39 1.08
CA THR C 446 -38.98 -27.87 -0.07
C THR C 446 -40.04 -28.91 0.30
N ALA C 447 -39.93 -29.51 1.48
CA ALA C 447 -40.97 -30.43 1.94
C ALA C 447 -42.23 -29.68 2.33
N LEU C 448 -42.08 -28.49 2.89
CA LEU C 448 -43.24 -27.68 3.27
C LEU C 448 -44.00 -27.18 2.04
N LEU C 449 -43.29 -26.87 0.96
CA LEU C 449 -43.94 -26.33 -0.22
C LEU C 449 -44.79 -27.39 -0.92
N LYS C 450 -44.15 -28.47 -1.38
CA LYS C 450 -44.89 -29.52 -2.08
C LYS C 450 -45.78 -30.32 -1.15
N GLY C 451 -45.59 -30.21 0.16
CA GLY C 451 -46.46 -30.92 1.09
C GLY C 451 -47.81 -30.28 1.26
N ALA C 452 -47.89 -28.95 1.13
CA ALA C 452 -49.16 -28.27 1.28
C ALA C 452 -50.10 -28.55 0.11
N ASN C 453 -49.55 -28.69 -1.10
CA ASN C 453 -50.32 -28.93 -2.32
C ASN C 453 -51.39 -27.86 -2.52
N ALA C 454 -51.04 -26.63 -2.21
CA ALA C 454 -51.96 -25.50 -2.31
C ALA C 454 -51.71 -24.74 -3.62
N SER C 455 -52.38 -23.62 -3.77
CA SER C 455 -52.21 -22.80 -4.96
C SER C 455 -50.87 -22.08 -4.92
N ALA C 456 -50.45 -21.60 -6.09
CA ALA C 456 -49.21 -20.83 -6.18
C ALA C 456 -49.18 -19.59 -5.29
N PRO C 457 -50.25 -18.79 -5.16
CA PRO C 457 -50.15 -17.64 -4.24
C PRO C 457 -49.87 -18.03 -2.80
N ASP C 458 -50.33 -19.18 -2.34
CA ASP C 458 -50.05 -19.59 -0.97
C ASP C 458 -48.58 -19.92 -0.78
N GLN C 459 -47.97 -20.64 -1.71
CA GLN C 459 -46.54 -20.91 -1.65
C GLN C 459 -45.74 -19.62 -1.74
N LEU C 460 -46.17 -18.70 -2.60
CA LEU C 460 -45.46 -17.44 -2.72
C LEU C 460 -45.56 -16.63 -1.44
N SER C 461 -46.73 -16.64 -0.78
CA SER C 461 -46.88 -15.93 0.48
C SER C 461 -46.02 -16.56 1.57
N LEU C 462 -45.92 -17.89 1.58
CA LEU C 462 -45.04 -18.56 2.54
C LEU C 462 -43.59 -18.14 2.32
N ALA C 463 -43.14 -18.15 1.06
CA ALA C 463 -41.76 -17.77 0.79
C ALA C 463 -41.52 -16.30 1.11
N LEU C 464 -42.53 -15.45 0.91
CA LEU C 464 -42.40 -14.04 1.26
C LEU C 464 -42.29 -13.86 2.78
N ALA C 465 -43.07 -14.62 3.54
CA ALA C 465 -42.99 -14.52 5.00
C ALA C 465 -41.67 -15.05 5.53
N TRP C 466 -41.13 -16.11 4.93
CA TRP C 466 -39.87 -16.65 5.39
C TRP C 466 -38.68 -15.79 4.98
N ASN C 467 -38.87 -14.86 4.05
CA ASN C 467 -37.79 -14.07 3.46
C ASN C 467 -36.70 -14.98 2.88
N ARG C 468 -37.14 -15.96 2.10
CA ARG C 468 -36.26 -16.84 1.34
C ARG C 468 -36.56 -16.61 -0.13
N VAL C 469 -35.66 -15.92 -0.82
CA VAL C 469 -35.93 -15.53 -2.20
C VAL C 469 -35.53 -16.61 -3.19
N ASP C 470 -34.42 -17.32 -2.93
CA ASP C 470 -33.95 -18.32 -3.89
C ASP C 470 -34.89 -19.51 -3.99
N ILE C 471 -35.58 -19.85 -2.89
CA ILE C 471 -36.57 -20.93 -2.93
C ILE C 471 -37.71 -20.57 -3.87
N ALA C 472 -38.20 -19.33 -3.78
CA ALA C 472 -39.23 -18.87 -4.70
C ALA C 472 -38.69 -18.78 -6.12
N ARG C 473 -37.43 -18.39 -6.28
CA ARG C 473 -36.85 -18.24 -7.61
C ARG C 473 -36.74 -19.59 -8.31
N SER C 474 -36.40 -20.63 -7.56
CA SER C 474 -36.24 -21.96 -8.15
C SER C 474 -37.53 -22.77 -8.13
N GLN C 475 -38.11 -22.97 -6.94
CA GLN C 475 -39.22 -23.89 -6.80
C GLN C 475 -40.53 -23.31 -7.31
N ILE C 476 -40.77 -22.02 -7.10
CA ILE C 476 -42.08 -21.45 -7.40
C ILE C 476 -42.19 -21.08 -8.87
N PHE C 477 -41.37 -20.14 -9.33
CA PHE C 477 -41.47 -19.64 -10.70
C PHE C 477 -40.88 -20.68 -11.64
N ILE C 478 -41.75 -21.55 -12.16
CA ILE C 478 -41.33 -22.63 -13.05
C ILE C 478 -42.19 -22.63 -14.31
N TYR C 479 -41.99 -23.64 -15.16
CA TYR C 479 -42.61 -23.72 -16.48
C TYR C 479 -44.13 -23.81 -16.34
N GLY C 480 -44.83 -22.74 -16.69
CA GLY C 480 -46.27 -22.74 -16.70
C GLY C 480 -46.90 -22.80 -15.32
N GLN C 481 -46.68 -21.77 -14.51
CA GLN C 481 -47.26 -21.74 -13.18
C GLN C 481 -48.77 -21.55 -13.21
N GLN C 482 -49.29 -20.91 -14.25
CA GLN C 482 -50.71 -20.56 -14.38
C GLN C 482 -51.16 -19.74 -13.19
N TRP C 483 -50.61 -18.54 -13.12
CA TRP C 483 -50.95 -17.62 -12.04
C TRP C 483 -52.39 -17.15 -12.17
N PRO C 484 -53.17 -17.17 -11.10
CA PRO C 484 -54.51 -16.58 -11.16
C PRO C 484 -54.43 -15.08 -11.38
N VAL C 485 -55.46 -14.54 -12.01
CA VAL C 485 -55.48 -13.12 -12.33
C VAL C 485 -55.58 -12.30 -11.05
N GLY C 486 -54.71 -11.30 -10.92
CA GLY C 486 -54.67 -10.48 -9.73
C GLY C 486 -53.80 -11.01 -8.61
N SER C 487 -53.21 -12.19 -8.76
CA SER C 487 -52.37 -12.75 -7.71
C SER C 487 -51.03 -12.04 -7.63
N LEU C 488 -50.40 -11.78 -8.77
CA LEU C 488 -49.06 -11.19 -8.78
C LEU C 488 -49.08 -9.78 -8.19
N GLU C 489 -50.11 -8.99 -8.54
CA GLU C 489 -50.19 -7.64 -7.99
C GLU C 489 -50.47 -7.65 -6.50
N GLN C 490 -51.28 -8.59 -6.02
CA GLN C 490 -51.49 -8.72 -4.58
C GLN C 490 -50.20 -9.11 -3.87
N ALA C 491 -49.42 -10.01 -4.46
CA ALA C 491 -48.13 -10.36 -3.88
C ALA C 491 -47.17 -9.19 -3.88
N MET C 492 -47.19 -8.36 -4.93
CA MET C 492 -46.35 -7.16 -4.95
C MET C 492 -46.76 -6.19 -3.85
N LEU C 493 -48.06 -6.00 -3.66
CA LEU C 493 -48.52 -5.13 -2.57
C LEU C 493 -48.10 -5.67 -1.21
N ASP C 494 -48.18 -6.99 -1.03
CA ASP C 494 -47.75 -7.57 0.23
C ASP C 494 -46.24 -7.47 0.43
N ALA C 495 -45.46 -7.59 -0.65
CA ALA C 495 -44.02 -7.51 -0.54
C ALA C 495 -43.54 -6.08 -0.29
N LEU C 496 -44.27 -5.09 -0.78
CA LEU C 496 -43.87 -3.70 -0.56
C LEU C 496 -43.93 -3.33 0.93
N VAL C 497 -45.03 -3.66 1.60
CA VAL C 497 -45.22 -3.22 2.97
C VAL C 497 -44.31 -3.94 3.94
N LEU C 498 -43.77 -5.09 3.56
CA LEU C 498 -42.89 -5.85 4.43
C LEU C 498 -41.41 -5.57 4.21
N ASP C 499 -41.08 -4.64 3.31
CA ASP C 499 -39.70 -4.23 3.03
C ASP C 499 -38.86 -5.42 2.57
N ARG C 500 -39.24 -5.98 1.42
CA ARG C 500 -38.51 -7.08 0.79
C ARG C 500 -38.05 -6.61 -0.58
N VAL C 501 -36.82 -6.10 -0.65
CA VAL C 501 -36.31 -5.58 -1.92
C VAL C 501 -36.16 -6.70 -2.94
N ASP C 502 -35.64 -7.85 -2.52
CA ASP C 502 -35.38 -8.94 -3.45
C ASP C 502 -36.68 -9.46 -4.05
N PHE C 503 -37.73 -9.59 -3.25
CA PHE C 503 -38.98 -10.09 -3.78
C PHE C 503 -39.67 -9.08 -4.70
N VAL C 504 -39.55 -7.79 -4.40
CA VAL C 504 -40.11 -6.78 -5.31
C VAL C 504 -39.38 -6.83 -6.64
N LYS C 505 -38.06 -6.95 -6.62
CA LYS C 505 -37.31 -7.07 -7.86
C LYS C 505 -37.70 -8.33 -8.62
N LEU C 506 -37.86 -9.45 -7.91
CA LEU C 506 -38.22 -10.71 -8.56
C LEU C 506 -39.59 -10.63 -9.20
N LEU C 507 -40.56 -10.03 -8.51
CA LEU C 507 -41.90 -9.90 -9.09
C LEU C 507 -41.90 -8.94 -10.27
N ILE C 508 -41.09 -7.88 -10.22
CA ILE C 508 -40.95 -7.00 -11.37
C ILE C 508 -40.36 -7.76 -12.56
N GLU C 509 -39.39 -8.63 -12.31
CA GLU C 509 -38.74 -9.37 -13.38
C GLU C 509 -39.64 -10.39 -14.05
N ASN C 510 -40.83 -10.67 -13.49
CA ASN C 510 -41.70 -11.71 -14.01
C ASN C 510 -43.10 -11.18 -14.27
N GLY C 511 -43.17 -10.01 -14.93
CA GLY C 511 -44.41 -9.56 -15.53
C GLY C 511 -45.17 -8.48 -14.78
N VAL C 512 -44.82 -8.18 -13.54
CA VAL C 512 -45.54 -7.16 -12.79
C VAL C 512 -45.04 -5.79 -13.21
N SER C 513 -45.95 -4.93 -13.66
CA SER C 513 -45.61 -3.60 -14.13
C SER C 513 -46.15 -2.56 -13.15
N MET C 514 -45.27 -1.66 -12.70
CA MET C 514 -45.68 -0.65 -11.75
C MET C 514 -46.65 0.36 -12.34
N HIS C 515 -46.62 0.56 -13.67
CA HIS C 515 -47.51 1.53 -14.28
C HIS C 515 -48.98 1.13 -14.18
N ARG C 516 -49.25 -0.18 -14.04
CA ARG C 516 -50.61 -0.65 -13.80
C ARG C 516 -50.86 -1.04 -12.36
N PHE C 517 -49.81 -1.43 -11.64
CA PHE C 517 -49.98 -1.83 -10.24
C PHE C 517 -50.33 -0.63 -9.36
N LEU C 518 -49.58 0.46 -9.50
CA LEU C 518 -49.72 1.59 -8.60
C LEU C 518 -50.97 2.40 -8.94
N THR C 519 -51.78 2.68 -7.91
CA THR C 519 -52.93 3.56 -8.03
C THR C 519 -52.90 4.52 -6.85
N ILE C 520 -53.93 5.37 -6.76
CA ILE C 520 -54.05 6.25 -5.62
C ILE C 520 -54.35 5.46 -4.35
N SER C 521 -55.26 4.49 -4.44
CA SER C 521 -55.65 3.70 -3.28
C SER C 521 -54.49 2.87 -2.76
N ARG C 522 -53.72 2.24 -3.65
CA ARG C 522 -52.61 1.41 -3.21
C ARG C 522 -51.50 2.25 -2.59
N LEU C 523 -51.22 3.43 -3.16
CA LEU C 523 -50.24 4.32 -2.55
C LEU C 523 -50.71 4.79 -1.18
N GLU C 524 -52.00 5.07 -1.05
CA GLU C 524 -52.55 5.47 0.24
C GLU C 524 -52.40 4.34 1.27
N GLU C 525 -52.65 3.10 0.85
CA GLU C 525 -52.44 1.98 1.75
C GLU C 525 -50.96 1.81 2.12
N LEU C 526 -50.07 2.10 1.17
CA LEU C 526 -48.64 2.04 1.47
C LEU C 526 -48.25 3.06 2.52
N TYR C 527 -48.84 4.26 2.46
CA TYR C 527 -48.46 5.30 3.42
C TYR C 527 -49.02 5.06 4.82
N ASN C 528 -49.96 4.15 4.99
CA ASN C 528 -50.55 3.87 6.29
C ASN C 528 -50.14 2.50 6.84
N THR C 529 -49.07 1.92 6.31
CA THR C 529 -48.70 0.58 6.71
C THR C 529 -48.14 0.56 8.13
N ARG C 530 -48.15 -0.64 8.73
CA ARG C 530 -47.61 -0.84 10.06
C ARG C 530 -46.60 -1.96 10.15
N HIS C 531 -46.54 -2.86 9.17
CA HIS C 531 -45.67 -4.04 9.24
C HIS C 531 -44.30 -3.74 8.65
N GLY C 532 -43.65 -2.73 9.21
CA GLY C 532 -42.36 -2.31 8.74
C GLY C 532 -41.52 -1.68 9.83
N PRO C 533 -40.32 -1.23 9.47
CA PRO C 533 -39.43 -0.60 10.45
C PRO C 533 -39.98 0.74 10.93
N SER C 534 -39.36 1.23 11.99
CA SER C 534 -39.80 2.49 12.60
C SER C 534 -39.55 3.67 11.65
N ASN C 535 -40.44 4.64 11.71
CA ASN C 535 -40.37 5.82 10.86
C ASN C 535 -40.87 7.03 11.64
N THR C 536 -40.49 8.22 11.17
CA THR C 536 -40.90 9.47 11.79
C THR C 536 -41.90 10.22 10.93
N LEU C 537 -42.65 9.52 10.09
CA LEU C 537 -43.63 10.19 9.24
C LEU C 537 -44.81 10.71 10.07
N TYR C 538 -45.25 9.94 11.07
CA TYR C 538 -46.40 10.34 11.85
C TYR C 538 -46.13 11.61 12.64
N HIS C 539 -44.93 11.74 13.20
CA HIS C 539 -44.60 12.94 13.96
C HIS C 539 -44.55 14.17 13.07
N LEU C 540 -44.01 14.03 11.85
CA LEU C 540 -44.01 15.14 10.92
C LEU C 540 -45.44 15.52 10.52
N VAL C 541 -46.29 14.53 10.31
CA VAL C 541 -47.69 14.81 9.99
C VAL C 541 -48.36 15.54 11.14
N ARG C 542 -48.10 15.11 12.37
CA ARG C 542 -48.67 15.78 13.53
C ARG C 542 -48.19 17.22 13.64
N ASP C 543 -46.89 17.46 13.39
CA ASP C 543 -46.36 18.81 13.49
C ASP C 543 -46.93 19.71 12.41
N VAL C 544 -47.09 19.19 11.18
CA VAL C 544 -47.67 20.00 10.11
C VAL C 544 -49.12 20.33 10.40
N LYS C 545 -49.88 19.34 10.90
CA LYS C 545 -51.29 19.54 11.21
C LYS C 545 -51.51 20.08 12.62
N LYS C 546 -50.44 20.41 13.34
CA LYS C 546 -50.50 21.07 14.65
C LYS C 546 -51.23 20.24 15.69
N GLY C 547 -51.11 18.92 15.61
CA GLY C 547 -51.62 18.05 16.66
C GLY C 547 -53.12 18.00 16.79
N ASN C 548 -53.85 18.46 15.79
CA ASN C 548 -55.31 18.43 15.83
C ASN C 548 -55.89 17.10 15.41
N LEU C 549 -55.07 16.19 14.91
CA LEU C 549 -55.57 14.92 14.40
C LEU C 549 -56.01 14.02 15.56
N PRO C 550 -57.13 13.32 15.41
CA PRO C 550 -57.55 12.34 16.42
C PRO C 550 -56.63 11.13 16.40
N PRO C 551 -56.64 10.31 17.45
CA PRO C 551 -55.81 9.09 17.44
C PRO C 551 -56.27 8.13 16.35
N ASP C 552 -55.30 7.37 15.83
CA ASP C 552 -55.51 6.46 14.71
C ASP C 552 -56.04 7.21 13.48
N TYR C 553 -55.47 8.39 13.24
CA TYR C 553 -55.90 9.22 12.11
C TYR C 553 -55.47 8.60 10.79
N ARG C 554 -56.34 8.70 9.80
CA ARG C 554 -56.09 8.14 8.48
C ARG C 554 -55.38 9.18 7.63
N ILE C 555 -54.10 8.92 7.33
CA ILE C 555 -53.32 9.84 6.51
C ILE C 555 -53.89 9.87 5.09
N SER C 556 -53.80 11.03 4.45
CA SER C 556 -54.20 11.20 3.05
C SER C 556 -53.04 11.83 2.28
N LEU C 557 -53.12 11.72 0.95
CA LEU C 557 -52.06 12.22 0.10
C LEU C 557 -51.89 13.74 0.24
N ILE C 558 -52.96 14.45 0.58
CA ILE C 558 -52.85 15.89 0.81
C ILE C 558 -51.98 16.17 2.02
N ASP C 559 -52.07 15.32 3.05
CA ASP C 559 -51.20 15.46 4.21
C ASP C 559 -49.74 15.24 3.83
N ILE C 560 -49.48 14.26 2.97
CA ILE C 560 -48.12 14.00 2.51
C ILE C 560 -47.61 15.19 1.70
N GLY C 561 -48.48 15.78 0.87
CA GLY C 561 -48.09 16.97 0.14
C GLY C 561 -47.75 18.13 1.06
N LEU C 562 -48.53 18.31 2.12
CA LEU C 562 -48.23 19.35 3.10
C LEU C 562 -46.89 19.09 3.78
N VAL C 563 -46.61 17.83 4.11
CA VAL C 563 -45.34 17.47 4.73
C VAL C 563 -44.18 17.77 3.79
N ILE C 564 -44.32 17.43 2.52
CA ILE C 564 -43.27 17.69 1.55
C ILE C 564 -43.04 19.19 1.39
N GLU C 565 -44.11 19.97 1.28
CA GLU C 565 -43.96 21.41 1.13
C GLU C 565 -43.37 22.05 2.37
N TYR C 566 -43.61 21.45 3.54
CA TYR C 566 -42.98 21.95 4.75
C TYR C 566 -41.50 21.60 4.80
N LEU C 567 -41.14 20.41 4.33
CA LEU C 567 -39.75 19.96 4.40
C LEU C 567 -38.86 20.66 3.39
N MET C 568 -39.35 20.84 2.16
CA MET C 568 -38.49 21.30 1.08
C MET C 568 -37.99 22.73 1.31
N GLY C 569 -38.90 23.65 1.58
CA GLY C 569 -38.48 25.03 1.74
C GLY C 569 -39.67 25.97 1.67
N GLY C 570 -39.43 27.15 1.12
CA GLY C 570 -40.44 28.18 1.08
C GLY C 570 -41.20 28.25 -0.23
N ALA C 571 -40.47 28.28 -1.34
CA ALA C 571 -41.07 28.43 -2.65
C ALA C 571 -41.56 27.11 -3.25
N TYR C 572 -41.35 26.00 -2.56
CA TYR C 572 -41.74 24.71 -3.10
C TYR C 572 -43.26 24.57 -3.11
N ARG C 573 -43.76 23.87 -4.12
CA ARG C 573 -45.21 23.65 -4.29
C ARG C 573 -45.37 22.22 -4.80
N CYS C 574 -45.69 21.30 -3.90
CA CYS C 574 -45.81 19.90 -4.26
C CYS C 574 -46.99 19.67 -5.20
N ASN C 575 -46.86 18.62 -6.02
CA ASN C 575 -47.91 18.32 -6.99
C ASN C 575 -49.18 17.77 -6.33
N TYR C 576 -49.10 17.34 -5.07
CA TYR C 576 -50.28 16.81 -4.40
C TYR C 576 -51.24 17.91 -3.99
N THR C 577 -50.74 19.10 -3.65
CA THR C 577 -51.57 20.17 -3.11
C THR C 577 -52.08 21.12 -4.18
N ARG C 578 -51.81 20.85 -5.45
CA ARG C 578 -52.37 21.69 -6.50
C ARG C 578 -53.87 21.42 -6.64
N LYS C 579 -54.55 22.35 -7.31
CA LYS C 579 -56.01 22.28 -7.39
C LYS C 579 -56.51 21.11 -8.20
N ARG C 580 -55.81 20.76 -9.29
CA ARG C 580 -56.28 19.67 -10.15
C ARG C 580 -56.28 18.34 -9.40
N PHE C 581 -55.22 18.05 -8.65
CA PHE C 581 -55.16 16.80 -7.91
C PHE C 581 -56.16 16.79 -6.75
N ARG C 582 -56.38 17.94 -6.11
CA ARG C 582 -57.38 18.00 -5.06
C ARG C 582 -58.78 17.75 -5.61
N THR C 583 -59.07 18.27 -6.81
CA THR C 583 -60.35 17.98 -7.44
C THR C 583 -60.47 16.50 -7.79
N LEU C 584 -59.40 15.90 -8.32
CA LEU C 584 -59.46 14.49 -8.67
C LEU C 584 -59.53 13.59 -7.43
N TYR C 585 -59.06 14.07 -6.29
CA TYR C 585 -59.11 13.29 -5.06
C TYR C 585 -60.40 13.49 -4.29
N HIS C 586 -61.07 14.64 -4.47
CA HIS C 586 -62.35 14.85 -3.79
C HIS C 586 -63.44 13.96 -4.38
N ASN C 587 -63.52 13.89 -5.71
CA ASN C 587 -64.59 13.18 -6.39
C ASN C 587 -64.31 11.68 -6.53
N LEU C 588 -63.47 11.12 -5.68
CA LEU C 588 -63.12 9.71 -5.77
C LEU C 588 -62.65 9.18 -4.42
N ASN C 632 -56.38 5.86 -9.86
CA ASN C 632 -56.45 6.20 -11.27
C ASN C 632 -55.18 5.78 -11.99
N HIS C 633 -54.40 6.75 -12.43
CA HIS C 633 -53.13 6.50 -13.10
C HIS C 633 -52.08 7.42 -12.50
N PHE C 634 -50.82 7.00 -12.59
CA PHE C 634 -49.68 7.84 -12.21
C PHE C 634 -48.70 7.83 -13.36
N PRO C 635 -48.46 8.98 -14.01
CA PRO C 635 -47.58 8.97 -15.19
C PRO C 635 -46.16 8.53 -14.90
N PHE C 636 -45.64 8.83 -13.70
CA PHE C 636 -44.29 8.43 -13.30
C PHE C 636 -44.37 7.77 -11.95
N PRO C 637 -44.66 6.47 -11.89
CA PRO C 637 -44.83 5.80 -10.59
C PRO C 637 -43.58 5.82 -9.73
N PHE C 638 -42.40 5.73 -10.34
CA PHE C 638 -41.18 5.63 -9.54
C PHE C 638 -40.86 6.89 -8.77
N HIS C 639 -41.33 8.05 -9.24
CA HIS C 639 -41.17 9.27 -8.44
C HIS C 639 -41.88 9.12 -7.09
N GLU C 640 -43.15 8.71 -7.11
CA GLU C 640 -43.89 8.57 -5.88
C GLU C 640 -43.36 7.42 -5.03
N LEU C 641 -42.94 6.32 -5.66
CA LEU C 641 -42.37 5.22 -4.89
C LEU C 641 -41.06 5.64 -4.21
N MET C 642 -40.21 6.38 -4.91
CA MET C 642 -38.97 6.87 -4.30
C MET C 642 -39.25 7.83 -3.16
N VAL C 643 -40.23 8.72 -3.32
CA VAL C 643 -40.56 9.65 -2.24
C VAL C 643 -41.09 8.89 -1.04
N TRP C 644 -41.95 7.90 -1.27
CA TRP C 644 -42.48 7.08 -0.18
C TRP C 644 -41.35 6.34 0.55
N ALA C 645 -40.41 5.79 -0.21
CA ALA C 645 -39.30 5.06 0.42
C ALA C 645 -38.40 6.00 1.22
N VAL C 646 -38.20 7.24 0.73
CA VAL C 646 -37.36 8.17 1.46
C VAL C 646 -38.03 8.63 2.75
N LEU C 647 -39.33 8.93 2.68
CA LEU C 647 -40.02 9.48 3.85
C LEU C 647 -40.15 8.46 4.97
N MET C 648 -40.40 7.21 4.65
CA MET C 648 -40.57 6.17 5.66
C MET C 648 -39.26 5.54 6.09
N LYS C 649 -38.13 6.10 5.66
CA LYS C 649 -36.79 5.67 6.08
C LYS C 649 -36.54 4.19 5.74
N ARG C 650 -36.65 3.87 4.46
CA ARG C 650 -36.29 2.55 3.94
C ARG C 650 -35.26 2.79 2.85
N GLN C 651 -33.98 2.70 3.22
CA GLN C 651 -32.92 3.13 2.33
C GLN C 651 -32.76 2.21 1.13
N LYS C 652 -32.81 0.89 1.35
CA LYS C 652 -32.61 -0.05 0.25
C LYS C 652 -33.69 0.08 -0.81
N MET C 653 -34.94 0.25 -0.38
CA MET C 653 -36.02 0.47 -1.34
C MET C 653 -35.82 1.76 -2.12
N ALA C 654 -35.36 2.81 -1.43
CA ALA C 654 -35.11 4.07 -2.12
C ALA C 654 -34.01 3.92 -3.17
N LEU C 655 -32.94 3.21 -2.83
CA LEU C 655 -31.87 3.01 -3.80
C LEU C 655 -32.29 2.13 -4.94
N PHE C 656 -33.21 1.20 -4.71
CA PHE C 656 -33.72 0.40 -5.82
C PHE C 656 -34.60 1.22 -6.75
N PHE C 657 -35.47 2.06 -6.17
CA PHE C 657 -36.36 2.88 -6.99
C PHE C 657 -35.63 4.03 -7.66
N TRP C 658 -34.44 4.38 -7.19
CA TRP C 658 -33.74 5.53 -7.76
C TRP C 658 -33.31 5.26 -9.20
N GLN C 659 -32.83 4.06 -9.49
CA GLN C 659 -32.22 3.80 -10.79
C GLN C 659 -33.22 3.47 -11.87
N HIS C 660 -34.49 3.33 -11.55
CA HIS C 660 -35.52 3.04 -12.55
C HIS C 660 -36.35 4.28 -12.82
N GLY C 661 -36.52 4.61 -14.09
CA GLY C 661 -37.34 5.73 -14.49
C GLY C 661 -36.52 6.89 -14.99
N GLU C 662 -37.21 8.01 -15.21
CA GLU C 662 -36.62 9.22 -15.76
C GLU C 662 -36.27 10.20 -14.65
N GLU C 663 -35.44 11.19 -15.00
CA GLU C 663 -35.03 12.26 -14.11
C GLU C 663 -34.33 11.70 -12.87
N ALA C 664 -33.19 11.05 -13.09
CA ALA C 664 -32.47 10.43 -11.99
C ALA C 664 -31.82 11.49 -11.10
N MET C 665 -31.24 12.52 -11.71
CA MET C 665 -30.55 13.54 -10.91
C MET C 665 -31.52 14.34 -10.06
N ALA C 666 -32.70 14.66 -10.60
CA ALA C 666 -33.69 15.37 -9.81
C ALA C 666 -34.12 14.54 -8.61
N LYS C 667 -34.34 13.24 -8.81
CA LYS C 667 -34.72 12.38 -7.70
C LYS C 667 -33.61 12.30 -6.65
N ALA C 668 -32.36 12.20 -7.10
CA ALA C 668 -31.25 12.15 -6.15
C ALA C 668 -31.17 13.43 -5.32
N LEU C 669 -31.24 14.59 -5.97
CA LEU C 669 -31.15 15.84 -5.24
C LEU C 669 -32.32 16.03 -4.29
N VAL C 670 -33.54 15.71 -4.73
CA VAL C 670 -34.71 15.85 -3.87
C VAL C 670 -34.60 14.93 -2.66
N ALA C 671 -34.14 13.69 -2.87
CA ALA C 671 -33.97 12.78 -1.76
C ALA C 671 -32.93 13.27 -0.77
N CYS C 672 -31.83 13.84 -1.29
CA CYS C 672 -30.80 14.38 -0.40
C CYS C 672 -31.36 15.50 0.47
N LYS C 673 -32.09 16.42 -0.17
CA LYS C 673 -32.68 17.53 0.59
C LYS C 673 -33.67 17.04 1.63
N LEU C 674 -34.52 16.07 1.26
CA LEU C 674 -35.50 15.56 2.20
C LEU C 674 -34.85 14.85 3.38
N CYS C 675 -33.82 14.04 3.12
CA CYS C 675 -33.13 13.37 4.23
C CYS C 675 -32.49 14.39 5.16
N LYS C 676 -31.86 15.43 4.60
CA LYS C 676 -31.25 16.46 5.44
C LYS C 676 -32.30 17.17 6.30
N ALA C 677 -33.43 17.54 5.70
CA ALA C 677 -34.46 18.24 6.45
C ALA C 677 -35.08 17.35 7.54
N MET C 678 -35.30 16.07 7.23
CA MET C 678 -35.82 15.18 8.26
C MET C 678 -34.81 14.94 9.37
N ALA C 679 -33.52 14.90 9.05
CA ALA C 679 -32.51 14.81 10.10
C ALA C 679 -32.58 16.02 11.01
N HIS C 680 -32.72 17.21 10.44
CA HIS C 680 -32.85 18.41 11.27
C HIS C 680 -34.10 18.35 12.14
N GLU C 681 -35.23 17.94 11.57
CA GLU C 681 -36.48 17.87 12.33
C GLU C 681 -36.40 16.85 13.46
N ALA C 682 -35.78 15.69 13.21
CA ALA C 682 -35.63 14.69 14.26
C ALA C 682 -34.66 15.15 15.34
N SER C 683 -33.58 15.84 14.96
CA SER C 683 -32.67 16.38 15.97
C SER C 683 -33.34 17.45 16.81
N GLU C 684 -34.28 18.19 16.23
CA GLU C 684 -34.97 19.22 17.00
C GLU C 684 -35.84 18.63 18.11
N ASN C 685 -36.68 17.67 17.76
CA ASN C 685 -37.68 17.14 18.70
C ASN C 685 -37.18 15.90 19.44
N ASP C 686 -36.00 16.02 20.04
CA ASP C 686 -35.44 15.09 21.04
C ASP C 686 -35.76 13.63 20.76
N MET C 687 -35.44 13.19 19.54
CA MET C 687 -35.68 11.81 19.15
C MET C 687 -34.62 10.91 19.77
N VAL C 688 -34.62 9.63 19.40
CA VAL C 688 -33.70 8.66 19.98
C VAL C 688 -32.26 8.89 19.53
N ASP C 689 -32.03 9.83 18.62
CA ASP C 689 -30.75 10.34 18.16
C ASP C 689 -29.99 9.37 17.26
N ASP C 690 -30.45 8.13 17.10
CA ASP C 690 -29.90 7.32 16.04
C ASP C 690 -30.48 7.73 14.69
N ILE C 691 -31.71 8.23 14.69
CA ILE C 691 -32.32 8.73 13.46
C ILE C 691 -31.57 9.94 12.95
N SER C 692 -31.17 10.84 13.85
CA SER C 692 -30.46 12.06 13.48
C SER C 692 -29.04 11.80 13.02
N GLN C 693 -28.57 10.56 13.07
CA GLN C 693 -27.28 10.22 12.50
C GLN C 693 -27.38 9.12 11.45
N GLU C 694 -28.56 8.58 11.18
CA GLU C 694 -28.78 7.76 9.98
C GLU C 694 -29.32 8.56 8.81
N LEU C 695 -30.15 9.58 9.08
CA LEU C 695 -30.67 10.39 8.00
C LEU C 695 -29.57 11.20 7.34
N ASN C 696 -28.57 11.64 8.11
CA ASN C 696 -27.42 12.30 7.49
C ASN C 696 -26.64 11.35 6.60
N HIS C 697 -26.52 10.08 7.00
CA HIS C 697 -25.88 9.09 6.14
C HIS C 697 -26.64 8.92 4.83
N ASN C 698 -27.97 8.85 4.92
CA ASN C 698 -28.78 8.73 3.69
C ASN C 698 -28.60 9.96 2.81
N SER C 699 -28.58 11.15 3.39
CA SER C 699 -28.39 12.36 2.61
C SER C 699 -27.03 12.38 1.93
N ARG C 700 -25.99 11.96 2.64
CA ARG C 700 -24.65 11.94 2.04
C ARG C 700 -24.57 10.93 0.91
N ASP C 701 -25.21 9.76 1.07
CA ASP C 701 -25.21 8.78 0.00
C ASP C 701 -25.90 9.33 -1.24
N PHE C 702 -27.05 9.99 -1.07
CA PHE C 702 -27.76 10.51 -2.23
C PHE C 702 -26.99 11.63 -2.91
N GLY C 703 -26.37 12.51 -2.12
CA GLY C 703 -25.54 13.56 -2.71
C GLY C 703 -24.36 13.00 -3.49
N GLN C 704 -23.71 11.97 -2.94
CA GLN C 704 -22.60 11.34 -3.64
C GLN C 704 -23.06 10.71 -4.95
N LEU C 705 -24.23 10.07 -4.94
CA LEU C 705 -24.76 9.51 -6.18
C LEU C 705 -25.03 10.58 -7.22
N ALA C 706 -25.59 11.72 -6.79
CA ALA C 706 -25.84 12.81 -7.72
C ALA C 706 -24.55 13.35 -8.32
N VAL C 707 -23.51 13.51 -7.49
CA VAL C 707 -22.24 14.02 -8.00
C VAL C 707 -21.62 13.03 -8.99
N GLU C 708 -21.65 11.74 -8.67
CA GLU C 708 -21.08 10.76 -9.58
C GLU C 708 -21.82 10.71 -10.92
N LEU C 709 -23.15 10.79 -10.87
CA LEU C 709 -23.92 10.78 -12.11
C LEU C 709 -23.63 12.03 -12.94
N LEU C 710 -23.50 13.19 -12.29
CA LEU C 710 -23.14 14.40 -13.02
C LEU C 710 -21.76 14.26 -13.66
N ASP C 711 -20.81 13.68 -12.93
CA ASP C 711 -19.46 13.50 -13.48
C ASP C 711 -19.48 12.57 -14.69
N GLN C 712 -20.24 11.48 -14.61
CA GLN C 712 -20.35 10.58 -15.75
C GLN C 712 -20.98 11.28 -16.95
N SER C 713 -22.04 12.05 -16.72
CA SER C 713 -22.72 12.73 -17.82
C SER C 713 -21.80 13.77 -18.46
N TYR C 714 -21.05 14.51 -17.65
CA TYR C 714 -20.13 15.50 -18.21
C TYR C 714 -18.99 14.84 -18.96
N LYS C 715 -18.51 13.70 -18.48
CA LYS C 715 -17.46 12.99 -19.21
C LYS C 715 -17.97 12.50 -20.56
N GLN C 716 -19.19 11.99 -20.60
CA GLN C 716 -19.71 11.43 -21.85
C GLN C 716 -19.98 12.52 -22.88
N ASP C 717 -20.64 13.60 -22.47
CA ASP C 717 -20.96 14.68 -23.40
C ASP C 717 -21.20 15.96 -22.61
N GLU C 718 -20.64 17.07 -23.07
CA GLU C 718 -20.70 18.31 -22.32
C GLU C 718 -21.97 19.10 -22.59
N GLN C 719 -22.36 19.23 -23.87
CA GLN C 719 -23.51 20.05 -24.20
C GLN C 719 -24.80 19.48 -23.60
N LEU C 720 -24.98 18.16 -23.70
CA LEU C 720 -26.18 17.57 -23.12
C LEU C 720 -26.13 17.60 -21.60
N ALA C 721 -24.95 17.50 -21.00
CA ALA C 721 -24.85 17.65 -19.55
C ALA C 721 -25.26 19.04 -19.10
N MET C 722 -24.82 20.07 -19.82
CA MET C 722 -25.22 21.43 -19.48
C MET C 722 -26.70 21.65 -19.73
N LYS C 723 -27.25 21.08 -20.80
CA LYS C 723 -28.68 21.19 -21.04
C LYS C 723 -29.48 20.47 -19.97
N LEU C 724 -28.92 19.41 -19.39
CA LEU C 724 -29.62 18.64 -18.37
C LEU C 724 -29.70 19.39 -17.05
N LEU C 725 -28.78 20.30 -16.79
CA LEU C 725 -28.72 21.01 -15.52
C LEU C 725 -29.60 22.25 -15.47
N THR C 726 -30.34 22.57 -16.54
CA THR C 726 -31.06 23.83 -16.60
C THR C 726 -32.52 23.72 -16.97
N TYR C 727 -32.96 22.67 -17.66
CA TYR C 727 -34.34 22.64 -18.13
C TYR C 727 -35.31 22.55 -16.95
N GLU C 728 -36.49 23.15 -17.14
CA GLU C 728 -37.47 23.19 -16.07
C GLU C 728 -38.05 21.82 -15.81
N LEU C 729 -38.05 21.41 -14.55
CA LEU C 729 -38.62 20.12 -14.14
C LEU C 729 -40.09 20.34 -13.80
N LYS C 730 -40.98 19.81 -14.63
CA LYS C 730 -42.41 20.04 -14.40
C LYS C 730 -42.91 19.29 -13.19
N ASN C 731 -42.33 18.13 -12.89
CA ASN C 731 -42.83 17.26 -11.84
C ASN C 731 -42.30 17.61 -10.46
N TRP C 732 -41.36 18.54 -10.36
CA TRP C 732 -40.71 18.87 -9.10
C TRP C 732 -40.83 20.35 -8.79
N SER C 733 -42.04 20.88 -8.94
CA SER C 733 -42.39 22.25 -8.56
C SER C 733 -41.58 23.29 -9.34
N ASN C 734 -41.30 22.99 -10.61
CA ASN C 734 -40.77 23.96 -11.56
C ASN C 734 -39.45 24.57 -11.09
N ALA C 735 -38.44 23.71 -10.96
CA ALA C 735 -37.11 24.15 -10.59
C ALA C 735 -36.10 23.40 -11.43
N THR C 736 -34.92 23.99 -11.58
CA THR C 736 -33.82 23.33 -12.25
C THR C 736 -33.08 22.43 -11.26
N CYS C 737 -32.22 21.56 -11.80
CA CYS C 737 -31.39 20.75 -10.92
C CYS C 737 -30.40 21.60 -10.13
N LEU C 738 -29.95 22.71 -10.72
CA LEU C 738 -29.03 23.60 -10.04
C LEU C 738 -29.66 24.23 -8.80
N GLN C 739 -30.92 24.67 -8.92
CA GLN C 739 -31.60 25.25 -7.76
C GLN C 739 -31.81 24.24 -6.66
N LEU C 740 -32.13 22.99 -7.03
CA LEU C 740 -32.26 21.94 -6.04
C LEU C 740 -30.93 21.64 -5.35
N ALA C 741 -29.83 21.67 -6.10
CA ALA C 741 -28.52 21.48 -5.50
C ALA C 741 -28.18 22.62 -4.54
N VAL C 742 -28.53 23.85 -4.91
CA VAL C 742 -28.21 25.00 -4.07
C VAL C 742 -29.06 25.00 -2.81
N ALA C 743 -30.35 24.68 -2.94
CA ALA C 743 -31.22 24.64 -1.77
C ALA C 743 -30.81 23.54 -0.81
N ALA C 744 -30.25 22.45 -1.32
CA ALA C 744 -29.76 21.38 -0.47
C ALA C 744 -28.39 21.67 0.12
N LYS C 745 -27.80 22.81 -0.23
CA LYS C 745 -26.48 23.23 0.25
C LYS C 745 -25.42 22.19 -0.08
N HIS C 746 -25.54 21.61 -1.26
CA HIS C 746 -24.60 20.58 -1.73
C HIS C 746 -23.43 21.29 -2.39
N ARG C 747 -22.33 21.43 -1.66
CA ARG C 747 -21.20 22.22 -2.17
C ARG C 747 -20.40 21.46 -3.22
N ASP C 748 -20.33 20.14 -3.13
CA ASP C 748 -19.54 19.37 -4.08
C ASP C 748 -20.17 19.33 -5.47
N PHE C 749 -21.49 19.51 -5.56
CA PHE C 749 -22.15 19.51 -6.86
C PHE C 749 -21.87 20.80 -7.62
N ILE C 750 -21.95 21.93 -6.93
CA ILE C 750 -21.69 23.22 -7.58
C ILE C 750 -20.21 23.35 -7.94
N ALA C 751 -19.33 22.83 -7.08
CA ALA C 751 -17.89 22.95 -7.31
C ALA C 751 -17.40 22.12 -8.48
N HIS C 752 -18.23 21.25 -9.03
CA HIS C 752 -17.82 20.44 -10.17
C HIS C 752 -17.56 21.34 -11.38
N THR C 753 -16.76 20.81 -12.31
CA THR C 753 -16.34 21.61 -13.46
C THR C 753 -17.53 21.97 -14.36
N CYS C 754 -18.47 21.05 -14.53
CA CYS C 754 -19.62 21.31 -15.39
C CYS C 754 -20.45 22.49 -14.87
N SER C 755 -20.71 22.51 -13.56
CA SER C 755 -21.46 23.61 -12.98
C SER C 755 -20.71 24.93 -13.11
N GLN C 756 -19.39 24.90 -12.95
CA GLN C 756 -18.61 26.12 -13.10
C GLN C 756 -18.66 26.64 -14.53
N MET C 757 -18.57 25.75 -15.52
CA MET C 757 -18.68 26.21 -16.90
C MET C 757 -20.06 26.76 -17.19
N LEU C 758 -21.11 26.12 -16.68
CA LEU C 758 -22.46 26.63 -16.89
C LEU C 758 -22.64 27.99 -16.23
N LEU C 759 -22.11 28.17 -15.03
CA LEU C 759 -22.23 29.46 -14.35
C LEU C 759 -21.41 30.53 -15.06
N THR C 760 -20.26 30.18 -15.63
CA THR C 760 -19.52 31.16 -16.43
C THR C 760 -20.30 31.57 -17.66
N ASP C 761 -20.93 30.61 -18.33
CA ASP C 761 -21.76 30.94 -19.50
C ASP C 761 -22.99 31.75 -19.13
N MET C 762 -23.49 31.61 -17.89
CA MET C 762 -24.53 32.52 -17.42
C MET C 762 -23.95 33.90 -17.13
N TRP C 763 -22.73 33.95 -16.59
CA TRP C 763 -22.09 35.21 -16.23
C TRP C 763 -21.83 36.07 -17.45
N MET C 764 -21.34 35.46 -18.54
CA MET C 764 -21.08 36.21 -19.75
C MET C 764 -22.34 36.67 -20.45
N GLY C 765 -23.51 36.18 -20.06
CA GLY C 765 -24.74 36.58 -20.69
C GLY C 765 -24.84 36.15 -22.14
N ARG C 766 -25.06 37.11 -23.03
CA ARG C 766 -25.19 36.85 -24.45
C ARG C 766 -23.92 37.12 -25.24
N LEU C 767 -22.83 37.47 -24.56
CA LEU C 767 -21.58 37.80 -25.22
C LEU C 767 -20.75 36.54 -25.44
N ARG C 768 -20.08 36.48 -26.59
CA ARG C 768 -19.25 35.34 -26.95
C ARG C 768 -17.81 35.49 -26.48
N MET C 769 -17.45 36.64 -25.91
CA MET C 769 -16.05 36.89 -25.56
C MET C 769 -15.65 36.04 -24.37
N ARG C 770 -14.60 35.24 -24.54
CA ARG C 770 -14.13 34.36 -23.47
C ARG C 770 -12.63 34.49 -23.27
N LYS C 771 -11.90 34.88 -24.31
CA LYS C 771 -10.44 34.87 -24.24
C LYS C 771 -9.91 36.03 -23.41
N ASN C 772 -10.56 37.20 -23.49
CA ASN C 772 -10.09 38.38 -22.75
C ASN C 772 -11.29 39.28 -22.52
N SER C 773 -11.83 39.27 -21.30
CA SER C 773 -12.94 40.13 -20.92
C SER C 773 -12.46 41.13 -19.88
N GLY C 774 -13.40 41.90 -19.33
CA GLY C 774 -13.07 42.87 -18.32
C GLY C 774 -12.62 44.19 -18.88
N LEU C 775 -11.45 44.21 -19.52
CA LEU C 775 -10.97 45.45 -20.12
C LEU C 775 -11.79 45.82 -21.35
N LYS C 776 -12.16 44.84 -22.18
CA LYS C 776 -13.02 45.14 -23.30
C LYS C 776 -14.45 45.40 -22.87
N VAL C 777 -14.88 44.82 -21.74
CA VAL C 777 -16.20 45.13 -21.21
C VAL C 777 -16.29 46.59 -20.81
N ILE C 778 -15.29 47.09 -20.08
CA ILE C 778 -15.30 48.50 -19.71
C ILE C 778 -15.02 49.39 -20.92
N LEU C 779 -14.32 48.87 -21.94
CA LEU C 779 -14.21 49.59 -23.20
C LEU C 779 -15.59 49.82 -23.82
N GLY C 780 -16.38 48.75 -23.90
CA GLY C 780 -17.73 48.88 -24.42
C GLY C 780 -18.62 49.76 -23.55
N ILE C 781 -18.39 49.72 -22.24
CA ILE C 781 -19.13 50.61 -21.34
C ILE C 781 -18.81 52.07 -21.64
N LEU C 782 -17.52 52.37 -21.82
CA LEU C 782 -17.12 53.75 -22.11
C LEU C 782 -17.40 54.12 -23.56
N LEU C 783 -17.27 53.16 -24.48
CA LEU C 783 -17.43 53.43 -25.91
C LEU C 783 -18.60 52.63 -26.47
N PRO C 784 -19.78 53.24 -26.59
CA PRO C 784 -20.90 52.59 -27.28
C PRO C 784 -20.57 52.23 -28.73
N PRO C 785 -19.76 53.02 -29.46
CA PRO C 785 -19.30 52.52 -30.77
C PRO C 785 -18.51 51.22 -30.69
N SER C 786 -17.79 50.96 -29.60
CA SER C 786 -17.06 49.70 -29.49
C SER C 786 -17.97 48.52 -29.20
N ILE C 787 -19.22 48.77 -28.82
CA ILE C 787 -20.14 47.68 -28.50
C ILE C 787 -20.45 46.85 -29.74
N LEU C 788 -20.78 47.53 -30.84
CA LEU C 788 -21.19 46.83 -32.05
C LEU C 788 -20.06 46.05 -32.70
N SER C 789 -18.81 46.36 -32.35
CA SER C 789 -17.66 45.62 -32.87
C SER C 789 -17.44 44.30 -32.16
N LEU C 790 -18.17 44.04 -31.08
CA LEU C 790 -18.08 42.78 -30.36
C LEU C 790 -18.93 41.72 -31.06
N GLU C 791 -18.98 40.53 -30.47
CA GLU C 791 -19.75 39.42 -31.00
C GLU C 791 -20.83 39.02 -30.00
N PHE C 792 -22.06 38.87 -30.49
CA PHE C 792 -23.20 38.46 -29.69
C PHE C 792 -23.70 37.11 -30.19
N LYS C 793 -24.07 36.23 -29.25
CA LYS C 793 -24.63 34.95 -29.64
C LYS C 793 -26.05 35.13 -30.15
N ASN C 794 -26.52 34.14 -30.90
CA ASN C 794 -27.85 34.19 -31.51
C ASN C 794 -28.96 34.10 -30.47
N GLY C 861 -29.29 48.09 -32.90
CA GLY C 861 -30.55 48.42 -32.26
C GLY C 861 -30.81 47.60 -31.01
N ARG C 862 -30.99 46.29 -31.20
CA ARG C 862 -31.20 45.38 -30.07
C ARG C 862 -29.90 44.97 -29.40
N LYS C 863 -28.75 45.23 -30.02
CA LYS C 863 -27.48 44.80 -29.44
C LYS C 863 -27.14 45.59 -28.19
N ILE C 864 -27.52 46.87 -28.12
CA ILE C 864 -27.24 47.66 -26.92
C ILE C 864 -28.08 47.17 -25.75
N TYR C 865 -29.37 46.95 -25.97
CA TYR C 865 -30.24 46.43 -24.91
C TYR C 865 -29.81 45.03 -24.47
N GLU C 866 -29.38 44.20 -25.41
CA GLU C 866 -28.87 42.89 -25.06
C GLU C 866 -27.55 42.99 -24.31
N PHE C 867 -26.77 44.03 -24.58
CA PHE C 867 -25.47 44.20 -23.93
C PHE C 867 -25.63 44.67 -22.49
N TYR C 868 -26.53 45.61 -22.24
CA TYR C 868 -26.67 46.16 -20.90
C TYR C 868 -27.31 45.20 -19.91
N ASN C 869 -27.88 44.09 -20.36
CA ASN C 869 -28.53 43.15 -19.46
C ASN C 869 -27.62 41.98 -19.07
N ALA C 870 -26.41 41.92 -19.60
CA ALA C 870 -25.48 40.89 -19.17
C ALA C 870 -25.06 41.15 -17.72
N PRO C 871 -24.94 40.12 -16.90
CA PRO C 871 -24.54 40.34 -15.50
C PRO C 871 -23.16 40.98 -15.36
N ILE C 872 -22.23 40.65 -16.26
CA ILE C 872 -20.87 41.16 -16.11
C ILE C 872 -20.83 42.67 -16.34
N VAL C 873 -21.64 43.17 -17.28
CA VAL C 873 -21.67 44.59 -17.54
C VAL C 873 -22.28 45.34 -16.36
N LYS C 874 -23.34 44.78 -15.76
CA LYS C 874 -23.91 45.38 -14.56
C LYS C 874 -22.90 45.40 -13.44
N PHE C 875 -22.13 44.32 -13.27
CA PHE C 875 -21.12 44.27 -12.22
C PHE C 875 -20.04 45.32 -12.42
N TRP C 876 -19.56 45.46 -13.66
CA TRP C 876 -18.53 46.48 -13.91
C TRP C 876 -19.08 47.89 -13.74
N PHE C 877 -20.33 48.11 -14.13
CA PHE C 877 -20.94 49.42 -13.92
C PHE C 877 -21.04 49.74 -12.43
N TYR C 878 -21.44 48.76 -11.63
CA TYR C 878 -21.49 48.96 -10.18
C TYR C 878 -20.11 49.23 -9.61
N THR C 879 -19.10 48.51 -10.08
CA THR C 879 -17.74 48.75 -9.60
C THR C 879 -17.26 50.16 -9.92
N LEU C 880 -17.50 50.61 -11.15
CA LEU C 880 -17.07 51.95 -11.54
C LEU C 880 -17.80 53.02 -10.73
N ALA C 881 -19.11 52.85 -10.52
CA ALA C 881 -19.86 53.81 -9.72
C ALA C 881 -19.35 53.84 -8.28
N TYR C 882 -19.06 52.68 -7.71
CA TYR C 882 -18.55 52.64 -6.34
C TYR C 882 -17.18 53.30 -6.25
N ILE C 883 -16.32 53.09 -7.23
CA ILE C 883 -15.00 53.72 -7.21
C ILE C 883 -15.14 55.23 -7.30
N GLY C 884 -16.02 55.72 -8.17
CA GLY C 884 -16.25 57.15 -8.25
C GLY C 884 -16.77 57.73 -6.94
N TYR C 885 -17.71 57.03 -6.31
CA TYR C 885 -18.22 57.49 -5.02
C TYR C 885 -17.12 57.50 -3.96
N LEU C 886 -16.24 56.50 -3.98
CA LEU C 886 -15.14 56.47 -3.02
C LEU C 886 -14.20 57.64 -3.23
N MET C 887 -13.90 57.97 -4.48
CA MET C 887 -13.03 59.11 -4.75
C MET C 887 -13.67 60.41 -4.27
N LEU C 888 -14.98 60.58 -4.51
CA LEU C 888 -15.65 61.79 -4.03
C LEU C 888 -15.65 61.85 -2.50
N PHE C 889 -15.82 60.71 -1.84
CA PHE C 889 -15.77 60.68 -0.38
C PHE C 889 -14.40 61.13 0.14
N ASN C 890 -13.33 60.59 -0.46
CA ASN C 890 -11.99 60.98 -0.05
C ASN C 890 -11.78 62.48 -0.28
N TYR C 891 -12.26 63.00 -1.41
CA TYR C 891 -12.10 64.42 -1.68
C TYR C 891 -12.84 65.27 -0.66
N ILE C 892 -14.07 64.90 -0.30
CA ILE C 892 -14.83 65.75 0.61
C ILE C 892 -14.36 65.62 2.05
N VAL C 893 -13.64 64.55 2.40
CA VAL C 893 -13.09 64.49 3.75
C VAL C 893 -11.68 65.06 3.85
N LEU C 894 -10.95 65.17 2.74
CA LEU C 894 -9.59 65.67 2.81
C LEU C 894 -9.49 67.19 2.82
N VAL C 895 -10.47 67.89 2.25
CA VAL C 895 -10.40 69.34 2.14
C VAL C 895 -11.31 69.96 3.19
N LYS C 896 -11.24 71.29 3.31
CA LYS C 896 -11.99 71.98 4.34
C LYS C 896 -13.50 71.84 4.10
N MET C 897 -14.24 71.83 5.20
CA MET C 897 -15.69 71.70 5.16
C MET C 897 -16.32 73.07 5.31
N GLU C 898 -17.31 73.35 4.47
CA GLU C 898 -17.99 74.63 4.49
C GLU C 898 -19.14 74.59 5.49
N ARG C 899 -19.79 75.75 5.68
CA ARG C 899 -21.00 75.78 6.48
C ARG C 899 -22.12 74.99 5.80
N TRP C 900 -22.24 75.12 4.48
CA TRP C 900 -23.22 74.35 3.74
C TRP C 900 -22.51 73.36 2.82
N PRO C 901 -23.10 72.18 2.61
CA PRO C 901 -22.40 71.13 1.87
C PRO C 901 -22.08 71.52 0.43
N SER C 902 -20.95 71.02 -0.06
CA SER C 902 -20.53 71.23 -1.43
C SER C 902 -21.25 70.25 -2.35
N THR C 903 -21.02 70.41 -3.66
CA THR C 903 -21.69 69.57 -4.65
C THR C 903 -21.32 68.10 -4.49
N GLN C 904 -20.03 67.83 -4.30
CA GLN C 904 -19.59 66.43 -4.15
C GLN C 904 -20.17 65.81 -2.89
N GLU C 905 -20.31 66.59 -1.82
CA GLU C 905 -20.96 66.08 -0.62
C GLU C 905 -22.41 65.72 -0.89
N TRP C 906 -23.11 66.53 -1.69
CA TRP C 906 -24.48 66.19 -2.06
C TRP C 906 -24.53 64.92 -2.90
N ILE C 907 -23.57 64.74 -3.80
CA ILE C 907 -23.51 63.50 -4.58
C ILE C 907 -23.33 62.30 -3.67
N VAL C 908 -22.44 62.42 -2.68
CA VAL C 908 -22.20 61.31 -1.75
C VAL C 908 -23.45 61.00 -0.95
N ILE C 909 -24.13 62.04 -0.45
CA ILE C 909 -25.33 61.83 0.35
C ILE C 909 -26.42 61.17 -0.48
N SER C 910 -26.58 61.61 -1.74
CA SER C 910 -27.56 60.99 -2.63
C SER C 910 -27.23 59.54 -2.88
N TYR C 911 -25.95 59.22 -3.09
CA TYR C 911 -25.56 57.83 -3.31
C TYR C 911 -25.90 56.96 -2.11
N ILE C 912 -25.59 57.45 -0.91
CA ILE C 912 -25.86 56.66 0.30
C ILE C 912 -27.37 56.46 0.48
N PHE C 913 -28.15 57.52 0.26
CA PHE C 913 -29.60 57.42 0.38
C PHE C 913 -30.18 56.42 -0.63
N THR C 914 -29.70 56.47 -1.88
CA THR C 914 -30.19 55.54 -2.88
C THR C 914 -29.81 54.11 -2.55
N LEU C 915 -28.58 53.89 -2.07
CA LEU C 915 -28.18 52.54 -1.68
C LEU C 915 -29.04 52.03 -0.53
N GLY C 916 -29.33 52.88 0.45
CA GLY C 916 -30.16 52.46 1.56
C GLY C 916 -31.57 52.11 1.13
N ILE C 917 -32.19 52.95 0.29
CA ILE C 917 -33.56 52.66 -0.11
C ILE C 917 -33.60 51.45 -1.04
N GLU C 918 -32.55 51.22 -1.83
CA GLU C 918 -32.50 50.01 -2.65
C GLU C 918 -32.38 48.76 -1.77
N LYS C 919 -31.58 48.84 -0.70
CA LYS C 919 -31.47 47.70 0.21
C LYS C 919 -32.79 47.43 0.93
N MET C 920 -33.49 48.48 1.36
CA MET C 920 -34.78 48.26 2.01
C MET C 920 -35.84 47.77 1.02
N ARG C 921 -35.79 48.21 -0.23
CA ARG C 921 -36.69 47.63 -1.23
C ARG C 921 -36.38 46.17 -1.46
N GLU C 922 -35.09 45.80 -1.48
CA GLU C 922 -34.72 44.41 -1.66
C GLU C 922 -35.19 43.55 -0.49
N ILE C 923 -35.09 44.07 0.74
CA ILE C 923 -35.62 43.34 1.89
C ILE C 923 -37.14 43.35 1.92
N LEU C 924 -37.79 44.27 1.20
CA LEU C 924 -39.24 44.29 1.11
C LEU C 924 -39.80 43.52 -0.08
N MET C 925 -38.94 42.97 -0.94
CA MET C 925 -39.40 42.11 -2.03
C MET C 925 -38.90 40.68 -1.86
N SER C 926 -38.31 40.36 -0.71
CA SER C 926 -37.77 39.03 -0.47
C SER C 926 -38.90 38.03 -0.22
N GLY C 929 -42.66 36.35 2.83
CA GLY C 929 -44.06 36.61 3.14
C GLY C 929 -44.26 37.42 4.40
N LYS C 930 -44.16 36.75 5.54
CA LYS C 930 -44.25 37.45 6.82
C LYS C 930 -43.06 38.39 6.99
N LEU C 931 -43.32 39.57 7.54
CA LEU C 931 -42.31 40.63 7.59
C LEU C 931 -41.12 40.23 8.46
N LEU C 932 -41.37 39.58 9.59
CA LEU C 932 -40.28 39.27 10.51
C LEU C 932 -39.34 38.21 9.95
N GLN C 933 -39.85 37.32 9.10
CA GLN C 933 -39.00 36.26 8.57
C GLN C 933 -38.01 36.78 7.54
N LYS C 934 -38.43 37.73 6.70
CA LYS C 934 -37.51 38.30 5.71
C LYS C 934 -36.38 39.05 6.39
N VAL C 935 -36.68 39.73 7.50
CA VAL C 935 -35.64 40.44 8.25
C VAL C 935 -34.58 39.47 8.75
N LYS C 936 -35.02 38.34 9.30
CA LYS C 936 -34.07 37.35 9.83
C LYS C 936 -33.21 36.76 8.71
N VAL C 937 -33.82 36.48 7.55
CA VAL C 937 -33.06 35.94 6.44
C VAL C 937 -32.05 36.96 5.93
N TRP C 938 -32.46 38.22 5.82
CA TRP C 938 -31.58 39.24 5.24
C TRP C 938 -30.50 39.68 6.21
N LEU C 939 -30.71 39.56 7.51
CA LEU C 939 -29.70 39.86 8.51
C LEU C 939 -28.80 38.68 8.81
N GLN C 940 -28.94 37.58 8.07
CA GLN C 940 -28.10 36.41 8.24
C GLN C 940 -26.70 36.63 7.69
N GLU C 941 -26.48 37.70 6.95
CA GLU C 941 -25.19 38.01 6.36
C GLU C 941 -24.55 39.18 7.10
N TYR C 942 -23.22 39.10 7.30
CA TYR C 942 -22.53 40.15 8.02
C TYR C 942 -22.44 41.43 7.21
N TRP C 943 -22.36 41.32 5.88
CA TRP C 943 -22.24 42.51 5.05
C TRP C 943 -23.47 43.39 5.17
N ASN C 944 -24.66 42.80 5.21
CA ASN C 944 -25.88 43.59 5.34
C ASN C 944 -25.92 44.32 6.68
N VAL C 945 -25.52 43.64 7.76
CA VAL C 945 -25.50 44.27 9.07
C VAL C 945 -24.52 45.43 9.09
N THR C 946 -23.33 45.24 8.54
CA THR C 946 -22.34 46.31 8.52
C THR C 946 -22.83 47.47 7.65
N ASP C 947 -23.50 47.17 6.54
CA ASP C 947 -24.06 48.25 5.71
C ASP C 947 -25.10 49.04 6.48
N LEU C 948 -25.98 48.35 7.22
CA LEU C 948 -26.98 49.06 8.01
C LEU C 948 -26.34 49.95 9.06
N ILE C 949 -25.34 49.42 9.76
CA ILE C 949 -24.69 50.22 10.81
C ILE C 949 -23.99 51.43 10.20
N ALA C 950 -23.29 51.24 9.08
CA ALA C 950 -22.60 52.34 8.44
C ALA C 950 -23.58 53.39 7.93
N ILE C 951 -24.69 52.96 7.34
CA ILE C 951 -25.66 53.91 6.80
C ILE C 951 -26.32 54.69 7.93
N LEU C 952 -26.66 54.02 9.03
CA LEU C 952 -27.25 54.73 10.16
C LEU C 952 -26.27 55.71 10.78
N LEU C 953 -25.00 55.32 10.91
CA LEU C 953 -24.00 56.24 11.44
C LEU C 953 -23.80 57.44 10.52
N PHE C 954 -23.82 57.20 9.21
CA PHE C 954 -23.68 58.30 8.25
C PHE C 954 -24.89 59.23 8.31
N SER C 955 -26.08 58.67 8.51
CA SER C 955 -27.27 59.49 8.66
C SER C 955 -27.20 60.36 9.91
N VAL C 956 -26.75 59.78 11.03
CA VAL C 956 -26.62 60.58 12.25
C VAL C 956 -25.50 61.61 12.09
N GLY C 957 -24.49 61.32 11.28
CA GLY C 957 -23.50 62.34 10.98
C GLY C 957 -24.08 63.47 10.16
N MET C 958 -24.91 63.13 9.17
CA MET C 958 -25.56 64.16 8.36
C MET C 958 -26.46 65.04 9.20
N ILE C 959 -27.21 64.42 10.12
CA ILE C 959 -28.03 65.20 11.04
C ILE C 959 -27.15 66.09 11.92
N LEU C 960 -26.05 65.54 12.43
CA LEU C 960 -25.15 66.30 13.28
C LEU C 960 -24.35 67.34 12.51
N ARG C 961 -24.14 67.13 11.21
CA ARG C 961 -23.27 68.03 10.46
C ARG C 961 -23.94 69.38 10.19
N LEU C 962 -25.26 69.39 10.03
CA LEU C 962 -25.98 70.64 9.76
C LEU C 962 -26.52 71.25 11.05
N GLN C 963 -25.59 71.61 11.93
CA GLN C 963 -25.91 72.19 13.23
C GLN C 963 -24.80 73.17 13.61
N ASP C 964 -24.70 73.48 14.89
CA ASP C 964 -23.73 74.45 15.39
C ASP C 964 -22.29 73.97 15.15
N GLN C 965 -21.35 74.88 15.35
CA GLN C 965 -19.95 74.63 15.00
C GLN C 965 -19.33 73.44 15.72
N PRO C 966 -19.42 73.29 17.05
CA PRO C 966 -18.90 72.05 17.65
C PRO C 966 -19.60 70.81 17.14
N PHE C 967 -20.89 70.89 16.89
CA PHE C 967 -21.60 69.76 16.29
C PHE C 967 -21.15 69.52 14.85
N ARG C 968 -20.81 70.59 14.12
CA ARG C 968 -20.26 70.42 12.78
C ARG C 968 -18.92 69.68 12.84
N SER C 969 -18.06 70.04 13.80
CA SER C 969 -16.79 69.34 13.95
C SER C 969 -17.01 67.88 14.31
N ASP C 970 -17.96 67.60 15.19
CA ASP C 970 -18.26 66.21 15.55
C ASP C 970 -18.76 65.43 14.34
N GLY C 971 -19.61 66.06 13.52
CA GLY C 971 -20.06 65.40 12.31
C GLY C 971 -18.94 65.10 11.33
N ARG C 972 -18.02 66.05 11.17
CA ARG C 972 -16.86 65.80 10.31
C ARG C 972 -16.02 64.65 10.83
N VAL C 973 -15.83 64.59 12.16
CA VAL C 973 -15.07 63.49 12.75
C VAL C 973 -15.77 62.17 12.50
N ILE C 974 -17.10 62.15 12.60
CA ILE C 974 -17.81 60.90 12.36
C ILE C 974 -17.72 60.50 10.89
N TYR C 975 -17.65 61.47 9.98
CA TYR C 975 -17.40 61.14 8.57
C TYR C 975 -16.02 60.51 8.39
N CYS C 976 -15.01 61.09 9.05
CA CYS C 976 -13.66 60.56 8.94
C CYS C 976 -13.57 59.15 9.48
N VAL C 977 -14.27 58.86 10.58
CA VAL C 977 -14.28 57.51 11.11
C VAL C 977 -15.04 56.57 10.18
N ASN C 978 -16.15 57.04 9.60
CA ASN C 978 -17.00 56.20 8.77
C ASN C 978 -16.36 55.86 7.43
N ILE C 979 -15.45 56.68 6.92
CA ILE C 979 -14.85 56.41 5.63
C ILE C 979 -14.02 55.13 5.64
N ILE C 980 -13.58 54.67 6.81
CA ILE C 980 -12.77 53.47 6.89
C ILE C 980 -13.55 52.26 6.39
N TYR C 981 -14.82 52.16 6.76
CA TYR C 981 -15.62 51.03 6.31
C TYR C 981 -15.81 51.02 4.81
N TRP C 982 -16.10 52.19 4.22
CA TRP C 982 -16.28 52.25 2.78
C TRP C 982 -14.99 52.01 2.03
N TYR C 983 -13.84 52.29 2.66
CA TYR C 983 -12.57 51.91 2.06
C TYR C 983 -12.32 50.42 2.18
N ILE C 984 -12.70 49.81 3.31
CA ILE C 984 -12.48 48.39 3.54
C ILE C 984 -13.36 47.54 2.64
N ARG C 985 -14.61 47.97 2.40
CA ARG C 985 -15.59 47.15 1.70
C ARG C 985 -15.21 46.81 0.27
N LEU C 986 -14.07 47.32 -0.24
CA LEU C 986 -13.59 46.90 -1.55
C LEU C 986 -13.20 45.44 -1.59
N LEU C 987 -13.02 44.81 -0.43
CA LEU C 987 -12.70 43.38 -0.42
C LEU C 987 -13.88 42.55 -0.92
N ASP C 988 -15.11 42.99 -0.66
CA ASP C 988 -16.27 42.32 -1.22
C ASP C 988 -16.29 42.39 -2.75
N ILE C 989 -15.89 43.54 -3.30
CA ILE C 989 -15.77 43.64 -4.76
C ILE C 989 -14.63 42.76 -5.26
N PHE C 990 -13.53 42.70 -4.52
CA PHE C 990 -12.41 41.85 -4.90
C PHE C 990 -12.75 40.38 -4.85
N GLY C 991 -13.75 39.99 -4.05
CA GLY C 991 -14.14 38.60 -3.94
C GLY C 991 -14.62 37.99 -5.25
N VAL C 992 -14.97 38.83 -6.23
CA VAL C 992 -15.35 38.32 -7.55
C VAL C 992 -14.14 37.76 -8.28
N ASN C 993 -12.96 38.29 -8.02
CA ASN C 993 -11.76 37.82 -8.70
C ASN C 993 -11.44 36.39 -8.30
N LYS C 994 -10.88 35.64 -9.25
CA LYS C 994 -10.63 34.21 -9.04
C LYS C 994 -9.57 33.96 -7.98
N TYR C 995 -8.70 34.91 -7.71
CA TYR C 995 -7.64 34.73 -6.72
C TYR C 995 -7.83 35.54 -5.46
N LEU C 996 -8.53 36.67 -5.53
CA LEU C 996 -8.70 37.52 -4.36
C LEU C 996 -9.82 37.07 -3.44
N GLY C 997 -10.67 36.15 -3.89
CA GLY C 997 -11.74 35.63 -3.07
C GLY C 997 -11.26 34.69 -1.99
N PRO C 998 -10.58 33.62 -2.39
CA PRO C 998 -10.05 32.67 -1.39
C PRO C 998 -9.11 33.31 -0.38
N TYR C 999 -8.32 34.31 -0.76
CA TYR C 999 -7.43 34.94 0.21
C TYR C 999 -8.21 35.75 1.23
N VAL C 1000 -9.27 36.44 0.80
CA VAL C 1000 -10.12 37.16 1.75
C VAL C 1000 -10.80 36.19 2.70
N MET C 1001 -11.30 35.07 2.19
CA MET C 1001 -11.90 34.07 3.06
C MET C 1001 -10.88 33.49 4.03
N MET C 1002 -9.65 33.27 3.56
CA MET C 1002 -8.60 32.76 4.43
C MET C 1002 -8.27 33.76 5.55
N ILE C 1003 -8.23 35.04 5.22
CA ILE C 1003 -8.02 36.07 6.24
C ILE C 1003 -9.14 36.05 7.27
N GLY C 1004 -10.38 35.95 6.79
CA GLY C 1004 -11.51 35.86 7.70
C GLY C 1004 -11.42 34.66 8.62
N LYS C 1005 -10.91 33.52 8.12
CA LYS C 1005 -10.77 32.35 8.96
C LYS C 1005 -9.61 32.46 9.94
N MET C 1006 -8.52 33.13 9.55
CA MET C 1006 -7.38 33.28 10.44
C MET C 1006 -7.58 34.36 11.50
N MET C 1007 -8.63 35.18 11.36
CA MET C 1007 -8.94 36.17 12.40
C MET C 1007 -9.06 35.52 13.79
N ILE C 1008 -9.66 34.34 13.86
CA ILE C 1008 -9.91 33.70 15.15
C ILE C 1008 -8.59 33.30 15.82
N ASP C 1009 -7.71 32.65 15.05
CA ASP C 1009 -6.40 32.29 15.59
C ASP C 1009 -5.59 33.53 15.95
N MET C 1010 -5.80 34.64 15.26
CA MET C 1010 -5.15 35.88 15.65
C MET C 1010 -5.67 36.38 17.01
N MET C 1011 -6.99 36.30 17.22
CA MET C 1011 -7.57 36.78 18.47
C MET C 1011 -7.12 35.93 19.66
N TYR C 1012 -7.02 34.61 19.46
CA TYR C 1012 -6.66 33.72 20.57
C TYR C 1012 -5.25 33.97 21.07
N PHE C 1013 -4.40 34.64 20.30
CA PHE C 1013 -3.10 35.07 20.79
C PHE C 1013 -3.07 36.53 21.18
N VAL C 1014 -3.96 37.34 20.61
CA VAL C 1014 -4.11 38.72 21.07
C VAL C 1014 -4.48 38.75 22.55
N ILE C 1015 -5.29 37.77 22.99
CA ILE C 1015 -5.67 37.71 24.41
C ILE C 1015 -4.44 37.59 25.31
N ILE C 1016 -3.57 36.63 25.00
CA ILE C 1016 -2.39 36.39 25.84
C ILE C 1016 -1.42 37.55 25.74
N MET C 1017 -1.27 38.12 24.53
CA MET C 1017 -0.42 39.30 24.39
C MET C 1017 -0.91 40.45 25.25
N LEU C 1018 -2.23 40.66 25.31
CA LEU C 1018 -2.78 41.70 26.16
C LEU C 1018 -2.50 41.42 27.62
N VAL C 1019 -2.61 40.16 28.04
CA VAL C 1019 -2.35 39.82 29.45
C VAL C 1019 -0.92 40.18 29.83
N VAL C 1020 0.05 39.72 29.03
CA VAL C 1020 1.45 39.96 29.36
C VAL C 1020 1.77 41.46 29.29
N LEU C 1021 1.25 42.14 28.26
CA LEU C 1021 1.52 43.56 28.08
C LEU C 1021 0.98 44.38 29.23
N MET C 1022 -0.24 44.09 29.68
CA MET C 1022 -0.80 44.81 30.81
C MET C 1022 -0.01 44.55 32.07
N SER C 1023 0.45 43.30 32.28
CA SER C 1023 1.26 43.01 33.45
C SER C 1023 2.52 43.87 33.47
N PHE C 1024 3.26 43.88 32.36
CA PHE C 1024 4.51 44.63 32.32
C PHE C 1024 4.25 46.13 32.45
N GLY C 1025 3.22 46.65 31.79
CA GLY C 1025 2.94 48.07 31.88
C GLY C 1025 2.59 48.51 33.28
N VAL C 1026 1.74 47.73 33.97
CA VAL C 1026 1.37 48.07 35.34
C VAL C 1026 2.59 48.03 36.24
N ALA C 1027 3.43 47.00 36.10
CA ALA C 1027 4.62 46.90 36.95
C ALA C 1027 5.55 48.10 36.75
N ARG C 1028 5.82 48.45 35.48
CA ARG C 1028 6.74 49.56 35.23
C ARG C 1028 6.16 50.89 35.71
N GLN C 1029 4.88 51.15 35.41
CA GLN C 1029 4.29 52.41 35.81
C GLN C 1029 4.20 52.54 37.33
N ALA C 1030 3.97 51.43 38.03
CA ALA C 1030 3.93 51.47 39.48
C ALA C 1030 5.32 51.66 40.09
N ILE C 1031 6.35 51.07 39.47
CA ILE C 1031 7.69 51.26 40.00
C ILE C 1031 8.17 52.69 39.80
N LEU C 1032 7.98 53.23 38.59
CA LEU C 1032 8.59 54.52 38.25
C LEU C 1032 7.87 55.72 38.84
N PHE C 1033 6.54 55.69 38.98
CA PHE C 1033 5.76 56.84 39.42
C PHE C 1033 5.02 56.49 40.69
N PRO C 1034 5.57 56.86 41.86
CA PRO C 1034 4.96 56.47 43.13
C PRO C 1034 4.01 57.49 43.75
N ASN C 1035 3.91 58.70 43.21
CA ASN C 1035 3.10 59.73 43.83
C ASN C 1035 2.00 60.25 42.91
N GLU C 1036 1.28 59.33 42.26
CA GLU C 1036 0.26 59.72 41.30
C GLU C 1036 -1.10 59.78 41.96
N GLU C 1037 -1.75 60.94 41.84
CA GLU C 1037 -3.14 61.06 42.25
C GLU C 1037 -4.03 60.27 41.30
N PRO C 1038 -5.08 59.61 41.81
CA PRO C 1038 -5.96 58.83 40.94
C PRO C 1038 -6.62 59.65 39.85
N SER C 1039 -6.27 59.35 38.59
CA SER C 1039 -6.84 60.03 37.44
C SER C 1039 -6.88 59.05 36.27
N TRP C 1040 -7.64 59.41 35.24
CA TRP C 1040 -7.73 58.55 34.07
C TRP C 1040 -6.44 58.51 33.27
N LYS C 1041 -5.48 59.40 33.55
CA LYS C 1041 -4.18 59.32 32.92
C LYS C 1041 -3.46 58.03 33.29
N LEU C 1042 -3.72 57.51 34.50
CA LEU C 1042 -3.10 56.27 34.93
C LEU C 1042 -3.54 55.09 34.06
N ALA C 1043 -4.79 55.07 33.65
CA ALA C 1043 -5.29 53.99 32.80
C ALA C 1043 -4.74 54.06 31.37
N LYS C 1044 -4.07 55.14 31.01
CA LYS C 1044 -3.48 55.25 29.68
C LYS C 1044 -2.05 54.74 29.63
N ASN C 1045 -1.28 54.93 30.71
CA ASN C 1045 0.11 54.51 30.73
C ASN C 1045 0.28 53.00 30.90
N ILE C 1046 -0.79 52.28 31.21
CA ILE C 1046 -0.70 50.83 31.35
C ILE C 1046 -0.43 50.19 29.99
N PHE C 1047 -1.16 50.61 28.96
CA PHE C 1047 -1.24 49.89 27.70
C PHE C 1047 -0.44 50.55 26.57
N TYR C 1048 -0.29 51.87 26.61
CA TYR C 1048 0.25 52.62 25.48
C TYR C 1048 1.70 52.26 25.15
N MET C 1049 2.63 52.60 26.06
CA MET C 1049 4.05 52.38 25.80
C MET C 1049 4.41 50.91 25.64
N PRO C 1050 3.96 49.97 26.48
CA PRO C 1050 4.29 48.56 26.24
C PRO C 1050 3.74 48.02 24.94
N TYR C 1051 2.71 48.66 24.37
CA TYR C 1051 2.22 48.22 23.07
C TYR C 1051 3.04 48.81 21.94
N TRP C 1052 3.48 50.05 22.06
CA TRP C 1052 4.36 50.58 21.03
C TRP C 1052 5.77 50.00 21.10
N MET C 1053 6.14 49.40 22.23
CA MET C 1053 7.49 48.86 22.37
C MET C 1053 7.69 47.52 21.68
N ILE C 1054 6.63 46.82 21.27
CA ILE C 1054 6.77 45.55 20.60
C ILE C 1054 6.76 45.68 19.09
N TYR C 1055 6.58 46.88 18.58
CA TYR C 1055 6.59 47.13 17.14
C TYR C 1055 7.85 47.87 16.71
N GLY C 1056 8.95 47.66 17.43
CA GLY C 1056 10.21 48.26 17.12
C GLY C 1056 10.46 49.61 17.75
N GLU C 1057 9.45 50.21 18.39
CA GLU C 1057 9.63 51.50 19.05
C GLU C 1057 9.97 51.28 20.52
N VAL C 1058 11.14 50.71 20.74
CA VAL C 1058 11.69 50.50 22.08
C VAL C 1058 12.69 51.62 22.35
N PHE C 1059 12.48 52.33 23.45
CA PHE C 1059 13.31 53.48 23.79
C PHE C 1059 14.00 53.22 25.11
N ALA C 1060 15.28 52.85 25.05
CA ALA C 1060 16.05 52.64 26.26
C ALA C 1060 16.27 53.93 27.04
N ASP C 1061 16.16 55.09 26.38
CA ASP C 1061 16.28 56.36 27.08
C ASP C 1061 15.02 56.71 27.85
N GLN C 1062 13.85 56.26 27.39
CA GLN C 1062 12.59 56.58 28.04
C GLN C 1062 12.15 55.52 29.02
N ILE C 1063 13.08 54.70 29.51
CA ILE C 1063 12.77 53.68 30.51
C ILE C 1063 13.71 53.81 31.70
N LYS C 1085 15.03 57.01 42.12
CA LYS C 1085 13.88 56.16 42.43
C LYS C 1085 14.34 54.84 43.03
N THR C 1086 13.66 54.41 44.08
CA THR C 1086 14.03 53.16 44.73
C THR C 1086 13.63 51.98 43.86
N GLY C 1087 14.56 51.06 43.64
CA GLY C 1087 14.30 49.91 42.80
C GLY C 1087 14.01 50.26 41.36
N ALA C 1088 14.64 51.30 40.83
CA ALA C 1088 14.42 51.68 39.44
C ALA C 1088 15.16 50.79 38.46
N TRP C 1089 16.15 50.03 38.93
CA TRP C 1089 16.95 49.19 38.05
C TRP C 1089 16.23 47.92 37.63
N ILE C 1090 15.07 47.61 38.23
CA ILE C 1090 14.33 46.42 37.83
C ILE C 1090 13.59 46.64 36.51
N VAL C 1091 13.35 47.90 36.14
CA VAL C 1091 12.61 48.18 34.91
C VAL C 1091 13.33 47.65 33.67
N PRO C 1092 14.62 47.89 33.46
CA PRO C 1092 15.27 47.26 32.28
C PRO C 1092 15.27 45.74 32.32
N ALA C 1093 15.37 45.12 33.49
CA ALA C 1093 15.37 43.66 33.55
C ALA C 1093 14.02 43.09 33.17
N ILE C 1094 12.93 43.65 33.72
CA ILE C 1094 11.61 43.17 33.34
C ILE C 1094 11.32 43.53 31.90
N MET C 1095 11.88 44.63 31.39
CA MET C 1095 11.73 44.96 29.98
C MET C 1095 12.38 43.93 29.09
N ALA C 1096 13.59 43.49 29.45
CA ALA C 1096 14.27 42.46 28.67
C ALA C 1096 13.47 41.15 28.69
N CYS C 1097 12.97 40.77 29.87
CA CYS C 1097 12.16 39.55 29.95
C CYS C 1097 10.88 39.69 29.12
N TYR C 1098 10.23 40.86 29.18
CA TYR C 1098 9.01 41.08 28.43
C TYR C 1098 9.23 41.02 26.93
N LEU C 1099 10.32 41.63 26.46
CA LEU C 1099 10.63 41.57 25.03
C LEU C 1099 10.94 40.15 24.60
N LEU C 1100 11.74 39.43 25.39
CA LEU C 1100 12.09 38.06 25.03
C LEU C 1100 10.87 37.13 25.04
N VAL C 1101 9.87 37.44 25.86
CA VAL C 1101 8.68 36.59 25.87
C VAL C 1101 7.73 36.98 24.76
N ALA C 1102 7.36 38.25 24.66
CA ALA C 1102 6.33 38.67 23.73
C ALA C 1102 6.80 38.66 22.29
N ASN C 1103 8.00 39.15 22.01
CA ASN C 1103 8.42 39.33 20.63
C ASN C 1103 9.19 38.13 20.07
N ILE C 1104 9.33 37.05 20.83
CA ILE C 1104 10.06 35.87 20.39
C ILE C 1104 9.19 34.63 20.44
N LEU C 1105 8.58 34.36 21.60
CA LEU C 1105 7.85 33.11 21.77
C LEU C 1105 6.49 33.15 21.08
N LEU C 1106 5.65 34.12 21.46
CA LEU C 1106 4.28 34.14 20.97
C LEU C 1106 4.22 34.38 19.47
N VAL C 1107 5.06 35.27 18.95
CA VAL C 1107 5.03 35.59 17.52
C VAL C 1107 5.41 34.37 16.69
N ASN C 1108 6.47 33.68 17.08
CA ASN C 1108 6.89 32.51 16.31
C ASN C 1108 5.91 31.35 16.47
N LEU C 1109 5.29 31.22 17.64
CA LEU C 1109 4.25 30.22 17.79
C LEU C 1109 3.06 30.53 16.90
N LEU C 1110 2.70 31.80 16.78
CA LEU C 1110 1.62 32.20 15.89
C LEU C 1110 1.97 31.90 14.44
N ILE C 1111 3.23 32.14 14.06
CA ILE C 1111 3.67 31.81 12.71
C ILE C 1111 3.54 30.31 12.46
N ALA C 1112 3.95 29.49 13.44
CA ALA C 1112 3.83 28.05 13.28
C ALA C 1112 2.36 27.62 13.16
N VAL C 1113 1.49 28.23 13.96
CA VAL C 1113 0.06 27.90 13.91
C VAL C 1113 -0.53 28.27 12.55
N PHE C 1114 -0.21 29.46 12.04
CA PHE C 1114 -0.69 29.85 10.72
C PHE C 1114 -0.13 28.93 9.64
N ASN C 1115 1.09 28.44 9.82
CA ASN C 1115 1.70 27.60 8.80
C ASN C 1115 1.06 26.23 8.76
N ASN C 1116 0.79 25.62 9.91
CA ASN C 1116 0.33 24.25 9.96
C ASN C 1116 -1.18 24.11 9.92
N THR C 1117 -1.92 25.21 9.76
CA THR C 1117 -3.36 25.14 9.59
C THR C 1117 -3.76 25.89 8.32
N PHE C 1118 -3.07 25.61 7.23
CA PHE C 1118 -3.20 26.37 5.99
C PHE C 1118 -3.81 25.59 4.84
N PHE C 1119 -3.43 24.32 4.67
CA PHE C 1119 -3.87 23.55 3.52
C PHE C 1119 -5.37 23.31 3.54
N GLU C 1120 -5.89 22.83 4.67
CA GLU C 1120 -7.32 22.60 4.79
C GLU C 1120 -8.10 23.90 4.68
N VAL C 1121 -7.57 24.98 5.26
CA VAL C 1121 -8.25 26.27 5.19
C VAL C 1121 -8.34 26.77 3.76
N LYS C 1122 -7.26 26.64 2.99
CA LYS C 1122 -7.31 27.11 1.61
C LYS C 1122 -8.22 26.23 0.75
N SER C 1123 -8.24 24.91 0.98
CA SER C 1123 -9.15 24.07 0.22
C SER C 1123 -10.60 24.40 0.53
N ILE C 1124 -10.92 24.62 1.81
CA ILE C 1124 -12.26 25.00 2.20
C ILE C 1124 -12.65 26.34 1.58
N SER C 1125 -11.72 27.29 1.59
CA SER C 1125 -12.00 28.61 1.01
C SER C 1125 -12.26 28.51 -0.49
N ASN C 1126 -11.48 27.70 -1.21
CA ASN C 1126 -11.73 27.51 -2.63
C ASN C 1126 -13.10 26.91 -2.88
N GLN C 1127 -13.47 25.89 -2.09
CA GLN C 1127 -14.78 25.27 -2.27
C GLN C 1127 -15.91 26.25 -1.99
N VAL C 1128 -15.76 27.05 -0.92
CA VAL C 1128 -16.81 28.00 -0.57
C VAL C 1128 -16.93 29.09 -1.63
N TRP C 1129 -15.80 29.54 -2.19
CA TRP C 1129 -15.86 30.55 -3.24
C TRP C 1129 -16.55 30.00 -4.48
N LYS C 1130 -16.22 28.77 -4.88
CA LYS C 1130 -16.88 28.17 -6.03
C LYS C 1130 -18.37 27.99 -5.77
N PHE C 1131 -18.76 27.76 -4.51
CA PHE C 1131 -20.17 27.65 -4.20
C PHE C 1131 -20.87 29.01 -4.28
N GLN C 1132 -20.21 30.07 -3.82
CA GLN C 1132 -20.85 31.38 -3.75
C GLN C 1132 -20.86 32.11 -5.09
N ARG C 1133 -20.11 31.61 -6.08
CA ARG C 1133 -20.23 32.16 -7.43
C ARG C 1133 -21.68 32.20 -7.91
N TYR C 1134 -22.44 31.13 -7.63
CA TYR C 1134 -23.83 31.08 -8.07
C TYR C 1134 -24.67 32.18 -7.43
N GLN C 1135 -24.52 32.39 -6.13
CA GLN C 1135 -25.29 33.43 -5.47
C GLN C 1135 -24.91 34.80 -6.01
N LEU C 1136 -23.63 35.03 -6.28
CA LEU C 1136 -23.22 36.31 -6.85
C LEU C 1136 -23.85 36.53 -8.23
N ILE C 1137 -23.84 35.49 -9.06
CA ILE C 1137 -24.40 35.60 -10.41
C ILE C 1137 -25.89 35.89 -10.36
N MET C 1138 -26.63 35.18 -9.49
CA MET C 1138 -28.06 35.44 -9.39
C MET C 1138 -28.33 36.84 -8.84
N THR C 1139 -27.53 37.28 -7.87
CA THR C 1139 -27.72 38.61 -7.30
C THR C 1139 -27.55 39.69 -8.37
N PHE C 1140 -26.54 39.54 -9.23
CA PHE C 1140 -26.39 40.55 -10.28
C PHE C 1140 -27.31 40.34 -11.46
N HIS C 1141 -27.91 39.16 -11.60
CA HIS C 1141 -28.95 38.99 -12.62
C HIS C 1141 -30.23 39.70 -12.21
N GLU C 1142 -30.59 39.64 -10.94
CA GLU C 1142 -31.78 40.34 -10.47
C GLU C 1142 -31.59 41.85 -10.44
N ARG C 1143 -30.34 42.32 -10.43
CA ARG C 1143 -30.06 43.73 -10.22
C ARG C 1143 -30.57 44.59 -11.38
N PRO C 1144 -31.14 45.75 -11.10
CA PRO C 1144 -31.47 46.69 -12.18
C PRO C 1144 -30.21 47.22 -12.86
N VAL C 1145 -30.41 47.73 -14.07
CA VAL C 1145 -29.27 48.08 -14.92
C VAL C 1145 -28.50 49.26 -14.36
N LEU C 1146 -29.21 50.29 -13.87
CA LEU C 1146 -28.55 51.51 -13.47
C LEU C 1146 -27.79 51.33 -12.15
N PRO C 1147 -26.65 52.01 -12.00
CA PRO C 1147 -25.91 51.95 -10.75
C PRO C 1147 -26.61 52.75 -9.67
N PRO C 1148 -26.25 52.53 -8.39
CA PRO C 1148 -26.95 53.19 -7.27
C PRO C 1148 -26.96 54.71 -7.34
N PRO C 1149 -25.88 55.40 -7.74
CA PRO C 1149 -25.94 56.88 -7.72
C PRO C 1149 -27.03 57.47 -8.60
N LEU C 1150 -27.38 56.82 -9.71
CA LEU C 1150 -28.46 57.26 -10.57
C LEU C 1150 -29.54 56.19 -10.69
N ILE C 1151 -29.80 55.48 -9.58
CA ILE C 1151 -30.88 54.49 -9.55
C ILE C 1151 -32.23 55.12 -9.25
N ILE C 1152 -32.27 56.43 -9.00
CA ILE C 1152 -33.52 57.08 -8.64
C ILE C 1152 -34.54 56.98 -9.77
N PHE C 1153 -34.05 57.05 -11.01
CA PHE C 1153 -34.96 57.01 -12.16
C PHE C 1153 -35.70 55.69 -12.23
N SER C 1154 -34.99 54.58 -12.07
CA SER C 1154 -35.63 53.26 -12.07
C SER C 1154 -36.25 52.92 -10.72
N HIS C 1155 -35.97 53.68 -9.67
CA HIS C 1155 -36.62 53.48 -8.39
C HIS C 1155 -38.04 54.01 -8.35
N MET C 1156 -38.42 54.82 -9.34
CA MET C 1156 -39.79 55.29 -9.46
C MET C 1156 -40.50 54.74 -10.69
N THR C 1157 -39.83 53.90 -11.47
CA THR C 1157 -40.49 53.27 -12.61
C THR C 1157 -41.49 52.21 -12.16
N MET C 1158 -41.12 51.41 -11.16
CA MET C 1158 -42.02 50.37 -10.68
C MET C 1158 -43.21 50.94 -9.92
N ILE C 1159 -43.14 52.20 -9.50
CA ILE C 1159 -44.26 52.81 -8.79
C ILE C 1159 -45.44 53.02 -9.72
N PHE C 1160 -45.18 53.51 -10.93
CA PHE C 1160 -46.26 53.73 -11.89
C PHE C 1160 -46.72 52.41 -12.51
N GLN C 1161 -45.81 51.48 -12.73
CA GLN C 1161 -46.17 50.20 -13.35
C GLN C 1161 -46.92 49.28 -12.40
N HIS C 1162 -46.87 49.54 -11.09
CA HIS C 1162 -47.59 48.71 -10.15
C HIS C 1162 -49.11 48.87 -10.30
N VAL C 1163 -49.56 50.09 -10.58
CA VAL C 1163 -50.98 50.38 -10.75
C VAL C 1163 -51.39 50.37 -12.22
N CYS C 1164 -50.49 49.97 -13.11
CA CYS C 1164 -50.81 49.93 -14.54
C CYS C 1164 -51.71 48.75 -14.88
N ARG C 1177 -36.96 35.69 -17.19
CA ARG C 1177 -36.12 34.55 -16.83
C ARG C 1177 -36.05 33.55 -17.98
N ASP C 1178 -36.01 34.06 -19.22
CA ASP C 1178 -35.90 33.18 -20.38
C ASP C 1178 -34.60 32.38 -20.33
N TYR C 1179 -33.51 33.02 -19.97
CA TYR C 1179 -32.27 32.34 -19.66
C TYR C 1179 -31.55 33.14 -18.58
N GLY C 1180 -30.64 32.46 -17.88
CA GLY C 1180 -30.02 32.99 -16.69
C GLY C 1180 -30.63 32.47 -15.42
N LEU C 1181 -31.85 31.93 -15.50
CA LEU C 1181 -32.46 31.17 -14.41
C LEU C 1181 -32.82 29.76 -14.82
N LYS C 1182 -33.50 29.59 -15.96
CA LYS C 1182 -33.96 28.30 -16.43
C LYS C 1182 -33.67 28.19 -17.92
N LEU C 1183 -34.21 27.15 -18.55
CA LEU C 1183 -34.08 26.95 -19.98
C LEU C 1183 -35.27 26.14 -20.45
N PHE C 1184 -36.27 26.80 -21.04
CA PHE C 1184 -37.47 26.11 -21.48
C PHE C 1184 -37.17 25.29 -22.73
N ILE C 1185 -37.60 24.03 -22.73
CA ILE C 1185 -37.37 23.13 -23.85
C ILE C 1185 -38.72 22.56 -24.30
N THR C 1186 -38.71 21.95 -25.48
CA THR C 1186 -39.89 21.35 -26.06
C THR C 1186 -39.99 19.88 -25.64
N ASP C 1187 -40.94 19.16 -26.22
CA ASP C 1187 -41.15 17.76 -25.85
C ASP C 1187 -40.05 16.86 -26.42
N ASP C 1188 -39.67 17.08 -27.68
CA ASP C 1188 -38.68 16.21 -28.31
C ASP C 1188 -37.33 16.30 -27.63
N GLU C 1189 -36.90 17.52 -27.31
CA GLU C 1189 -35.65 17.68 -26.56
C GLU C 1189 -35.75 17.03 -25.20
N LEU C 1190 -36.92 17.12 -24.56
CA LEU C 1190 -37.12 16.48 -23.27
C LEU C 1190 -36.95 14.97 -23.36
N LYS C 1191 -37.54 14.36 -24.38
CA LYS C 1191 -37.41 12.92 -24.54
C LYS C 1191 -35.97 12.52 -24.84
N LYS C 1192 -35.28 13.29 -25.70
CA LYS C 1192 -33.89 13.00 -26.01
C LYS C 1192 -33.02 13.10 -24.76
N VAL C 1193 -33.24 14.11 -23.94
CA VAL C 1193 -32.47 14.28 -22.72
C VAL C 1193 -32.74 13.14 -21.75
N HIS C 1194 -34.01 12.71 -21.64
CA HIS C 1194 -34.32 11.59 -20.76
C HIS C 1194 -33.61 10.32 -21.20
N ASP C 1195 -33.62 10.04 -22.51
CA ASP C 1195 -32.93 8.85 -22.99
C ASP C 1195 -31.42 8.95 -22.77
N PHE C 1196 -30.87 10.15 -22.94
CA PHE C 1196 -29.44 10.36 -22.67
C PHE C 1196 -29.11 10.07 -21.21
N GLU C 1197 -29.93 10.59 -20.29
CA GLU C 1197 -29.68 10.37 -18.87
C GLU C 1197 -29.82 8.89 -18.50
N GLU C 1198 -30.80 8.21 -19.09
CA GLU C 1198 -30.96 6.78 -18.84
C GLU C 1198 -29.75 6.00 -19.33
N GLN C 1199 -29.25 6.33 -20.51
CA GLN C 1199 -28.05 5.66 -21.01
C GLN C 1199 -26.86 5.93 -20.09
N CYS C 1200 -26.73 7.16 -19.61
CA CYS C 1200 -25.63 7.49 -18.71
C CYS C 1200 -25.70 6.69 -17.41
N ILE C 1201 -26.89 6.58 -16.81
CA ILE C 1201 -26.98 5.88 -15.53
C ILE C 1201 -26.74 4.38 -15.72
N GLU C 1202 -27.25 3.81 -16.82
CA GLU C 1202 -26.97 2.41 -17.11
C GLU C 1202 -25.48 2.16 -17.29
N GLU C 1203 -24.81 3.03 -18.04
CA GLU C 1203 -23.37 2.89 -18.25
C GLU C 1203 -22.61 3.02 -16.94
N TYR C 1204 -23.02 3.96 -16.09
CA TYR C 1204 -22.35 4.15 -14.81
C TYR C 1204 -22.47 2.92 -13.93
N PHE C 1205 -23.67 2.33 -13.85
CA PHE C 1205 -23.82 1.13 -13.02
C PHE C 1205 -23.02 -0.04 -13.58
N ARG C 1206 -23.02 -0.20 -14.90
CA ARG C 1206 -22.25 -1.29 -15.50
C ARG C 1206 -20.76 -1.10 -15.24
N GLU C 1207 -20.27 0.13 -15.36
CA GLU C 1207 -18.86 0.40 -15.10
C GLU C 1207 -18.52 0.14 -13.64
N LYS C 1208 -19.39 0.53 -12.71
CA LYS C 1208 -19.12 0.26 -11.30
C LYS C 1208 -19.04 -1.23 -11.02
N ASP C 1209 -19.99 -2.01 -11.57
CA ASP C 1209 -19.96 -3.45 -11.35
C ASP C 1209 -18.70 -4.07 -11.97
N ASP C 1210 -18.33 -3.65 -13.16
CA ASP C 1210 -17.14 -4.19 -13.81
C ASP C 1210 -15.88 -3.85 -13.03
N ARG C 1211 -15.80 -2.63 -12.50
CA ARG C 1211 -14.66 -2.25 -11.68
C ARG C 1211 -14.61 -3.06 -10.39
N PHE C 1212 -15.77 -3.32 -9.79
CA PHE C 1212 -15.79 -4.05 -8.52
C PHE C 1212 -15.41 -5.51 -8.71
N ASN C 1213 -15.86 -6.13 -9.80
CA ASN C 1213 -15.59 -7.55 -10.00
C ASN C 1213 -14.17 -7.85 -10.43
N SER C 1214 -13.36 -6.84 -10.71
CA SER C 1214 -11.99 -7.04 -11.14
C SER C 1214 -10.97 -6.58 -10.12
N SER C 1215 -11.41 -6.10 -8.96
CA SER C 1215 -10.47 -5.69 -7.93
C SER C 1215 -9.79 -6.91 -7.30
N ASN C 1216 -8.66 -6.66 -6.65
CA ASN C 1216 -7.86 -7.77 -6.12
C ASN C 1216 -8.58 -8.51 -5.00
N ASP C 1217 -9.29 -7.79 -4.13
CA ASP C 1217 -9.96 -8.44 -3.01
C ASP C 1217 -11.01 -9.42 -3.49
N GLU C 1218 -11.81 -9.02 -4.49
CA GLU C 1218 -12.84 -9.92 -4.99
C GLU C 1218 -12.25 -11.16 -5.63
N ARG C 1219 -11.18 -11.00 -6.42
CA ARG C 1219 -10.55 -12.15 -7.04
C ARG C 1219 -9.96 -13.08 -6.00
N ILE C 1220 -9.33 -12.53 -4.96
CA ILE C 1220 -8.75 -13.36 -3.91
C ILE C 1220 -9.83 -14.15 -3.19
N ARG C 1221 -10.93 -13.47 -2.83
CA ARG C 1221 -12.00 -14.17 -2.09
C ARG C 1221 -12.64 -15.26 -2.94
N VAL C 1222 -12.93 -14.97 -4.20
CA VAL C 1222 -13.57 -15.94 -5.07
C VAL C 1222 -12.63 -17.12 -5.31
N THR C 1223 -11.34 -16.85 -5.52
CA THR C 1223 -10.38 -17.93 -5.72
C THR C 1223 -10.28 -18.80 -4.49
N SER C 1224 -10.27 -18.20 -3.29
CA SER C 1224 -10.20 -18.99 -2.07
C SER C 1224 -11.42 -19.89 -1.92
N GLU C 1225 -12.62 -19.34 -2.17
CA GLU C 1225 -13.83 -20.15 -2.04
C GLU C 1225 -13.84 -21.29 -3.05
N ARG C 1226 -13.48 -21.02 -4.31
CA ARG C 1226 -13.47 -22.07 -5.30
C ARG C 1226 -12.40 -23.11 -5.03
N VAL C 1227 -11.24 -22.70 -4.51
CA VAL C 1227 -10.19 -23.65 -4.17
C VAL C 1227 -10.66 -24.55 -3.03
N GLU C 1228 -11.33 -23.99 -2.02
CA GLU C 1228 -11.82 -24.81 -0.93
C GLU C 1228 -12.87 -25.82 -1.41
N ASN C 1229 -13.81 -25.37 -2.24
CA ASN C 1229 -14.82 -26.27 -2.77
C ASN C 1229 -14.18 -27.37 -3.61
N MET C 1230 -13.21 -27.01 -4.45
CA MET C 1230 -12.51 -27.98 -5.29
C MET C 1230 -11.73 -28.97 -4.44
N SER C 1231 -11.12 -28.50 -3.35
CA SER C 1231 -10.39 -29.40 -2.46
C SER C 1231 -11.32 -30.41 -1.82
N MET C 1232 -12.49 -29.96 -1.36
CA MET C 1232 -13.46 -30.90 -0.80
C MET C 1232 -13.91 -31.91 -1.84
N ARG C 1233 -14.19 -31.44 -3.07
CA ARG C 1233 -14.63 -32.35 -4.12
C ARG C 1233 -13.56 -33.36 -4.49
N LEU C 1234 -12.30 -32.93 -4.53
CA LEU C 1234 -11.22 -33.85 -4.87
C LEU C 1234 -10.96 -34.84 -3.75
N GLU C 1235 -11.15 -34.42 -2.50
CA GLU C 1235 -11.07 -35.36 -1.39
C GLU C 1235 -12.16 -36.42 -1.51
N GLU C 1236 -13.36 -36.00 -1.91
CA GLU C 1236 -14.44 -36.97 -2.16
C GLU C 1236 -14.07 -37.92 -3.29
N VAL C 1237 -13.48 -37.40 -4.37
CA VAL C 1237 -13.12 -38.23 -5.52
C VAL C 1237 -12.06 -39.26 -5.14
N ASN C 1238 -11.01 -38.82 -4.45
CA ASN C 1238 -9.97 -39.74 -4.03
C ASN C 1238 -10.41 -40.65 -2.90
N GLU C 1239 -11.51 -40.31 -2.21
CA GLU C 1239 -12.01 -41.18 -1.15
C GLU C 1239 -12.49 -42.51 -1.71
N ARG C 1240 -13.13 -42.50 -2.87
CA ARG C 1240 -13.63 -43.74 -3.46
C ARG C 1240 -12.46 -44.62 -3.93
N GLU C 1241 -12.63 -45.93 -3.78
CA GLU C 1241 -11.62 -46.90 -4.18
C GLU C 1241 -12.34 -48.06 -4.87
N HIS C 1242 -12.33 -48.05 -6.20
CA HIS C 1242 -12.92 -49.15 -6.97
C HIS C 1242 -11.95 -50.29 -7.20
N SER C 1243 -10.68 -50.13 -6.83
CA SER C 1243 -9.69 -51.19 -6.99
C SER C 1243 -9.96 -52.35 -6.04
N UNK D 1 -47.17 -15.23 41.87
CA UNK D 1 -46.58 -15.00 40.55
C UNK D 1 -47.67 -14.85 39.50
N UNK D 2 -47.32 -15.15 38.25
CA UNK D 2 -48.29 -15.13 37.16
C UNK D 2 -48.56 -16.55 36.71
N UNK D 3 -47.74 -17.47 37.17
CA UNK D 3 -47.88 -18.88 36.84
C UNK D 3 -48.71 -19.60 37.89
N UNK D 4 -49.86 -19.02 38.23
CA UNK D 4 -50.77 -19.63 39.18
C UNK D 4 -51.85 -20.42 38.44
N UNK D 5 -51.52 -20.86 37.23
CA UNK D 5 -52.46 -21.60 36.39
C UNK D 5 -52.12 -23.08 36.38
N UNK D 6 -50.84 -23.39 36.14
CA UNK D 6 -50.38 -24.78 36.11
C UNK D 6 -50.07 -25.28 37.51
N UNK D 7 -50.44 -26.52 37.78
CA UNK D 7 -50.16 -27.14 39.07
C UNK D 7 -49.33 -28.40 38.89
N UNK D 8 -48.41 -28.64 39.82
CA UNK D 8 -47.50 -29.79 39.74
C UNK D 8 -48.22 -31.09 40.05
N UNK D 9 -47.45 -32.13 40.35
CA UNK D 9 -48.01 -33.43 40.68
C UNK D 9 -47.07 -34.21 41.60
N UNK D 10 -47.52 -34.48 42.81
CA UNK D 10 -46.73 -35.22 43.78
C UNK D 10 -47.39 -36.54 44.14
N UNK D 11 -46.59 -37.61 44.26
CA UNK D 11 -47.12 -38.94 44.55
C UNK D 11 -47.70 -39.04 45.96
N UNK D 12 -48.52 -40.05 46.16
CA UNK D 12 -49.14 -40.30 47.46
C UNK D 12 -48.68 -41.63 48.04
N UNK D 13 -49.59 -42.31 48.73
CA UNK D 13 -49.28 -43.61 49.31
C UNK D 13 -49.15 -44.68 48.23
N UNK D 14 -47.94 -44.85 47.71
CA UNK D 14 -47.69 -45.83 46.65
C UNK D 14 -47.67 -47.24 47.22
N UNK D 15 -48.35 -48.15 46.53
CA UNK D 15 -48.46 -49.54 46.95
C UNK D 15 -48.04 -50.50 45.85
N UNK D 16 -46.76 -50.87 45.84
CA UNK D 16 -46.24 -51.80 44.85
C UNK D 16 -44.96 -52.45 45.36
N UNK D 17 -43.95 -52.50 44.48
CA UNK D 17 -42.64 -53.08 44.80
C UNK D 17 -42.73 -54.54 45.25
N ILE E 129 41.35 -64.88 23.07
CA ILE E 129 41.43 -65.33 24.44
C ILE E 129 40.06 -65.27 25.10
N SER E 130 40.01 -65.61 26.39
CA SER E 130 38.75 -65.64 27.14
C SER E 130 38.42 -64.27 27.73
N LYS E 131 38.38 -63.26 26.86
CA LYS E 131 38.10 -61.87 27.24
C LYS E 131 39.02 -61.38 28.35
N HIS E 132 40.31 -61.68 28.20
CA HIS E 132 41.32 -61.29 29.19
C HIS E 132 41.91 -59.95 28.80
N THR E 133 41.22 -58.88 29.19
CA THR E 133 41.64 -57.53 28.91
C THR E 133 41.76 -56.77 30.23
N GLN E 134 42.88 -56.08 30.41
CA GLN E 134 43.10 -55.30 31.62
C GLN E 134 42.17 -54.09 31.64
N LEU E 135 41.69 -53.75 32.85
CA LEU E 135 40.71 -52.67 33.00
C LEU E 135 41.44 -51.35 33.29
N SER E 136 42.15 -50.89 32.27
CA SER E 136 42.80 -49.59 32.34
C SER E 136 41.74 -48.49 32.36
N PRO E 137 42.04 -47.33 32.94
CA PRO E 137 41.05 -46.25 32.96
C PRO E 137 40.80 -45.69 31.57
N THR E 138 39.62 -45.11 31.40
CA THR E 138 39.24 -44.49 30.14
C THR E 138 40.15 -43.31 29.82
N ASP E 139 40.47 -43.15 28.55
CA ASP E 139 41.35 -42.07 28.11
C ASP E 139 40.81 -41.38 26.87
N ALA E 140 39.48 -41.42 26.66
CA ALA E 140 38.87 -40.75 25.50
C ALA E 140 37.47 -40.30 25.91
N PHE E 141 37.38 -39.04 26.34
CA PHE E 141 36.09 -38.47 26.70
C PHE E 141 36.20 -36.95 26.66
N GLY E 142 35.22 -36.30 26.03
CA GLY E 142 35.26 -34.87 25.83
C GLY E 142 34.26 -34.39 24.80
N THR E 143 34.73 -33.62 23.82
CA THR E 143 33.88 -33.11 22.76
C THR E 143 34.60 -33.27 21.43
N ILE E 144 33.84 -33.57 20.38
CA ILE E 144 34.38 -33.69 19.03
C ILE E 144 33.55 -32.82 18.09
N GLU E 145 34.22 -32.20 17.13
CA GLU E 145 33.54 -31.48 16.06
C GLU E 145 33.77 -32.20 14.74
N PHE E 146 32.72 -32.29 13.94
CA PHE E 146 32.77 -33.03 12.68
C PHE E 146 33.20 -32.07 11.58
N GLN E 147 34.36 -32.33 11.00
CA GLN E 147 34.87 -31.54 9.88
C GLN E 147 34.69 -32.33 8.60
N GLY E 148 34.15 -31.68 7.57
CA GLY E 148 33.88 -32.30 6.30
C GLY E 148 32.40 -32.31 5.93
N GLY E 149 31.53 -32.28 6.93
CA GLY E 149 30.11 -32.21 6.68
C GLY E 149 29.69 -30.83 6.24
N GLY E 150 28.40 -30.70 5.96
CA GLY E 150 27.85 -29.43 5.53
C GLY E 150 27.34 -28.59 6.68
N HIS E 151 27.87 -28.83 7.88
CA HIS E 151 27.38 -28.18 9.08
C HIS E 151 28.49 -28.13 10.11
N SER E 152 28.26 -27.36 11.16
CA SER E 152 29.13 -27.29 12.32
C SER E 152 28.37 -27.86 13.51
N ASN E 153 28.79 -29.02 14.00
CA ASN E 153 28.07 -29.71 15.05
C ASN E 153 29.06 -30.19 16.11
N LYS E 154 28.60 -30.21 17.35
CA LYS E 154 29.38 -30.68 18.48
C LYS E 154 28.71 -31.89 19.10
N ALA E 155 29.51 -32.77 19.70
CA ALA E 155 28.98 -34.02 20.23
C ALA E 155 29.86 -34.52 21.35
N MET E 156 29.33 -34.55 22.57
CA MET E 156 30.06 -35.17 23.67
C MET E 156 30.17 -36.66 23.44
N TYR E 157 31.30 -37.23 23.86
CA TYR E 157 31.57 -38.64 23.67
C TYR E 157 32.31 -39.17 24.88
N VAL E 158 31.96 -40.38 25.30
CA VAL E 158 32.64 -41.08 26.39
C VAL E 158 32.74 -42.55 26.00
N ARG E 159 33.95 -43.09 26.05
CA ARG E 159 34.12 -44.53 25.88
C ARG E 159 34.07 -45.20 27.24
N VAL E 160 33.40 -46.35 27.31
CA VAL E 160 33.18 -47.07 28.55
C VAL E 160 33.34 -48.56 28.27
N SER E 161 33.19 -49.36 29.32
CA SER E 161 33.26 -50.81 29.23
C SER E 161 31.86 -51.41 29.27
N PHE E 162 31.76 -52.64 28.77
CA PHE E 162 30.47 -53.32 28.68
C PHE E 162 29.89 -53.70 30.04
N ASP E 163 30.68 -53.60 31.12
CA ASP E 163 30.21 -53.96 32.45
C ASP E 163 29.74 -52.74 33.25
N THR E 164 29.66 -51.57 32.63
CA THR E 164 29.23 -50.38 33.36
C THR E 164 27.76 -50.50 33.75
N LYS E 165 27.47 -50.22 35.01
CA LYS E 165 26.09 -50.30 35.49
C LYS E 165 25.25 -49.19 34.86
N PRO E 166 23.98 -49.46 34.56
CA PRO E 166 23.13 -48.40 33.99
C PRO E 166 22.97 -47.19 34.89
N ASP E 167 22.98 -47.38 36.20
CA ASP E 167 22.85 -46.24 37.10
C ASP E 167 24.03 -45.29 36.98
N LEU E 168 25.24 -45.85 36.81
CA LEU E 168 26.42 -45.01 36.62
C LEU E 168 26.33 -44.22 35.31
N LEU E 169 25.90 -44.87 34.23
CA LEU E 169 25.74 -44.18 32.96
C LEU E 169 24.69 -43.08 33.05
N LEU E 170 23.57 -43.36 33.73
CA LEU E 170 22.55 -42.34 33.90
C LEU E 170 23.05 -41.18 34.74
N HIS E 171 23.89 -41.46 35.75
CA HIS E 171 24.49 -40.38 36.53
C HIS E 171 25.39 -39.52 35.65
N LEU E 172 26.21 -40.15 34.81
CA LEU E 172 27.07 -39.40 33.89
C LEU E 172 26.24 -38.62 32.88
N MET E 173 25.10 -39.15 32.47
CA MET E 173 24.27 -38.49 31.47
C MET E 173 23.54 -37.29 32.05
N THR E 174 23.02 -37.43 33.28
CA THR E 174 22.29 -36.34 33.91
C THR E 174 23.22 -35.26 34.46
N LYS E 175 24.43 -35.64 34.91
CA LYS E 175 25.30 -34.70 35.61
C LYS E 175 26.36 -34.06 34.71
N GLU E 176 27.17 -34.89 34.03
CA GLU E 176 28.25 -34.33 33.24
C GLU E 176 27.76 -33.65 31.97
N TRP E 177 26.65 -34.13 31.39
CA TRP E 177 26.13 -33.58 30.16
C TRP E 177 24.94 -32.66 30.36
N GLN E 178 24.41 -32.57 31.59
CA GLN E 178 23.28 -31.71 31.93
C GLN E 178 22.05 -32.05 31.09
N LEU E 179 21.62 -33.30 31.19
CA LEU E 179 20.43 -33.78 30.50
C LEU E 179 19.40 -34.19 31.55
N GLU E 180 18.22 -33.59 31.47
CA GLU E 180 17.15 -33.92 32.40
C GLU E 180 16.55 -35.28 32.04
N LEU E 181 15.75 -35.80 32.94
CA LEU E 181 15.03 -37.04 32.67
C LEU E 181 14.01 -36.79 31.57
N PRO E 182 13.98 -37.60 30.52
CA PRO E 182 13.08 -37.33 29.39
C PRO E 182 11.65 -37.74 29.71
N LYS E 183 10.73 -37.14 28.96
CA LYS E 183 9.31 -37.46 29.04
C LYS E 183 8.90 -38.52 28.02
N LEU E 184 9.84 -39.04 27.25
CA LEU E 184 9.59 -40.05 26.24
C LEU E 184 10.92 -40.65 25.84
N LEU E 185 10.94 -41.95 25.58
CA LEU E 185 12.16 -42.67 25.21
C LEU E 185 11.86 -43.54 24.00
N ILE E 186 12.57 -43.30 22.91
CA ILE E 186 12.36 -44.01 21.66
C ILE E 186 13.59 -44.86 21.37
N SER E 187 13.39 -46.14 21.14
CA SER E 187 14.46 -47.04 20.72
C SER E 187 14.28 -47.38 19.25
N VAL E 188 15.33 -47.17 18.46
CA VAL E 188 15.27 -47.37 17.02
C VAL E 188 16.19 -48.54 16.66
N HIS E 189 15.62 -49.57 16.06
CA HIS E 189 16.37 -50.71 15.58
C HIS E 189 16.25 -50.82 14.07
N GLY E 190 17.28 -51.37 13.44
CA GLY E 190 17.25 -51.50 12.00
C GLY E 190 18.29 -52.48 11.52
N GLY E 191 18.41 -52.58 10.20
CA GLY E 191 19.39 -53.46 9.61
C GLY E 191 20.78 -52.86 9.64
N LEU E 192 21.75 -53.68 10.02
CA LEU E 192 23.14 -53.26 10.06
C LEU E 192 23.73 -53.07 8.67
N GLN E 193 23.01 -53.47 7.63
CA GLN E 193 23.47 -53.34 6.26
C GLN E 193 23.29 -51.88 5.82
N ASN E 194 23.42 -51.62 4.53
CA ASN E 194 23.34 -50.26 4.02
C ASN E 194 22.17 -50.11 3.06
N PHE E 195 20.99 -50.57 3.50
CA PHE E 195 19.79 -50.55 2.67
C PHE E 195 19.37 -49.12 2.33
N GLU E 196 18.34 -49.03 1.50
CA GLU E 196 17.76 -47.76 1.12
C GLU E 196 16.28 -47.97 0.86
N LEU E 197 15.45 -47.06 1.38
CA LEU E 197 14.01 -47.18 1.28
C LEU E 197 13.48 -46.23 0.21
N GLN E 198 12.23 -46.50 -0.19
CA GLN E 198 11.62 -45.85 -1.33
C GLN E 198 11.40 -44.36 -1.06
N PRO E 199 11.32 -43.55 -2.12
CA PRO E 199 10.91 -42.16 -1.94
C PRO E 199 9.47 -42.08 -1.48
N LYS E 200 9.13 -40.93 -0.90
CA LYS E 200 7.83 -40.58 -0.33
C LYS E 200 7.55 -41.33 0.97
N LEU E 201 8.41 -42.26 1.36
CA LEU E 201 8.33 -42.91 2.67
C LEU E 201 9.39 -42.42 3.64
N LYS E 202 10.61 -42.20 3.16
CA LYS E 202 11.66 -41.69 4.04
C LYS E 202 11.36 -40.26 4.49
N GLN E 203 10.73 -39.46 3.62
CA GLN E 203 10.36 -38.11 4.00
C GLN E 203 9.30 -38.11 5.09
N VAL E 204 8.25 -38.89 4.90
CA VAL E 204 7.16 -38.96 5.88
C VAL E 204 7.68 -39.53 7.20
N PHE E 205 8.47 -40.60 7.13
CA PHE E 205 9.04 -41.19 8.33
C PHE E 205 9.94 -40.22 9.07
N GLY E 206 10.80 -39.52 8.33
CA GLY E 206 11.70 -38.57 8.96
C GLY E 206 10.96 -37.44 9.63
N LYS E 207 9.97 -36.85 8.93
CA LYS E 207 9.21 -35.75 9.52
C LYS E 207 8.41 -36.22 10.73
N GLY E 208 7.81 -37.41 10.66
CA GLY E 208 7.07 -37.92 11.79
C GLY E 208 7.95 -38.15 13.01
N LEU E 209 9.11 -38.79 12.81
CA LEU E 209 10.01 -39.02 13.93
C LEU E 209 10.50 -37.71 14.52
N ILE E 210 10.86 -36.76 13.66
CA ILE E 210 11.37 -35.48 14.16
C ILE E 210 10.29 -34.73 14.93
N LYS E 211 9.06 -34.73 14.43
CA LYS E 211 7.98 -34.07 15.15
C LYS E 211 7.72 -34.74 16.50
N ALA E 212 7.72 -36.08 16.52
CA ALA E 212 7.48 -36.80 17.76
C ALA E 212 8.61 -36.61 18.77
N ALA E 213 9.82 -36.34 18.31
CA ALA E 213 10.92 -36.06 19.23
C ALA E 213 11.07 -34.59 19.56
N MET E 214 10.43 -33.70 18.81
CA MET E 214 10.56 -32.26 19.02
C MET E 214 9.43 -31.67 19.85
N THR E 215 8.17 -32.04 19.57
CA THR E 215 7.06 -31.50 20.36
C THR E 215 7.18 -31.92 21.82
N THR E 216 7.52 -33.18 22.07
CA THR E 216 7.75 -33.69 23.41
C THR E 216 9.23 -33.97 23.59
N GLY E 217 9.78 -33.55 24.74
CA GLY E 217 11.18 -33.80 25.02
C GLY E 217 11.49 -35.28 25.11
N ALA E 218 12.31 -35.79 24.19
CA ALA E 218 12.52 -37.22 24.09
C ALA E 218 13.95 -37.53 23.68
N TRP E 219 14.40 -38.71 24.05
CA TRP E 219 15.70 -39.23 23.65
C TRP E 219 15.54 -40.24 22.54
N ILE E 220 16.43 -40.20 21.56
CA ILE E 220 16.40 -41.12 20.43
C ILE E 220 17.64 -41.99 20.52
N PHE E 221 17.47 -43.23 20.98
CA PHE E 221 18.57 -44.18 21.03
C PHE E 221 18.77 -44.74 19.63
N THR E 222 20.01 -44.72 19.14
CA THR E 222 20.33 -45.24 17.82
C THR E 222 21.56 -46.13 17.91
N GLY E 223 21.86 -46.80 16.79
CA GLY E 223 23.05 -47.61 16.74
C GLY E 223 24.33 -46.80 16.84
N GLY E 224 24.37 -45.66 16.14
CA GLY E 224 25.51 -44.76 16.25
C GLY E 224 26.38 -44.71 15.02
N VAL E 225 26.70 -45.86 14.44
CA VAL E 225 27.53 -45.90 13.24
C VAL E 225 26.71 -45.46 12.04
N ASN E 226 27.40 -45.00 11.00
CA ASN E 226 26.74 -44.47 9.81
C ASN E 226 26.43 -45.59 8.82
N THR E 227 25.47 -46.42 9.21
CA THR E 227 25.02 -47.54 8.38
C THR E 227 23.51 -47.65 8.45
N GLY E 228 22.88 -47.85 7.30
CA GLY E 228 21.48 -48.26 7.27
C GLY E 228 20.54 -47.22 7.81
N VAL E 229 19.69 -47.64 8.76
CA VAL E 229 18.65 -46.79 9.31
C VAL E 229 19.24 -45.61 10.08
N ILE E 230 20.43 -45.76 10.64
CA ILE E 230 21.05 -44.67 11.39
C ILE E 230 21.43 -43.53 10.44
N ARG E 231 21.88 -43.87 9.23
CA ARG E 231 22.11 -42.85 8.23
C ARG E 231 20.81 -42.14 7.86
N HIS E 232 19.70 -42.89 7.81
CA HIS E 232 18.43 -42.29 7.47
C HIS E 232 17.96 -41.32 8.56
N VAL E 233 18.14 -41.68 9.84
CA VAL E 233 17.74 -40.75 10.88
C VAL E 233 18.70 -39.57 10.95
N GLY E 234 19.97 -39.77 10.58
CA GLY E 234 20.87 -38.64 10.46
C GLY E 234 20.43 -37.66 9.39
N ASP E 235 20.01 -38.19 8.24
CA ASP E 235 19.48 -37.33 7.19
C ASP E 235 18.17 -36.66 7.60
N ALA E 236 17.32 -37.37 8.36
CA ALA E 236 16.10 -36.76 8.87
C ALA E 236 16.41 -35.60 9.80
N LEU E 237 17.40 -35.77 10.68
CA LEU E 237 17.85 -34.66 11.52
C LEU E 237 18.44 -33.53 10.67
N LYS E 238 19.10 -33.88 9.57
CA LYS E 238 19.63 -32.86 8.66
C LYS E 238 18.49 -32.06 8.03
N ASP E 239 17.39 -32.71 7.70
CA ASP E 239 16.24 -32.03 7.12
C ASP E 239 15.35 -31.37 8.17
N HIS E 240 15.83 -31.21 9.40
CA HIS E 240 15.08 -30.49 10.42
C HIS E 240 15.90 -29.38 11.05
N ALA E 241 17.22 -29.62 11.23
CA ALA E 241 18.03 -28.71 12.03
C ALA E 241 18.13 -27.33 11.38
N SER E 242 18.33 -27.28 10.07
CA SER E 242 18.40 -26.01 9.37
C SER E 242 17.04 -25.42 9.05
N LYS E 243 15.97 -26.16 9.32
CA LYS E 243 14.61 -25.68 9.05
C LYS E 243 13.88 -25.21 10.29
N SER E 244 14.22 -25.74 11.46
CA SER E 244 13.54 -25.37 12.69
C SER E 244 14.55 -25.29 13.81
N ARG E 245 14.16 -24.61 14.89
CA ARG E 245 15.03 -24.36 16.02
C ARG E 245 15.09 -25.60 16.91
N GLY E 246 15.62 -25.45 18.12
CA GLY E 246 15.62 -26.51 19.09
C GLY E 246 16.71 -27.52 18.83
N LYS E 247 16.96 -28.35 19.84
CA LYS E 247 17.94 -29.41 19.76
C LYS E 247 17.32 -30.72 20.22
N ILE E 248 17.55 -31.78 19.45
CA ILE E 248 17.03 -33.11 19.76
C ILE E 248 18.17 -33.91 20.36
N CYS E 249 17.95 -34.45 21.56
CA CYS E 249 18.99 -35.17 22.28
C CYS E 249 19.03 -36.60 21.76
N THR E 250 19.69 -36.80 20.63
CA THR E 250 19.85 -38.11 20.02
C THR E 250 21.13 -38.74 20.55
N ILE E 251 21.01 -39.94 21.11
CA ILE E 251 22.12 -40.62 21.76
C ILE E 251 22.46 -41.85 20.95
N GLY E 252 23.71 -41.96 20.53
CA GLY E 252 24.15 -43.10 19.76
C GLY E 252 25.09 -44.01 20.52
N ILE E 253 24.65 -45.20 20.87
CA ILE E 253 25.45 -46.16 21.63
C ILE E 253 26.04 -47.13 20.63
N ALA E 254 27.31 -46.94 20.30
CA ALA E 254 27.99 -47.73 19.28
C ALA E 254 29.21 -48.43 19.86
N PRO E 255 29.57 -49.60 19.34
CA PRO E 255 30.78 -50.28 19.81
C PRO E 255 32.04 -49.50 19.46
N TRP E 256 33.07 -49.65 20.32
CA TRP E 256 34.27 -48.84 20.18
C TRP E 256 35.14 -49.31 19.02
N GLY E 257 35.14 -50.61 18.73
CA GLY E 257 36.08 -51.14 17.77
C GLY E 257 35.78 -50.79 16.32
N ILE E 258 34.53 -50.45 16.00
CA ILE E 258 34.13 -50.30 14.60
C ILE E 258 34.31 -48.89 14.07
N VAL E 259 34.65 -47.92 14.92
CA VAL E 259 34.89 -46.57 14.44
C VAL E 259 36.14 -46.56 13.57
N GLU E 260 36.12 -45.74 12.51
CA GLU E 260 37.23 -45.73 11.57
C GLU E 260 38.51 -45.26 12.23
N ASN E 261 38.44 -44.22 13.04
CA ASN E 261 39.59 -43.66 13.72
C ASN E 261 39.43 -43.93 15.21
N GLN E 262 39.98 -45.06 15.67
CA GLN E 262 40.05 -45.30 17.11
C GLN E 262 40.93 -44.24 17.78
N GLU E 263 42.00 -43.85 17.10
CA GLU E 263 42.79 -42.69 17.51
C GLU E 263 42.06 -41.42 17.06
N ASP E 264 42.75 -40.29 17.09
CA ASP E 264 42.21 -38.97 16.76
C ASP E 264 41.10 -38.53 17.72
N LEU E 265 40.83 -39.34 18.76
CA LEU E 265 39.84 -38.99 19.77
C LEU E 265 40.40 -39.16 21.19
N ILE E 266 41.67 -39.55 21.34
CA ILE E 266 42.22 -39.90 22.65
C ILE E 266 42.47 -38.68 23.52
N GLY E 267 42.23 -37.48 23.02
CA GLY E 267 42.38 -36.29 23.84
C GLY E 267 41.32 -36.20 24.93
N ARG E 268 41.74 -36.39 26.18
CA ARG E 268 40.79 -36.38 27.29
C ARG E 268 40.35 -34.96 27.59
N ASP E 269 39.04 -34.76 27.67
CA ASP E 269 38.44 -33.48 28.05
C ASP E 269 38.85 -32.35 27.11
N VAL E 270 39.18 -32.68 25.86
CA VAL E 270 39.63 -31.69 24.89
C VAL E 270 38.90 -31.94 23.58
N VAL E 271 38.84 -30.89 22.77
CA VAL E 271 38.20 -30.97 21.46
C VAL E 271 39.12 -31.71 20.51
N ARG E 272 38.54 -32.60 19.70
CA ARG E 272 39.30 -33.38 18.73
C ARG E 272 38.62 -33.25 17.38
N PRO E 273 39.27 -32.65 16.38
CA PRO E 273 38.68 -32.61 15.03
C PRO E 273 38.48 -34.00 14.47
N TYR E 274 37.37 -34.18 13.76
CA TYR E 274 36.97 -35.46 13.19
C TYR E 274 36.64 -35.28 11.73
N GLN E 275 36.95 -36.29 10.93
CA GLN E 275 36.76 -36.23 9.49
C GLN E 275 35.47 -36.94 9.11
N THR E 276 34.57 -36.20 8.44
CA THR E 276 33.29 -36.79 8.04
C THR E 276 33.46 -37.76 6.89
N MET E 277 34.47 -37.56 6.04
CA MET E 277 34.67 -38.39 4.87
C MET E 277 35.08 -39.80 5.28
N SER E 278 34.48 -40.80 4.62
CA SER E 278 34.75 -42.20 4.88
C SER E 278 35.18 -42.87 3.58
N ASN E 279 36.33 -43.54 3.61
CA ASN E 279 36.78 -44.25 2.42
C ASN E 279 35.99 -45.54 2.25
N PRO E 280 35.70 -45.93 1.00
CA PRO E 280 34.81 -47.09 0.78
C PRO E 280 35.45 -48.43 1.06
N MET E 281 36.78 -48.53 1.06
CA MET E 281 37.43 -49.82 1.25
C MET E 281 37.67 -50.18 2.70
N SER E 282 37.43 -49.25 3.63
CA SER E 282 37.66 -49.54 5.05
C SER E 282 36.54 -50.41 5.60
N LYS E 283 36.93 -51.42 6.37
CA LYS E 283 35.94 -52.22 7.09
C LYS E 283 35.29 -51.42 8.21
N LEU E 284 36.08 -50.64 8.94
CA LEU E 284 35.55 -49.80 10.00
C LEU E 284 34.74 -48.66 9.41
N THR E 285 33.67 -48.28 10.12
CA THR E 285 32.73 -47.27 9.65
C THR E 285 32.79 -46.05 10.55
N VAL E 286 32.65 -44.86 9.95
CA VAL E 286 32.71 -43.63 10.70
C VAL E 286 31.43 -43.44 11.50
N LEU E 287 31.53 -42.68 12.58
CA LEU E 287 30.36 -42.31 13.36
C LEU E 287 29.50 -41.34 12.57
N ASN E 288 28.19 -41.56 12.63
CA ASN E 288 27.26 -40.67 11.96
C ASN E 288 27.30 -39.29 12.58
N SER E 289 27.29 -38.26 11.73
CA SER E 289 27.25 -36.90 12.25
C SER E 289 25.82 -36.55 12.66
N MET E 290 25.68 -35.37 13.25
CA MET E 290 24.40 -34.86 13.73
C MET E 290 23.80 -35.78 14.79
N HIS E 291 24.64 -36.35 15.64
CA HIS E 291 24.22 -37.03 16.86
C HIS E 291 24.76 -36.22 18.03
N SER E 292 23.88 -35.83 18.94
CA SER E 292 24.27 -34.86 19.96
C SER E 292 25.18 -35.47 21.02
N HIS E 293 25.01 -36.74 21.35
CA HIS E 293 25.86 -37.39 22.34
C HIS E 293 26.22 -38.79 21.87
N PHE E 294 27.32 -39.31 22.41
CA PHE E 294 27.80 -40.64 22.05
C PHE E 294 28.21 -41.38 23.31
N ILE E 295 28.10 -42.70 23.27
CA ILE E 295 28.65 -43.59 24.29
C ILE E 295 29.24 -44.78 23.57
N LEU E 296 30.52 -45.04 23.79
CA LEU E 296 31.25 -46.06 23.06
C LEU E 296 31.50 -47.24 24.00
N ALA E 297 31.09 -48.44 23.55
CA ALA E 297 31.25 -49.66 24.32
C ALA E 297 32.44 -50.44 23.81
N ASP E 298 33.28 -50.91 24.72
CA ASP E 298 34.51 -51.61 24.37
C ASP E 298 34.54 -52.97 25.06
N ASN E 299 34.83 -54.02 24.28
CA ASN E 299 35.10 -55.35 24.82
C ASN E 299 36.45 -55.90 24.41
N GLY E 300 37.12 -55.30 23.43
CA GLY E 300 38.46 -55.73 23.07
C GLY E 300 38.67 -55.92 21.58
N THR E 301 37.67 -56.44 20.88
CA THR E 301 37.82 -56.74 19.46
C THR E 301 37.67 -55.49 18.62
N THR E 302 38.00 -55.63 17.34
CA THR E 302 37.91 -54.54 16.36
C THR E 302 37.34 -55.09 15.08
N GLY E 303 36.19 -54.56 14.65
CA GLY E 303 35.48 -55.08 13.50
C GLY E 303 34.37 -56.05 13.83
N LYS E 304 34.06 -56.26 15.11
CA LYS E 304 33.02 -57.17 15.54
C LYS E 304 32.01 -56.45 16.42
N TYR E 305 30.73 -56.74 16.21
CA TYR E 305 29.64 -56.12 16.92
C TYR E 305 29.27 -56.95 18.15
N GLY E 306 28.11 -56.65 18.73
CA GLY E 306 27.61 -57.42 19.86
C GLY E 306 28.33 -57.17 21.16
N ALA E 307 28.66 -55.91 21.44
CA ALA E 307 29.30 -55.53 22.68
C ALA E 307 28.50 -54.53 23.50
N GLU E 308 27.44 -53.95 22.94
CA GLU E 308 26.66 -52.93 23.61
C GLU E 308 25.17 -53.27 23.75
N VAL E 309 24.71 -54.38 23.17
CA VAL E 309 23.29 -54.69 23.16
C VAL E 309 22.78 -54.91 24.58
N LYS E 310 23.52 -55.65 25.40
CA LYS E 310 23.13 -55.84 26.79
C LYS E 310 23.12 -54.51 27.53
N LEU E 311 24.14 -53.69 27.30
CA LEU E 311 24.21 -52.38 27.94
C LEU E 311 23.04 -51.50 27.50
N ARG E 312 22.70 -51.53 26.21
CA ARG E 312 21.61 -50.72 25.69
C ARG E 312 20.28 -51.13 26.31
N ARG E 313 20.01 -52.45 26.34
CA ARG E 313 18.75 -52.91 26.90
C ARG E 313 18.66 -52.62 28.40
N GLN E 314 19.76 -52.81 29.13
CA GLN E 314 19.72 -52.52 30.57
C GLN E 314 19.56 -51.03 30.82
N LEU E 315 20.16 -50.18 29.99
CA LEU E 315 19.97 -48.74 30.14
C LEU E 315 18.51 -48.35 29.88
N GLU E 316 17.90 -48.93 28.85
CA GLU E 316 16.49 -48.65 28.61
C GLU E 316 15.62 -49.12 29.76
N LYS E 317 15.91 -50.31 30.30
CA LYS E 317 15.14 -50.82 31.43
C LYS E 317 15.29 -49.93 32.65
N HIS E 318 16.51 -49.44 32.90
CA HIS E 318 16.73 -48.58 34.06
C HIS E 318 16.08 -47.22 33.88
N ILE E 319 16.05 -46.69 32.66
CA ILE E 319 15.35 -45.43 32.44
C ILE E 319 13.84 -45.62 32.60
N SER E 320 13.32 -46.76 32.15
CA SER E 320 11.88 -47.01 32.25
C SER E 320 11.42 -47.08 33.70
N LEU E 321 12.30 -47.53 34.61
CA LEU E 321 11.93 -47.58 36.02
C LEU E 321 12.00 -46.23 36.70
N GLN E 322 12.68 -45.25 36.10
CA GLN E 322 12.75 -43.92 36.69
C GLN E 322 11.37 -43.26 36.65
N LYS E 323 11.00 -42.66 37.78
CA LYS E 323 9.70 -42.03 37.90
C LYS E 323 9.68 -40.72 37.12
N ILE E 324 8.62 -40.52 36.34
CA ILE E 324 8.40 -39.24 35.68
C ILE E 324 7.98 -38.24 36.74
N ASN E 325 7.95 -36.95 36.39
CA ASN E 325 7.67 -35.91 37.37
C ASN E 325 6.29 -36.06 38.00
N THR E 326 5.32 -36.61 37.26
CA THR E 326 3.97 -36.73 37.78
C THR E 326 3.92 -37.70 38.95
N ARG E 327 3.05 -37.40 39.91
CA ARG E 327 2.90 -38.19 41.12
C ARG E 327 1.86 -39.29 40.97
N ILE E 328 1.34 -39.49 39.76
CA ILE E 328 0.37 -40.56 39.52
C ILE E 328 1.00 -41.92 39.78
N GLY E 329 2.23 -42.11 39.30
CA GLY E 329 2.95 -43.34 39.57
C GLY E 329 3.41 -44.10 38.35
N GLN E 330 3.60 -43.40 37.24
CA GLN E 330 4.09 -44.04 36.02
C GLN E 330 5.51 -43.61 35.72
N GLY E 331 6.30 -44.54 35.19
CA GLY E 331 7.65 -44.25 34.77
C GLY E 331 7.69 -43.64 33.39
N VAL E 332 8.91 -43.40 32.91
CA VAL E 332 9.09 -42.83 31.59
C VAL E 332 8.73 -43.88 30.56
N PRO E 333 7.73 -43.63 29.71
CA PRO E 333 7.31 -44.64 28.75
C PRO E 333 8.32 -44.83 27.64
N VAL E 334 8.47 -46.08 27.20
CA VAL E 334 9.43 -46.46 26.19
C VAL E 334 8.70 -47.05 24.99
N VAL E 335 9.12 -46.67 23.79
CA VAL E 335 8.57 -47.20 22.56
C VAL E 335 9.73 -47.70 21.70
N ALA E 336 9.43 -48.66 20.84
CA ALA E 336 10.43 -49.22 19.93
C ALA E 336 9.94 -49.06 18.49
N LEU E 337 10.82 -48.56 17.63
CA LEU E 337 10.50 -48.32 16.24
C LEU E 337 11.40 -49.19 15.37
N ILE E 338 10.79 -49.91 14.43
CA ILE E 338 11.49 -50.90 13.62
C ILE E 338 11.41 -50.50 12.16
N VAL E 339 12.56 -50.44 11.50
CA VAL E 339 12.65 -50.19 10.07
C VAL E 339 13.65 -51.18 9.48
N GLU E 340 13.27 -51.81 8.37
CA GLU E 340 14.11 -52.79 7.66
C GLU E 340 14.47 -53.97 8.55
N GLY E 341 15.65 -53.93 9.15
CA GLY E 341 16.09 -55.01 10.00
C GLY E 341 16.53 -56.24 9.21
N GLY E 342 16.65 -57.35 9.93
CA GLY E 342 17.10 -58.59 9.37
C GLY E 342 16.62 -59.77 10.19
N PRO E 343 17.50 -60.75 10.40
CA PRO E 343 17.11 -61.89 11.26
C PRO E 343 17.04 -61.53 12.72
N ASN E 344 17.96 -60.72 13.23
CA ASN E 344 18.01 -60.45 14.67
C ASN E 344 16.89 -59.52 15.12
N VAL E 345 16.31 -58.74 14.20
CA VAL E 345 15.28 -57.80 14.60
C VAL E 345 14.04 -58.52 15.09
N ILE E 346 13.77 -59.73 14.58
CA ILE E 346 12.67 -60.53 15.08
C ILE E 346 12.92 -60.90 16.53
N SER E 347 14.15 -61.32 16.85
CA SER E 347 14.49 -61.67 18.22
C SER E 347 14.40 -60.45 19.14
N ILE E 348 14.82 -59.28 18.65
CA ILE E 348 14.76 -58.08 19.47
C ILE E 348 13.31 -57.68 19.75
N VAL E 349 12.45 -57.75 18.73
CA VAL E 349 11.04 -57.45 18.92
C VAL E 349 10.41 -58.45 19.89
N LEU E 350 10.81 -59.72 19.79
CA LEU E 350 10.30 -60.72 20.71
C LEU E 350 10.73 -60.43 22.15
N GLU E 351 11.99 -60.04 22.34
CA GLU E 351 12.45 -59.70 23.69
C GLU E 351 11.72 -58.48 24.23
N TYR E 352 11.47 -57.49 23.38
CA TYR E 352 10.74 -56.30 23.82
C TYR E 352 9.31 -56.64 24.22
N LEU E 353 8.63 -57.46 23.41
CA LEU E 353 7.23 -57.77 23.68
C LEU E 353 7.04 -58.70 24.87
N ARG E 354 8.08 -59.42 25.28
CA ARG E 354 7.96 -60.40 26.35
C ARG E 354 8.38 -59.86 27.71
N ASP E 355 8.93 -58.65 27.78
CA ASP E 355 9.28 -58.08 29.08
C ASP E 355 8.00 -57.77 29.86
N THR E 356 8.07 -57.96 31.18
CA THR E 356 6.91 -57.86 32.05
C THR E 356 6.27 -56.47 31.98
N PRO E 357 7.03 -55.37 31.98
CA PRO E 357 6.48 -54.11 31.46
C PRO E 357 6.65 -54.02 29.96
N PRO E 358 5.70 -54.54 29.18
CA PRO E 358 5.92 -54.68 27.73
C PRO E 358 6.11 -53.34 27.04
N VAL E 359 6.91 -53.36 25.99
CA VAL E 359 7.26 -52.17 25.21
C VAL E 359 6.56 -52.27 23.87
N PRO E 360 5.63 -51.37 23.55
CA PRO E 360 4.95 -51.42 22.25
C PRO E 360 5.91 -51.19 21.11
N VAL E 361 5.62 -51.81 19.97
CA VAL E 361 6.51 -51.83 18.82
C VAL E 361 5.75 -51.32 17.60
N VAL E 362 6.37 -50.40 16.87
CA VAL E 362 5.80 -49.82 15.66
C VAL E 362 6.68 -50.22 14.48
N VAL E 363 6.07 -50.74 13.42
CA VAL E 363 6.79 -51.31 12.29
C VAL E 363 6.34 -50.62 11.00
N CYS E 364 7.29 -50.28 10.14
CA CYS E 364 7.00 -49.73 8.83
C CYS E 364 7.09 -50.83 7.78
N ASP E 365 6.04 -50.96 6.96
CA ASP E 365 5.93 -52.08 6.03
C ASP E 365 6.82 -51.92 4.81
N GLY E 366 6.97 -50.70 4.29
CA GLY E 366 7.58 -50.48 3.01
C GLY E 366 9.08 -50.63 2.94
N SER E 367 9.73 -50.99 4.05
CA SER E 367 11.17 -51.15 4.05
C SER E 367 11.60 -52.32 3.16
N GLY E 368 10.90 -53.45 3.26
CA GLY E 368 11.18 -54.57 2.39
C GLY E 368 11.65 -55.83 3.10
N ARG E 369 12.49 -55.67 4.11
CA ARG E 369 13.02 -56.79 4.88
C ARG E 369 12.02 -57.22 5.95
N ALA E 370 12.50 -57.97 6.95
CA ALA E 370 11.67 -58.62 7.96
C ALA E 370 10.64 -57.72 8.63
N SER E 371 10.77 -56.41 8.47
CA SER E 371 9.66 -55.52 8.81
C SER E 371 8.45 -55.81 7.95
N ASP E 372 8.66 -56.05 6.65
CA ASP E 372 7.57 -56.35 5.74
C ASP E 372 6.90 -57.68 6.08
N ILE E 373 7.69 -58.69 6.45
CA ILE E 373 7.09 -59.97 6.82
C ILE E 373 6.34 -59.85 8.14
N LEU E 374 6.80 -58.98 9.05
CA LEU E 374 6.03 -58.72 10.26
C LEU E 374 4.70 -58.05 9.93
N ALA E 375 4.71 -57.10 8.99
CA ALA E 375 3.47 -56.48 8.56
C ALA E 375 2.52 -57.48 7.91
N PHE E 376 3.07 -58.41 7.13
CA PHE E 376 2.24 -59.45 6.52
C PHE E 376 1.65 -60.38 7.57
N GLY E 377 2.47 -60.82 8.52
CA GLY E 377 1.99 -61.69 9.58
C GLY E 377 1.01 -61.01 10.52
N HIS E 378 1.05 -59.68 10.60
CA HIS E 378 0.01 -58.96 11.35
C HIS E 378 -1.35 -59.14 10.68
N LYS E 379 -1.38 -59.13 9.35
CA LYS E 379 -2.60 -59.37 8.61
C LYS E 379 -2.91 -60.87 8.55
N TYR E 380 -4.20 -61.18 8.52
CA TYR E 380 -4.74 -62.56 8.52
C TYR E 380 -4.02 -63.45 9.54
N SER E 381 -4.09 -63.04 10.79
CA SER E 381 -3.49 -63.79 11.88
C SER E 381 -4.57 -64.59 12.62
N GLU E 382 -4.18 -65.24 13.71
CA GLU E 382 -5.10 -66.05 14.49
C GLU E 382 -5.45 -65.35 15.80
N VAL E 397 -1.58 -70.47 4.43
CA VAL E 397 -0.74 -69.32 4.16
C VAL E 397 0.73 -69.69 4.37
N THR E 398 1.00 -70.98 4.53
CA THR E 398 2.37 -71.43 4.73
C THR E 398 3.24 -71.23 3.49
N ILE E 399 2.62 -71.01 2.31
CA ILE E 399 3.39 -70.73 1.12
C ILE E 399 4.06 -69.37 1.22
N GLN E 400 3.59 -68.52 2.13
CA GLN E 400 4.22 -67.23 2.35
C GLN E 400 5.52 -67.33 3.14
N LYS E 401 6.01 -68.55 3.40
CA LYS E 401 7.35 -68.76 3.92
C LYS E 401 8.41 -68.67 2.82
N THR E 402 8.08 -68.03 1.70
CA THR E 402 9.00 -67.84 0.58
C THR E 402 9.76 -66.53 0.68
N PHE E 403 10.03 -66.06 1.90
CA PHE E 403 10.85 -64.87 2.07
C PHE E 403 12.23 -65.06 1.47
N THR E 404 12.82 -66.25 1.66
CA THR E 404 14.03 -66.71 0.99
C THR E 404 15.16 -65.68 1.03
N TYR E 405 15.30 -64.96 2.14
CA TYR E 405 16.33 -63.94 2.26
C TYR E 405 17.46 -64.36 3.19
N THR E 406 17.28 -65.41 3.98
CA THR E 406 18.38 -65.87 4.84
C THR E 406 18.85 -67.27 4.48
N ARG E 407 17.96 -68.28 4.58
CA ARG E 407 18.35 -69.65 4.24
C ARG E 407 17.25 -70.46 3.57
N THR E 408 16.13 -69.83 3.19
CA THR E 408 14.98 -70.48 2.54
C THR E 408 14.44 -71.57 3.47
N GLN E 409 14.32 -72.82 3.02
CA GLN E 409 13.58 -73.83 3.76
C GLN E 409 14.28 -74.20 5.07
N ALA E 410 15.61 -74.24 5.07
CA ALA E 410 16.34 -74.59 6.28
C ALA E 410 16.20 -73.51 7.34
N GLN E 411 15.80 -72.30 6.94
CA GLN E 411 15.52 -71.22 7.88
C GLN E 411 14.12 -71.44 8.45
N HIS E 412 14.05 -72.07 9.62
CA HIS E 412 12.78 -72.33 10.28
C HIS E 412 12.63 -71.34 11.43
N LEU E 413 11.93 -70.23 11.16
CA LEU E 413 11.60 -69.24 12.19
C LEU E 413 10.11 -69.05 12.32
N PHE E 414 9.31 -70.02 11.88
CA PHE E 414 7.87 -69.93 12.06
C PHE E 414 7.50 -69.92 13.52
N ILE E 415 8.27 -70.61 14.37
CA ILE E 415 8.01 -70.59 15.80
C ILE E 415 8.12 -69.18 16.36
N ILE E 416 9.21 -68.48 16.03
CA ILE E 416 9.41 -67.15 16.58
C ILE E 416 8.43 -66.15 15.95
N LEU E 417 8.08 -66.35 14.68
CA LEU E 417 7.12 -65.44 14.06
C LEU E 417 5.73 -65.62 14.63
N MET E 418 5.31 -66.87 14.87
CA MET E 418 4.03 -67.11 15.53
C MET E 418 4.04 -66.60 16.96
N GLU E 419 5.17 -66.71 17.66
CA GLU E 419 5.27 -66.17 19.00
C GLU E 419 5.12 -64.64 18.99
N CYS E 420 5.71 -63.99 17.98
CA CYS E 420 5.53 -62.55 17.84
C CYS E 420 4.07 -62.20 17.54
N MET E 421 3.43 -62.95 16.66
CA MET E 421 2.04 -62.67 16.31
C MET E 421 1.07 -63.06 17.42
N LYS E 422 1.52 -63.83 18.42
CA LYS E 422 0.67 -64.16 19.55
C LYS E 422 0.28 -62.92 20.34
N LYS E 423 1.19 -61.95 20.44
CA LYS E 423 0.94 -60.68 21.12
C LYS E 423 0.72 -59.55 20.14
N LYS E 424 -0.01 -59.81 19.06
CA LYS E 424 -0.16 -58.83 17.98
C LYS E 424 -0.96 -57.60 18.37
N GLU E 425 -1.61 -57.60 19.53
CA GLU E 425 -2.33 -56.39 19.96
C GLU E 425 -1.37 -55.28 20.33
N LEU E 426 -0.19 -55.60 20.86
CA LEU E 426 0.78 -54.58 21.21
C LEU E 426 1.48 -54.02 19.99
N ILE E 427 1.69 -54.84 18.96
CA ILE E 427 2.28 -54.36 17.72
C ILE E 427 1.31 -53.41 17.03
N THR E 428 1.81 -52.24 16.63
CA THR E 428 1.01 -51.22 15.98
C THR E 428 1.72 -50.85 14.69
N VAL E 429 1.41 -51.59 13.62
CA VAL E 429 2.09 -51.36 12.35
C VAL E 429 1.61 -50.04 11.73
N PHE E 430 2.39 -49.55 10.78
CA PHE E 430 2.13 -48.29 10.12
C PHE E 430 2.11 -48.50 8.61
N ARG E 431 1.06 -47.99 7.96
CA ARG E 431 0.97 -47.92 6.51
C ARG E 431 0.49 -46.53 6.14
N MET E 432 1.01 -46.02 5.01
CA MET E 432 0.82 -44.61 4.69
C MET E 432 -0.63 -44.29 4.36
N GLY E 433 -1.13 -44.86 3.27
CA GLY E 433 -2.47 -44.51 2.82
C GLY E 433 -3.44 -45.68 2.84
N SER E 434 -2.97 -46.85 3.28
CA SER E 434 -3.82 -48.02 3.28
C SER E 434 -4.89 -47.93 4.37
N GLU E 435 -4.47 -47.90 5.63
CA GLU E 435 -5.38 -47.78 6.76
C GLU E 435 -4.55 -47.38 7.98
N GLY E 436 -5.19 -47.39 9.15
CA GLY E 436 -4.48 -47.03 10.36
C GLY E 436 -4.11 -45.56 10.39
N HIS E 437 -3.03 -45.26 11.11
CA HIS E 437 -2.56 -43.90 11.24
C HIS E 437 -1.89 -43.43 9.95
N GLN E 438 -2.12 -42.16 9.62
CA GLN E 438 -1.54 -41.57 8.42
C GLN E 438 -0.22 -40.88 8.67
N ASP E 439 0.02 -40.43 9.90
CA ASP E 439 1.28 -39.80 10.28
C ASP E 439 2.03 -40.71 11.24
N ILE E 440 3.34 -40.87 11.01
CA ILE E 440 4.15 -41.63 11.95
C ILE E 440 4.18 -40.94 13.30
N ASP E 441 4.12 -39.61 13.33
CA ASP E 441 4.07 -38.88 14.59
C ASP E 441 2.85 -39.28 15.41
N LEU E 442 1.69 -39.41 14.77
CA LEU E 442 0.52 -39.88 15.49
C LEU E 442 0.60 -41.37 15.79
N ALA E 443 1.31 -42.13 14.94
CA ALA E 443 1.40 -43.57 15.16
C ALA E 443 2.22 -43.90 16.40
N ILE E 444 3.34 -43.19 16.61
CA ILE E 444 4.20 -43.49 17.73
C ILE E 444 3.53 -43.12 19.05
N LEU E 445 2.94 -41.92 19.10
CA LEU E 445 2.35 -41.45 20.35
C LEU E 445 1.16 -42.30 20.76
N THR E 446 0.32 -42.69 19.81
CA THR E 446 -0.84 -43.51 20.13
C THR E 446 -0.47 -44.91 20.57
N ALA E 447 0.74 -45.38 20.25
CA ALA E 447 1.19 -46.66 20.73
C ALA E 447 1.47 -46.64 22.23
N LEU E 448 1.98 -45.51 22.74
CA LEU E 448 2.24 -45.38 24.17
C LEU E 448 0.95 -45.34 24.97
N LEU E 449 -0.11 -44.73 24.43
CA LEU E 449 -1.36 -44.60 25.16
C LEU E 449 -2.04 -45.96 25.32
N LYS E 450 -2.42 -46.59 24.21
CA LYS E 450 -3.10 -47.87 24.28
C LYS E 450 -2.17 -48.99 24.73
N GLY E 451 -0.86 -48.78 24.70
CA GLY E 451 0.06 -49.80 25.16
C GLY E 451 0.12 -49.92 26.67
N ALA E 452 -0.11 -48.80 27.37
CA ALA E 452 -0.06 -48.83 28.83
C ALA E 452 -1.26 -49.56 29.43
N ASN E 453 -2.43 -49.43 28.80
CA ASN E 453 -3.68 -50.04 29.26
C ASN E 453 -3.99 -49.65 30.71
N ALA E 454 -3.72 -48.38 31.04
CA ALA E 454 -3.93 -47.87 32.37
C ALA E 454 -5.26 -47.12 32.43
N SER E 455 -5.52 -46.48 33.57
CA SER E 455 -6.74 -45.70 33.73
C SER E 455 -6.65 -44.41 32.91
N ALA E 456 -7.82 -43.80 32.70
CA ALA E 456 -7.88 -42.52 32.00
C ALA E 456 -7.05 -41.42 32.64
N PRO E 457 -7.02 -41.24 33.96
CA PRO E 457 -6.15 -40.18 34.52
C PRO E 457 -4.68 -40.35 34.19
N ASP E 458 -4.19 -41.58 34.07
CA ASP E 458 -2.78 -41.77 33.72
C ASP E 458 -2.49 -41.32 32.30
N GLN E 459 -3.36 -41.68 31.34
CA GLN E 459 -3.20 -41.20 29.97
C GLN E 459 -3.31 -39.69 29.91
N LEU E 460 -4.24 -39.11 30.67
CA LEU E 460 -4.39 -37.66 30.67
C LEU E 460 -3.15 -36.99 31.25
N SER E 461 -2.57 -37.56 32.30
CA SER E 461 -1.35 -37.00 32.88
C SER E 461 -0.19 -37.11 31.91
N LEU E 462 -0.10 -38.21 31.16
CA LEU E 462 0.94 -38.35 30.14
C LEU E 462 0.79 -37.26 29.07
N ALA E 463 -0.43 -37.08 28.58
CA ALA E 463 -0.66 -36.06 27.57
C ALA E 463 -0.39 -34.66 28.09
N LEU E 464 -0.70 -34.42 29.37
CA LEU E 464 -0.41 -33.13 29.98
C LEU E 464 1.09 -32.89 30.09
N ALA E 465 1.85 -33.92 30.44
CA ALA E 465 3.30 -33.78 30.54
C ALA E 465 3.94 -33.57 29.18
N TRP E 466 3.42 -34.24 28.15
CA TRP E 466 3.99 -34.08 26.81
C TRP E 466 3.60 -32.75 26.17
N ASN E 467 2.62 -32.06 26.72
CA ASN E 467 2.05 -30.85 26.13
C ASN E 467 1.59 -31.11 24.70
N ARG E 468 0.80 -32.17 24.56
CA ARG E 468 0.15 -32.52 23.30
C ARG E 468 -1.35 -32.50 23.54
N VAL E 469 -2.02 -31.45 23.05
CA VAL E 469 -3.43 -31.27 23.36
C VAL E 469 -4.34 -32.04 22.41
N ASP E 470 -4.00 -32.10 21.12
CA ASP E 470 -4.88 -32.75 20.15
C ASP E 470 -4.96 -34.26 20.38
N ILE E 471 -3.87 -34.87 20.89
CA ILE E 471 -3.90 -36.28 21.21
C ILE E 471 -4.92 -36.56 22.31
N ALA E 472 -4.93 -35.73 23.36
CA ALA E 472 -5.93 -35.86 24.41
C ALA E 472 -7.32 -35.55 23.88
N ARG E 473 -7.43 -34.58 22.98
CA ARG E 473 -8.73 -34.20 22.44
C ARG E 473 -9.35 -35.33 21.63
N SER E 474 -8.54 -36.06 20.87
CA SER E 474 -9.05 -37.14 20.04
C SER E 474 -9.05 -38.48 20.78
N GLN E 475 -7.88 -38.91 21.25
CA GLN E 475 -7.76 -40.27 21.77
C GLN E 475 -8.37 -40.41 23.16
N ILE E 476 -8.24 -39.40 24.01
CA ILE E 476 -8.64 -39.57 25.41
C ILE E 476 -10.13 -39.32 25.58
N PHE E 477 -10.58 -38.10 25.30
CA PHE E 477 -11.99 -37.74 25.53
C PHE E 477 -12.85 -38.36 24.45
N ILE E 478 -13.36 -39.56 24.73
CA ILE E 478 -14.19 -40.31 23.79
C ILE E 478 -15.48 -40.75 24.46
N TYR E 479 -16.27 -41.54 23.73
CA TYR E 479 -17.60 -41.95 24.18
C TYR E 479 -17.50 -42.78 25.45
N GLY E 480 -18.02 -42.24 26.55
CA GLY E 480 -18.10 -42.98 27.79
C GLY E 480 -16.76 -43.30 28.41
N GLN E 481 -15.99 -42.27 28.75
CA GLN E 481 -14.67 -42.49 29.34
C GLN E 481 -14.78 -43.06 30.75
N GLN E 482 -15.90 -42.80 31.44
CA GLN E 482 -16.11 -43.20 32.84
C GLN E 482 -14.99 -42.66 33.73
N TRP E 483 -14.96 -41.34 33.83
CA TRP E 483 -13.96 -40.68 34.66
C TRP E 483 -14.21 -40.97 36.13
N PRO E 484 -13.18 -41.38 36.87
CA PRO E 484 -13.35 -41.52 38.33
C PRO E 484 -13.63 -40.18 38.97
N VAL E 485 -14.36 -40.23 40.09
CA VAL E 485 -14.76 -39.01 40.78
C VAL E 485 -13.52 -38.33 41.36
N GLY E 486 -13.39 -37.03 41.11
CA GLY E 486 -12.25 -36.27 41.56
C GLY E 486 -11.05 -36.28 40.64
N SER E 487 -11.11 -37.03 39.53
CA SER E 487 -9.99 -37.07 38.60
C SER E 487 -9.87 -35.79 37.79
N LEU E 488 -10.99 -35.28 37.28
CA LEU E 488 -10.95 -34.10 36.43
C LEU E 488 -10.44 -32.88 37.17
N GLU E 489 -10.88 -32.70 38.43
CA GLU E 489 -10.41 -31.55 39.20
C GLU E 489 -8.92 -31.68 39.54
N GLN E 490 -8.45 -32.90 39.82
CA GLN E 490 -7.02 -33.08 40.05
C GLN E 490 -6.22 -32.77 38.79
N ALA E 491 -6.72 -33.19 37.63
CA ALA E 491 -6.05 -32.85 36.38
C ALA E 491 -6.07 -31.35 36.12
N MET E 492 -7.15 -30.66 36.46
CA MET E 492 -7.19 -29.21 36.33
C MET E 492 -6.16 -28.54 37.23
N LEU E 493 -6.04 -29.02 38.47
CA LEU E 493 -5.04 -28.47 39.39
C LEU E 493 -3.64 -28.71 38.86
N ASP E 494 -3.38 -29.89 38.28
CA ASP E 494 -2.08 -30.16 37.71
C ASP E 494 -1.81 -29.32 36.48
N ALA E 495 -2.82 -29.06 35.67
CA ALA E 495 -2.64 -28.27 34.46
C ALA E 495 -2.42 -26.80 34.77
N LEU E 496 -3.02 -26.29 35.85
CA LEU E 496 -2.84 -24.88 36.20
C LEU E 496 -1.38 -24.58 36.54
N VAL E 497 -0.76 -25.39 37.39
CA VAL E 497 0.57 -25.08 37.87
C VAL E 497 1.63 -25.23 36.79
N LEU E 498 1.35 -25.99 35.74
CA LEU E 498 2.31 -26.20 34.67
C LEU E 498 2.15 -25.23 33.52
N ASP E 499 1.22 -24.27 33.61
CA ASP E 499 0.99 -23.25 32.60
C ASP E 499 0.65 -23.87 31.25
N ARG E 500 -0.49 -24.56 31.22
CA ARG E 500 -1.02 -25.17 29.99
C ARG E 500 -2.39 -24.54 29.72
N VAL E 501 -2.42 -23.49 28.90
CA VAL E 501 -3.68 -22.81 28.62
C VAL E 501 -4.64 -23.73 27.86
N ASP E 502 -4.12 -24.46 26.87
CA ASP E 502 -4.98 -25.30 26.05
C ASP E 502 -5.63 -26.41 26.87
N PHE E 503 -4.88 -27.02 27.78
CA PHE E 503 -5.46 -28.09 28.59
C PHE E 503 -6.46 -27.56 29.60
N VAL E 504 -6.22 -26.39 30.17
CA VAL E 504 -7.21 -25.79 31.07
C VAL E 504 -8.50 -25.51 30.32
N LYS E 505 -8.39 -24.95 29.11
CA LYS E 505 -9.58 -24.71 28.31
C LYS E 505 -10.30 -26.01 27.97
N LEU E 506 -9.54 -27.05 27.62
CA LEU E 506 -10.14 -28.32 27.26
C LEU E 506 -10.87 -28.96 28.44
N LEU E 507 -10.26 -28.90 29.63
CA LEU E 507 -10.92 -29.45 30.80
C LEU E 507 -12.15 -28.64 31.19
N ILE E 508 -12.11 -27.32 31.01
CA ILE E 508 -13.30 -26.51 31.24
C ILE E 508 -14.41 -26.89 30.27
N GLU E 509 -14.06 -27.16 29.02
CA GLU E 509 -15.05 -27.52 28.00
C GLU E 509 -15.71 -28.86 28.25
N ASN E 510 -15.21 -29.66 29.18
CA ASN E 510 -15.72 -31.02 29.38
C ASN E 510 -16.10 -31.24 30.85
N GLY E 511 -16.82 -30.29 31.44
CA GLY E 511 -17.51 -30.51 32.68
C GLY E 511 -16.86 -29.92 33.93
N VAL E 512 -15.61 -29.48 33.85
CA VAL E 512 -14.95 -28.93 35.04
C VAL E 512 -15.41 -27.50 35.23
N SER E 513 -15.96 -27.20 36.41
CA SER E 513 -16.47 -25.88 36.72
C SER E 513 -15.59 -25.23 37.79
N MET E 514 -15.15 -24.01 37.51
CA MET E 514 -14.27 -23.31 38.44
C MET E 514 -14.97 -22.92 39.73
N HIS E 515 -16.30 -22.78 39.71
CA HIS E 515 -17.03 -22.39 40.91
C HIS E 515 -16.98 -23.47 41.99
N ARG E 516 -16.76 -24.72 41.61
CA ARG E 516 -16.58 -25.80 42.56
C ARG E 516 -15.14 -26.24 42.70
N PHE E 517 -14.33 -26.06 41.65
CA PHE E 517 -12.94 -26.45 41.70
C PHE E 517 -12.15 -25.57 42.66
N LEU E 518 -12.30 -24.25 42.53
CA LEU E 518 -11.47 -23.32 43.28
C LEU E 518 -11.92 -23.25 44.73
N THR E 519 -10.97 -23.38 45.64
CA THR E 519 -11.18 -23.19 47.07
C THR E 519 -10.06 -22.32 47.61
N ILE E 520 -10.06 -22.11 48.93
CA ILE E 520 -8.98 -21.37 49.56
C ILE E 520 -7.69 -22.18 49.53
N SER E 521 -7.80 -23.48 49.81
CA SER E 521 -6.61 -24.34 49.84
C SER E 521 -5.98 -24.47 48.46
N ARG E 522 -6.79 -24.66 47.42
CA ARG E 522 -6.24 -24.81 46.08
C ARG E 522 -5.60 -23.53 45.59
N LEU E 523 -6.21 -22.38 45.87
CA LEU E 523 -5.59 -21.11 45.53
C LEU E 523 -4.29 -20.91 46.28
N GLU E 524 -4.27 -21.32 47.55
CA GLU E 524 -3.04 -21.23 48.34
C GLU E 524 -1.94 -22.08 47.74
N GLU E 525 -2.28 -23.29 47.29
CA GLU E 525 -1.30 -24.14 46.62
C GLU E 525 -0.85 -23.52 45.30
N LEU E 526 -1.75 -22.86 44.58
CA LEU E 526 -1.39 -22.20 43.34
C LEU E 526 -0.37 -21.09 43.58
N TYR E 527 -0.52 -20.34 44.66
CA TYR E 527 0.39 -19.23 44.91
C TYR E 527 1.77 -19.69 45.38
N ASN E 528 1.93 -20.94 45.79
CA ASN E 528 3.21 -21.45 46.27
C ASN E 528 3.84 -22.45 45.30
N THR E 529 3.42 -22.44 44.03
CA THR E 529 3.90 -23.43 43.08
C THR E 529 5.35 -23.16 42.70
N ARG E 530 5.99 -24.18 42.13
CA ARG E 530 7.35 -24.09 41.66
C ARG E 530 7.56 -24.57 40.23
N HIS E 531 6.64 -25.34 39.68
CA HIS E 531 6.82 -25.93 38.35
C HIS E 531 6.30 -25.00 37.26
N GLY E 532 6.85 -23.79 37.24
CA GLY E 532 6.43 -22.80 36.28
C GLY E 532 7.53 -21.82 35.93
N PRO E 533 7.21 -20.85 35.08
CA PRO E 533 8.22 -19.85 34.69
C PRO E 533 8.60 -18.95 35.85
N SER E 534 9.67 -18.18 35.64
CA SER E 534 10.18 -17.31 36.68
C SER E 534 9.20 -16.18 36.96
N ASN E 535 9.15 -15.76 38.23
CA ASN E 535 8.25 -14.70 38.67
C ASN E 535 8.93 -13.89 39.75
N THR E 536 8.44 -12.68 39.97
CA THR E 536 8.97 -11.78 41.00
C THR E 536 8.00 -11.63 42.17
N LEU E 537 7.17 -12.64 42.43
CA LEU E 537 6.24 -12.54 43.54
C LEU E 537 6.95 -12.67 44.88
N TYR E 538 7.95 -13.53 44.96
CA TYR E 538 8.64 -13.75 46.23
C TYR E 538 9.39 -12.49 46.67
N HIS E 539 10.02 -11.78 45.73
CA HIS E 539 10.73 -10.56 46.10
C HIS E 539 9.78 -9.49 46.60
N LEU E 540 8.62 -9.36 45.96
CA LEU E 540 7.62 -8.41 46.44
C LEU E 540 7.12 -8.79 47.83
N VAL E 541 6.90 -10.09 48.07
CA VAL E 541 6.46 -10.54 49.39
C VAL E 541 7.52 -10.23 50.43
N ARG E 542 8.78 -10.47 50.10
CA ARG E 542 9.87 -10.16 51.03
C ARG E 542 9.95 -8.66 51.32
N ASP E 543 9.78 -7.83 50.29
CA ASP E 543 9.87 -6.39 50.50
C ASP E 543 8.71 -5.86 51.33
N VAL E 544 7.51 -6.39 51.11
CA VAL E 544 6.35 -5.96 51.90
C VAL E 544 6.54 -6.36 53.36
N LYS E 545 7.01 -7.58 53.60
CA LYS E 545 7.24 -8.06 54.96
C LYS E 545 8.59 -7.62 55.51
N LYS E 546 9.28 -6.71 54.83
CA LYS E 546 10.53 -6.11 55.30
C LYS E 546 11.63 -7.15 55.53
N GLY E 547 11.63 -8.21 54.72
CA GLY E 547 12.70 -9.19 54.75
C GLY E 547 12.83 -9.95 56.05
N ASN E 548 11.72 -10.21 56.73
CA ASN E 548 11.73 -10.95 58.00
C ASN E 548 11.31 -12.41 57.81
N LEU E 549 11.13 -12.86 56.58
CA LEU E 549 10.64 -14.20 56.35
C LEU E 549 11.72 -15.24 56.65
N PRO E 550 11.33 -16.39 57.19
CA PRO E 550 12.27 -17.51 57.35
C PRO E 550 12.54 -18.16 56.01
N PRO E 551 13.53 -19.04 55.93
CA PRO E 551 13.75 -19.78 54.68
C PRO E 551 12.54 -20.63 54.34
N ASP E 552 12.31 -20.79 53.03
CA ASP E 552 11.13 -21.44 52.44
C ASP E 552 9.84 -21.10 53.18
N TYR E 553 9.66 -19.80 53.42
CA TYR E 553 8.46 -19.33 54.10
C TYR E 553 7.24 -19.50 53.20
N ARG E 554 6.21 -20.13 53.74
CA ARG E 554 5.01 -20.43 52.96
C ARG E 554 4.13 -19.21 52.87
N ILE E 555 3.91 -18.73 51.64
CA ILE E 555 3.08 -17.55 51.42
C ILE E 555 1.64 -17.87 51.80
N SER E 556 0.92 -16.88 52.32
CA SER E 556 -0.49 -16.99 52.65
C SER E 556 -1.26 -15.90 51.93
N LEU E 557 -2.59 -16.06 51.89
CA LEU E 557 -3.43 -15.11 51.17
C LEU E 557 -3.35 -13.72 51.78
N ILE E 558 -3.12 -13.61 53.08
CA ILE E 558 -2.98 -12.31 53.70
C ILE E 558 -1.73 -11.61 53.18
N ASP E 559 -0.66 -12.36 52.92
CA ASP E 559 0.53 -11.77 52.33
C ASP E 559 0.24 -11.25 50.92
N ILE E 560 -0.55 -12.01 50.15
CA ILE E 560 -0.92 -11.55 48.81
C ILE E 560 -1.77 -10.29 48.90
N GLY E 561 -2.67 -10.22 49.88
CA GLY E 561 -3.44 -9.01 50.07
C GLY E 561 -2.58 -7.81 50.41
N LEU E 562 -1.58 -8.03 51.26
CA LEU E 562 -0.63 -6.94 51.58
C LEU E 562 0.13 -6.50 50.34
N VAL E 563 0.55 -7.46 49.51
CA VAL E 563 1.26 -7.12 48.28
C VAL E 563 0.37 -6.31 47.35
N ILE E 564 -0.90 -6.70 47.21
CA ILE E 564 -1.81 -5.96 46.35
C ILE E 564 -2.04 -4.56 46.88
N GLU E 565 -2.25 -4.41 48.18
CA GLU E 565 -2.47 -3.09 48.76
C GLU E 565 -1.23 -2.21 48.64
N TYR E 566 -0.05 -2.83 48.65
CA TYR E 566 1.18 -2.07 48.44
C TYR E 566 1.32 -1.64 46.98
N LEU E 567 0.93 -2.51 46.04
CA LEU E 567 1.11 -2.20 44.63
C LEU E 567 0.10 -1.19 44.12
N MET E 568 -1.15 -1.28 44.56
CA MET E 568 -2.21 -0.47 43.95
C MET E 568 -2.03 1.01 44.23
N GLY E 569 -1.83 1.37 45.49
CA GLY E 569 -1.73 2.78 45.82
C GLY E 569 -1.92 3.01 47.31
N GLY E 570 -2.51 4.15 47.63
CA GLY E 570 -2.66 4.54 49.02
C GLY E 570 -4.02 4.21 49.60
N ALA E 571 -5.09 4.58 48.90
CA ALA E 571 -6.43 4.39 49.41
C ALA E 571 -6.99 3.00 49.14
N TYR E 572 -6.22 2.15 48.46
CA TYR E 572 -6.73 0.82 48.13
C TYR E 572 -6.82 -0.05 49.38
N ARG E 573 -7.81 -0.94 49.39
CA ARG E 573 -8.04 -1.85 50.52
C ARG E 573 -8.49 -3.18 49.94
N CYS E 574 -7.56 -4.12 49.83
CA CYS E 574 -7.86 -5.41 49.21
C CYS E 574 -8.84 -6.20 50.05
N ASN E 575 -9.62 -7.06 49.38
CA ASN E 575 -10.62 -7.86 50.05
C ASN E 575 -10.01 -8.94 50.94
N TYR E 576 -8.73 -9.27 50.74
CA TYR E 576 -8.10 -10.30 51.56
C TYR E 576 -7.79 -9.81 52.97
N THR E 577 -7.49 -8.52 53.14
CA THR E 577 -7.05 -8.00 54.42
C THR E 577 -8.21 -7.44 55.26
N ARG E 578 -9.44 -7.56 54.80
CA ARG E 578 -10.57 -7.13 55.62
C ARG E 578 -10.77 -8.10 56.78
N LYS E 579 -11.54 -7.64 57.77
CA LYS E 579 -11.69 -8.43 59.00
C LYS E 579 -12.47 -9.71 58.78
N ARG E 580 -13.50 -9.68 57.93
CA ARG E 580 -14.32 -10.87 57.73
C ARG E 580 -13.50 -12.02 57.15
N PHE E 581 -12.69 -11.73 56.13
CA PHE E 581 -11.87 -12.77 55.53
C PHE E 581 -10.78 -13.25 56.48
N ARG E 582 -10.21 -12.35 57.28
CA ARG E 582 -9.22 -12.79 58.26
C ARG E 582 -9.84 -13.70 59.30
N THR E 583 -11.07 -13.41 59.71
CA THR E 583 -11.77 -14.31 60.64
C THR E 583 -12.03 -15.66 59.98
N LEU E 584 -12.49 -15.66 58.73
CA LEU E 584 -12.76 -16.93 58.07
C LEU E 584 -11.49 -17.72 57.77
N TYR E 585 -10.35 -17.05 57.69
CA TYR E 585 -9.08 -17.73 57.43
C TYR E 585 -8.40 -18.19 58.71
N HIS E 586 -8.65 -17.51 59.84
CA HIS E 586 -8.06 -17.94 61.10
C HIS E 586 -8.66 -19.26 61.58
N ASN E 587 -9.98 -19.39 61.52
CA ASN E 587 -10.68 -20.55 62.05
C ASN E 587 -10.74 -21.71 61.06
N LEU E 588 -9.82 -21.78 60.11
CA LEU E 588 -9.82 -22.84 59.12
C LEU E 588 -8.43 -23.03 58.55
N ASN E 632 -13.31 -22.93 51.06
CA ASN E 632 -14.73 -22.68 51.20
C ASN E 632 -15.37 -22.44 49.83
N HIS E 633 -15.81 -21.21 49.61
CA HIS E 633 -16.40 -20.82 48.33
C HIS E 633 -15.78 -19.49 47.91
N PHE E 634 -15.79 -19.23 46.61
CA PHE E 634 -15.39 -17.94 46.06
C PHE E 634 -16.48 -17.47 45.11
N PRO E 635 -17.18 -16.38 45.41
CA PRO E 635 -18.29 -15.96 44.57
C PRO E 635 -17.89 -15.64 43.14
N PHE E 636 -16.70 -15.10 42.92
CA PHE E 636 -16.20 -14.78 41.59
C PHE E 636 -14.81 -15.36 41.43
N PRO E 637 -14.71 -16.64 41.04
CA PRO E 637 -13.39 -17.28 40.95
C PRO E 637 -12.46 -16.63 39.95
N PHE E 638 -13.00 -16.14 38.83
CA PHE E 638 -12.14 -15.62 37.78
C PHE E 638 -11.41 -14.34 38.18
N HIS E 639 -11.96 -13.57 39.12
CA HIS E 639 -11.22 -12.42 39.65
C HIS E 639 -9.91 -12.88 40.29
N GLU E 640 -9.98 -13.85 41.19
CA GLU E 640 -8.78 -14.33 41.85
C GLU E 640 -7.85 -15.06 40.89
N LEU E 641 -8.40 -15.81 39.93
CA LEU E 641 -7.54 -16.47 38.96
C LEU E 641 -6.81 -15.45 38.08
N MET E 642 -7.50 -14.39 37.66
CA MET E 642 -6.85 -13.35 36.87
C MET E 642 -5.77 -12.64 37.67
N VAL E 643 -6.04 -12.34 38.95
CA VAL E 643 -5.03 -11.68 39.75
C VAL E 643 -3.81 -12.59 39.94
N TRP E 644 -4.04 -13.88 40.18
CA TRP E 644 -2.95 -14.83 40.31
C TRP E 644 -2.13 -14.90 39.04
N ALA E 645 -2.79 -14.94 37.88
CA ALA E 645 -2.06 -15.00 36.62
C ALA E 645 -1.27 -13.73 36.36
N VAL E 646 -1.80 -12.57 36.75
CA VAL E 646 -1.07 -11.32 36.53
C VAL E 646 0.14 -11.25 37.44
N LEU E 647 -0.01 -11.62 38.71
CA LEU E 647 1.09 -11.46 39.67
C LEU E 647 2.25 -12.39 39.36
N MET E 648 1.98 -13.62 38.94
CA MET E 648 3.03 -14.58 38.66
C MET E 648 3.57 -14.47 37.23
N LYS E 649 3.17 -13.44 36.49
CA LYS E 649 3.70 -13.14 35.15
C LYS E 649 3.44 -14.30 34.19
N ARG E 650 2.18 -14.67 34.04
CA ARG E 650 1.74 -15.64 33.04
C ARG E 650 0.71 -14.94 32.18
N GLN E 651 1.16 -14.39 31.05
CA GLN E 651 0.30 -13.50 30.28
C GLN E 651 -0.84 -14.25 29.61
N LYS E 652 -0.56 -15.41 29.01
CA LYS E 652 -1.59 -16.14 28.30
C LYS E 652 -2.72 -16.58 29.22
N MET E 653 -2.38 -17.04 30.42
CA MET E 653 -3.40 -17.41 31.39
C MET E 653 -4.23 -16.20 31.79
N ALA E 654 -3.58 -15.04 31.97
CA ALA E 654 -4.32 -13.83 32.31
C ALA E 654 -5.29 -13.45 31.21
N LEU E 655 -4.85 -13.53 29.96
CA LEU E 655 -5.74 -13.18 28.86
C LEU E 655 -6.87 -14.18 28.69
N PHE E 656 -6.64 -15.45 29.05
CA PHE E 656 -7.73 -16.41 29.01
C PHE E 656 -8.74 -16.14 30.12
N PHE E 657 -8.26 -15.84 31.32
CA PHE E 657 -9.17 -15.57 32.43
C PHE E 657 -9.86 -14.23 32.32
N TRP E 658 -9.34 -13.31 31.50
CA TRP E 658 -9.94 -11.99 31.40
C TRP E 658 -11.33 -12.03 30.80
N GLN E 659 -11.53 -12.85 29.77
CA GLN E 659 -12.77 -12.79 29.02
C GLN E 659 -13.90 -13.59 29.64
N HIS E 660 -13.64 -14.33 30.71
CA HIS E 660 -14.67 -15.12 31.39
C HIS E 660 -15.06 -14.44 32.69
N GLY E 661 -16.35 -14.27 32.90
CA GLY E 661 -16.85 -13.71 34.13
C GLY E 661 -17.37 -12.29 33.95
N GLU E 662 -17.69 -11.67 35.08
CA GLU E 662 -18.26 -10.33 35.13
C GLU E 662 -17.18 -9.29 35.39
N GLU E 663 -17.54 -8.03 35.13
CA GLU E 663 -16.68 -6.87 35.37
C GLU E 663 -15.36 -7.00 34.58
N ALA E 664 -15.50 -7.01 33.26
CA ALA E 664 -14.32 -7.17 32.41
C ALA E 664 -13.46 -5.92 32.43
N MET E 665 -14.08 -4.74 32.38
CA MET E 665 -13.29 -3.50 32.34
C MET E 665 -12.54 -3.27 33.65
N ALA E 666 -13.16 -3.58 34.78
CA ALA E 666 -12.47 -3.45 36.05
C ALA E 666 -11.25 -4.36 36.12
N LYS E 667 -11.40 -5.60 35.66
CA LYS E 667 -10.27 -6.52 35.63
C LYS E 667 -9.17 -6.02 34.72
N ALA E 668 -9.54 -5.50 33.54
CA ALA E 668 -8.53 -4.98 32.63
C ALA E 668 -7.75 -3.81 33.24
N LEU E 669 -8.46 -2.85 33.83
CA LEU E 669 -7.80 -1.69 34.43
C LEU E 669 -6.92 -2.10 35.61
N VAL E 670 -7.41 -2.99 36.46
CA VAL E 670 -6.62 -3.43 37.61
C VAL E 670 -5.37 -4.16 37.16
N ALA E 671 -5.50 -5.01 36.13
CA ALA E 671 -4.32 -5.70 35.62
C ALA E 671 -3.32 -4.74 35.03
N CYS E 672 -3.79 -3.71 34.32
CA CYS E 672 -2.88 -2.72 33.76
C CYS E 672 -2.11 -2.00 34.86
N LYS E 673 -2.82 -1.57 35.90
CA LYS E 673 -2.16 -0.89 37.01
C LYS E 673 -1.14 -1.79 37.71
N LEU E 674 -1.51 -3.06 37.93
CA LEU E 674 -0.60 -3.97 38.61
C LEU E 674 0.64 -4.26 37.79
N CYS E 675 0.49 -4.45 36.49
CA CYS E 675 1.65 -4.68 35.64
C CYS E 675 2.57 -3.46 35.63
N LYS E 676 1.99 -2.26 35.58
CA LYS E 676 2.82 -1.05 35.61
C LYS E 676 3.59 -0.94 36.93
N ALA E 677 2.90 -1.19 38.05
CA ALA E 677 3.56 -1.07 39.35
C ALA E 677 4.65 -2.12 39.53
N MET E 678 4.40 -3.35 39.06
CA MET E 678 5.44 -4.37 39.16
C MET E 678 6.61 -4.06 38.25
N ALA E 679 6.37 -3.46 37.08
CA ALA E 679 7.48 -3.03 36.25
C ALA E 679 8.33 -1.99 36.97
N HIS E 680 7.68 -1.04 37.64
CA HIS E 680 8.44 -0.05 38.40
C HIS E 680 9.25 -0.70 39.52
N GLU E 681 8.62 -1.62 40.26
CA GLU E 681 9.32 -2.29 41.36
C GLU E 681 10.49 -3.12 40.89
N ALA E 682 10.35 -3.82 39.77
CA ALA E 682 11.46 -4.59 39.21
C ALA E 682 12.56 -3.70 38.65
N SER E 683 12.20 -2.55 38.10
CA SER E 683 13.22 -1.60 37.65
C SER E 683 14.02 -1.05 38.82
N GLU E 684 13.35 -0.81 39.95
CA GLU E 684 14.05 -0.31 41.13
C GLU E 684 15.03 -1.34 41.68
N ASN E 685 14.62 -2.62 41.74
CA ASN E 685 15.37 -3.66 42.42
C ASN E 685 16.36 -4.38 41.52
N ASP E 686 16.87 -3.69 40.49
CA ASP E 686 17.93 -4.16 39.58
C ASP E 686 17.76 -5.63 39.18
N MET E 687 16.62 -5.91 38.55
CA MET E 687 16.33 -7.25 38.07
C MET E 687 17.07 -7.49 36.75
N VAL E 688 16.72 -8.58 36.05
CA VAL E 688 17.38 -8.94 34.81
C VAL E 688 17.05 -7.98 33.66
N ASP E 689 16.21 -6.97 33.90
CA ASP E 689 15.88 -5.88 32.99
C ASP E 689 15.01 -6.35 31.82
N ASP E 690 14.81 -7.66 31.68
CA ASP E 690 13.74 -8.12 30.81
C ASP E 690 12.40 -8.05 31.54
N ILE E 691 12.42 -8.24 32.86
CA ILE E 691 11.21 -8.08 33.66
C ILE E 691 10.77 -6.62 33.70
N SER E 692 11.68 -5.68 33.52
CA SER E 692 11.32 -4.27 33.50
C SER E 692 10.84 -3.81 32.14
N GLN E 693 10.76 -4.71 31.16
CA GLN E 693 10.26 -4.34 29.83
C GLN E 693 9.27 -5.34 29.26
N GLU E 694 8.97 -6.43 29.96
CA GLU E 694 7.82 -7.26 29.61
C GLU E 694 6.56 -6.87 30.37
N LEU E 695 6.72 -6.42 31.62
CA LEU E 695 5.56 -5.96 32.37
C LEU E 695 4.96 -4.70 31.75
N ASN E 696 5.79 -3.85 31.14
CA ASN E 696 5.24 -2.71 30.41
C ASN E 696 4.44 -3.17 29.20
N HIS E 697 4.90 -4.21 28.51
CA HIS E 697 4.13 -4.75 27.40
C HIS E 697 2.79 -5.30 27.88
N ASN E 698 2.79 -6.02 29.00
CA ASN E 698 1.54 -6.52 29.55
C ASN E 698 0.59 -5.39 29.92
N SER E 699 1.12 -4.34 30.54
CA SER E 699 0.30 -3.19 30.90
C SER E 699 -0.29 -2.52 29.66
N ARG E 700 0.51 -2.36 28.61
CA ARG E 700 -0.01 -1.75 27.40
C ARG E 700 -1.09 -2.60 26.75
N ASP E 701 -0.90 -3.92 26.74
CA ASP E 701 -1.93 -4.81 26.19
C ASP E 701 -3.23 -4.68 26.96
N PHE E 702 -3.16 -4.67 28.29
CA PHE E 702 -4.39 -4.59 29.08
C PHE E 702 -5.07 -3.23 28.93
N GLY E 703 -4.29 -2.16 28.86
CA GLY E 703 -4.88 -0.85 28.62
C GLY E 703 -5.56 -0.77 27.26
N GLN E 704 -4.93 -1.36 26.23
CA GLN E 704 -5.53 -1.36 24.90
C GLN E 704 -6.83 -2.15 24.89
N LEU E 705 -6.86 -3.28 25.60
CA LEU E 705 -8.09 -4.06 25.69
C LEU E 705 -9.19 -3.26 26.37
N ALA E 706 -8.85 -2.56 27.45
CA ALA E 706 -9.85 -1.74 28.14
C ALA E 706 -10.40 -0.65 27.23
N VAL E 707 -9.53 0.01 26.47
CA VAL E 707 -9.98 1.08 25.58
C VAL E 707 -10.88 0.51 24.49
N GLU E 708 -10.50 -0.64 23.91
CA GLU E 708 -11.33 -1.23 22.86
C GLU E 708 -12.70 -1.65 23.39
N LEU E 709 -12.74 -2.23 24.59
CA LEU E 709 -14.01 -2.63 25.16
C LEU E 709 -14.89 -1.42 25.46
N LEU E 710 -14.29 -0.34 25.95
CA LEU E 710 -15.06 0.87 26.18
C LEU E 710 -15.61 1.43 24.87
N ASP E 711 -14.81 1.41 23.82
CA ASP E 711 -15.26 1.89 22.51
C ASP E 711 -16.43 1.06 22.00
N GLN E 712 -16.34 -0.26 22.12
CA GLN E 712 -17.44 -1.11 21.69
C GLN E 712 -18.71 -0.84 22.49
N SER E 713 -18.57 -0.69 23.81
CA SER E 713 -19.73 -0.44 24.64
C SER E 713 -20.38 0.91 24.32
N TYR E 714 -19.57 1.93 24.10
CA TYR E 714 -20.10 3.24 23.74
C TYR E 714 -20.77 3.22 22.37
N LYS E 715 -20.21 2.47 21.42
CA LYS E 715 -20.84 2.36 20.11
C LYS E 715 -22.19 1.66 20.21
N GLN E 716 -22.27 0.59 21.02
CA GLN E 716 -23.51 -0.16 21.09
C GLN E 716 -24.61 0.63 21.80
N ASP E 717 -24.30 1.25 22.93
CA ASP E 717 -25.29 2.01 23.67
C ASP E 717 -24.59 3.01 24.58
N GLU E 718 -25.05 4.26 24.56
CA GLU E 718 -24.35 5.31 25.28
C GLU E 718 -24.75 5.37 26.75
N GLN E 719 -26.04 5.26 27.05
CA GLN E 719 -26.49 5.40 28.44
C GLN E 719 -25.94 4.28 29.32
N LEU E 720 -25.98 3.04 28.83
CA LEU E 720 -25.44 1.94 29.61
C LEU E 720 -23.92 2.02 29.71
N ALA E 721 -23.24 2.54 28.68
CA ALA E 721 -21.81 2.73 28.77
C ALA E 721 -21.45 3.74 29.85
N MET E 722 -22.21 4.85 29.91
CA MET E 722 -21.96 5.85 30.96
C MET E 722 -22.30 5.30 32.33
N LYS E 723 -23.37 4.51 32.45
CA LYS E 723 -23.69 3.90 33.73
C LYS E 723 -22.63 2.89 34.15
N LEU E 724 -21.96 2.26 33.18
CA LEU E 724 -20.96 1.26 33.49
C LEU E 724 -19.68 1.89 34.03
N LEU E 725 -19.42 3.15 33.72
CA LEU E 725 -18.19 3.82 34.12
C LEU E 725 -18.26 4.47 35.49
N THR E 726 -19.37 4.35 36.21
CA THR E 726 -19.54 5.09 37.44
C THR E 726 -20.01 4.28 38.64
N TYR E 727 -20.63 3.12 38.45
CA TYR E 727 -21.19 2.40 39.58
C TYR E 727 -20.07 1.87 40.48
N GLU E 728 -20.36 1.80 41.77
CA GLU E 728 -19.36 1.39 42.74
C GLU E 728 -19.05 -0.10 42.59
N LEU E 729 -17.77 -0.43 42.47
CA LEU E 729 -17.33 -1.82 42.35
C LEU E 729 -17.09 -2.36 43.76
N LYS E 730 -17.94 -3.27 44.21
CA LYS E 730 -17.82 -3.77 45.56
C LYS E 730 -16.59 -4.66 45.72
N ASN E 731 -16.18 -5.36 44.67
CA ASN E 731 -15.11 -6.34 44.76
C ASN E 731 -13.73 -5.75 44.57
N TRP E 732 -13.62 -4.47 44.23
CA TRP E 732 -12.34 -3.85 43.92
C TRP E 732 -12.12 -2.61 44.78
N SER E 733 -12.37 -2.76 46.08
CA SER E 733 -12.09 -1.73 47.08
C SER E 733 -12.87 -0.44 46.82
N ASN E 734 -14.11 -0.59 46.35
CA ASN E 734 -15.09 0.50 46.29
C ASN E 734 -14.58 1.68 45.47
N ALA E 735 -14.34 1.43 44.18
CA ALA E 735 -13.91 2.48 43.28
C ALA E 735 -14.66 2.32 41.96
N THR E 736 -14.76 3.42 41.22
CA THR E 736 -15.33 3.39 39.89
C THR E 736 -14.25 2.99 38.89
N CYS E 737 -14.70 2.64 37.68
CA CYS E 737 -13.74 2.35 36.62
C CYS E 737 -12.95 3.60 36.23
N LEU E 738 -13.57 4.77 36.34
CA LEU E 738 -12.88 6.02 36.02
C LEU E 738 -11.73 6.27 36.98
N GLN E 739 -11.92 6.03 38.27
CA GLN E 739 -10.85 6.24 39.24
C GLN E 739 -9.71 5.26 39.02
N LEU E 740 -10.04 4.01 38.66
CA LEU E 740 -8.99 3.05 38.33
C LEU E 740 -8.22 3.47 37.09
N ALA E 741 -8.91 4.01 36.09
CA ALA E 741 -8.21 4.50 34.91
C ALA E 741 -7.30 5.69 35.24
N VAL E 742 -7.76 6.58 36.11
CA VAL E 742 -6.96 7.75 36.46
C VAL E 742 -5.75 7.35 37.30
N ALA E 743 -5.94 6.43 38.25
CA ALA E 743 -4.82 5.98 39.08
C ALA E 743 -3.78 5.24 38.25
N ALA E 744 -4.20 4.56 37.19
CA ALA E 744 -3.27 3.88 36.29
C ALA E 744 -2.61 4.83 35.31
N LYS E 745 -2.98 6.11 35.33
CA LYS E 745 -2.44 7.12 34.43
C LYS E 745 -2.66 6.74 32.97
N HIS E 746 -3.82 6.15 32.68
CA HIS E 746 -4.17 5.71 31.34
C HIS E 746 -4.81 6.90 30.62
N ARG E 747 -4.02 7.58 29.78
CA ARG E 747 -4.51 8.81 29.15
C ARG E 747 -5.47 8.54 28.01
N ASP E 748 -5.31 7.41 27.31
CA ASP E 748 -6.19 7.12 26.17
C ASP E 748 -7.59 6.74 26.60
N PHE E 749 -7.77 6.25 27.82
CA PHE E 749 -9.11 5.90 28.30
C PHE E 749 -9.91 7.15 28.63
N ILE E 750 -9.29 8.11 29.31
CA ILE E 750 -9.98 9.34 29.66
C ILE E 750 -10.25 10.18 28.43
N ALA E 751 -9.33 10.19 27.46
CA ALA E 751 -9.49 10.99 26.26
C ALA E 751 -10.58 10.49 25.33
N HIS E 752 -11.13 9.31 25.59
CA HIS E 752 -12.20 8.79 24.75
C HIS E 752 -13.44 9.68 24.86
N THR E 753 -14.29 9.60 23.84
CA THR E 753 -15.45 10.48 23.78
C THR E 753 -16.44 10.20 24.91
N CYS E 754 -16.60 8.92 25.27
CA CYS E 754 -17.54 8.57 26.33
C CYS E 754 -17.12 9.18 27.66
N SER E 755 -15.83 9.10 28.00
CA SER E 755 -15.37 9.69 29.25
C SER E 755 -15.53 11.20 29.24
N GLN E 756 -15.29 11.83 28.08
CA GLN E 756 -15.46 13.28 28.00
C GLN E 756 -16.91 13.68 28.19
N MET E 757 -17.84 12.93 27.60
CA MET E 757 -19.25 13.25 27.81
C MET E 757 -19.66 13.04 29.25
N LEU E 758 -19.18 11.97 29.88
CA LEU E 758 -19.49 11.75 31.29
C LEU E 758 -18.93 12.85 32.16
N LEU E 759 -17.70 13.29 31.89
CA LEU E 759 -17.11 14.36 32.69
C LEU E 759 -17.81 15.69 32.46
N THR E 760 -18.29 15.95 31.24
CA THR E 760 -19.08 17.15 31.02
C THR E 760 -20.39 17.09 31.80
N ASP E 761 -21.06 15.93 31.80
CA ASP E 761 -22.29 15.80 32.56
C ASP E 761 -22.06 15.89 34.06
N MET E 762 -20.87 15.52 34.54
CA MET E 762 -20.52 15.79 35.93
C MET E 762 -20.19 17.26 36.16
N TRP E 763 -19.61 17.92 35.17
CA TRP E 763 -19.23 19.33 35.30
C TRP E 763 -20.46 20.22 35.35
N MET E 764 -21.49 19.92 34.58
CA MET E 764 -22.71 20.72 34.57
C MET E 764 -23.56 20.55 35.82
N GLY E 765 -23.14 19.70 36.76
CA GLY E 765 -23.89 19.52 37.99
C GLY E 765 -25.23 18.86 37.76
N ARG E 766 -26.30 19.62 37.98
CA ARG E 766 -27.67 19.12 37.86
C ARG E 766 -28.50 20.01 36.95
N LEU E 767 -27.89 20.52 35.88
CA LEU E 767 -28.55 21.41 34.94
C LEU E 767 -28.53 20.80 33.55
N ARG E 768 -29.57 21.10 32.77
CA ARG E 768 -29.63 20.72 31.37
C ARG E 768 -29.09 21.80 30.46
N MET E 769 -28.30 22.73 30.99
CA MET E 769 -27.85 23.91 30.25
C MET E 769 -26.75 23.52 29.25
N ARG E 770 -27.11 22.62 28.34
CA ARG E 770 -26.22 22.21 27.27
C ARG E 770 -26.18 23.23 26.13
N LYS E 771 -27.02 24.25 26.20
CA LYS E 771 -26.99 25.38 25.27
C LYS E 771 -25.88 26.33 25.69
N ASN E 772 -25.86 27.53 25.12
CA ASN E 772 -24.77 28.47 25.39
C ASN E 772 -24.77 28.87 26.86
N SER E 773 -23.80 28.35 27.61
CA SER E 773 -23.69 28.56 29.05
C SER E 773 -22.61 29.60 29.33
N GLY E 774 -22.22 29.70 30.59
CA GLY E 774 -21.22 30.67 30.97
C GLY E 774 -21.84 32.03 31.22
N LEU E 775 -22.28 32.68 30.15
CA LEU E 775 -23.00 33.94 30.29
C LEU E 775 -24.32 33.74 31.03
N LYS E 776 -25.03 32.66 30.72
CA LYS E 776 -26.25 32.36 31.46
C LYS E 776 -25.94 32.03 32.91
N VAL E 777 -24.84 31.29 33.15
CA VAL E 777 -24.46 30.95 34.51
C VAL E 777 -24.10 32.19 35.30
N ILE E 778 -23.32 33.10 34.71
CA ILE E 778 -22.92 34.29 35.46
C ILE E 778 -24.10 35.23 35.67
N LEU E 779 -25.04 35.28 34.70
CA LEU E 779 -26.21 36.12 34.94
C LEU E 779 -27.10 35.53 36.02
N GLY E 780 -27.20 34.20 36.08
CA GLY E 780 -27.90 33.58 37.20
C GLY E 780 -27.22 33.81 38.53
N ILE E 781 -25.88 33.86 38.52
CA ILE E 781 -25.14 34.21 39.72
C ILE E 781 -25.47 35.62 40.15
N LEU E 782 -25.49 36.55 39.20
CA LEU E 782 -25.81 37.94 39.51
C LEU E 782 -27.29 38.13 39.81
N LEU E 783 -28.16 37.32 39.21
CA LEU E 783 -29.61 37.46 39.39
C LEU E 783 -30.18 36.18 39.99
N PRO E 784 -30.32 36.11 41.31
CA PRO E 784 -31.01 34.98 41.93
C PRO E 784 -32.45 34.82 41.46
N PRO E 785 -33.17 35.90 41.11
CA PRO E 785 -34.46 35.69 40.42
C PRO E 785 -34.35 34.91 39.12
N SER E 786 -33.24 35.03 38.39
CA SER E 786 -33.10 34.29 37.14
C SER E 786 -32.77 32.82 37.36
N ILE E 787 -32.42 32.41 38.58
CA ILE E 787 -32.06 31.03 38.83
C ILE E 787 -33.26 30.12 38.62
N LEU E 788 -34.42 30.50 39.16
CA LEU E 788 -35.61 29.65 39.09
C LEU E 788 -36.19 29.55 37.68
N SER E 789 -35.76 30.39 36.75
CA SER E 789 -36.22 30.33 35.37
C SER E 789 -35.38 29.40 34.52
N LEU E 790 -34.39 28.73 35.12
CA LEU E 790 -33.53 27.79 34.41
C LEU E 790 -34.19 26.41 34.40
N GLU E 791 -33.42 25.39 34.07
CA GLU E 791 -33.89 24.01 34.04
C GLU E 791 -33.01 23.15 34.94
N PHE E 792 -33.65 22.26 35.69
CA PHE E 792 -32.96 21.37 36.61
C PHE E 792 -33.39 19.94 36.36
N LYS E 793 -32.45 19.01 36.52
CA LYS E 793 -32.79 17.60 36.39
C LYS E 793 -33.38 17.07 37.69
N ASN E 794 -34.15 15.98 37.56
CA ASN E 794 -34.84 15.38 38.70
C ASN E 794 -33.86 14.73 39.67
N GLY E 861 -36.93 26.77 46.58
CA GLY E 861 -36.38 26.42 47.88
C GLY E 861 -35.11 25.61 47.80
N ARG E 862 -35.23 24.38 47.30
CA ARG E 862 -34.08 23.51 47.12
C ARG E 862 -33.32 23.80 45.83
N LYS E 863 -33.89 24.59 44.93
CA LYS E 863 -33.23 24.87 43.66
C LYS E 863 -31.99 25.75 43.84
N ILE E 864 -32.01 26.66 44.81
CA ILE E 864 -30.84 27.50 45.05
C ILE E 864 -29.70 26.68 45.62
N TYR E 865 -29.99 25.83 46.61
CA TYR E 865 -28.96 24.97 47.19
C TYR E 865 -28.41 24.00 46.16
N GLU E 866 -29.27 23.46 45.31
CA GLU E 866 -28.81 22.58 44.24
C GLU E 866 -28.00 23.35 43.21
N PHE E 867 -28.29 24.64 43.02
CA PHE E 867 -27.57 25.44 42.05
C PHE E 867 -26.18 25.80 42.52
N TYR E 868 -26.03 26.18 43.79
CA TYR E 868 -24.72 26.61 44.28
C TYR E 868 -23.73 25.47 44.44
N ASN E 869 -24.16 24.21 44.36
CA ASN E 869 -23.25 23.09 44.51
C ASN E 869 -22.75 22.52 43.19
N ALA E 870 -23.20 23.06 42.07
CA ALA E 870 -22.67 22.64 40.79
C ALA E 870 -21.22 23.11 40.66
N PRO E 871 -20.32 22.28 40.13
CA PRO E 871 -18.92 22.70 39.98
C PRO E 871 -18.74 23.93 39.12
N ILE E 872 -19.57 24.11 38.09
CA ILE E 872 -19.37 25.23 37.17
C ILE E 872 -19.67 26.55 37.86
N VAL E 873 -20.68 26.57 38.75
CA VAL E 873 -21.01 27.78 39.46
C VAL E 873 -19.91 28.15 40.45
N LYS E 874 -19.33 27.14 41.12
CA LYS E 874 -18.20 27.40 42.00
C LYS E 874 -17.01 27.94 41.21
N PHE E 875 -16.76 27.39 40.03
CA PHE E 875 -15.66 27.86 39.20
C PHE E 875 -15.86 29.30 38.78
N TRP E 876 -17.08 29.66 38.36
CA TRP E 876 -17.33 31.04 37.97
C TRP E 876 -17.26 31.99 39.15
N PHE E 877 -17.71 31.55 40.33
CA PHE E 877 -17.56 32.37 41.52
C PHE E 877 -16.09 32.64 41.83
N TYR E 878 -15.27 31.60 41.74
CA TYR E 878 -13.84 31.78 41.97
C TYR E 878 -13.22 32.71 40.94
N THR E 879 -13.62 32.59 39.68
CA THR E 879 -13.08 33.46 38.64
C THR E 879 -13.46 34.92 38.90
N LEU E 880 -14.72 35.18 39.26
CA LEU E 880 -15.14 36.55 39.51
C LEU E 880 -14.44 37.13 40.72
N ALA E 881 -14.29 36.34 41.79
CA ALA E 881 -13.58 36.84 42.96
C ALA E 881 -12.12 37.13 42.64
N TYR E 882 -11.47 36.27 41.87
CA TYR E 882 -10.08 36.51 41.50
C TYR E 882 -9.94 37.77 40.65
N ILE E 883 -10.87 37.99 39.72
CA ILE E 883 -10.81 39.18 38.90
C ILE E 883 -10.99 40.43 39.75
N GLY E 884 -11.93 40.41 40.69
CA GLY E 884 -12.09 41.54 41.58
C GLY E 884 -10.85 41.80 42.42
N TYR E 885 -10.23 40.75 42.93
CA TYR E 885 -9.00 40.92 43.70
C TYR E 885 -7.88 41.49 42.82
N LEU E 886 -7.79 41.05 41.57
CA LEU E 886 -6.78 41.58 40.67
C LEU E 886 -6.99 43.06 40.42
N MET E 887 -8.24 43.48 40.23
CA MET E 887 -8.53 44.90 40.02
C MET E 887 -8.15 45.71 41.25
N LEU E 888 -8.46 45.21 42.44
CA LEU E 888 -8.09 45.93 43.65
C LEU E 888 -6.57 46.02 43.80
N PHE E 889 -5.85 44.94 43.44
CA PHE E 889 -4.40 44.98 43.49
C PHE E 889 -3.83 46.04 42.56
N ASN E 890 -4.34 46.10 41.33
CA ASN E 890 -3.87 47.12 40.40
C ASN E 890 -4.17 48.52 40.93
N TYR E 891 -5.35 48.70 41.51
CA TYR E 891 -5.69 50.01 42.06
C TYR E 891 -4.75 50.40 43.20
N ILE E 892 -4.44 49.48 44.10
CA ILE E 892 -3.62 49.86 45.24
C ILE E 892 -2.14 50.00 44.88
N VAL E 893 -1.70 49.44 43.76
CA VAL E 893 -0.32 49.67 43.35
C VAL E 893 -0.17 50.87 42.41
N LEU E 894 -1.25 51.31 41.75
CA LEU E 894 -1.12 52.42 40.82
C LEU E 894 -1.15 53.77 41.50
N VAL E 895 -1.82 53.90 42.64
CA VAL E 895 -2.01 55.19 43.29
C VAL E 895 -1.06 55.30 44.46
N LYS E 896 -1.00 56.48 45.06
CA LYS E 896 -0.06 56.73 46.14
C LYS E 896 -0.37 55.87 47.35
N MET E 897 0.68 55.51 48.08
CA MET E 897 0.56 54.67 49.26
C MET E 897 0.61 55.55 50.51
N GLU E 898 -0.31 55.30 51.43
CA GLU E 898 -0.38 56.08 52.66
C GLU E 898 0.56 55.49 53.71
N ARG E 899 0.66 56.17 54.85
CA ARG E 899 1.38 55.61 55.99
C ARG E 899 0.68 54.36 56.50
N TRP E 900 -0.65 54.38 56.57
CA TRP E 900 -1.41 53.22 56.97
C TRP E 900 -2.22 52.68 55.80
N PRO E 901 -2.43 51.38 55.72
CA PRO E 901 -3.07 50.79 54.54
C PRO E 901 -4.51 51.28 54.35
N SER E 902 -4.90 51.39 53.09
CA SER E 902 -6.26 51.76 52.72
C SER E 902 -7.17 50.53 52.80
N THR E 903 -8.47 50.76 52.58
CA THR E 903 -9.45 49.69 52.68
C THR E 903 -9.19 48.60 51.64
N GLN E 904 -8.92 48.99 50.40
CA GLN E 904 -8.67 48.02 49.35
C GLN E 904 -7.41 47.21 49.63
N GLU E 905 -6.40 47.82 50.23
CA GLU E 905 -5.22 47.09 50.63
C GLU E 905 -5.55 46.04 51.68
N TRP E 906 -6.42 46.39 52.63
CA TRP E 906 -6.84 45.41 53.63
C TRP E 906 -7.62 44.26 52.99
N ILE E 907 -8.47 44.57 52.00
CA ILE E 907 -9.18 43.52 51.28
C ILE E 907 -8.19 42.57 50.60
N VAL E 908 -7.16 43.14 49.95
CA VAL E 908 -6.18 42.31 49.27
C VAL E 908 -5.43 41.43 50.27
N ILE E 909 -5.02 42.01 51.40
CA ILE E 909 -4.28 41.23 52.39
C ILE E 909 -5.14 40.10 52.95
N SER E 910 -6.41 40.39 53.22
CA SER E 910 -7.31 39.36 53.72
C SER E 910 -7.49 38.25 52.69
N TYR E 911 -7.63 38.61 51.41
CA TYR E 911 -7.76 37.59 50.37
C TYR E 911 -6.54 36.69 50.31
N ILE E 912 -5.34 37.29 50.35
CA ILE E 912 -4.12 36.50 50.27
C ILE E 912 -3.99 35.57 51.48
N PHE E 913 -4.29 36.09 52.68
CA PHE E 913 -4.21 35.27 53.87
C PHE E 913 -5.20 34.11 53.83
N THR E 914 -6.44 34.38 53.38
CA THR E 914 -7.42 33.31 53.29
C THR E 914 -7.02 32.27 52.26
N LEU E 915 -6.48 32.69 51.12
CA LEU E 915 -6.01 31.73 50.13
C LEU E 915 -4.89 30.88 50.69
N GLY E 916 -3.96 31.49 51.41
CA GLY E 916 -2.86 30.74 51.99
C GLY E 916 -3.33 29.71 53.02
N ILE E 917 -4.24 30.12 53.91
CA ILE E 917 -4.69 29.18 54.93
C ILE E 917 -5.55 28.09 54.31
N GLU E 918 -6.30 28.39 53.25
CA GLU E 918 -7.06 27.35 52.55
C GLU E 918 -6.12 26.36 51.88
N LYS E 919 -5.04 26.84 51.27
CA LYS E 919 -4.08 25.92 50.67
C LYS E 919 -3.39 25.05 51.71
N MET E 920 -2.99 25.63 52.84
CA MET E 920 -2.32 24.82 53.86
C MET E 920 -3.28 23.83 54.50
N ARG E 921 -4.56 24.19 54.68
CA ARG E 921 -5.50 23.22 55.21
C ARG E 921 -5.87 22.17 54.17
N GLU E 922 -5.75 22.48 52.87
CA GLU E 922 -5.87 21.44 51.87
C GLU E 922 -4.69 20.48 51.90
N ILE E 923 -3.50 21.00 52.22
CA ILE E 923 -2.35 20.14 52.48
C ILE E 923 -2.60 19.24 53.68
N LEU E 924 -3.16 19.81 54.76
CA LEU E 924 -3.38 19.04 55.97
C LEU E 924 -4.43 17.96 55.77
N MET E 925 -5.49 18.24 55.02
CA MET E 925 -6.54 17.27 54.78
C MET E 925 -6.31 16.43 53.53
N SER E 926 -5.16 16.57 52.90
CA SER E 926 -4.83 15.77 51.73
C SER E 926 -4.64 14.30 52.12
N GLY E 929 -0.90 10.32 54.46
CA GLY E 929 -0.79 9.85 55.83
C GLY E 929 0.33 10.52 56.59
N LYS E 930 1.56 10.24 56.19
CA LYS E 930 2.71 10.89 56.80
C LYS E 930 2.71 12.38 56.46
N LEU E 931 3.13 13.20 57.41
CA LEU E 931 3.17 14.64 57.18
C LEU E 931 4.10 15.00 56.04
N LEU E 932 5.27 14.37 56.00
CA LEU E 932 6.21 14.63 54.91
C LEU E 932 5.69 14.08 53.58
N GLN E 933 4.93 12.99 53.64
CA GLN E 933 4.42 12.39 52.41
C GLN E 933 3.44 13.32 51.69
N LYS E 934 2.54 13.95 52.45
CA LYS E 934 1.58 14.86 51.85
C LYS E 934 2.27 16.08 51.25
N VAL E 935 3.34 16.55 51.91
CA VAL E 935 4.09 17.70 51.40
C VAL E 935 4.70 17.37 50.04
N LYS E 936 5.30 16.19 49.91
CA LYS E 936 5.92 15.81 48.65
C LYS E 936 4.90 15.68 47.53
N VAL E 937 3.73 15.10 47.84
CA VAL E 937 2.69 14.97 46.82
C VAL E 937 2.17 16.33 46.42
N TRP E 938 1.97 17.23 47.38
CA TRP E 938 1.37 18.53 47.09
C TRP E 938 2.35 19.46 46.39
N LEU E 939 3.65 19.26 46.59
CA LEU E 939 4.67 20.06 45.92
C LEU E 939 5.04 19.50 44.55
N GLN E 940 4.25 18.57 44.02
CA GLN E 940 4.53 18.03 42.70
C GLN E 940 4.16 18.99 41.59
N GLU E 941 3.19 19.86 41.83
CA GLU E 941 2.76 20.83 40.82
C GLU E 941 3.54 22.13 40.96
N TYR E 942 3.91 22.71 39.82
CA TYR E 942 4.65 23.96 39.85
C TYR E 942 3.79 25.12 40.33
N TRP E 943 2.48 25.04 40.09
CA TRP E 943 1.58 26.11 40.51
C TRP E 943 1.58 26.27 42.03
N ASN E 944 1.59 25.15 42.76
CA ASN E 944 1.61 25.23 44.22
C ASN E 944 2.90 25.85 44.74
N VAL E 945 4.03 25.48 44.13
CA VAL E 945 5.31 26.04 44.54
C VAL E 945 5.34 27.55 44.29
N THR E 946 4.88 27.96 43.10
CA THR E 946 4.85 29.39 42.79
C THR E 946 3.91 30.14 43.71
N ASP E 947 2.77 29.53 44.05
CA ASP E 947 1.85 30.16 45.00
C ASP E 947 2.51 30.34 46.36
N LEU E 948 3.23 29.33 46.83
CA LEU E 948 3.93 29.45 48.12
C LEU E 948 4.96 30.56 48.08
N ILE E 949 5.75 30.61 47.01
CA ILE E 949 6.79 31.64 46.91
C ILE E 949 6.17 33.03 46.86
N ALA E 950 5.10 33.19 46.08
CA ALA E 950 4.44 34.49 45.98
C ALA E 950 3.82 34.91 47.30
N ILE E 951 3.19 33.97 48.02
CA ILE E 951 2.55 34.31 49.28
C ILE E 951 3.60 34.68 50.33
N LEU E 952 4.72 33.94 50.37
CA LEU E 952 5.78 34.28 51.32
C LEU E 952 6.39 35.64 50.99
N LEU E 953 6.61 35.93 49.71
CA LEU E 953 7.15 37.22 49.32
C LEU E 953 6.18 38.34 49.67
N PHE E 954 4.89 38.10 49.48
CA PHE E 954 3.89 39.11 49.84
C PHE E 954 3.84 39.32 51.35
N SER E 955 4.01 38.25 52.13
CA SER E 955 4.04 38.39 53.57
C SER E 955 5.25 39.19 54.02
N VAL E 956 6.42 38.94 53.43
CA VAL E 956 7.59 39.71 53.79
C VAL E 956 7.46 41.15 53.31
N GLY E 957 6.72 41.40 52.22
CA GLY E 957 6.42 42.76 51.84
C GLY E 957 5.52 43.45 52.83
N MET E 958 4.49 42.75 53.31
CA MET E 958 3.60 43.30 54.33
C MET E 958 4.35 43.64 55.60
N ILE E 959 5.24 42.75 56.03
CA ILE E 959 6.09 43.04 57.18
C ILE E 959 6.96 44.25 56.91
N LEU E 960 7.55 44.32 55.72
CA LEU E 960 8.43 45.44 55.39
C LEU E 960 7.65 46.72 55.16
N ARG E 961 6.38 46.62 54.77
CA ARG E 961 5.61 47.81 54.42
C ARG E 961 5.24 48.64 55.64
N LEU E 962 5.02 47.99 56.78
CA LEU E 962 4.65 48.70 58.02
C LEU E 962 5.89 48.99 58.87
N GLN E 963 6.78 49.79 58.29
CA GLN E 963 8.04 50.17 58.95
C GLN E 963 8.39 51.58 58.50
N ASP E 964 9.66 51.95 58.65
CA ASP E 964 10.13 53.28 58.33
C ASP E 964 10.01 53.56 56.82
N GLN E 965 10.23 54.83 56.47
CA GLN E 965 9.96 55.29 55.10
C GLN E 965 10.78 54.56 54.03
N PRO E 966 12.11 54.40 54.15
CA PRO E 966 12.81 53.60 53.12
C PRO E 966 12.33 52.16 53.07
N PHE E 967 11.99 51.58 54.23
CA PHE E 967 11.41 50.25 54.24
C PHE E 967 10.01 50.24 53.63
N ARG E 968 9.25 51.33 53.79
CA ARG E 968 7.96 51.43 53.12
C ARG E 968 8.13 51.44 51.61
N SER E 969 9.11 52.19 51.11
CA SER E 969 9.37 52.22 49.68
C SER E 969 9.81 50.84 49.17
N ASP E 970 10.65 50.15 49.93
CA ASP E 970 11.06 48.80 49.53
C ASP E 970 9.87 47.84 49.50
N GLY E 971 8.97 47.96 50.47
CA GLY E 971 7.76 47.14 50.45
C GLY E 971 6.88 47.42 49.26
N ARG E 972 6.72 48.70 48.90
CA ARG E 972 5.94 49.04 47.72
C ARG E 972 6.58 48.47 46.45
N VAL E 973 7.91 48.53 46.37
CA VAL E 973 8.60 47.96 45.22
C VAL E 973 8.38 46.45 45.16
N ILE E 974 8.40 45.78 46.31
CA ILE E 974 8.17 44.34 46.31
C ILE E 974 6.74 44.02 45.90
N TYR E 975 5.77 44.88 46.25
CA TYR E 975 4.41 44.68 45.76
C TYR E 975 4.35 44.82 44.24
N CYS E 976 5.04 45.83 43.71
CA CYS E 976 5.04 46.04 42.25
C CYS E 976 5.65 44.86 41.52
N VAL E 977 6.73 44.30 42.08
CA VAL E 977 7.33 43.11 41.46
C VAL E 977 6.40 41.90 41.60
N ASN E 978 5.71 41.79 42.74
CA ASN E 978 4.88 40.61 43.00
C ASN E 978 3.60 40.60 42.17
N ILE E 979 3.10 41.77 41.74
CA ILE E 979 1.85 41.79 40.99
C ILE E 979 1.96 41.07 39.63
N ILE E 980 3.19 40.91 39.11
CA ILE E 980 3.37 40.26 37.83
C ILE E 980 2.91 38.81 37.91
N TYR E 981 3.21 38.12 39.00
CA TYR E 981 2.79 36.73 39.13
C TYR E 981 1.27 36.61 39.18
N TRP E 982 0.61 37.48 39.93
CA TRP E 982 -0.84 37.41 40.00
C TRP E 982 -1.50 37.81 38.68
N TYR E 983 -0.79 38.57 37.86
CA TYR E 983 -1.28 38.84 36.50
C TYR E 983 -1.10 37.62 35.61
N ILE E 984 0.04 36.93 35.73
CA ILE E 984 0.33 35.77 34.88
C ILE E 984 -0.51 34.57 35.28
N ARG E 985 -0.96 34.53 36.53
CA ARG E 985 -1.75 33.40 37.04
C ARG E 985 -3.03 33.18 36.25
N LEU E 986 -3.52 34.20 35.54
CA LEU E 986 -4.76 34.07 34.77
C LEU E 986 -4.66 33.01 33.69
N LEU E 987 -3.45 32.59 33.30
CA LEU E 987 -3.34 31.52 32.33
C LEU E 987 -3.87 30.21 32.88
N ASP E 988 -3.70 29.97 34.18
CA ASP E 988 -4.28 28.77 34.79
C ASP E 988 -5.80 28.81 34.72
N ILE E 989 -6.41 29.97 34.92
CA ILE E 989 -7.85 30.09 34.78
C ILE E 989 -8.26 29.90 33.33
N PHE E 990 -7.46 30.41 32.40
CA PHE E 990 -7.73 30.23 30.98
C PHE E 990 -7.62 28.77 30.55
N GLY E 991 -6.85 27.98 31.28
CA GLY E 991 -6.70 26.57 30.94
C GLY E 991 -7.99 25.77 30.97
N VAL E 992 -9.04 26.29 31.61
CA VAL E 992 -10.33 25.63 31.60
C VAL E 992 -10.97 25.71 30.22
N ASN E 993 -10.69 26.77 29.47
CA ASN E 993 -11.28 26.94 28.15
C ASN E 993 -10.79 25.85 27.19
N LYS E 994 -11.67 25.46 26.28
CA LYS E 994 -11.38 24.35 25.38
C LYS E 994 -10.27 24.65 24.39
N TYR E 995 -10.02 25.93 24.11
CA TYR E 995 -8.99 26.31 23.15
C TYR E 995 -7.76 26.94 23.79
N LEU E 996 -7.91 27.58 24.94
CA LEU E 996 -6.79 28.24 25.59
C LEU E 996 -5.98 27.31 26.48
N GLY E 997 -6.41 26.06 26.64
CA GLY E 997 -5.66 25.09 27.40
C GLY E 997 -4.49 24.52 26.63
N PRO E 998 -4.77 23.90 25.48
CA PRO E 998 -3.67 23.37 24.66
C PRO E 998 -2.66 24.41 24.22
N TYR E 999 -3.09 25.65 23.95
CA TYR E 999 -2.13 26.68 23.56
C TYR E 999 -1.21 27.04 24.72
N VAL E 1000 -1.76 27.11 25.94
CA VAL E 1000 -0.91 27.38 27.10
C VAL E 1000 0.06 26.25 27.33
N MET E 1001 -0.39 24.99 27.18
CA MET E 1001 0.52 23.87 27.33
C MET E 1001 1.62 23.88 26.28
N MET E 1002 1.28 24.23 25.04
CA MET E 1002 2.28 24.33 23.98
C MET E 1002 3.27 25.45 24.26
N ILE E 1003 2.79 26.58 24.78
CA ILE E 1003 3.67 27.67 25.17
C ILE E 1003 4.64 27.20 26.24
N GLY E 1004 4.14 26.44 27.21
CA GLY E 1004 5.02 25.87 28.21
C GLY E 1004 6.04 24.91 27.65
N LYS E 1005 5.67 24.15 26.62
CA LYS E 1005 6.58 23.17 26.05
C LYS E 1005 7.67 23.80 25.18
N MET E 1006 7.38 24.91 24.50
CA MET E 1006 8.38 25.53 23.63
C MET E 1006 9.51 26.23 24.38
N MET E 1007 9.39 26.37 25.70
CA MET E 1007 10.40 27.08 26.48
C MET E 1007 11.76 26.40 26.41
N ILE E 1008 11.80 25.09 26.21
CA ILE E 1008 13.08 24.38 26.16
C ILE E 1008 13.87 24.82 24.93
N ASP E 1009 13.23 24.83 23.76
CA ASP E 1009 13.90 25.32 22.56
C ASP E 1009 14.23 26.80 22.69
N MET E 1010 13.33 27.57 23.33
CA MET E 1010 13.60 28.98 23.55
C MET E 1010 14.89 29.18 24.35
N MET E 1011 15.07 28.39 25.41
CA MET E 1011 16.29 28.49 26.22
C MET E 1011 17.51 28.02 25.44
N TYR E 1012 17.38 26.94 24.67
CA TYR E 1012 18.52 26.42 23.92
C TYR E 1012 19.00 27.40 22.87
N PHE E 1013 18.13 28.24 22.35
CA PHE E 1013 18.61 29.30 21.45
C PHE E 1013 19.03 30.56 22.19
N VAL E 1014 18.45 30.80 23.36
CA VAL E 1014 18.86 31.95 24.18
C VAL E 1014 20.32 31.81 24.60
N ILE E 1015 20.78 30.58 24.85
CA ILE E 1015 22.17 30.37 25.25
C ILE E 1015 23.13 30.89 24.17
N ILE E 1016 22.90 30.48 22.92
CA ILE E 1016 23.79 30.88 21.83
C ILE E 1016 23.66 32.37 21.56
N MET E 1017 22.44 32.90 21.64
CA MET E 1017 22.25 34.34 21.47
C MET E 1017 23.05 35.12 22.51
N LEU E 1018 23.03 34.66 23.76
CA LEU E 1018 23.80 35.33 24.81
C LEU E 1018 25.29 35.25 24.54
N VAL E 1019 25.77 34.09 24.05
CA VAL E 1019 27.20 33.97 23.75
C VAL E 1019 27.63 35.00 22.71
N VAL E 1020 26.91 35.06 21.60
CA VAL E 1020 27.28 35.98 20.53
C VAL E 1020 27.15 37.42 20.99
N LEU E 1021 26.07 37.74 21.71
CA LEU E 1021 25.82 39.09 22.17
C LEU E 1021 26.90 39.57 23.12
N MET E 1022 27.30 38.72 24.07
CA MET E 1022 28.35 39.10 25.00
C MET E 1022 29.68 39.30 24.27
N SER E 1023 29.97 38.44 23.28
CA SER E 1023 31.20 38.61 22.52
C SER E 1023 31.24 39.97 21.85
N PHE E 1024 30.18 40.32 21.12
CA PHE E 1024 30.17 41.59 20.41
C PHE E 1024 30.22 42.77 21.37
N GLY E 1025 29.46 42.70 22.47
CA GLY E 1025 29.43 43.81 23.40
C GLY E 1025 30.77 44.05 24.05
N VAL E 1026 31.46 42.97 24.47
CA VAL E 1026 32.76 43.11 25.07
C VAL E 1026 33.76 43.68 24.07
N ALA E 1027 33.74 43.18 22.83
CA ALA E 1027 34.67 43.70 21.83
C ALA E 1027 34.45 45.19 21.58
N ARG E 1028 33.20 45.61 21.40
CA ARG E 1028 32.95 47.02 21.13
C ARG E 1028 33.31 47.90 22.32
N GLN E 1029 32.93 47.49 23.53
CA GLN E 1029 33.23 48.30 24.71
C GLN E 1029 34.73 48.40 24.95
N ALA E 1030 35.47 47.33 24.67
CA ALA E 1030 36.92 47.37 24.84
C ALA E 1030 37.59 48.23 23.78
N ILE E 1031 37.07 48.22 22.54
CA ILE E 1031 37.67 49.05 21.49
C ILE E 1031 37.42 50.52 21.77
N LEU E 1032 36.17 50.88 22.10
CA LEU E 1032 35.81 52.29 22.18
C LEU E 1032 36.31 52.99 23.44
N PHE E 1033 36.33 52.31 24.58
CA PHE E 1033 36.68 52.94 25.86
C PHE E 1033 37.94 52.29 26.43
N PRO E 1034 39.11 52.91 26.23
CA PRO E 1034 40.36 52.28 26.65
C PRO E 1034 40.88 52.69 28.02
N ASN E 1035 40.27 53.68 28.68
CA ASN E 1035 40.81 54.19 29.94
C ASN E 1035 39.80 54.09 31.07
N GLU E 1036 39.13 52.95 31.20
CA GLU E 1036 38.10 52.76 32.20
C GLU E 1036 38.68 52.16 33.46
N GLU E 1037 38.46 52.83 34.59
CA GLU E 1037 38.79 52.26 35.88
C GLU E 1037 37.84 51.11 36.18
N PRO E 1038 38.33 50.03 36.82
CA PRO E 1038 37.44 48.90 37.13
C PRO E 1038 36.28 49.26 38.03
N SER E 1039 35.06 49.15 37.49
CA SER E 1039 33.85 49.45 38.23
C SER E 1039 32.73 48.56 37.69
N TRP E 1040 31.65 48.46 38.45
CA TRP E 1040 30.51 47.65 38.04
C TRP E 1040 29.79 48.23 36.82
N LYS E 1041 30.07 49.49 36.46
CA LYS E 1041 29.50 50.04 35.24
C LYS E 1041 30.01 49.29 34.01
N LEU E 1042 31.21 48.74 34.08
CA LEU E 1042 31.75 47.97 32.96
C LEU E 1042 30.93 46.71 32.69
N ALA E 1043 30.45 46.07 33.75
CA ALA E 1043 29.65 44.86 33.60
C ALA E 1043 28.27 45.13 33.03
N LYS E 1044 27.87 46.39 32.92
CA LYS E 1044 26.57 46.71 32.35
C LYS E 1044 26.64 47.09 30.88
N ASN E 1045 27.74 47.69 30.45
CA ASN E 1045 27.86 48.15 29.06
C ASN E 1045 28.13 47.03 28.07
N ILE E 1046 28.40 45.81 28.53
CA ILE E 1046 28.69 44.72 27.60
C ILE E 1046 27.46 43.92 27.23
N PHE E 1047 26.30 44.20 27.83
CA PHE E 1047 25.12 43.39 27.58
C PHE E 1047 23.93 44.25 27.17
N TYR E 1048 23.86 45.47 27.69
CA TYR E 1048 22.70 46.35 27.53
C TYR E 1048 22.46 46.75 26.08
N MET E 1049 23.39 47.54 25.52
CA MET E 1049 23.21 48.03 24.16
C MET E 1049 23.16 46.93 23.11
N PRO E 1050 24.03 45.91 23.12
CA PRO E 1050 23.89 44.83 22.13
C PRO E 1050 22.59 44.06 22.26
N TYR E 1051 21.94 44.09 23.41
CA TYR E 1051 20.64 43.43 23.54
C TYR E 1051 19.53 44.31 23.00
N TRP E 1052 19.60 45.62 23.22
CA TRP E 1052 18.58 46.47 22.63
C TRP E 1052 18.75 46.64 21.13
N MET E 1053 19.96 46.40 20.60
CA MET E 1053 20.21 46.61 19.18
C MET E 1053 19.62 45.52 18.30
N ILE E 1054 19.17 44.40 18.87
CA ILE E 1054 18.55 43.34 18.07
C ILE E 1054 17.05 43.46 18.03
N TYR E 1055 16.45 44.28 18.89
CA TYR E 1055 15.02 44.53 18.88
C TYR E 1055 14.67 45.79 18.09
N GLY E 1056 15.47 46.10 17.08
CA GLY E 1056 15.23 47.25 16.23
C GLY E 1056 15.79 48.56 16.72
N GLU E 1057 16.34 48.60 17.94
CA GLU E 1057 16.93 49.83 18.47
C GLU E 1057 18.41 49.89 18.13
N VAL E 1058 18.69 49.87 16.83
CA VAL E 1058 20.05 50.01 16.30
C VAL E 1058 20.25 51.46 15.91
N PHE E 1059 21.34 52.06 16.37
CA PHE E 1059 21.61 53.46 16.11
C PHE E 1059 23.04 53.61 15.63
N ALA E 1060 23.20 53.97 14.35
CA ALA E 1060 24.53 54.20 13.79
C ALA E 1060 25.22 55.41 14.40
N ASP E 1061 24.46 56.32 15.01
CA ASP E 1061 25.06 57.47 15.66
C ASP E 1061 25.74 57.12 16.97
N GLN E 1062 25.28 56.07 17.65
CA GLN E 1062 25.83 55.66 18.94
C GLN E 1062 26.79 54.48 18.81
N ILE E 1063 27.33 54.25 17.62
CA ILE E 1063 28.33 53.19 17.43
C ILE E 1063 29.58 53.80 16.81
N LYS E 1085 39.91 57.72 18.11
CA LYS E 1085 40.19 56.42 18.71
C LYS E 1085 40.89 55.50 17.71
N THR E 1086 41.93 54.82 18.16
CA THR E 1086 42.66 53.91 17.28
C THR E 1086 41.83 52.67 17.00
N GLY E 1087 41.71 52.33 15.72
CA GLY E 1087 40.91 51.18 15.34
C GLY E 1087 39.43 51.32 15.65
N ALA E 1088 38.88 52.53 15.55
CA ALA E 1088 37.48 52.73 15.84
C ALA E 1088 36.59 52.32 14.69
N TRP E 1089 37.15 52.11 13.50
CA TRP E 1089 36.34 51.76 12.33
C TRP E 1089 35.96 50.29 12.29
N ILE E 1090 36.49 49.47 13.21
CA ILE E 1090 36.11 48.07 13.23
C ILE E 1090 34.75 47.86 13.88
N VAL E 1091 34.28 48.83 14.68
CA VAL E 1091 33.00 48.70 15.35
C VAL E 1091 31.84 48.56 14.36
N PRO E 1092 31.71 49.41 13.32
CA PRO E 1092 30.63 49.16 12.36
C PRO E 1092 30.73 47.84 11.62
N ALA E 1093 31.95 47.36 11.35
CA ALA E 1093 32.08 46.08 10.64
C ALA E 1093 31.63 44.92 11.51
N ILE E 1094 32.08 44.88 12.77
CA ILE E 1094 31.63 43.82 13.65
C ILE E 1094 30.15 43.96 13.95
N MET E 1095 29.62 45.19 13.96
CA MET E 1095 28.19 45.38 14.13
C MET E 1095 27.42 44.80 12.95
N ALA E 1096 27.91 45.02 11.72
CA ALA E 1096 27.25 44.44 10.56
C ALA E 1096 27.26 42.92 10.62
N CYS E 1097 28.41 42.34 10.99
CA CYS E 1097 28.46 40.88 11.12
C CYS E 1097 27.52 40.38 12.21
N TYR E 1098 27.46 41.10 13.34
CA TYR E 1098 26.60 40.68 14.43
C TYR E 1098 25.14 40.75 14.06
N LEU E 1099 24.72 41.80 13.37
CA LEU E 1099 23.33 41.90 12.96
C LEU E 1099 22.99 40.89 11.86
N LEU E 1100 23.95 40.55 11.00
CA LEU E 1100 23.72 39.53 10.00
C LEU E 1100 23.63 38.13 10.60
N VAL E 1101 24.30 37.89 11.72
CA VAL E 1101 24.28 36.56 12.32
C VAL E 1101 23.12 36.41 13.30
N ALA E 1102 23.03 37.29 14.29
CA ALA E 1102 22.05 37.09 15.36
C ALA E 1102 20.63 37.27 14.87
N ASN E 1103 20.38 38.24 13.99
CA ASN E 1103 19.03 38.57 13.58
C ASN E 1103 18.55 37.79 12.36
N ILE E 1104 19.41 37.01 11.72
CA ILE E 1104 19.07 36.29 10.51
C ILE E 1104 19.36 34.80 10.63
N LEU E 1105 20.57 34.44 11.04
CA LEU E 1105 20.97 33.04 11.04
C LEU E 1105 20.26 32.24 12.12
N LEU E 1106 19.99 32.85 13.26
CA LEU E 1106 19.41 32.13 14.40
C LEU E 1106 17.89 32.30 14.50
N VAL E 1107 17.35 33.48 14.20
CA VAL E 1107 15.91 33.69 14.34
C VAL E 1107 15.14 32.81 13.36
N ASN E 1108 15.59 32.75 12.11
CA ASN E 1108 14.90 31.92 11.13
C ASN E 1108 15.06 30.44 11.44
N LEU E 1109 16.20 30.04 11.99
CA LEU E 1109 16.36 28.66 12.42
C LEU E 1109 15.40 28.33 13.56
N LEU E 1110 15.22 29.28 14.50
CA LEU E 1110 14.26 29.08 15.57
C LEU E 1110 12.84 28.97 15.03
N ILE E 1111 12.51 29.77 14.02
CA ILE E 1111 11.20 29.66 13.38
C ILE E 1111 11.03 28.29 12.76
N ALA E 1112 12.05 27.79 12.07
CA ALA E 1112 11.97 26.47 11.45
C ALA E 1112 11.79 25.38 12.51
N VAL E 1113 12.51 25.50 13.63
CA VAL E 1113 12.40 24.52 14.71
C VAL E 1113 10.99 24.53 15.31
N PHE E 1114 10.44 25.72 15.57
CA PHE E 1114 9.07 25.79 16.06
C PHE E 1114 8.08 25.23 15.05
N ASN E 1115 8.37 25.40 13.76
CA ASN E 1115 7.42 24.94 12.75
C ASN E 1115 7.42 23.42 12.65
N ASN E 1116 8.59 22.79 12.65
CA ASN E 1116 8.68 21.36 12.40
C ASN E 1116 8.57 20.53 13.67
N THR E 1117 8.31 21.14 14.82
CA THR E 1117 8.07 20.40 16.06
C THR E 1117 6.74 20.83 16.66
N PHE E 1118 5.70 20.87 15.84
CA PHE E 1118 4.43 21.45 16.23
C PHE E 1118 3.28 20.46 16.27
N PHE E 1119 3.22 19.54 15.29
CA PHE E 1119 2.07 18.65 15.19
C PHE E 1119 2.02 17.68 16.38
N GLU E 1120 3.14 17.03 16.68
CA GLU E 1120 3.18 16.11 17.81
C GLU E 1120 2.96 16.85 19.12
N VAL E 1121 3.51 18.06 19.24
CA VAL E 1121 3.35 18.84 20.46
C VAL E 1121 1.88 19.21 20.67
N LYS E 1122 1.19 19.63 19.61
CA LYS E 1122 -0.21 19.99 19.79
C LYS E 1122 -1.08 18.76 20.07
N SER E 1123 -0.78 17.61 19.46
CA SER E 1123 -1.55 16.41 19.79
C SER E 1123 -1.34 15.99 21.23
N ILE E 1124 -0.09 16.05 21.71
CA ILE E 1124 0.20 15.72 23.09
C ILE E 1124 -0.50 16.68 24.04
N SER E 1125 -0.50 17.97 23.70
CA SER E 1125 -1.17 18.96 24.54
C SER E 1125 -2.67 18.72 24.61
N ASN E 1126 -3.29 18.38 23.48
CA ASN E 1126 -4.72 18.07 23.49
C ASN E 1126 -5.01 16.86 24.37
N GLN E 1127 -4.19 15.81 24.25
CA GLN E 1127 -4.40 14.63 25.07
C GLN E 1127 -4.24 14.93 26.56
N VAL E 1128 -3.21 15.72 26.90
CA VAL E 1128 -2.97 16.03 28.31
C VAL E 1128 -4.09 16.90 28.87
N TRP E 1129 -4.61 17.84 28.07
CA TRP E 1129 -5.72 18.67 28.54
C TRP E 1129 -6.97 17.82 28.77
N LYS E 1130 -7.28 16.92 27.85
CA LYS E 1130 -8.42 16.05 28.05
C LYS E 1130 -8.24 15.16 29.27
N PHE E 1131 -6.99 14.79 29.58
CA PHE E 1131 -6.75 14.01 30.78
C PHE E 1131 -6.94 14.84 32.05
N GLN E 1132 -6.51 16.10 32.03
CA GLN E 1132 -6.54 16.92 33.23
C GLN E 1132 -7.92 17.53 33.50
N ARG E 1133 -8.84 17.44 32.55
CA ARG E 1133 -10.22 17.85 32.82
C ARG E 1133 -10.77 17.15 34.06
N TYR E 1134 -10.47 15.86 34.23
CA TYR E 1134 -10.98 15.10 35.36
C TYR E 1134 -10.46 15.67 36.68
N GLN E 1135 -9.16 15.96 36.76
CA GLN E 1135 -8.61 16.51 37.99
C GLN E 1135 -9.19 17.87 38.29
N LEU E 1136 -9.39 18.70 37.26
CA LEU E 1136 -10.00 20.01 37.48
C LEU E 1136 -11.43 19.86 38.03
N ILE E 1137 -12.20 18.94 37.47
CA ILE E 1137 -13.58 18.74 37.91
C ILE E 1137 -13.62 18.26 39.36
N MET E 1138 -12.76 17.31 39.71
CA MET E 1138 -12.74 16.85 41.10
C MET E 1138 -12.29 17.94 42.05
N THR E 1139 -11.30 18.74 41.65
CA THR E 1139 -10.82 19.82 42.50
C THR E 1139 -11.92 20.82 42.79
N PHE E 1140 -12.69 21.18 41.77
CA PHE E 1140 -13.77 22.14 42.03
C PHE E 1140 -15.01 21.51 42.64
N HIS E 1141 -15.14 20.18 42.59
CA HIS E 1141 -16.23 19.55 43.33
C HIS E 1141 -15.93 19.48 44.81
N GLU E 1142 -14.66 19.31 45.18
CA GLU E 1142 -14.34 19.22 46.61
C GLU E 1142 -14.42 20.57 47.30
N ARG E 1143 -14.17 21.66 46.58
CA ARG E 1143 -13.96 22.95 47.23
C ARG E 1143 -15.27 23.51 47.80
N PRO E 1144 -15.17 24.34 48.84
CA PRO E 1144 -16.37 24.96 49.42
C PRO E 1144 -17.01 25.95 48.46
N VAL E 1145 -18.24 26.33 48.79
CA VAL E 1145 -19.03 27.18 47.90
C VAL E 1145 -18.46 28.59 47.87
N LEU E 1146 -18.07 29.13 49.02
CA LEU E 1146 -17.66 30.52 49.10
C LEU E 1146 -16.28 30.74 48.48
N PRO E 1147 -16.08 31.89 47.84
CA PRO E 1147 -14.77 32.21 47.28
C PRO E 1147 -13.77 32.52 48.38
N PRO E 1148 -12.48 32.53 48.06
CA PRO E 1148 -11.43 32.80 49.06
C PRO E 1148 -11.59 34.13 49.79
N PRO E 1149 -11.98 35.25 49.14
CA PRO E 1149 -12.06 36.51 49.90
C PRO E 1149 -13.03 36.47 51.06
N LEU E 1150 -14.10 35.69 50.98
CA LEU E 1150 -15.05 35.53 52.08
C LEU E 1150 -15.17 34.06 52.48
N ILE E 1151 -14.06 33.34 52.46
CA ILE E 1151 -14.02 31.94 52.89
C ILE E 1151 -13.82 31.83 54.40
N ILE E 1152 -13.67 32.94 55.11
CA ILE E 1152 -13.43 32.90 56.55
C ILE E 1152 -14.58 32.24 57.27
N PHE E 1153 -15.82 32.46 56.80
CA PHE E 1153 -16.98 31.90 57.48
C PHE E 1153 -16.97 30.38 57.41
N SER E 1154 -16.77 29.81 56.22
CA SER E 1154 -16.67 28.37 56.09
C SER E 1154 -15.37 27.81 56.65
N HIS E 1155 -14.38 28.67 56.92
CA HIS E 1155 -13.16 28.23 57.55
C HIS E 1155 -13.27 28.12 59.07
N MET E 1156 -14.33 28.70 59.66
CA MET E 1156 -14.56 28.60 61.09
C MET E 1156 -15.81 27.80 61.45
N THR E 1157 -16.77 27.68 60.53
CA THR E 1157 -17.91 26.81 60.78
C THR E 1157 -17.50 25.34 60.74
N MET E 1158 -16.50 25.01 59.91
CA MET E 1158 -16.00 23.65 59.87
C MET E 1158 -15.26 23.27 61.15
N ILE E 1159 -14.76 24.25 61.90
CA ILE E 1159 -14.05 23.96 63.15
C ILE E 1159 -15.01 23.47 64.22
N PHE E 1160 -16.19 24.08 64.31
CA PHE E 1160 -17.15 23.70 65.33
C PHE E 1160 -17.73 22.31 65.08
N GLN E 1161 -17.94 21.95 63.81
CA GLN E 1161 -18.50 20.65 63.49
C GLN E 1161 -17.55 19.50 63.75
N HIS E 1162 -16.26 19.79 63.93
CA HIS E 1162 -15.30 18.72 64.22
C HIS E 1162 -15.54 18.12 65.61
N VAL E 1163 -15.91 18.96 66.58
CA VAL E 1163 -16.15 18.50 67.95
C VAL E 1163 -17.63 18.28 68.22
N CYS E 1164 -18.48 18.35 67.20
CA CYS E 1164 -19.90 18.16 67.37
C CYS E 1164 -20.24 16.68 67.59
N ARG E 1177 -20.89 12.19 48.51
CA ARG E 1177 -20.56 11.87 47.12
C ARG E 1177 -21.66 11.04 46.48
N ASP E 1178 -22.91 11.50 46.61
CA ASP E 1178 -24.03 10.79 45.99
C ASP E 1178 -23.86 10.73 44.48
N TYR E 1179 -23.47 11.84 43.87
CA TYR E 1179 -23.05 11.84 42.48
C TYR E 1179 -22.00 12.92 42.31
N GLY E 1180 -21.21 12.79 41.24
CA GLY E 1180 -20.02 13.57 41.05
C GLY E 1180 -18.74 12.85 41.42
N LEU E 1181 -18.85 11.78 42.20
CA LEU E 1181 -17.75 10.84 42.41
C LEU E 1181 -18.13 9.42 42.00
N LYS E 1182 -19.28 8.94 42.46
CA LYS E 1182 -19.73 7.58 42.18
C LYS E 1182 -21.20 7.58 41.78
N LEU E 1183 -21.79 6.38 41.69
CA LEU E 1183 -23.21 6.26 41.39
C LEU E 1183 -23.69 4.94 42.00
N PHE E 1184 -24.31 5.02 43.18
CA PHE E 1184 -24.81 3.82 43.83
C PHE E 1184 -26.03 3.31 43.06
N ILE E 1185 -26.02 2.01 42.75
CA ILE E 1185 -27.08 1.39 41.97
C ILE E 1185 -27.70 0.27 42.78
N THR E 1186 -28.84 -0.22 42.29
CA THR E 1186 -29.55 -1.32 42.92
C THR E 1186 -28.94 -2.65 42.46
N ASP E 1187 -29.64 -3.75 42.75
CA ASP E 1187 -29.15 -5.07 42.37
C ASP E 1187 -29.64 -5.51 41.00
N ASP E 1188 -30.91 -5.24 40.68
CA ASP E 1188 -31.43 -5.62 39.37
C ASP E 1188 -30.72 -4.86 38.25
N GLU E 1189 -30.49 -3.56 38.45
CA GLU E 1189 -29.73 -2.81 37.46
C GLU E 1189 -28.30 -3.31 37.38
N LEU E 1190 -27.74 -3.77 38.49
CA LEU E 1190 -26.41 -4.36 38.47
C LEU E 1190 -26.38 -5.61 37.59
N LYS E 1191 -27.40 -6.46 37.72
CA LYS E 1191 -27.49 -7.65 36.87
C LYS E 1191 -27.62 -7.25 35.41
N LYS E 1192 -28.45 -6.24 35.13
CA LYS E 1192 -28.62 -5.77 33.76
C LYS E 1192 -27.30 -5.28 33.17
N VAL E 1193 -26.55 -4.51 33.96
CA VAL E 1193 -25.27 -3.97 33.49
C VAL E 1193 -24.27 -5.09 33.25
N HIS E 1194 -24.23 -6.09 34.13
CA HIS E 1194 -23.31 -7.21 33.94
C HIS E 1194 -23.63 -7.97 32.66
N ASP E 1195 -24.92 -8.24 32.42
CA ASP E 1195 -25.28 -8.94 31.18
C ASP E 1195 -24.98 -8.10 29.95
N PHE E 1196 -25.17 -6.78 30.05
CA PHE E 1196 -24.82 -5.90 28.94
C PHE E 1196 -23.32 -5.95 28.63
N GLU E 1197 -22.48 -5.90 29.66
CA GLU E 1197 -21.04 -5.95 29.46
C GLU E 1197 -20.61 -7.30 28.88
N GLU E 1198 -21.23 -8.38 29.35
CA GLU E 1198 -20.90 -9.70 28.81
C GLU E 1198 -21.28 -9.81 27.34
N GLN E 1199 -22.45 -9.28 26.97
CA GLN E 1199 -22.84 -9.29 25.56
C GLN E 1199 -21.87 -8.45 24.73
N CYS E 1200 -21.43 -7.31 25.26
CA CYS E 1200 -20.49 -6.46 24.53
C CYS E 1200 -19.16 -7.16 24.30
N ILE E 1201 -18.63 -7.84 25.33
CA ILE E 1201 -17.32 -8.47 25.15
C ILE E 1201 -17.42 -9.66 24.21
N GLU E 1202 -18.52 -10.42 24.27
CA GLU E 1202 -18.71 -11.52 23.32
C GLU E 1202 -18.79 -10.99 21.89
N GLU E 1203 -19.56 -9.92 21.69
CA GLU E 1203 -19.67 -9.34 20.35
C GLU E 1203 -18.33 -8.83 19.85
N TYR E 1204 -17.56 -8.20 20.73
CA TYR E 1204 -16.25 -7.68 20.34
C TYR E 1204 -15.31 -8.79 19.90
N PHE E 1205 -15.26 -9.89 20.66
CA PHE E 1205 -14.39 -11.00 20.27
C PHE E 1205 -14.85 -11.62 18.97
N ARG E 1206 -16.15 -11.81 18.78
CA ARG E 1206 -16.64 -12.37 17.53
C ARG E 1206 -16.31 -11.47 16.35
N GLU E 1207 -16.47 -10.16 16.52
CA GLU E 1207 -16.15 -9.23 15.44
C GLU E 1207 -14.66 -9.26 15.12
N LYS E 1208 -13.80 -9.34 16.15
CA LYS E 1208 -12.37 -9.40 15.89
C LYS E 1208 -12.01 -10.66 15.11
N ASP E 1209 -12.56 -11.81 15.51
CA ASP E 1209 -12.27 -13.04 14.78
C ASP E 1209 -12.78 -12.99 13.35
N ASP E 1210 -13.97 -12.45 13.15
CA ASP E 1210 -14.53 -12.34 11.80
C ASP E 1210 -13.70 -11.41 10.93
N ARG E 1211 -13.24 -10.30 11.50
CA ARG E 1211 -12.37 -9.39 10.75
C ARG E 1211 -11.05 -10.05 10.40
N PHE E 1212 -10.49 -10.83 11.33
CA PHE E 1212 -9.19 -11.45 11.08
C PHE E 1212 -9.28 -12.55 10.01
N ASN E 1213 -10.36 -13.33 10.03
CA ASN E 1213 -10.46 -14.44 9.09
C ASN E 1213 -10.79 -14.00 7.67
N SER E 1214 -11.09 -12.72 7.44
CA SER E 1214 -11.43 -12.23 6.12
C SER E 1214 -10.37 -11.31 5.53
N SER E 1215 -9.27 -11.09 6.23
CA SER E 1215 -8.22 -10.24 5.70
C SER E 1215 -7.49 -10.96 4.56
N ASN E 1216 -6.78 -10.18 3.74
CA ASN E 1216 -6.16 -10.74 2.54
C ASN E 1216 -5.05 -11.72 2.88
N ASP E 1217 -4.26 -11.43 3.92
CA ASP E 1217 -3.14 -12.31 4.26
C ASP E 1217 -3.63 -13.69 4.66
N GLU E 1218 -4.69 -13.76 5.47
CA GLU E 1218 -5.20 -15.05 5.90
C GLU E 1218 -5.74 -15.85 4.72
N ARG E 1219 -6.47 -15.19 3.83
CA ARG E 1219 -7.00 -15.89 2.65
C ARG E 1219 -5.88 -16.39 1.76
N ILE E 1220 -4.83 -15.58 1.57
CA ILE E 1220 -3.71 -16.00 0.73
C ILE E 1220 -3.02 -17.21 1.34
N ARG E 1221 -2.75 -17.17 2.65
CA ARG E 1221 -2.05 -18.27 3.29
C ARG E 1221 -2.87 -19.56 3.24
N VAL E 1222 -4.17 -19.46 3.55
CA VAL E 1222 -5.01 -20.64 3.55
C VAL E 1222 -5.15 -21.21 2.15
N THR E 1223 -5.30 -20.34 1.14
CA THR E 1223 -5.38 -20.79 -0.23
C THR E 1223 -4.10 -21.49 -0.67
N SER E 1224 -2.95 -20.95 -0.29
CA SER E 1224 -1.68 -21.57 -0.65
C SER E 1224 -1.55 -22.96 -0.02
N GLU E 1225 -1.89 -23.08 1.27
CA GLU E 1225 -1.80 -24.38 1.93
C GLU E 1225 -2.74 -25.39 1.30
N ARG E 1226 -3.99 -24.99 1.03
CA ARG E 1226 -4.93 -25.92 0.45
C ARG E 1226 -4.54 -26.29 -0.99
N VAL E 1227 -3.98 -25.35 -1.74
CA VAL E 1227 -3.52 -25.66 -3.09
C VAL E 1227 -2.38 -26.66 -3.05
N GLU E 1228 -1.43 -26.48 -2.12
CA GLU E 1228 -0.32 -27.42 -2.02
C GLU E 1228 -0.82 -28.82 -1.64
N ASN E 1229 -1.72 -28.90 -0.67
CA ASN E 1229 -2.26 -30.20 -0.28
C ASN E 1229 -3.01 -30.85 -1.44
N MET E 1230 -3.81 -30.06 -2.16
CA MET E 1230 -4.55 -30.59 -3.30
C MET E 1230 -3.62 -31.05 -4.40
N SER E 1231 -2.52 -30.32 -4.62
CA SER E 1231 -1.54 -30.72 -5.63
C SER E 1231 -0.91 -32.05 -5.27
N MET E 1232 -0.54 -32.23 -4.01
CA MET E 1232 0.02 -33.51 -3.58
C MET E 1232 -0.99 -34.64 -3.76
N ARG E 1233 -2.25 -34.40 -3.39
CA ARG E 1233 -3.28 -35.42 -3.53
C ARG E 1233 -3.53 -35.77 -4.99
N LEU E 1234 -3.53 -34.77 -5.87
CA LEU E 1234 -3.76 -35.04 -7.29
C LEU E 1234 -2.57 -35.76 -7.91
N GLU E 1235 -1.36 -35.45 -7.44
CA GLU E 1235 -0.20 -36.23 -7.90
C GLU E 1235 -0.33 -37.68 -7.48
N GLU E 1236 -0.81 -37.93 -6.26
CA GLU E 1236 -1.07 -39.30 -5.83
C GLU E 1236 -2.13 -39.97 -6.71
N VAL E 1237 -3.20 -39.24 -7.03
CA VAL E 1237 -4.28 -39.81 -7.83
C VAL E 1237 -3.79 -40.17 -9.23
N ASN E 1238 -3.06 -39.26 -9.86
CA ASN E 1238 -2.54 -39.53 -11.21
C ASN E 1238 -1.40 -40.54 -11.18
N GLU E 1239 -0.79 -40.77 -10.02
CA GLU E 1239 0.29 -41.75 -9.92
C GLU E 1239 -0.24 -43.16 -10.19
N ARG E 1240 -1.43 -43.48 -9.71
CA ARG E 1240 -1.99 -44.81 -9.93
C ARG E 1240 -2.35 -44.99 -11.41
N GLU E 1241 -2.15 -46.22 -11.88
CA GLU E 1241 -2.44 -46.58 -13.28
C GLU E 1241 -3.10 -47.95 -13.29
N HIS E 1242 -4.43 -47.97 -13.38
CA HIS E 1242 -5.16 -49.23 -13.48
C HIS E 1242 -5.27 -49.72 -14.92
N SER E 1243 -4.86 -48.93 -15.90
CA SER E 1243 -4.91 -49.33 -17.29
C SER E 1243 -3.89 -50.43 -17.59
N UNK F 1 39.84 -35.81 36.62
CA UNK F 1 38.55 -35.35 36.10
C UNK F 1 37.42 -35.79 37.03
N UNK F 2 36.22 -35.91 36.47
CA UNK F 2 35.07 -36.40 37.23
C UNK F 2 34.69 -37.78 36.72
N UNK F 3 35.27 -38.15 35.58
CA UNK F 3 35.00 -39.45 34.98
C UNK F 3 36.05 -40.46 35.44
N UNK F 4 36.29 -40.52 36.74
CA UNK F 4 37.20 -41.49 37.31
C UNK F 4 36.45 -42.71 37.81
N UNK F 5 35.29 -42.95 37.22
CA UNK F 5 34.44 -44.07 37.61
C UNK F 5 34.52 -45.19 36.57
N UNK F 6 34.37 -44.84 35.31
CA UNK F 6 34.42 -45.81 34.23
C UNK F 6 35.87 -46.06 33.80
N UNK F 7 36.19 -47.32 33.53
CA UNK F 7 37.52 -47.70 33.08
C UNK F 7 37.46 -48.38 31.73
N UNK F 8 38.44 -48.13 30.88
CA UNK F 8 38.47 -48.67 29.53
C UNK F 8 38.81 -50.16 29.53
N UNK F 9 39.22 -50.67 28.37
CA UNK F 9 39.57 -52.08 28.25
C UNK F 9 40.58 -52.28 27.12
N UNK F 10 41.78 -52.72 27.46
CA UNK F 10 42.83 -52.96 26.48
C UNK F 10 43.22 -54.43 26.44
N UNK F 11 43.43 -54.96 25.24
CA UNK F 11 43.76 -56.36 25.06
C UNK F 11 45.14 -56.71 25.61
N UNK F 12 45.36 -58.00 25.84
CA UNK F 12 46.63 -58.50 26.35
C UNK F 12 47.30 -59.42 25.35
N UNK F 13 47.97 -60.46 25.85
CA UNK F 13 48.64 -61.42 24.99
C UNK F 13 47.62 -62.30 24.28
N UNK F 14 47.18 -61.86 23.11
CA UNK F 14 46.19 -62.60 22.33
C UNK F 14 46.82 -63.82 21.66
N UNK F 15 46.13 -64.95 21.76
CA UNK F 15 46.64 -66.21 21.21
C UNK F 15 45.62 -66.85 20.28
N UNK F 16 45.69 -66.53 19.00
CA UNK F 16 44.79 -67.10 18.01
C UNK F 16 45.40 -67.01 16.61
N UNK F 17 44.59 -66.59 15.64
CA UNK F 17 45.00 -66.42 14.24
C UNK F 17 45.55 -67.72 13.64
N ILE G 129 28.66 -35.57 -66.01
CA ILE G 129 30.07 -35.90 -66.21
C ILE G 129 30.65 -36.54 -64.95
N SER G 130 31.95 -36.81 -64.97
CA SER G 130 32.63 -37.46 -63.86
C SER G 130 33.14 -36.42 -62.85
N LYS G 131 32.21 -35.58 -62.41
CA LYS G 131 32.49 -34.50 -61.45
C LYS G 131 33.62 -33.60 -61.93
N HIS G 132 33.56 -33.21 -63.21
CA HIS G 132 34.59 -32.37 -63.81
C HIS G 132 34.15 -30.91 -63.70
N THR G 133 34.45 -30.32 -62.55
CA THR G 133 34.13 -28.94 -62.24
C THR G 133 35.41 -28.20 -61.89
N GLN G 134 35.62 -27.04 -62.51
CA GLN G 134 36.80 -26.25 -62.22
C GLN G 134 36.71 -25.66 -60.82
N LEU G 135 37.86 -25.58 -60.13
CA LEU G 135 37.90 -25.12 -58.76
C LEU G 135 38.16 -23.61 -58.72
N SER G 136 37.15 -22.87 -59.19
CA SER G 136 37.19 -21.42 -59.10
C SER G 136 37.09 -20.99 -57.64
N PRO G 137 37.64 -19.83 -57.29
CA PRO G 137 37.55 -19.36 -55.90
C PRO G 137 36.11 -19.02 -55.52
N THR G 138 35.86 -19.09 -54.21
CA THR G 138 34.54 -18.77 -53.67
C THR G 138 34.22 -17.30 -53.90
N ASP G 139 32.96 -17.02 -54.20
CA ASP G 139 32.51 -15.66 -54.46
C ASP G 139 31.21 -15.34 -53.74
N ALA G 140 30.94 -16.04 -52.63
CA ALA G 140 29.71 -15.79 -51.87
C ALA G 140 30.00 -16.07 -50.39
N PHE G 141 30.36 -15.02 -49.66
CA PHE G 141 30.61 -15.14 -48.23
C PHE G 141 30.49 -13.78 -47.58
N GLY G 142 29.81 -13.71 -46.45
CA GLY G 142 29.54 -12.45 -45.80
C GLY G 142 28.43 -12.54 -44.77
N THR G 143 27.44 -11.67 -44.89
CA THR G 143 26.30 -11.66 -43.97
C THR G 143 25.03 -11.47 -44.78
N ILE G 144 23.96 -12.12 -44.35
CA ILE G 144 22.65 -11.96 -44.98
C ILE G 144 21.62 -11.64 -43.91
N GLU G 145 20.66 -10.79 -44.24
CA GLU G 145 19.53 -10.52 -43.38
C GLU G 145 18.26 -11.07 -44.03
N PHE G 146 17.39 -11.66 -43.21
CA PHE G 146 16.18 -12.29 -43.70
C PHE G 146 15.04 -11.29 -43.67
N GLN G 147 14.50 -10.98 -44.85
CA GLN G 147 13.36 -10.08 -44.98
C GLN G 147 12.12 -10.90 -45.28
N GLY G 148 11.06 -10.68 -44.51
CA GLY G 148 9.83 -11.41 -44.70
C GLY G 148 9.36 -12.10 -43.43
N GLY G 149 10.31 -12.53 -42.60
CA GLY G 149 9.98 -13.12 -41.33
C GLY G 149 9.50 -12.08 -40.34
N GLY G 150 9.02 -12.57 -39.20
CA GLY G 150 8.56 -11.69 -38.15
C GLY G 150 9.66 -11.28 -37.19
N HIS G 151 10.87 -11.06 -37.71
CA HIS G 151 12.03 -10.75 -36.89
C HIS G 151 13.11 -10.15 -37.77
N SER G 152 14.13 -9.60 -37.11
CA SER G 152 15.33 -9.11 -37.78
C SER G 152 16.50 -9.97 -37.30
N ASN G 153 17.05 -10.76 -38.20
CA ASN G 153 18.11 -11.70 -37.85
C ASN G 153 19.24 -11.62 -38.87
N LYS G 154 20.46 -11.83 -38.39
CA LYS G 154 21.66 -11.83 -39.21
C LYS G 154 22.29 -13.22 -39.18
N ALA G 155 23.00 -13.57 -40.25
CA ALA G 155 23.54 -14.91 -40.37
C ALA G 155 24.74 -14.89 -41.29
N MET G 156 25.93 -15.17 -40.75
CA MET G 156 27.09 -15.34 -41.61
C MET G 156 26.95 -16.58 -42.47
N TYR G 157 27.45 -16.50 -43.69
CA TYR G 157 27.35 -17.59 -44.64
C TYR G 157 28.63 -17.66 -45.45
N VAL G 158 29.09 -18.88 -45.71
CA VAL G 158 30.26 -19.14 -46.55
C VAL G 158 29.98 -20.37 -47.38
N ARG G 159 30.08 -20.25 -48.70
CA ARG G 159 30.01 -21.41 -49.56
C ARG G 159 31.40 -21.99 -49.75
N VAL G 160 31.49 -23.31 -49.73
CA VAL G 160 32.74 -24.04 -49.81
C VAL G 160 32.56 -25.26 -50.69
N SER G 161 33.64 -26.00 -50.90
CA SER G 161 33.63 -27.23 -51.67
C SER G 161 33.62 -28.44 -50.75
N PHE G 162 33.18 -29.57 -51.29
CA PHE G 162 33.05 -30.80 -50.52
C PHE G 162 34.39 -31.39 -50.10
N ASP G 163 35.51 -30.90 -50.65
CA ASP G 163 36.83 -31.41 -50.33
C ASP G 163 37.54 -30.59 -49.26
N THR G 164 36.86 -29.60 -48.68
CA THR G 164 37.49 -28.77 -47.67
C THR G 164 37.81 -29.59 -46.41
N LYS G 165 39.04 -29.47 -45.93
CA LYS G 165 39.45 -30.21 -44.75
C LYS G 165 38.73 -29.68 -43.51
N PRO G 166 38.38 -30.55 -42.57
CA PRO G 166 37.69 -30.08 -41.35
C PRO G 166 38.52 -29.09 -40.54
N ASP G 167 39.84 -29.22 -40.55
CA ASP G 167 40.66 -28.27 -39.80
C ASP G 167 40.54 -26.87 -40.37
N LEU G 168 40.48 -26.74 -41.69
CA LEU G 168 40.31 -25.43 -42.32
C LEU G 168 38.95 -24.83 -41.96
N LEU G 169 37.89 -25.63 -41.98
CA LEU G 169 36.57 -25.14 -41.60
C LEU G 169 36.55 -24.72 -40.14
N LEU G 170 37.19 -25.49 -39.27
CA LEU G 170 37.25 -25.11 -37.86
C LEU G 170 38.04 -23.82 -37.66
N HIS G 171 39.09 -23.62 -38.46
CA HIS G 171 39.84 -22.37 -38.40
C HIS G 171 38.95 -21.20 -38.82
N LEU G 172 38.20 -21.36 -39.89
CA LEU G 172 37.28 -20.31 -40.33
C LEU G 172 36.19 -20.06 -39.30
N MET G 173 35.76 -21.12 -38.61
CA MET G 173 34.67 -21.00 -37.65
C MET G 173 35.13 -20.32 -36.37
N THR G 174 36.37 -20.59 -35.94
CA THR G 174 36.89 -20.03 -34.70
C THR G 174 37.57 -18.68 -34.89
N LYS G 175 37.92 -18.32 -36.12
CA LYS G 175 38.66 -17.08 -36.37
C LYS G 175 37.84 -16.01 -37.05
N GLU G 176 37.23 -16.32 -38.20
CA GLU G 176 36.48 -15.29 -38.92
C GLU G 176 35.15 -14.99 -38.27
N TRP G 177 34.55 -15.95 -37.57
CA TRP G 177 33.26 -15.76 -36.94
C TRP G 177 33.36 -15.55 -35.44
N GLN G 178 34.54 -15.71 -34.86
CA GLN G 178 34.79 -15.52 -33.42
C GLN G 178 33.89 -16.44 -32.58
N LEU G 179 34.04 -17.74 -32.81
CA LEU G 179 33.31 -18.76 -32.06
C LEU G 179 34.30 -19.59 -31.28
N GLU G 180 34.13 -19.64 -29.97
CA GLU G 180 35.00 -20.45 -29.13
C GLU G 180 34.68 -21.94 -29.31
N LEU G 181 35.57 -22.78 -28.81
CA LEU G 181 35.31 -24.21 -28.82
C LEU G 181 34.15 -24.52 -27.89
N PRO G 182 33.14 -25.25 -28.34
CA PRO G 182 31.96 -25.49 -27.52
C PRO G 182 32.22 -26.55 -26.44
N LYS G 183 31.38 -26.49 -25.42
CA LYS G 183 31.39 -27.48 -24.34
C LYS G 183 30.42 -28.61 -24.57
N LEU G 184 29.72 -28.61 -25.71
CA LEU G 184 28.75 -29.64 -26.06
C LEU G 184 28.46 -29.51 -27.54
N LEU G 185 28.27 -30.64 -28.22
CA LEU G 185 28.00 -30.66 -29.64
C LEU G 185 26.82 -31.58 -29.91
N ILE G 186 25.76 -31.04 -30.48
CA ILE G 186 24.53 -31.78 -30.74
C ILE G 186 24.36 -31.91 -32.25
N SER G 187 24.12 -33.13 -32.72
CA SER G 187 23.82 -33.38 -34.12
C SER G 187 22.36 -33.80 -34.24
N VAL G 188 21.62 -33.12 -35.10
CA VAL G 188 20.18 -33.34 -35.26
C VAL G 188 19.95 -33.92 -36.66
N HIS G 189 19.27 -35.06 -36.71
CA HIS G 189 18.96 -35.73 -37.97
C HIS G 189 17.45 -35.87 -38.11
N GLY G 190 17.01 -35.94 -39.36
CA GLY G 190 15.59 -36.09 -39.61
C GLY G 190 15.34 -36.43 -41.06
N GLY G 191 14.08 -36.34 -41.45
CA GLY G 191 13.68 -36.61 -42.82
C GLY G 191 13.57 -35.34 -43.63
N LEU G 192 13.97 -35.44 -44.90
CA LEU G 192 13.88 -34.32 -45.83
C LEU G 192 12.44 -34.03 -46.27
N GLN G 193 11.46 -34.74 -45.71
CA GLN G 193 10.05 -34.49 -45.98
C GLN G 193 9.59 -33.29 -45.15
N ASN G 194 8.27 -33.10 -45.07
CA ASN G 194 7.69 -31.97 -44.35
C ASN G 194 6.68 -32.50 -43.32
N PHE G 195 7.13 -33.47 -42.53
CA PHE G 195 6.30 -34.17 -41.57
C PHE G 195 5.78 -33.22 -40.48
N GLU G 196 4.78 -33.69 -39.75
CA GLU G 196 4.15 -32.95 -38.67
C GLU G 196 4.00 -33.85 -37.46
N LEU G 197 4.33 -33.32 -36.28
CA LEU G 197 4.21 -34.06 -35.03
C LEU G 197 3.16 -33.40 -34.15
N GLN G 198 2.49 -34.23 -33.35
CA GLN G 198 1.32 -33.80 -32.59
C GLN G 198 1.71 -32.78 -31.52
N PRO G 199 0.76 -31.95 -31.08
CA PRO G 199 1.05 -31.01 -29.99
C PRO G 199 1.40 -31.71 -28.69
N LYS G 200 1.99 -30.94 -27.76
CA LYS G 200 2.49 -31.38 -26.45
C LYS G 200 3.76 -32.21 -26.58
N LEU G 201 4.12 -32.56 -27.82
CA LEU G 201 5.42 -33.18 -28.04
C LEU G 201 6.40 -32.20 -28.67
N LYS G 202 5.93 -31.44 -29.67
CA LYS G 202 6.78 -30.43 -30.30
C LYS G 202 7.17 -29.34 -29.30
N GLN G 203 6.23 -28.94 -28.44
CA GLN G 203 6.53 -27.92 -27.44
C GLN G 203 7.56 -28.42 -26.45
N VAL G 204 7.38 -29.65 -25.94
CA VAL G 204 8.32 -30.20 -24.97
C VAL G 204 9.68 -30.42 -25.62
N PHE G 205 9.69 -30.92 -26.86
CA PHE G 205 10.95 -31.12 -27.58
C PHE G 205 11.68 -29.81 -27.79
N GLY G 206 10.97 -28.76 -28.19
CA GLY G 206 11.55 -27.45 -28.39
C GLY G 206 12.13 -26.88 -27.11
N LYS G 207 11.36 -26.94 -26.03
CA LYS G 207 11.84 -26.40 -24.75
C LYS G 207 13.06 -27.18 -24.26
N GLY G 208 13.03 -28.51 -24.38
CA GLY G 208 14.17 -29.29 -23.93
C GLY G 208 15.42 -29.01 -24.74
N LEU G 209 15.30 -28.97 -26.07
CA LEU G 209 16.47 -28.68 -26.90
C LEU G 209 17.02 -27.29 -26.62
N ILE G 210 16.13 -26.30 -26.49
CA ILE G 210 16.56 -24.94 -26.25
C ILE G 210 17.25 -24.82 -24.89
N LYS G 211 16.70 -25.47 -23.86
CA LYS G 211 17.33 -25.42 -22.54
C LYS G 211 18.69 -26.11 -22.57
N ALA G 212 18.79 -27.26 -23.23
CA ALA G 212 20.06 -27.98 -23.31
C ALA G 212 21.10 -27.23 -24.11
N ALA G 213 20.69 -26.38 -25.05
CA ALA G 213 21.65 -25.58 -25.79
C ALA G 213 21.92 -24.23 -25.15
N MET G 214 21.07 -23.78 -24.22
CA MET G 214 21.21 -22.48 -23.60
C MET G 214 21.94 -22.52 -22.26
N THR G 215 21.62 -23.47 -21.38
CA THR G 215 22.30 -23.54 -20.10
C THR G 215 23.79 -23.82 -20.29
N THR G 216 24.13 -24.74 -21.19
CA THR G 216 25.50 -25.04 -21.53
C THR G 216 25.78 -24.56 -22.95
N GLY G 217 26.93 -23.92 -23.14
CA GLY G 217 27.31 -23.45 -24.45
C GLY G 217 27.48 -24.59 -25.43
N ALA G 218 26.68 -24.59 -26.51
CA ALA G 218 26.66 -25.74 -27.39
C ALA G 218 26.35 -25.30 -28.81
N TRP G 219 26.77 -26.13 -29.76
CA TRP G 219 26.49 -25.94 -31.17
C TRP G 219 25.42 -26.92 -31.61
N ILE G 220 24.47 -26.45 -32.40
CA ILE G 220 23.39 -27.28 -32.91
C ILE G 220 23.60 -27.43 -34.41
N PHE G 221 24.12 -28.58 -34.82
CA PHE G 221 24.28 -28.87 -36.24
C PHE G 221 22.92 -29.28 -36.80
N THR G 222 22.53 -28.67 -37.91
CA THR G 222 21.26 -28.99 -38.56
C THR G 222 21.46 -29.15 -40.05
N GLY G 223 20.40 -29.62 -40.73
CA GLY G 223 20.47 -29.73 -42.17
C GLY G 223 20.60 -28.39 -42.86
N GLY G 224 19.83 -27.40 -42.42
CA GLY G 224 19.96 -26.05 -42.94
C GLY G 224 18.78 -25.59 -43.77
N VAL G 225 18.27 -26.44 -44.65
CA VAL G 225 17.12 -26.07 -45.47
C VAL G 225 15.85 -26.13 -44.62
N ASN G 226 14.82 -25.43 -45.10
CA ASN G 226 13.57 -25.29 -44.35
C ASN G 226 12.63 -26.45 -44.70
N THR G 227 13.00 -27.64 -44.23
CA THR G 227 12.20 -28.84 -44.43
C THR G 227 12.17 -29.67 -43.16
N GLY G 228 10.98 -30.12 -42.77
CA GLY G 228 10.86 -31.14 -41.76
C GLY G 228 11.34 -30.71 -40.39
N VAL G 229 12.25 -31.50 -39.82
CA VAL G 229 12.73 -31.28 -38.46
C VAL G 229 13.48 -29.96 -38.33
N ILE G 230 14.13 -29.51 -39.41
CA ILE G 230 14.85 -28.24 -39.36
C ILE G 230 13.87 -27.08 -39.20
N ARG G 231 12.71 -27.17 -39.83
CA ARG G 231 11.68 -26.16 -39.61
C ARG G 231 11.19 -26.20 -38.16
N HIS G 232 11.10 -27.40 -37.58
CA HIS G 232 10.66 -27.50 -36.19
C HIS G 232 11.67 -26.87 -35.24
N VAL G 233 12.98 -27.09 -35.48
CA VAL G 233 13.95 -26.46 -34.59
C VAL G 233 14.03 -24.96 -34.86
N GLY G 234 13.73 -24.52 -36.08
CA GLY G 234 13.60 -23.10 -36.34
C GLY G 234 12.47 -22.47 -35.55
N ASP G 235 11.32 -23.15 -35.50
CA ASP G 235 10.21 -22.65 -34.69
C ASP G 235 10.53 -22.71 -33.20
N ALA G 236 11.27 -23.73 -32.76
CA ALA G 236 11.69 -23.80 -31.36
C ALA G 236 12.60 -22.62 -31.01
N LEU G 237 13.53 -22.28 -31.90
CA LEU G 237 14.34 -21.08 -31.71
C LEU G 237 13.48 -19.82 -31.74
N LYS G 238 12.42 -19.82 -32.55
CA LYS G 238 11.52 -18.67 -32.61
C LYS G 238 10.82 -18.47 -31.26
N ASP G 239 10.39 -19.56 -30.63
CA ASP G 239 9.78 -19.45 -29.31
C ASP G 239 10.79 -18.99 -28.27
N HIS G 240 12.04 -19.44 -28.39
CA HIS G 240 13.06 -19.12 -27.39
C HIS G 240 13.32 -17.62 -27.30
N ALA G 241 13.55 -16.98 -28.44
CA ALA G 241 13.80 -15.54 -28.44
C ALA G 241 12.58 -14.76 -27.99
N SER G 242 11.39 -15.35 -28.08
CA SER G 242 10.19 -14.68 -27.60
C SER G 242 10.20 -14.55 -26.09
N LYS G 243 10.75 -15.54 -25.38
CA LYS G 243 10.63 -15.62 -23.94
C LYS G 243 11.95 -15.47 -23.20
N SER G 244 13.09 -15.47 -23.89
CA SER G 244 14.37 -15.38 -23.20
C SER G 244 15.42 -14.77 -24.11
N ARG G 245 16.50 -14.33 -23.49
CA ARG G 245 17.61 -13.68 -24.19
C ARG G 245 18.66 -14.72 -24.58
N GLY G 246 19.84 -14.27 -24.98
CA GLY G 246 20.93 -15.15 -25.31
C GLY G 246 20.97 -15.51 -26.78
N LYS G 247 22.17 -15.85 -27.24
CA LYS G 247 22.40 -16.25 -28.62
C LYS G 247 22.79 -17.71 -28.65
N ILE G 248 22.07 -18.50 -29.44
CA ILE G 248 22.34 -19.92 -29.60
C ILE G 248 23.05 -20.11 -30.93
N CYS G 249 24.26 -20.64 -30.88
CA CYS G 249 25.08 -20.79 -32.09
C CYS G 249 24.62 -22.04 -32.82
N THR G 250 23.61 -21.88 -33.68
CA THR G 250 23.08 -22.97 -34.48
C THR G 250 23.67 -22.89 -35.88
N ILE G 251 24.29 -23.98 -36.31
CA ILE G 251 25.02 -24.02 -37.57
C ILE G 251 24.30 -24.95 -38.53
N GLY G 252 23.95 -24.44 -39.70
CA GLY G 252 23.26 -25.25 -40.69
C GLY G 252 24.12 -25.53 -41.90
N ILE G 253 24.55 -26.79 -42.05
CA ILE G 253 25.39 -27.20 -43.17
C ILE G 253 24.49 -27.78 -44.24
N ALA G 254 24.20 -26.98 -45.27
CA ALA G 254 23.27 -27.35 -46.32
C ALA G 254 23.96 -27.34 -47.68
N PRO G 255 23.53 -28.18 -48.61
CA PRO G 255 24.09 -28.16 -49.96
C PRO G 255 23.78 -26.87 -50.69
N TRP G 256 24.69 -26.48 -51.58
CA TRP G 256 24.59 -25.19 -52.24
C TRP G 256 23.50 -25.18 -53.31
N GLY G 257 23.28 -26.31 -53.96
CA GLY G 257 22.38 -26.34 -55.10
C GLY G 257 20.90 -26.22 -54.79
N ILE G 258 20.49 -26.52 -53.56
CA ILE G 258 19.06 -26.61 -53.25
C ILE G 258 18.47 -25.29 -52.75
N VAL G 259 19.29 -24.28 -52.51
CA VAL G 259 18.75 -22.99 -52.09
C VAL G 259 17.96 -22.37 -53.24
N GLU G 260 16.87 -21.70 -52.90
CA GLU G 260 15.98 -21.16 -53.93
C GLU G 260 16.68 -20.10 -54.77
N ASN G 261 17.43 -19.21 -54.13
CA ASN G 261 18.15 -18.15 -54.80
C ASN G 261 19.65 -18.44 -54.67
N GLN G 262 20.19 -19.14 -55.66
CA GLN G 262 21.64 -19.29 -55.75
C GLN G 262 22.30 -17.94 -55.93
N GLU G 263 21.68 -17.07 -56.72
CA GLU G 263 22.06 -15.66 -56.81
C GLU G 263 21.50 -14.94 -55.59
N ASP G 264 21.52 -13.60 -55.63
CA ASP G 264 21.09 -12.74 -54.53
C ASP G 264 21.96 -12.89 -53.29
N LEU G 265 23.01 -13.71 -53.36
CA LEU G 265 23.96 -13.88 -52.27
C LEU G 265 25.40 -13.72 -52.72
N ILE G 266 25.64 -13.43 -54.00
CA ILE G 266 27.01 -13.44 -54.56
C ILE G 266 27.82 -12.24 -54.11
N GLY G 267 27.24 -11.32 -53.34
CA GLY G 267 28.00 -10.21 -52.83
C GLY G 267 29.02 -10.62 -51.78
N ARG G 268 30.30 -10.57 -52.14
CA ARG G 268 31.35 -11.01 -51.23
C ARG G 268 31.56 -9.98 -50.13
N ASP G 269 31.56 -10.45 -48.88
CA ASP G 269 31.84 -9.63 -47.71
C ASP G 269 30.87 -8.46 -47.58
N VAL G 270 29.67 -8.60 -48.12
CA VAL G 270 28.67 -7.54 -48.10
C VAL G 270 27.33 -8.13 -47.69
N VAL G 271 26.47 -7.27 -47.18
CA VAL G 271 25.12 -7.68 -46.78
C VAL G 271 24.28 -7.90 -48.01
N ARG G 272 23.46 -8.95 -47.99
CA ARG G 272 22.58 -9.28 -49.10
C ARG G 272 21.19 -9.52 -48.55
N PRO G 273 20.20 -8.70 -48.91
CA PRO G 273 18.82 -8.97 -48.48
C PRO G 273 18.31 -10.30 -49.03
N TYR G 274 17.54 -11.00 -48.20
CA TYR G 274 17.04 -12.32 -48.52
C TYR G 274 15.55 -12.37 -48.25
N GLN G 275 14.82 -13.11 -49.07
CA GLN G 275 13.36 -13.17 -48.99
C GLN G 275 12.96 -14.45 -48.26
N THR G 276 12.23 -14.29 -47.16
CA THR G 276 11.78 -15.44 -46.38
C THR G 276 10.66 -16.19 -47.09
N MET G 277 9.88 -15.52 -47.92
CA MET G 277 8.76 -16.16 -48.58
C MET G 277 9.24 -17.17 -49.61
N SER G 278 8.65 -18.37 -49.59
CA SER G 278 8.98 -19.44 -50.51
C SER G 278 7.74 -19.82 -51.30
N ASN G 279 7.85 -19.82 -52.63
CA ASN G 279 6.72 -20.21 -53.45
C ASN G 279 6.53 -21.73 -53.41
N PRO G 280 5.29 -22.22 -53.42
CA PRO G 280 5.06 -23.65 -53.22
C PRO G 280 5.40 -24.51 -54.44
N MET G 281 5.55 -23.93 -55.62
CA MET G 281 5.81 -24.72 -56.82
C MET G 281 7.30 -24.87 -57.13
N SER G 282 8.18 -24.25 -56.34
CA SER G 282 9.61 -24.35 -56.60
C SER G 282 10.17 -25.66 -56.09
N LYS G 283 11.02 -26.28 -56.90
CA LYS G 283 11.73 -27.48 -56.44
C LYS G 283 12.78 -27.12 -55.39
N LEU G 284 13.49 -26.02 -55.59
CA LEU G 284 14.47 -25.56 -54.62
C LEU G 284 13.77 -25.03 -53.37
N THR G 285 14.45 -25.14 -52.24
CA THR G 285 13.90 -24.77 -50.94
C THR G 285 14.73 -23.66 -50.33
N VAL G 286 14.05 -22.71 -49.66
CA VAL G 286 14.75 -21.59 -49.05
C VAL G 286 15.47 -22.04 -47.77
N LEU G 287 16.52 -21.31 -47.42
CA LEU G 287 17.20 -21.55 -46.16
C LEU G 287 16.31 -21.15 -44.99
N ASN G 288 16.30 -21.99 -43.96
CA ASN G 288 15.53 -21.70 -42.77
C ASN G 288 16.09 -20.45 -42.08
N SER G 289 15.20 -19.58 -41.63
CA SER G 289 15.64 -18.41 -40.89
C SER G 289 15.96 -18.80 -39.45
N MET G 290 16.49 -17.83 -38.71
CA MET G 290 16.88 -18.00 -37.31
C MET G 290 17.94 -19.09 -37.15
N HIS G 291 18.86 -19.17 -38.11
CA HIS G 291 20.09 -19.94 -37.98
C HIS G 291 21.24 -18.94 -37.96
N SER G 292 22.09 -19.02 -36.93
CA SER G 292 23.07 -17.96 -36.72
C SER G 292 24.21 -18.02 -37.72
N HIS G 293 24.59 -19.22 -38.18
CA HIS G 293 25.66 -19.35 -39.15
C HIS G 293 25.28 -20.39 -40.20
N PHE G 294 25.90 -20.28 -41.36
CA PHE G 294 25.64 -21.21 -42.46
C PHE G 294 26.96 -21.64 -43.08
N ILE G 295 26.97 -22.84 -43.64
CA ILE G 295 28.07 -23.32 -44.47
C ILE G 295 27.45 -24.07 -45.64
N LEU G 296 27.75 -23.64 -46.86
CA LEU G 296 27.13 -24.19 -48.06
C LEU G 296 28.14 -25.08 -48.77
N ALA G 297 27.74 -26.31 -49.06
CA ALA G 297 28.59 -27.29 -49.73
C ALA G 297 28.18 -27.41 -51.19
N ASP G 298 29.16 -27.38 -52.08
CA ASP G 298 28.91 -27.41 -53.51
C ASP G 298 29.67 -28.55 -54.15
N ASN G 299 28.97 -29.34 -54.97
CA ASN G 299 29.59 -30.35 -55.80
C ASN G 299 29.29 -30.18 -57.28
N GLY G 300 28.31 -29.34 -57.64
CA GLY G 300 28.04 -29.06 -59.03
C GLY G 300 26.59 -29.14 -59.43
N THR G 301 25.85 -30.10 -58.87
CA THR G 301 24.48 -30.30 -59.27
C THR G 301 23.56 -29.29 -58.59
N THR G 302 22.31 -29.28 -59.02
CA THR G 302 21.28 -28.40 -58.49
C THR G 302 19.99 -29.18 -58.35
N GLY G 303 19.48 -29.29 -57.13
CA GLY G 303 18.32 -30.10 -56.84
C GLY G 303 18.62 -31.49 -56.32
N LYS G 304 19.89 -31.79 -56.04
CA LYS G 304 20.30 -33.11 -55.57
C LYS G 304 21.06 -32.98 -54.26
N TYR G 305 20.75 -33.88 -53.33
CA TYR G 305 21.35 -33.88 -52.00
C TYR G 305 22.61 -34.74 -51.98
N GLY G 306 23.11 -35.04 -50.78
CA GLY G 306 24.25 -35.90 -50.63
C GLY G 306 25.57 -35.31 -51.07
N ALA G 307 25.80 -34.04 -50.76
CA ALA G 307 27.06 -33.39 -51.06
C ALA G 307 27.79 -32.89 -49.82
N GLU G 308 27.16 -32.95 -48.65
CA GLU G 308 27.76 -32.42 -47.42
C GLU G 308 27.82 -33.44 -46.29
N VAL G 309 27.24 -34.63 -46.46
CA VAL G 309 27.14 -35.59 -45.36
C VAL G 309 28.52 -36.03 -44.89
N LYS G 310 29.42 -36.36 -45.83
CA LYS G 310 30.78 -36.73 -45.45
C LYS G 310 31.50 -35.57 -44.77
N LEU G 311 31.32 -34.35 -45.31
CA LEU G 311 31.89 -33.17 -44.69
C LEU G 311 31.36 -32.96 -43.29
N ARG G 312 30.05 -33.16 -43.09
CA ARG G 312 29.44 -32.99 -41.78
C ARG G 312 30.00 -33.99 -40.77
N ARG G 313 30.09 -35.26 -41.18
CA ARG G 313 30.61 -36.28 -40.26
C ARG G 313 32.09 -36.03 -39.95
N GLN G 314 32.88 -35.63 -40.95
CA GLN G 314 34.28 -35.35 -40.69
C GLN G 314 34.44 -34.14 -39.77
N LEU G 315 33.60 -33.12 -39.93
CA LEU G 315 33.66 -31.97 -39.04
C LEU G 315 33.31 -32.36 -37.61
N GLU G 316 32.27 -33.19 -37.43
CA GLU G 316 31.93 -33.66 -36.09
C GLU G 316 33.07 -34.47 -35.48
N LYS G 317 33.68 -35.35 -36.27
CA LYS G 317 34.79 -36.15 -35.76
C LYS G 317 35.98 -35.26 -35.38
N HIS G 318 36.27 -34.24 -36.19
CA HIS G 318 37.39 -33.36 -35.89
C HIS G 318 37.12 -32.50 -34.66
N ILE G 319 35.87 -32.09 -34.44
CA ILE G 319 35.54 -31.36 -33.23
C ILE G 319 35.66 -32.28 -32.02
N SER G 320 35.21 -33.53 -32.15
CA SER G 320 35.28 -34.47 -31.04
C SER G 320 36.70 -34.81 -30.65
N LEU G 321 37.66 -34.67 -31.56
CA LEU G 321 39.06 -34.93 -31.26
C LEU G 321 39.75 -33.75 -30.61
N GLN G 322 39.09 -32.61 -30.48
CA GLN G 322 39.68 -31.44 -29.84
C GLN G 322 39.72 -31.66 -28.33
N LYS G 323 40.16 -30.63 -27.60
CA LYS G 323 40.27 -30.72 -26.15
C LYS G 323 39.36 -29.69 -25.50
N ILE G 324 38.57 -30.14 -24.53
CA ILE G 324 37.75 -29.24 -23.73
C ILE G 324 38.69 -28.51 -22.78
N ASN G 325 38.20 -27.45 -22.14
CA ASN G 325 39.05 -26.63 -21.28
C ASN G 325 39.60 -27.40 -20.08
N THR G 326 38.93 -28.46 -19.65
CA THR G 326 39.39 -29.21 -18.48
C THR G 326 40.72 -29.90 -18.79
N ARG G 327 41.58 -29.97 -17.79
CA ARG G 327 42.90 -30.56 -17.94
C ARG G 327 42.89 -32.07 -17.79
N ILE G 328 41.73 -32.67 -17.52
CA ILE G 328 41.64 -34.12 -17.44
C ILE G 328 41.93 -34.75 -18.80
N GLY G 329 41.49 -34.09 -19.87
CA GLY G 329 41.80 -34.56 -21.21
C GLY G 329 40.70 -35.36 -21.88
N GLN G 330 39.49 -34.82 -21.90
CA GLN G 330 38.40 -35.42 -22.64
C GLN G 330 38.01 -34.51 -23.80
N GLY G 331 37.67 -35.13 -24.93
CA GLY G 331 37.20 -34.36 -26.07
C GLY G 331 35.82 -33.79 -25.84
N VAL G 332 35.43 -32.87 -26.72
CA VAL G 332 34.12 -32.25 -26.63
C VAL G 332 33.08 -33.34 -26.90
N PRO G 333 32.20 -33.62 -25.95
CA PRO G 333 31.26 -34.73 -26.14
C PRO G 333 30.23 -34.42 -27.22
N VAL G 334 29.85 -35.44 -27.97
CA VAL G 334 28.94 -35.31 -29.10
C VAL G 334 27.74 -36.21 -28.86
N VAL G 335 26.55 -35.67 -29.07
CA VAL G 335 25.30 -36.43 -28.95
C VAL G 335 24.53 -36.27 -30.25
N ALA G 336 23.78 -37.32 -30.61
CA ALA G 336 22.95 -37.31 -31.81
C ALA G 336 21.50 -37.43 -31.41
N LEU G 337 20.66 -36.59 -31.99
CA LEU G 337 19.23 -36.57 -31.70
C LEU G 337 18.47 -36.87 -32.99
N ILE G 338 17.56 -37.84 -32.92
CA ILE G 338 16.85 -38.33 -34.09
C ILE G 338 15.37 -38.06 -33.93
N VAL G 339 14.77 -37.43 -34.93
CA VAL G 339 13.33 -37.19 -34.98
C VAL G 339 12.84 -37.55 -36.37
N GLU G 340 11.76 -38.34 -36.43
CA GLU G 340 11.15 -38.79 -37.69
C GLU G 340 12.15 -39.53 -38.56
N GLY G 341 12.71 -38.85 -39.54
CA GLY G 341 13.69 -39.48 -40.40
C GLY G 341 13.06 -40.46 -41.38
N GLY G 342 13.95 -41.17 -42.08
CA GLY G 342 13.56 -42.14 -43.06
C GLY G 342 14.45 -43.37 -43.01
N PRO G 343 14.54 -44.08 -44.13
CA PRO G 343 15.43 -45.26 -44.18
C PRO G 343 16.89 -44.94 -43.92
N ASN G 344 17.35 -43.76 -44.35
CA ASN G 344 18.74 -43.38 -44.11
C ASN G 344 19.04 -43.12 -42.65
N VAL G 345 18.02 -42.83 -41.84
CA VAL G 345 18.24 -42.58 -40.42
C VAL G 345 18.79 -43.83 -39.72
N ILE G 346 18.32 -45.01 -40.12
CA ILE G 346 18.84 -46.25 -39.53
C ILE G 346 20.32 -46.40 -39.86
N SER G 347 20.70 -46.12 -41.11
CA SER G 347 22.10 -46.22 -41.50
C SER G 347 22.96 -45.22 -40.76
N ILE G 348 22.47 -44.00 -40.58
CA ILE G 348 23.24 -42.97 -39.89
C ILE G 348 23.41 -43.32 -38.42
N VAL G 349 22.35 -43.82 -37.78
CA VAL G 349 22.45 -44.25 -36.38
C VAL G 349 23.43 -45.40 -36.25
N LEU G 350 23.39 -46.34 -37.20
CA LEU G 350 24.32 -47.45 -37.17
C LEU G 350 25.77 -46.99 -37.34
N GLU G 351 26.00 -46.01 -38.23
CA GLU G 351 27.35 -45.48 -38.38
C GLU G 351 27.81 -44.76 -37.12
N TYR G 352 26.90 -44.02 -36.47
CA TYR G 352 27.25 -43.33 -35.24
C TYR G 352 27.62 -44.32 -34.13
N LEU G 353 26.81 -45.37 -33.98
CA LEU G 353 27.04 -46.32 -32.89
C LEU G 353 28.24 -47.22 -33.13
N ARG G 354 28.70 -47.35 -34.37
CA ARG G 354 29.81 -48.23 -34.69
C ARG G 354 31.15 -47.53 -34.74
N ASP G 355 31.19 -46.20 -34.62
CA ASP G 355 32.45 -45.50 -34.59
C ASP G 355 33.21 -45.86 -33.32
N THR G 356 34.55 -45.90 -33.42
CA THR G 356 35.36 -46.40 -32.32
C THR G 356 35.16 -45.62 -31.02
N PRO G 357 35.14 -44.29 -31.00
CA PRO G 357 34.50 -43.59 -29.89
C PRO G 357 33.00 -43.53 -30.11
N PRO G 358 32.22 -44.28 -29.32
CA PRO G 358 30.78 -44.34 -29.56
C PRO G 358 30.10 -42.99 -29.29
N VAL G 359 29.05 -42.72 -30.05
CA VAL G 359 28.28 -41.48 -29.94
C VAL G 359 26.87 -41.86 -29.50
N PRO G 360 26.44 -41.49 -28.30
CA PRO G 360 25.10 -41.85 -27.84
C PRO G 360 24.02 -41.21 -28.69
N VAL G 361 22.89 -41.91 -28.81
CA VAL G 361 21.81 -41.50 -29.69
C VAL G 361 20.51 -41.46 -28.89
N VAL G 362 19.78 -40.36 -29.02
CA VAL G 362 18.50 -40.17 -28.35
C VAL G 362 17.41 -40.09 -29.40
N VAL G 363 16.34 -40.86 -29.20
CA VAL G 363 15.27 -41.01 -30.19
C VAL G 363 13.94 -40.66 -29.55
N CYS G 364 13.11 -39.93 -30.29
CA CYS G 364 11.75 -39.61 -29.85
C CYS G 364 10.76 -40.49 -30.63
N ASP G 365 9.89 -41.18 -29.89
CA ASP G 365 9.00 -42.17 -30.50
C ASP G 365 7.80 -41.54 -31.20
N GLY G 366 7.31 -40.42 -30.69
CA GLY G 366 6.05 -39.85 -31.16
C GLY G 366 6.07 -39.32 -32.57
N SER G 367 7.22 -39.30 -33.22
CA SER G 367 7.30 -38.81 -34.60
C SER G 367 6.49 -39.67 -35.55
N GLY G 368 6.60 -41.00 -35.42
CA GLY G 368 5.81 -41.90 -36.22
C GLY G 368 6.59 -42.73 -37.22
N ARG G 369 7.63 -42.15 -37.80
CA ARG G 369 8.46 -42.84 -38.78
C ARG G 369 9.52 -43.69 -38.08
N ALA G 370 10.57 -44.06 -38.81
CA ALA G 370 11.58 -45.02 -38.37
C ALA G 370 12.17 -44.75 -36.98
N SER G 371 11.94 -43.55 -36.44
CA SER G 371 12.17 -43.35 -35.01
C SER G 371 11.26 -44.24 -34.18
N ASP G 372 9.99 -44.35 -34.57
CA ASP G 372 9.04 -45.16 -33.82
C ASP G 372 9.41 -46.65 -33.88
N ILE G 373 9.87 -47.13 -35.03
CA ILE G 373 10.25 -48.54 -35.12
C ILE G 373 11.52 -48.80 -34.31
N LEU G 374 12.42 -47.80 -34.20
CA LEU G 374 13.56 -47.94 -33.32
C LEU G 374 13.13 -48.00 -31.87
N ALA G 375 12.14 -47.19 -31.49
CA ALA G 375 11.61 -47.25 -30.12
C ALA G 375 10.97 -48.61 -29.85
N PHE G 376 10.27 -49.16 -30.83
CA PHE G 376 9.67 -50.48 -30.67
C PHE G 376 10.73 -51.56 -30.53
N GLY G 377 11.77 -51.52 -31.38
CA GLY G 377 12.85 -52.47 -31.29
C GLY G 377 13.68 -52.34 -30.03
N HIS G 378 13.65 -51.16 -29.39
CA HIS G 378 14.28 -51.03 -28.07
C HIS G 378 13.55 -51.88 -27.05
N LYS G 379 12.22 -51.95 -27.14
CA LYS G 379 11.44 -52.79 -26.25
C LYS G 379 11.46 -54.24 -26.75
N TYR G 380 11.38 -55.17 -25.80
CA TYR G 380 11.44 -56.62 -26.01
C TYR G 380 12.56 -57.00 -27.00
N SER G 381 13.78 -56.70 -26.60
CA SER G 381 14.95 -57.04 -27.39
C SER G 381 15.60 -58.30 -26.82
N GLU G 382 16.75 -58.67 -27.39
CA GLU G 382 17.46 -59.87 -26.97
C GLU G 382 18.66 -59.53 -26.11
N VAL G 397 10.27 -59.40 -32.54
CA VAL G 397 9.29 -60.27 -33.19
C VAL G 397 9.23 -59.98 -34.69
N THR G 398 9.46 -61.02 -35.48
CA THR G 398 9.53 -60.84 -36.93
C THR G 398 8.16 -60.61 -37.54
N ILE G 399 7.14 -61.33 -37.07
CA ILE G 399 5.83 -61.23 -37.69
C ILE G 399 5.16 -59.89 -37.43
N GLN G 400 5.61 -59.16 -36.41
CA GLN G 400 5.10 -57.82 -36.13
C GLN G 400 5.99 -56.73 -36.71
N LYS G 401 7.02 -57.10 -37.47
CA LYS G 401 7.90 -56.14 -38.13
C LYS G 401 7.42 -55.78 -39.53
N THR G 402 6.21 -56.18 -39.90
CA THR G 402 5.64 -55.80 -41.19
C THR G 402 5.04 -54.40 -41.03
N PHE G 403 5.91 -53.40 -41.12
CA PHE G 403 5.50 -52.00 -41.06
C PHE G 403 5.08 -51.45 -42.41
N THR G 404 5.35 -52.17 -43.50
CA THR G 404 4.99 -51.76 -44.86
C THR G 404 5.52 -50.36 -45.17
N TYR G 405 6.74 -50.09 -44.72
CA TYR G 405 7.33 -48.76 -44.87
C TYR G 405 7.99 -48.58 -46.23
N THR G 406 9.06 -49.35 -46.49
CA THR G 406 9.81 -49.20 -47.75
C THR G 406 9.19 -50.02 -48.88
N ARG G 407 9.19 -51.35 -48.74
CA ARG G 407 8.68 -52.25 -49.78
C ARG G 407 7.98 -53.43 -49.15
N THR G 408 7.12 -53.16 -48.16
CA THR G 408 6.43 -54.15 -47.30
C THR G 408 7.29 -55.37 -47.00
N GLN G 409 6.72 -56.58 -47.17
CA GLN G 409 7.42 -57.80 -46.80
C GLN G 409 8.58 -58.14 -47.73
N ALA G 410 8.70 -57.48 -48.89
CA ALA G 410 9.73 -57.84 -49.85
C ALA G 410 11.13 -57.55 -49.30
N GLN G 411 11.34 -56.33 -48.78
CA GLN G 411 12.65 -55.90 -48.31
C GLN G 411 12.60 -55.70 -46.80
N HIS G 412 13.59 -56.24 -46.10
CA HIS G 412 13.73 -56.09 -44.66
C HIS G 412 15.13 -55.60 -44.34
N LEU G 413 15.22 -54.65 -43.40
CA LEU G 413 16.48 -54.15 -42.89
C LEU G 413 16.87 -54.82 -41.57
N PHE G 414 16.40 -56.05 -41.35
CA PHE G 414 16.72 -56.75 -40.12
C PHE G 414 18.20 -57.04 -40.01
N ILE G 415 18.88 -57.19 -41.16
CA ILE G 415 20.31 -57.50 -41.16
C ILE G 415 21.12 -56.39 -40.51
N ILE G 416 20.62 -55.16 -40.50
CA ILE G 416 21.27 -54.08 -39.78
C ILE G 416 20.58 -53.75 -38.46
N LEU G 417 19.26 -53.92 -38.37
CA LEU G 417 18.57 -53.69 -37.10
C LEU G 417 19.00 -54.68 -36.03
N MET G 418 19.50 -55.85 -36.43
CA MET G 418 20.02 -56.82 -35.47
C MET G 418 21.18 -56.25 -34.68
N GLU G 419 22.19 -55.72 -35.37
CA GLU G 419 23.30 -55.11 -34.64
C GLU G 419 22.88 -53.78 -34.02
N CYS G 420 21.90 -53.09 -34.62
CA CYS G 420 21.40 -51.85 -34.03
C CYS G 420 20.84 -52.10 -32.63
N MET G 421 20.06 -53.17 -32.45
CA MET G 421 19.56 -53.53 -31.13
C MET G 421 20.56 -54.36 -30.33
N LYS G 422 21.61 -54.88 -30.97
CA LYS G 422 22.70 -55.48 -30.22
C LYS G 422 23.46 -54.43 -29.43
N LYS G 423 23.72 -53.29 -30.05
CA LYS G 423 24.32 -52.15 -29.35
C LYS G 423 23.23 -51.19 -28.88
N LYS G 424 22.37 -51.68 -27.99
CA LYS G 424 21.23 -50.92 -27.51
C LYS G 424 21.45 -50.25 -26.17
N GLU G 425 22.62 -50.44 -25.55
CA GLU G 425 22.90 -49.74 -24.30
C GLU G 425 23.22 -48.27 -24.53
N LEU G 426 23.78 -47.93 -25.70
CA LEU G 426 24.08 -46.54 -26.02
C LEU G 426 22.82 -45.77 -26.37
N ILE G 427 21.84 -46.42 -26.98
CA ILE G 427 20.59 -45.75 -27.33
C ILE G 427 19.83 -45.43 -26.05
N THR G 428 19.38 -44.19 -25.94
CA THR G 428 18.65 -43.70 -24.77
C THR G 428 17.38 -43.04 -25.28
N VAL G 429 16.32 -43.83 -25.42
CA VAL G 429 15.08 -43.34 -26.02
C VAL G 429 14.33 -42.44 -25.04
N PHE G 430 13.38 -41.68 -25.57
CA PHE G 430 12.58 -40.75 -24.79
C PHE G 430 11.11 -40.99 -25.10
N ARG G 431 10.28 -40.93 -24.06
CA ARG G 431 8.85 -41.15 -24.21
C ARG G 431 8.10 -40.27 -23.22
N MET G 432 6.94 -39.78 -23.63
CA MET G 432 6.14 -38.89 -22.79
C MET G 432 5.06 -39.67 -22.07
N GLY G 433 4.78 -39.25 -20.83
CA GLY G 433 3.75 -39.88 -20.04
C GLY G 433 4.11 -41.25 -19.50
N SER G 434 5.38 -41.63 -19.55
CA SER G 434 5.79 -42.94 -19.08
C SER G 434 7.22 -42.86 -18.56
N GLU G 435 7.58 -43.84 -17.72
CA GLU G 435 8.86 -43.99 -17.04
C GLU G 435 9.45 -42.67 -16.58
N GLY G 436 10.76 -42.47 -16.77
CA GLY G 436 11.44 -41.27 -16.38
C GLY G 436 11.87 -40.43 -17.57
N HIS G 437 12.69 -39.42 -17.26
CA HIS G 437 13.22 -38.47 -18.24
C HIS G 437 12.10 -37.79 -19.02
N GLN G 438 11.17 -37.20 -18.26
CA GLN G 438 10.05 -36.49 -18.87
C GLN G 438 10.49 -35.20 -19.54
N ASP G 439 11.72 -34.75 -19.30
CA ASP G 439 12.28 -33.57 -19.96
C ASP G 439 13.38 -34.00 -20.91
N ILE G 440 13.28 -33.57 -22.17
CA ILE G 440 14.32 -33.88 -23.14
C ILE G 440 15.64 -33.22 -22.72
N ASP G 441 15.57 -32.10 -22.01
CA ASP G 441 16.79 -31.48 -21.49
C ASP G 441 17.55 -32.42 -20.57
N LEU G 442 16.84 -33.12 -19.69
CA LEU G 442 17.50 -34.13 -18.86
C LEU G 442 17.84 -35.37 -19.67
N ALA G 443 17.06 -35.67 -20.71
CA ALA G 443 17.31 -36.86 -21.51
C ALA G 443 18.63 -36.74 -22.29
N ILE G 444 18.88 -35.57 -22.88
CA ILE G 444 20.08 -35.41 -23.71
C ILE G 444 21.33 -35.42 -22.84
N LEU G 445 21.31 -34.66 -21.74
CA LEU G 445 22.51 -34.52 -20.92
C LEU G 445 22.90 -35.84 -20.27
N THR G 446 21.92 -36.61 -19.80
CA THR G 446 22.23 -37.88 -19.15
C THR G 446 22.76 -38.92 -20.14
N ALA G 447 22.54 -38.73 -21.43
CA ALA G 447 23.13 -39.63 -22.42
C ALA G 447 24.63 -39.42 -22.55
N LEU G 448 25.09 -38.18 -22.38
CA LEU G 448 26.53 -37.92 -22.45
C LEU G 448 27.27 -38.49 -21.26
N LEU G 449 26.63 -38.52 -20.08
CA LEU G 449 27.30 -39.00 -18.88
C LEU G 449 27.50 -40.51 -18.94
N LYS G 450 26.41 -41.27 -18.99
CA LYS G 450 26.52 -42.72 -19.04
C LYS G 450 27.06 -43.24 -20.36
N GLY G 451 27.09 -42.41 -21.40
CA GLY G 451 27.65 -42.85 -22.67
C GLY G 451 29.16 -42.89 -22.67
N ALA G 452 29.81 -42.03 -21.87
CA ALA G 452 31.27 -42.00 -21.83
C ALA G 452 31.83 -43.22 -21.10
N ASN G 453 31.12 -43.69 -20.06
CA ASN G 453 31.55 -44.83 -19.24
C ASN G 453 32.95 -44.60 -18.68
N ALA G 454 33.22 -43.37 -18.26
CA ALA G 454 34.52 -43.00 -17.73
C ALA G 454 34.46 -43.00 -16.21
N SER G 455 35.54 -42.54 -15.57
CA SER G 455 35.58 -42.47 -14.13
C SER G 455 34.71 -41.33 -13.62
N ALA G 456 34.40 -41.39 -12.32
CA ALA G 456 33.63 -40.33 -11.69
C ALA G 456 34.26 -38.94 -11.81
N PRO G 457 35.59 -38.75 -11.64
CA PRO G 457 36.13 -37.39 -11.83
C PRO G 457 35.88 -36.81 -13.21
N ASP G 458 35.85 -37.63 -14.26
CA ASP G 458 35.61 -37.11 -15.59
C ASP G 458 34.17 -36.60 -15.74
N GLN G 459 33.20 -37.36 -15.23
CA GLN G 459 31.82 -36.90 -15.24
C GLN G 459 31.66 -35.63 -14.41
N LEU G 460 32.32 -35.58 -13.24
CA LEU G 460 32.23 -34.40 -12.41
C LEU G 460 32.85 -33.18 -13.10
N SER G 461 33.96 -33.39 -13.82
CA SER G 461 34.58 -32.29 -14.54
C SER G 461 33.69 -31.81 -15.68
N LEU G 462 33.03 -32.74 -16.37
CA LEU G 462 32.08 -32.35 -17.41
C LEU G 462 30.94 -31.51 -16.83
N ALA G 463 30.37 -31.96 -15.71
CA ALA G 463 29.29 -31.21 -15.10
C ALA G 463 29.76 -29.86 -14.59
N LEU G 464 31.00 -29.78 -14.12
CA LEU G 464 31.56 -28.50 -13.69
C LEU G 464 31.74 -27.55 -14.87
N ALA G 465 32.20 -28.07 -16.00
CA ALA G 465 32.37 -27.22 -17.18
C ALA G 465 31.04 -26.75 -17.74
N TRP G 466 30.01 -27.60 -17.70
CA TRP G 466 28.70 -27.19 -18.21
C TRP G 466 27.98 -26.24 -17.27
N ASN G 467 28.43 -26.12 -16.03
CA ASN G 467 27.75 -25.35 -14.99
C ASN G 467 26.31 -25.84 -14.82
N ARG G 468 26.17 -27.15 -14.70
CA ARG G 468 24.90 -27.80 -14.39
C ARG G 468 25.07 -28.51 -13.07
N VAL G 469 24.48 -27.95 -12.01
CA VAL G 469 24.71 -28.49 -10.67
C VAL G 469 23.75 -29.62 -10.33
N ASP G 470 22.48 -29.52 -10.74
CA ASP G 470 21.50 -30.54 -10.37
C ASP G 470 21.79 -31.88 -11.03
N ILE G 471 22.40 -31.87 -12.22
CA ILE G 471 22.79 -33.10 -12.87
C ILE G 471 23.85 -33.83 -12.05
N ALA G 472 24.85 -33.09 -11.55
CA ALA G 472 25.84 -33.69 -10.68
C ALA G 472 25.23 -34.11 -9.35
N ARG G 473 24.26 -33.34 -8.85
CA ARG G 473 23.63 -33.66 -7.57
C ARG G 473 22.85 -34.96 -7.65
N SER G 474 22.18 -35.21 -8.76
CA SER G 474 21.37 -36.42 -8.92
C SER G 474 22.17 -37.57 -9.52
N GLN G 475 22.74 -37.36 -10.71
CA GLN G 475 23.33 -38.47 -11.44
C GLN G 475 24.69 -38.87 -10.88
N ILE G 476 25.50 -37.91 -10.44
CA ILE G 476 26.88 -38.22 -10.07
C ILE G 476 26.96 -38.74 -8.64
N PHE G 477 26.58 -37.91 -7.67
CA PHE G 477 26.72 -38.28 -6.26
C PHE G 477 25.62 -39.26 -5.90
N ILE G 478 25.94 -40.56 -6.01
CA ILE G 478 24.98 -41.63 -5.73
C ILE G 478 25.60 -42.64 -4.77
N TYR G 479 24.88 -43.72 -4.52
CA TYR G 479 25.27 -44.72 -3.52
C TYR G 479 26.57 -45.39 -3.93
N GLY G 480 27.62 -45.17 -3.14
CA GLY G 480 28.89 -45.84 -3.36
C GLY G 480 29.59 -45.43 -4.65
N GLN G 481 29.95 -44.15 -4.76
CA GLN G 481 30.62 -43.69 -5.96
C GLN G 481 32.05 -44.20 -6.05
N GLN G 482 32.66 -44.53 -4.91
CA GLN G 482 34.05 -44.96 -4.83
C GLN G 482 34.98 -43.92 -5.46
N TRP G 483 35.02 -42.76 -4.81
CA TRP G 483 35.86 -41.67 -5.30
C TRP G 483 37.33 -42.02 -5.12
N PRO G 484 38.15 -41.85 -6.15
CA PRO G 484 39.59 -42.04 -5.97
C PRO G 484 40.15 -41.00 -5.02
N VAL G 485 41.23 -41.38 -4.33
CA VAL G 485 41.83 -40.50 -3.34
C VAL G 485 42.45 -39.29 -4.03
N GLY G 486 42.13 -38.10 -3.53
CA GLY G 486 42.61 -36.87 -4.12
C GLY G 486 41.76 -36.31 -5.23
N SER G 487 40.68 -37.00 -5.62
CA SER G 487 39.83 -36.50 -6.69
C SER G 487 38.95 -35.34 -6.23
N LEU G 488 38.36 -35.47 -5.04
CA LEU G 488 37.45 -34.43 -4.57
C LEU G 488 38.16 -33.11 -4.33
N GLU G 489 39.37 -33.15 -3.79
CA GLU G 489 40.12 -31.91 -3.57
C GLU G 489 40.54 -31.27 -4.89
N GLN G 490 40.92 -32.09 -5.88
CA GLN G 490 41.23 -31.54 -7.20
C GLN G 490 40.01 -30.90 -7.83
N ALA G 491 38.84 -31.53 -7.69
CA ALA G 491 37.61 -30.92 -8.18
C ALA G 491 37.27 -29.63 -7.46
N MET G 492 37.52 -29.56 -6.15
CA MET G 492 37.31 -28.32 -5.42
C MET G 492 38.24 -27.22 -5.92
N LEU G 493 39.50 -27.56 -6.16
CA LEU G 493 40.44 -26.57 -6.69
C LEU G 493 40.00 -26.08 -8.07
N ASP G 494 39.51 -27.00 -8.90
CA ASP G 494 39.03 -26.59 -10.22
C ASP G 494 37.76 -25.76 -10.13
N ALA G 495 36.88 -26.05 -9.17
CA ALA G 495 35.65 -25.29 -9.05
C ALA G 495 35.89 -23.90 -8.47
N LEU G 496 36.92 -23.74 -7.64
CA LEU G 496 37.21 -22.42 -7.08
C LEU G 496 37.61 -21.43 -8.16
N VAL G 497 38.54 -21.81 -9.04
CA VAL G 497 39.07 -20.87 -10.01
C VAL G 497 38.06 -20.50 -11.07
N LEU G 498 37.04 -21.31 -11.29
CA LEU G 498 36.03 -21.05 -12.30
C LEU G 498 34.82 -20.29 -11.77
N ASP G 499 34.82 -19.93 -10.49
CA ASP G 499 33.74 -19.16 -9.86
C ASP G 499 32.40 -19.90 -9.97
N ARG G 500 32.34 -21.06 -9.32
CA ARG G 500 31.13 -21.87 -9.25
C ARG G 500 30.75 -22.01 -7.78
N VAL G 501 29.87 -21.12 -7.30
CA VAL G 501 29.49 -21.16 -5.89
C VAL G 501 28.74 -22.45 -5.56
N ASP G 502 27.81 -22.85 -6.44
CA ASP G 502 26.99 -24.02 -6.17
C ASP G 502 27.83 -25.28 -6.08
N PHE G 503 28.80 -25.44 -6.98
CA PHE G 503 29.63 -26.63 -6.93
C PHE G 503 30.56 -26.65 -5.72
N VAL G 504 31.08 -25.49 -5.31
CA VAL G 504 31.88 -25.45 -4.10
C VAL G 504 31.05 -25.84 -2.90
N LYS G 505 29.82 -25.34 -2.81
CA LYS G 505 28.94 -25.73 -1.71
C LYS G 505 28.63 -27.23 -1.75
N LEU G 506 28.39 -27.76 -2.95
CA LEU G 506 28.06 -29.18 -3.08
C LEU G 506 29.24 -30.05 -2.68
N LEU G 507 30.45 -29.68 -3.08
CA LEU G 507 31.61 -30.47 -2.69
C LEU G 507 31.89 -30.35 -1.19
N ILE G 508 31.64 -29.18 -0.60
CA ILE G 508 31.80 -29.04 0.84
C ILE G 508 30.81 -29.94 1.57
N GLU G 509 29.58 -30.00 1.09
CA GLU G 509 28.54 -30.81 1.74
C GLU G 509 28.76 -32.30 1.60
N ASN G 510 29.74 -32.74 0.81
CA ASN G 510 29.98 -34.16 0.57
C ASN G 510 31.41 -34.56 0.89
N GLY G 511 31.94 -34.09 2.01
CA GLY G 511 33.16 -34.63 2.57
C GLY G 511 34.41 -33.77 2.41
N VAL G 512 34.40 -32.77 1.54
CA VAL G 512 35.59 -31.95 1.36
C VAL G 512 35.67 -30.92 2.48
N SER G 513 36.80 -30.92 3.19
CA SER G 513 37.02 -30.02 4.31
C SER G 513 38.09 -29.01 3.95
N MET G 514 37.77 -27.72 4.12
CA MET G 514 38.71 -26.67 3.76
C MET G 514 39.95 -26.65 4.66
N HIS G 515 39.84 -27.16 5.89
CA HIS G 515 40.98 -27.16 6.80
C HIS G 515 42.11 -28.04 6.31
N ARG G 516 41.82 -29.04 5.49
CA ARG G 516 42.85 -29.88 4.88
C ARG G 516 43.09 -29.53 3.41
N PHE G 517 42.07 -29.01 2.73
CA PHE G 517 42.22 -28.67 1.32
C PHE G 517 43.16 -27.48 1.15
N LEU G 518 42.96 -26.42 1.91
CA LEU G 518 43.70 -25.19 1.71
C LEU G 518 45.11 -25.31 2.23
N THR G 519 46.08 -24.95 1.41
CA THR G 519 47.49 -24.86 1.80
C THR G 519 48.05 -23.54 1.28
N ILE G 520 49.35 -23.34 1.51
CA ILE G 520 50.00 -22.15 0.97
C ILE G 520 50.08 -22.23 -0.55
N SER G 521 50.44 -23.40 -1.07
CA SER G 521 50.58 -23.56 -2.52
C SER G 521 49.24 -23.39 -3.23
N ARG G 522 48.18 -23.98 -2.69
CA ARG G 522 46.88 -23.87 -3.35
C ARG G 522 46.35 -22.44 -3.31
N LEU G 523 46.55 -21.74 -2.19
CA LEU G 523 46.16 -20.34 -2.13
C LEU G 523 46.96 -19.50 -3.12
N GLU G 524 48.25 -19.80 -3.25
CA GLU G 524 49.08 -19.11 -4.22
C GLU G 524 48.58 -19.33 -5.63
N GLU G 525 48.19 -20.57 -5.96
CA GLU G 525 47.63 -20.85 -7.27
C GLU G 525 46.30 -20.13 -7.46
N LEU G 526 45.51 -20.00 -6.41
CA LEU G 526 44.25 -19.26 -6.49
C LEU G 526 44.49 -17.80 -6.81
N TYR G 527 45.55 -17.21 -6.25
CA TYR G 527 45.79 -15.79 -6.48
C TYR G 527 46.35 -15.48 -7.86
N ASN G 528 46.83 -16.48 -8.60
CA ASN G 528 47.38 -16.28 -9.93
C ASN G 528 46.50 -16.85 -11.02
N THR G 529 45.22 -17.06 -10.74
CA THR G 529 44.35 -17.70 -11.71
C THR G 529 44.03 -16.76 -12.87
N ARG G 530 43.58 -17.35 -13.98
CA ARG G 530 43.18 -16.58 -15.15
C ARG G 530 41.80 -16.93 -15.67
N HIS G 531 41.21 -18.06 -15.28
CA HIS G 531 39.94 -18.51 -15.83
C HIS G 531 38.77 -17.99 -14.98
N GLY G 532 38.70 -16.66 -14.89
CA GLY G 532 37.67 -16.03 -14.11
C GLY G 532 37.34 -14.64 -14.60
N PRO G 533 36.44 -13.96 -13.90
CA PRO G 533 36.06 -12.61 -14.31
C PRO G 533 37.20 -11.61 -14.10
N SER G 534 37.01 -10.43 -14.68
CA SER G 534 38.03 -9.39 -14.61
C SER G 534 38.20 -8.90 -13.19
N ASN G 535 39.44 -8.55 -12.85
CA ASN G 535 39.77 -8.06 -11.51
C ASN G 535 40.85 -6.99 -11.63
N THR G 536 40.97 -6.18 -10.58
CA THR G 536 41.97 -5.12 -10.52
C THR G 536 43.07 -5.44 -9.53
N LEU G 537 43.34 -6.71 -9.29
CA LEU G 537 44.40 -7.08 -8.34
C LEU G 537 45.77 -6.81 -8.92
N TYR G 538 45.96 -7.07 -10.22
CA TYR G 538 47.28 -6.89 -10.83
C TYR G 538 47.70 -5.42 -10.83
N HIS G 539 46.76 -4.52 -11.08
CA HIS G 539 47.10 -3.09 -11.08
C HIS G 539 47.49 -2.63 -9.68
N LEU G 540 46.78 -3.10 -8.65
CA LEU G 540 47.16 -2.76 -7.28
C LEU G 540 48.53 -3.32 -6.94
N VAL G 541 48.82 -4.54 -7.37
CA VAL G 541 50.14 -5.13 -7.12
C VAL G 541 51.23 -4.32 -7.80
N ARG G 542 50.97 -3.90 -9.04
CA ARG G 542 51.95 -3.08 -9.76
C ARG G 542 52.17 -1.74 -9.06
N ASP G 543 51.09 -1.12 -8.59
CA ASP G 543 51.23 0.18 -7.94
C ASP G 543 51.97 0.08 -6.61
N VAL G 544 51.69 -0.98 -5.84
CA VAL G 544 52.40 -1.16 -4.58
C VAL G 544 53.88 -1.40 -4.82
N LYS G 545 54.22 -2.23 -5.80
CA LYS G 545 55.61 -2.51 -6.15
C LYS G 545 56.22 -1.46 -7.05
N LYS G 546 55.54 -0.33 -7.26
CA LYS G 546 56.04 0.83 -8.01
C LYS G 546 56.38 0.47 -9.46
N GLY G 547 55.63 -0.48 -10.03
CA GLY G 547 55.79 -0.80 -11.44
C GLY G 547 57.13 -1.37 -11.84
N ASN G 548 57.76 -2.12 -10.94
CA ASN G 548 59.05 -2.74 -11.23
C ASN G 548 58.93 -4.21 -11.62
N LEU G 549 57.71 -4.71 -11.78
CA LEU G 549 57.52 -6.13 -12.03
C LEU G 549 57.94 -6.50 -13.46
N PRO G 550 58.51 -7.68 -13.64
CA PRO G 550 58.77 -8.18 -14.99
C PRO G 550 57.48 -8.64 -15.64
N PRO G 551 57.50 -8.91 -16.95
CA PRO G 551 56.29 -9.48 -17.59
C PRO G 551 55.92 -10.82 -16.98
N ASP G 552 54.62 -11.09 -16.95
CA ASP G 552 54.00 -12.25 -16.30
C ASP G 552 54.66 -12.58 -14.96
N TYR G 553 54.80 -11.55 -14.14
CA TYR G 553 55.40 -11.72 -12.82
C TYR G 553 54.46 -12.49 -11.91
N ARG G 554 54.97 -13.53 -11.27
CA ARG G 554 54.14 -14.40 -10.44
C ARG G 554 53.97 -13.77 -9.07
N ILE G 555 52.71 -13.52 -8.68
CA ILE G 555 52.42 -12.91 -7.39
C ILE G 555 52.77 -13.89 -6.28
N SER G 556 53.11 -13.34 -5.11
CA SER G 556 53.38 -14.12 -3.92
C SER G 556 52.56 -13.56 -2.77
N LEU G 557 52.41 -14.36 -1.71
CA LEU G 557 51.59 -13.95 -0.58
C LEU G 557 52.14 -12.69 0.09
N ILE G 558 53.44 -12.47 0.02
CA ILE G 558 54.02 -11.24 0.57
C ILE G 558 53.52 -10.04 -0.22
N ASP G 559 53.36 -10.17 -1.52
CA ASP G 559 52.80 -9.09 -2.33
C ASP G 559 51.36 -8.81 -1.93
N ILE G 560 50.58 -9.86 -1.67
CA ILE G 560 49.20 -9.67 -1.23
C ILE G 560 49.17 -8.99 0.12
N GLY G 561 50.10 -9.35 1.02
CA GLY G 561 50.18 -8.67 2.30
C GLY G 561 50.51 -7.20 2.15
N LEU G 562 51.42 -6.87 1.24
CA LEU G 562 51.74 -5.47 0.97
C LEU G 562 50.52 -4.72 0.43
N VAL G 563 49.77 -5.37 -0.46
CA VAL G 563 48.56 -4.75 -1.00
C VAL G 563 47.54 -4.49 0.10
N ILE G 564 47.36 -5.46 0.99
CA ILE G 564 46.41 -5.29 2.09
C ILE G 564 46.85 -4.16 3.00
N GLU G 565 48.14 -4.12 3.37
CA GLU G 565 48.61 -3.06 4.25
C GLU G 565 48.54 -1.70 3.59
N TYR G 566 48.64 -1.65 2.26
CA TYR G 566 48.46 -0.38 1.56
C TYR G 566 46.99 0.03 1.54
N LEU G 567 46.09 -0.92 1.37
CA LEU G 567 44.66 -0.60 1.27
C LEU G 567 44.05 -0.21 2.60
N MET G 568 44.41 -0.92 3.68
CA MET G 568 43.70 -0.75 4.94
C MET G 568 43.93 0.63 5.53
N GLY G 569 45.18 1.05 5.65
CA GLY G 569 45.43 2.34 6.28
C GLY G 569 46.90 2.45 6.67
N GLY G 570 47.13 3.18 7.76
CA GLY G 570 48.49 3.47 8.18
C GLY G 570 49.02 2.52 9.25
N ALA G 571 48.24 2.30 10.30
CA ALA G 571 48.67 1.48 11.41
C ALA G 571 48.45 -0.01 11.19
N TYR G 572 47.85 -0.39 10.05
CA TYR G 572 47.56 -1.79 9.82
C TYR G 572 48.83 -2.57 9.55
N ARG G 573 48.85 -3.82 10.00
CA ARG G 573 50.01 -4.72 9.83
C ARG G 573 49.46 -6.10 9.52
N CYS G 574 49.46 -6.47 8.24
CA CYS G 574 48.88 -7.74 7.83
C CYS G 574 49.71 -8.91 8.36
N ASN G 575 49.05 -10.04 8.55
CA ASN G 575 49.71 -11.23 9.07
C ASN G 575 50.67 -11.85 8.08
N TYR G 576 50.57 -11.51 6.78
CA TYR G 576 51.47 -12.07 5.80
C TYR G 576 52.87 -11.47 5.88
N THR G 577 52.99 -10.20 6.26
CA THR G 577 54.27 -9.50 6.24
C THR G 577 55.01 -9.57 7.56
N ARG G 578 54.49 -10.30 8.55
CA ARG G 578 55.22 -10.46 9.79
C ARG G 578 56.41 -11.39 9.58
N LYS G 579 57.34 -11.36 10.55
CA LYS G 579 58.59 -12.09 10.38
C LYS G 579 58.40 -13.60 10.42
N ARG G 580 57.49 -14.09 11.26
CA ARG G 580 57.31 -15.54 11.37
C ARG G 580 56.83 -16.14 10.05
N PHE G 581 55.85 -15.51 9.41
CA PHE G 581 55.35 -16.02 8.16
C PHE G 581 56.38 -15.88 7.04
N ARG G 582 57.16 -14.81 7.05
CA ARG G 582 58.22 -14.67 6.04
C ARG G 582 59.27 -15.75 6.21
N THR G 583 59.61 -16.11 7.46
CA THR G 583 60.53 -17.22 7.68
C THR G 583 59.94 -18.54 7.20
N LEU G 584 58.66 -18.78 7.50
CA LEU G 584 58.03 -20.03 7.07
C LEU G 584 57.86 -20.09 5.55
N TYR G 585 57.80 -18.95 4.88
CA TYR G 585 57.66 -18.92 3.44
C TYR G 585 58.99 -18.95 2.71
N HIS G 586 60.07 -18.48 3.35
CA HIS G 586 61.39 -18.54 2.72
C HIS G 586 61.89 -19.97 2.63
N ASN G 587 61.77 -20.74 3.71
CA ASN G 587 62.32 -22.08 3.79
C ASN G 587 61.39 -23.14 3.20
N LEU G 588 60.51 -22.76 2.28
CA LEU G 588 59.56 -23.70 1.69
C LEU G 588 59.09 -23.19 0.34
N ASN G 632 51.31 -25.67 4.04
CA ASN G 632 51.37 -26.13 5.42
C ASN G 632 49.96 -26.26 6.00
N HIS G 633 49.65 -25.41 6.97
CA HIS G 633 48.33 -25.37 7.58
C HIS G 633 47.89 -23.92 7.67
N PHE G 634 46.57 -23.73 7.73
CA PHE G 634 45.97 -22.42 7.96
C PHE G 634 44.94 -22.57 9.07
N PRO G 635 45.15 -21.95 10.23
CA PRO G 635 44.21 -22.15 11.35
C PRO G 635 42.79 -21.70 11.05
N PHE G 636 42.62 -20.64 10.25
CA PHE G 636 41.30 -20.14 9.88
C PHE G 636 41.26 -19.96 8.37
N PRO G 637 40.94 -21.03 7.64
CA PRO G 637 40.96 -20.94 6.17
C PRO G 637 39.98 -19.93 5.61
N PHE G 638 38.80 -19.78 6.23
CA PHE G 638 37.78 -18.93 5.66
C PHE G 638 38.16 -17.45 5.69
N HIS G 639 39.02 -17.03 6.61
CA HIS G 639 39.54 -15.66 6.58
C HIS G 639 40.27 -15.40 5.26
N GLU G 640 41.21 -16.28 4.91
CA GLU G 640 41.97 -16.08 3.69
C GLU G 640 41.10 -16.27 2.45
N LEU G 641 40.15 -17.21 2.49
CA LEU G 641 39.26 -17.38 1.34
C LEU G 641 38.38 -16.15 1.14
N MET G 642 37.85 -15.57 2.23
CA MET G 642 37.05 -14.36 2.12
C MET G 642 37.87 -13.19 1.59
N VAL G 643 39.12 -13.05 2.07
CA VAL G 643 39.95 -11.96 1.58
C VAL G 643 40.25 -12.15 0.10
N TRP G 644 40.55 -13.38 -0.32
CA TRP G 644 40.79 -13.66 -1.73
C TRP G 644 39.56 -13.34 -2.58
N ALA G 645 38.38 -13.71 -2.10
CA ALA G 645 37.17 -13.43 -2.87
C ALA G 645 36.88 -11.94 -2.95
N VAL G 646 37.18 -11.19 -1.88
CA VAL G 646 36.94 -9.75 -1.93
C VAL G 646 37.92 -9.06 -2.87
N LEU G 647 39.20 -9.45 -2.82
CA LEU G 647 40.20 -8.75 -3.62
C LEU G 647 40.02 -8.99 -5.11
N MET G 648 39.61 -10.18 -5.51
CA MET G 648 39.44 -10.51 -6.92
C MET G 648 38.05 -10.18 -7.44
N LYS G 649 37.24 -9.50 -6.64
CA LYS G 649 35.92 -9.00 -7.06
C LYS G 649 34.99 -10.14 -7.48
N ARG G 650 34.80 -11.09 -6.57
CA ARG G 650 33.84 -12.17 -6.76
C ARG G 650 32.89 -12.09 -5.57
N GLN G 651 31.76 -11.40 -5.77
CA GLN G 651 30.89 -11.07 -4.65
C GLN G 651 30.19 -12.29 -4.08
N LYS G 652 29.68 -13.18 -4.94
CA LYS G 652 28.94 -14.33 -4.45
C LYS G 652 29.82 -15.25 -3.62
N MET G 653 31.07 -15.47 -4.06
CA MET G 653 31.99 -16.28 -3.28
C MET G 653 32.29 -15.63 -1.93
N ALA G 654 32.44 -14.30 -1.91
CA ALA G 654 32.67 -13.61 -0.66
C ALA G 654 31.50 -13.77 0.30
N LEU G 655 30.27 -13.65 -0.21
CA LEU G 655 29.12 -13.80 0.65
C LEU G 655 28.94 -15.23 1.12
N PHE G 656 29.37 -16.21 0.32
CA PHE G 656 29.33 -17.58 0.79
C PHE G 656 30.35 -17.83 1.89
N PHE G 657 31.58 -17.32 1.71
CA PHE G 657 32.61 -17.52 2.71
C PHE G 657 32.39 -16.68 3.96
N TRP G 658 31.56 -15.65 3.90
CA TRP G 658 31.36 -14.79 5.06
C TRP G 658 30.68 -15.53 6.20
N GLN G 659 29.69 -16.36 5.90
CA GLN G 659 28.86 -16.94 6.95
C GLN G 659 29.46 -18.18 7.58
N HIS G 660 30.57 -18.69 7.07
CA HIS G 660 31.23 -19.86 7.62
C HIS G 660 32.47 -19.44 8.38
N GLY G 661 32.61 -19.92 9.60
CA GLY G 661 33.80 -19.65 10.40
C GLY G 661 33.51 -18.68 11.53
N GLU G 662 34.58 -18.29 12.20
CA GLU G 662 34.52 -17.41 13.36
C GLU G 662 34.78 -15.97 12.97
N GLU G 663 34.44 -15.06 13.88
CA GLU G 663 34.67 -13.62 13.71
C GLU G 663 33.97 -13.09 12.46
N ALA G 664 32.64 -13.20 12.47
CA ALA G 664 31.87 -12.76 11.31
C ALA G 664 31.87 -11.24 11.17
N MET G 665 31.73 -10.52 12.29
CA MET G 665 31.67 -9.06 12.22
C MET G 665 33.00 -8.47 11.77
N ALA G 666 34.11 -9.02 12.24
CA ALA G 666 35.41 -8.54 11.80
C ALA G 666 35.59 -8.73 10.30
N LYS G 667 35.19 -9.90 9.78
CA LYS G 667 35.28 -10.13 8.35
C LYS G 667 34.40 -9.17 7.57
N ALA G 668 33.19 -8.91 8.05
CA ALA G 668 32.30 -7.97 7.37
C ALA G 668 32.89 -6.57 7.31
N LEU G 669 33.40 -6.08 8.45
CA LEU G 669 33.97 -4.73 8.48
C LEU G 669 35.21 -4.63 7.61
N VAL G 670 36.09 -5.64 7.67
CA VAL G 670 37.31 -5.61 6.85
C VAL G 670 36.95 -5.63 5.37
N ALA G 671 35.97 -6.45 4.98
CA ALA G 671 35.55 -6.49 3.59
C ALA G 671 34.98 -5.15 3.14
N CYS G 672 34.18 -4.51 4.01
CA CYS G 672 33.63 -3.21 3.67
C CYS G 672 34.74 -2.18 3.42
N LYS G 673 35.72 -2.14 4.34
CA LYS G 673 36.83 -1.20 4.19
C LYS G 673 37.62 -1.48 2.91
N LEU G 674 37.90 -2.75 2.62
CA LEU G 674 38.67 -3.10 1.44
C LEU G 674 37.93 -2.72 0.15
N CYS G 675 36.62 -3.00 0.10
CA CYS G 675 35.85 -2.63 -1.09
C CYS G 675 35.84 -1.12 -1.29
N LYS G 676 35.69 -0.36 -0.20
CA LYS G 676 35.72 1.10 -0.33
C LYS G 676 37.07 1.59 -0.84
N ALA G 677 38.16 1.06 -0.28
CA ALA G 677 39.49 1.49 -0.69
C ALA G 677 39.77 1.14 -2.14
N MET G 678 39.37 -0.06 -2.58
CA MET G 678 39.56 -0.43 -3.98
C MET G 678 38.70 0.41 -4.90
N ALA G 679 37.49 0.79 -4.48
CA ALA G 679 36.69 1.71 -5.27
C ALA G 679 37.39 3.04 -5.45
N HIS G 680 37.98 3.56 -4.37
CA HIS G 680 38.72 4.82 -4.47
C HIS G 680 39.92 4.68 -5.41
N GLU G 681 40.67 3.59 -5.27
CA GLU G 681 41.85 3.38 -6.12
C GLU G 681 41.49 3.23 -7.60
N ALA G 682 40.40 2.53 -7.91
CA ALA G 682 39.95 2.43 -9.29
C ALA G 682 39.39 3.73 -9.82
N SER G 683 38.74 4.52 -8.98
CA SER G 683 38.24 5.82 -9.43
C SER G 683 39.39 6.77 -9.77
N GLU G 684 40.44 6.77 -8.96
CA GLU G 684 41.58 7.61 -9.25
C GLU G 684 42.30 7.18 -10.53
N ASN G 685 42.43 5.87 -10.75
CA ASN G 685 43.29 5.32 -11.79
C ASN G 685 42.57 5.16 -13.13
N ASP G 686 41.57 5.98 -13.39
CA ASP G 686 40.81 6.06 -14.65
C ASP G 686 40.50 4.69 -15.24
N MET G 687 39.77 3.90 -14.46
CA MET G 687 39.37 2.56 -14.89
C MET G 687 38.13 2.64 -15.76
N VAL G 688 37.52 1.48 -16.05
CA VAL G 688 36.36 1.41 -16.92
C VAL G 688 35.09 1.95 -16.27
N ASP G 689 35.19 2.42 -15.02
CA ASP G 689 34.18 3.23 -14.34
C ASP G 689 32.93 2.44 -13.92
N ASP G 690 32.82 1.17 -14.33
CA ASP G 690 31.86 0.32 -13.65
C ASP G 690 32.49 -0.32 -12.43
N ILE G 691 33.80 -0.50 -12.45
CA ILE G 691 34.52 -0.98 -11.28
C ILE G 691 34.42 0.03 -10.13
N SER G 692 34.37 1.32 -10.46
CA SER G 692 34.27 2.35 -9.43
C SER G 692 32.86 2.51 -8.89
N GLN G 693 31.89 1.75 -9.41
CA GLN G 693 30.53 1.83 -8.90
C GLN G 693 29.95 0.46 -8.58
N GLU G 694 30.71 -0.63 -8.74
CA GLU G 694 30.32 -1.91 -8.18
C GLU G 694 30.98 -2.18 -6.83
N LEU G 695 32.20 -1.70 -6.64
CA LEU G 695 32.87 -1.86 -5.36
C LEU G 695 32.15 -1.09 -4.27
N ASN G 696 31.55 0.05 -4.61
CA ASN G 696 30.75 0.76 -3.63
C ASN G 696 29.51 -0.05 -3.25
N HIS G 697 28.90 -0.74 -4.21
CA HIS G 697 27.77 -1.62 -3.89
C HIS G 697 28.21 -2.75 -2.96
N ASN G 698 29.37 -3.34 -3.24
CA ASN G 698 29.87 -4.40 -2.36
C ASN G 698 30.13 -3.88 -0.96
N SER G 699 30.72 -2.69 -0.85
CA SER G 699 30.98 -2.10 0.47
C SER G 699 29.68 -1.84 1.22
N ARG G 700 28.67 -1.32 0.52
CA ARG G 700 27.40 -1.05 1.18
C ARG G 700 26.73 -2.34 1.64
N ASP G 701 26.80 -3.40 0.83
CA ASP G 701 26.24 -4.68 1.25
C ASP G 701 26.93 -5.20 2.50
N PHE G 702 28.26 -5.13 2.54
CA PHE G 702 28.97 -5.65 3.70
C PHE G 702 28.71 -4.83 4.95
N GLY G 703 28.64 -3.50 4.80
CA GLY G 703 28.29 -2.66 5.94
C GLY G 703 26.89 -2.95 6.47
N GLN G 704 25.94 -3.16 5.56
CA GLN G 704 24.59 -3.49 5.98
C GLN G 704 24.53 -4.81 6.71
N LEU G 705 25.29 -5.80 6.23
CA LEU G 705 25.36 -7.09 6.93
C LEU G 705 25.93 -6.92 8.33
N ALA G 706 27.00 -6.13 8.46
CA ALA G 706 27.58 -5.90 9.78
C ALA G 706 26.59 -5.24 10.73
N VAL G 707 25.85 -4.24 10.23
CA VAL G 707 24.87 -3.56 11.09
C VAL G 707 23.77 -4.51 11.51
N GLU G 708 23.27 -5.33 10.58
CA GLU G 708 22.21 -6.27 10.93
C GLU G 708 22.68 -7.30 11.94
N LEU G 709 23.91 -7.81 11.78
CA LEU G 709 24.43 -8.78 12.73
C LEU G 709 24.61 -8.16 14.11
N LEU G 710 25.08 -6.91 14.16
CA LEU G 710 25.20 -6.22 15.45
C LEU G 710 23.83 -6.04 16.10
N ASP G 711 22.83 -5.68 15.30
CA ASP G 711 21.49 -5.50 15.85
C ASP G 711 20.94 -6.81 16.41
N GLN G 712 21.14 -7.92 15.68
CA GLN G 712 20.69 -9.21 16.19
C GLN G 712 21.41 -9.58 17.48
N SER G 713 22.72 -9.37 17.54
CA SER G 713 23.47 -9.70 18.73
C SER G 713 23.04 -8.86 19.92
N TYR G 714 22.80 -7.57 19.71
CA TYR G 714 22.36 -6.70 20.80
C TYR G 714 20.96 -7.08 21.27
N LYS G 715 20.09 -7.47 20.34
CA LYS G 715 18.75 -7.91 20.73
C LYS G 715 18.81 -9.18 21.55
N GLN G 716 19.66 -10.12 21.18
CA GLN G 716 19.71 -11.40 21.89
C GLN G 716 20.30 -11.24 23.28
N ASP G 717 21.42 -10.53 23.40
CA ASP G 717 22.07 -10.34 24.69
C ASP G 717 22.96 -9.11 24.64
N GLU G 718 22.84 -8.25 25.64
CA GLU G 718 23.55 -6.98 25.62
C GLU G 718 25.00 -7.10 26.10
N GLN G 719 25.23 -7.83 27.19
CA GLN G 719 26.58 -7.91 27.75
C GLN G 719 27.54 -8.59 26.79
N LEU G 720 27.11 -9.70 26.18
CA LEU G 720 27.98 -10.37 25.22
C LEU G 720 28.17 -9.55 23.96
N ALA G 721 27.15 -8.80 23.55
CA ALA G 721 27.31 -7.91 22.40
C ALA G 721 28.35 -6.83 22.68
N MET G 722 28.31 -6.24 23.87
CA MET G 722 29.32 -5.24 24.23
C MET G 722 30.70 -5.85 24.36
N LYS G 723 30.79 -7.07 24.89
CA LYS G 723 32.09 -7.74 24.97
C LYS G 723 32.62 -8.08 23.59
N LEU G 724 31.72 -8.32 22.63
CA LEU G 724 32.13 -8.68 21.28
C LEU G 724 32.71 -7.50 20.52
N LEU G 725 32.34 -6.28 20.91
CA LEU G 725 32.78 -5.08 20.20
C LEU G 725 34.10 -4.54 20.68
N THR G 726 34.77 -5.17 21.64
CA THR G 726 35.95 -4.58 22.24
C THR G 726 37.16 -5.50 22.34
N TYR G 727 36.99 -6.82 22.30
CA TYR G 727 38.13 -7.71 22.50
C TYR G 727 39.11 -7.59 21.33
N GLU G 728 40.39 -7.76 21.65
CA GLU G 728 41.43 -7.62 20.64
C GLU G 728 41.36 -8.76 19.64
N LEU G 729 41.36 -8.42 18.35
CA LEU G 729 41.35 -9.41 17.28
C LEU G 729 42.78 -9.73 16.90
N LYS G 730 43.24 -10.93 17.24
CA LYS G 730 44.62 -11.28 16.98
C LYS G 730 44.90 -11.45 15.49
N ASN G 731 43.90 -11.90 14.73
CA ASN G 731 44.11 -12.23 13.33
C ASN G 731 43.96 -11.03 12.40
N TRP G 732 43.56 -9.86 12.91
CA TRP G 732 43.28 -8.70 12.08
C TRP G 732 44.09 -7.50 12.56
N SER G 733 45.38 -7.73 12.80
CA SER G 733 46.33 -6.67 13.13
C SER G 733 45.97 -5.95 14.43
N ASN G 734 45.44 -6.69 15.39
CA ASN G 734 45.27 -6.22 16.77
C ASN G 734 44.42 -4.95 16.85
N ALA G 735 43.17 -5.07 16.41
CA ALA G 735 42.23 -3.97 16.50
C ALA G 735 40.89 -4.50 16.96
N THR G 736 40.10 -3.61 17.55
CA THR G 736 38.74 -3.95 17.93
C THR G 736 37.81 -3.78 16.73
N CYS G 737 36.59 -4.32 16.85
CA CYS G 737 35.61 -4.11 15.80
C CYS G 737 35.21 -2.65 15.71
N LEU G 738 35.22 -1.94 16.83
CA LEU G 738 34.87 -0.52 16.82
C LEU G 738 35.87 0.29 16.01
N GLN G 739 37.16 0.01 16.17
CA GLN G 739 38.17 0.74 15.40
C GLN G 739 38.08 0.43 13.92
N LEU G 740 37.76 -0.81 13.55
CA LEU G 740 37.55 -1.14 12.15
C LEU G 740 36.34 -0.41 11.59
N ALA G 741 35.27 -0.29 12.38
CA ALA G 741 34.10 0.46 11.93
C ALA G 741 34.42 1.93 11.75
N VAL G 742 35.22 2.49 12.66
CA VAL G 742 35.55 3.91 12.57
C VAL G 742 36.48 4.17 11.38
N ALA G 743 37.48 3.32 11.17
CA ALA G 743 38.38 3.49 10.04
C ALA G 743 37.66 3.34 8.72
N ALA G 744 36.59 2.54 8.68
CA ALA G 744 35.80 2.39 7.47
C ALA G 744 34.78 3.51 7.30
N LYS G 745 34.72 4.45 8.24
CA LYS G 745 33.80 5.58 8.20
C LYS G 745 32.35 5.11 8.10
N HIS G 746 32.04 4.02 8.79
CA HIS G 746 30.70 3.44 8.78
C HIS G 746 29.88 4.14 9.85
N ARG G 747 29.06 5.12 9.44
CA ARG G 747 28.34 5.93 10.42
C ARG G 747 27.16 5.19 11.02
N ASP G 748 26.53 4.29 10.28
CA ASP G 748 25.36 3.59 10.81
C ASP G 748 25.73 2.57 11.88
N PHE G 749 26.96 2.07 11.88
CA PHE G 749 27.39 1.12 12.90
C PHE G 749 27.61 1.82 14.23
N ILE G 750 28.28 2.97 14.23
CA ILE G 750 28.52 3.71 15.47
C ILE G 750 27.22 4.29 16.01
N ALA G 751 26.32 4.73 15.13
CA ALA G 751 25.07 5.33 15.58
C ALA G 751 24.11 4.34 16.21
N HIS G 752 24.39 3.05 16.11
CA HIS G 752 23.52 2.05 16.72
C HIS G 752 23.53 2.21 18.23
N THR G 753 22.46 1.69 18.86
CA THR G 753 22.29 1.87 20.30
C THR G 753 23.37 1.16 21.09
N CYS G 754 23.80 -0.01 20.64
CA CYS G 754 24.82 -0.77 21.36
C CYS G 754 26.14 0.00 21.41
N SER G 755 26.54 0.59 20.29
CA SER G 755 27.78 1.36 20.27
C SER G 755 27.67 2.59 21.17
N GLN G 756 26.51 3.23 21.21
CA GLN G 756 26.33 4.37 22.08
C GLN G 756 26.42 3.97 23.56
N MET G 757 25.82 2.82 23.91
CA MET G 757 25.94 2.34 25.29
C MET G 757 27.39 2.05 25.65
N LEU G 758 28.11 1.40 24.74
CA LEU G 758 29.51 1.09 25.01
C LEU G 758 30.34 2.37 25.13
N LEU G 759 30.10 3.36 24.27
CA LEU G 759 30.86 4.59 24.34
C LEU G 759 30.53 5.39 25.59
N THR G 760 29.27 5.35 26.05
CA THR G 760 28.95 6.00 27.32
C THR G 760 29.65 5.31 28.48
N ASP G 761 29.68 3.97 28.47
CA ASP G 761 30.38 3.25 29.53
C ASP G 761 31.88 3.47 29.48
N MET G 762 32.44 3.77 28.31
CA MET G 762 33.84 4.18 28.25
C MET G 762 34.02 5.62 28.72
N TRP G 763 33.03 6.47 28.45
CA TRP G 763 33.11 7.87 28.83
C TRP G 763 33.07 8.04 30.35
N MET G 764 32.23 7.26 31.03
CA MET G 764 32.13 7.36 32.48
C MET G 764 33.35 6.80 33.20
N GLY G 765 34.26 6.15 32.49
CA GLY G 765 35.46 5.63 33.13
C GLY G 765 35.18 4.47 34.05
N ARG G 766 35.46 4.64 35.34
CA ARG G 766 35.30 3.60 36.34
C ARG G 766 34.23 3.93 37.37
N LEU G 767 33.23 4.72 36.99
CA LEU G 767 32.19 5.18 37.89
C LEU G 767 30.85 4.63 37.46
N ARG G 768 29.95 4.50 38.44
CA ARG G 768 28.59 4.03 38.19
C ARG G 768 27.58 5.17 38.16
N MET G 769 28.04 6.42 38.11
CA MET G 769 27.16 7.57 38.23
C MET G 769 26.33 7.77 36.97
N ARG G 770 25.47 6.79 36.70
CA ARG G 770 24.51 6.88 35.61
C ARG G 770 23.31 7.75 35.98
N LYS G 771 23.26 8.22 37.23
CA LYS G 771 22.28 9.19 37.67
C LYS G 771 22.73 10.58 37.22
N ASN G 772 22.10 11.63 37.75
CA ASN G 772 22.37 12.98 37.29
C ASN G 772 23.79 13.37 37.65
N SER G 773 24.70 13.24 36.70
CA SER G 773 26.11 13.53 36.87
C SER G 773 26.41 14.94 36.38
N GLY G 774 27.69 15.24 36.22
CA GLY G 774 28.08 16.57 35.80
C GLY G 774 28.21 17.49 36.99
N LEU G 775 27.08 17.81 37.62
CA LEU G 775 27.13 18.57 38.87
C LEU G 775 27.81 17.76 39.97
N LYS G 776 27.55 16.46 40.03
CA LYS G 776 28.25 15.61 40.98
C LYS G 776 29.74 15.53 40.64
N VAL G 777 30.07 15.47 39.35
CA VAL G 777 31.46 15.42 38.94
C VAL G 777 32.18 16.70 39.32
N ILE G 778 31.56 17.86 39.06
CA ILE G 778 32.25 19.11 39.36
C ILE G 778 32.33 19.33 40.86
N LEU G 779 31.34 18.89 41.63
CA LEU G 779 31.46 19.02 43.08
C LEU G 779 32.54 18.10 43.63
N GLY G 780 32.68 16.90 43.07
CA GLY G 780 33.78 16.04 43.45
C GLY G 780 35.13 16.62 43.07
N ILE G 781 35.19 17.33 41.93
CA ILE G 781 36.42 18.03 41.54
C ILE G 781 36.74 19.12 42.57
N LEU G 782 35.73 19.89 42.97
CA LEU G 782 35.95 20.95 43.94
C LEU G 782 36.13 20.41 45.35
N LEU G 783 35.54 19.26 45.65
CA LEU G 783 35.62 18.67 46.98
C LEU G 783 36.27 17.29 46.91
N PRO G 784 37.58 17.20 47.09
CA PRO G 784 38.25 15.90 47.16
C PRO G 784 37.72 15.02 48.30
N PRO G 785 37.28 15.60 49.44
CA PRO G 785 36.56 14.75 50.40
C PRO G 785 35.31 14.08 49.84
N SER G 786 34.62 14.71 48.91
CA SER G 786 33.42 14.11 48.35
C SER G 786 33.72 12.99 47.35
N ILE G 787 34.98 12.84 46.93
CA ILE G 787 35.32 11.82 45.95
C ILE G 787 35.08 10.43 46.53
N LEU G 788 35.53 10.20 47.76
CA LEU G 788 35.43 8.87 48.36
C LEU G 788 34.01 8.47 48.71
N SER G 789 33.06 9.40 48.68
CA SER G 789 31.67 9.10 48.95
C SER G 789 30.92 8.66 47.69
N LEU G 790 31.58 8.62 46.55
CA LEU G 790 30.99 8.19 45.30
C LEU G 790 31.05 6.66 45.20
N GLU G 791 30.83 6.13 44.01
CA GLU G 791 30.88 4.70 43.76
C GLU G 791 31.83 4.40 42.62
N PHE G 792 32.65 3.36 42.80
CA PHE G 792 33.62 2.95 41.81
C PHE G 792 33.41 1.48 41.46
N LYS G 793 33.66 1.13 40.21
CA LYS G 793 33.57 -0.26 39.80
C LYS G 793 34.86 -0.99 40.14
N ASN G 794 34.75 -2.32 40.22
CA ASN G 794 35.88 -3.18 40.59
C ASN G 794 36.92 -3.24 39.49
N GLY G 861 42.95 5.78 48.64
CA GLY G 861 44.30 5.81 48.10
C GLY G 861 44.33 5.72 46.59
N ARG G 862 43.88 4.58 46.05
CA ARG G 862 43.82 4.39 44.60
C ARG G 862 42.58 5.01 43.98
N LYS G 863 41.60 5.41 44.80
CA LYS G 863 40.37 5.97 44.25
C LYS G 863 40.58 7.32 43.61
N ILE G 864 41.48 8.14 44.17
CA ILE G 864 41.77 9.44 43.57
C ILE G 864 42.45 9.27 42.22
N TYR G 865 43.43 8.37 42.13
CA TYR G 865 44.09 8.11 40.86
C TYR G 865 43.13 7.51 39.84
N GLU G 866 42.24 6.63 40.29
CA GLU G 866 41.24 6.06 39.40
C GLU G 866 40.19 7.11 39.00
N PHE G 867 40.05 8.17 39.78
CA PHE G 867 39.08 9.21 39.50
C PHE G 867 39.60 10.25 38.52
N TYR G 868 40.84 10.68 38.67
CA TYR G 868 41.38 11.72 37.79
C TYR G 868 41.67 11.22 36.39
N ASN G 869 41.63 9.90 36.14
CA ASN G 869 41.90 9.37 34.83
C ASN G 869 40.64 9.10 34.01
N ALA G 870 39.46 9.32 34.60
CA ALA G 870 38.24 9.19 33.82
C ALA G 870 38.16 10.31 32.79
N PRO G 871 37.71 10.01 31.56
CA PRO G 871 37.63 11.07 30.54
C PRO G 871 36.72 12.21 30.93
N ILE G 872 35.63 11.94 31.66
CA ILE G 872 34.67 12.99 31.97
C ILE G 872 35.28 14.01 32.93
N VAL G 873 36.09 13.55 33.87
CA VAL G 873 36.72 14.46 34.81
C VAL G 873 37.76 15.33 34.10
N LYS G 874 38.52 14.74 33.17
CA LYS G 874 39.44 15.55 32.37
C LYS G 874 38.69 16.59 31.56
N PHE G 875 37.55 16.21 30.98
CA PHE G 875 36.76 17.15 30.19
C PHE G 875 36.25 18.30 31.05
N TRP G 876 35.75 18.00 32.25
CA TRP G 876 35.27 19.07 33.11
C TRP G 876 36.41 19.95 33.61
N PHE G 877 37.58 19.38 33.87
CA PHE G 877 38.74 20.19 34.23
C PHE G 877 39.12 21.14 33.11
N TYR G 878 39.12 20.64 31.87
CA TYR G 878 39.43 21.52 30.74
C TYR G 878 38.39 22.61 30.58
N THR G 879 37.11 22.28 30.77
CA THR G 879 36.06 23.29 30.66
C THR G 879 36.23 24.37 31.73
N LEU G 880 36.50 23.98 32.97
CA LEU G 880 36.66 24.97 34.04
C LEU G 880 37.87 25.85 33.79
N ALA G 881 38.99 25.25 33.35
CA ALA G 881 40.17 26.06 33.06
C ALA G 881 39.91 27.03 31.91
N TYR G 882 39.21 26.59 30.87
CA TYR G 882 38.91 27.47 29.76
C TYR G 882 38.00 28.61 30.20
N ILE G 883 37.02 28.33 31.04
CA ILE G 883 36.13 29.39 31.52
C ILE G 883 36.92 30.41 32.34
N GLY G 884 37.81 29.93 33.21
CA GLY G 884 38.63 30.85 33.98
C GLY G 884 39.53 31.71 33.10
N TYR G 885 40.13 31.11 32.07
CA TYR G 885 40.95 31.87 31.14
C TYR G 885 40.11 32.91 30.40
N LEU G 886 38.88 32.54 30.01
CA LEU G 886 38.02 33.49 29.32
C LEU G 886 37.68 34.67 30.23
N MET G 887 37.39 34.40 31.50
CA MET G 887 37.11 35.49 32.43
C MET G 887 38.31 36.41 32.60
N LEU G 888 39.51 35.84 32.71
CA LEU G 888 40.70 36.68 32.83
C LEU G 888 40.93 37.51 31.56
N PHE G 889 40.66 36.92 30.39
CA PHE G 889 40.79 37.67 29.14
C PHE G 889 39.83 38.86 29.11
N ASN G 890 38.57 38.64 29.48
CA ASN G 890 37.62 39.74 29.52
C ASN G 890 38.06 40.81 30.50
N TYR G 891 38.57 40.41 31.65
CA TYR G 891 39.02 41.39 32.63
C TYR G 891 40.19 42.21 32.10
N ILE G 892 41.16 41.57 31.44
CA ILE G 892 42.32 42.34 31.01
C ILE G 892 42.03 43.17 29.77
N VAL G 893 40.96 42.88 29.03
CA VAL G 893 40.62 43.77 27.91
C VAL G 893 39.64 44.86 28.30
N LEU G 894 38.90 44.70 29.40
CA LEU G 894 37.92 45.72 29.77
C LEU G 894 38.51 46.88 30.55
N VAL G 895 39.61 46.67 31.26
CA VAL G 895 40.18 47.71 32.10
C VAL G 895 41.39 48.30 31.41
N LYS G 896 41.94 49.37 31.99
CA LYS G 896 43.05 50.08 31.37
C LYS G 896 44.28 49.18 31.30
N MET G 897 45.08 49.39 30.25
CA MET G 897 46.30 48.63 30.03
C MET G 897 47.50 49.44 30.53
N GLU G 898 48.37 48.78 31.26
CA GLU G 898 49.55 49.43 31.81
C GLU G 898 50.69 49.41 30.79
N ARG G 899 51.79 50.07 31.12
CA ARG G 899 53.00 49.97 30.31
C ARG G 899 53.55 48.54 30.34
N TRP G 900 53.54 47.91 31.51
CA TRP G 900 53.97 46.54 31.63
C TRP G 900 52.78 45.65 32.00
N PRO G 901 52.76 44.41 31.52
CA PRO G 901 51.58 43.56 31.70
C PRO G 901 51.29 43.27 33.15
N SER G 902 50.00 43.15 33.46
CA SER G 902 49.55 42.79 34.80
C SER G 902 49.63 41.27 34.99
N THR G 903 49.32 40.82 36.21
CA THR G 903 49.42 39.40 36.54
C THR G 903 48.46 38.56 35.69
N GLN G 904 47.21 39.03 35.55
CA GLN G 904 46.24 38.28 34.77
C GLN G 904 46.63 38.20 33.31
N GLU G 905 47.26 39.26 32.78
CA GLU G 905 47.77 39.21 31.42
C GLU G 905 48.85 38.15 31.28
N TRP G 906 49.73 38.03 32.28
CA TRP G 906 50.74 36.99 32.24
C TRP G 906 50.13 35.60 32.31
N ILE G 907 49.06 35.44 33.09
CA ILE G 907 48.36 34.16 33.13
C ILE G 907 47.79 33.82 31.77
N VAL G 908 47.18 34.81 31.10
CA VAL G 908 46.61 34.58 29.77
C VAL G 908 47.70 34.20 28.77
N ILE G 909 48.83 34.91 28.81
CA ILE G 909 49.92 34.62 27.87
C ILE G 909 50.46 33.22 28.10
N SER G 910 50.62 32.84 29.37
CA SER G 910 51.10 31.49 29.67
C SER G 910 50.12 30.43 29.19
N TYR G 911 48.82 30.67 29.37
CA TYR G 911 47.83 29.72 28.89
C TYR G 911 47.90 29.55 27.38
N ILE G 912 48.01 30.66 26.64
CA ILE G 912 48.06 30.56 25.19
C ILE G 912 49.33 29.85 24.74
N PHE G 913 50.47 30.16 25.37
CA PHE G 913 51.71 29.49 25.02
C PHE G 913 51.65 27.99 25.28
N THR G 914 51.08 27.60 26.43
CA THR G 914 50.98 26.18 26.75
C THR G 914 50.03 25.46 25.81
N LEU G 915 48.92 26.11 25.45
CA LEU G 915 48.01 25.51 24.48
C LEU G 915 48.68 25.32 23.13
N GLY G 916 49.46 26.31 22.70
CA GLY G 916 50.17 26.19 21.43
C GLY G 916 51.20 25.07 21.43
N ILE G 917 51.98 24.97 22.50
CA ILE G 917 52.99 23.91 22.53
C ILE G 917 52.33 22.54 22.68
N GLU G 918 51.18 22.46 23.36
CA GLU G 918 50.45 21.21 23.42
C GLU G 918 49.95 20.81 22.04
N LYS G 919 49.43 21.77 21.27
CA LYS G 919 48.96 21.47 19.92
C LYS G 919 50.10 21.02 19.02
N MET G 920 51.25 21.69 19.10
CA MET G 920 52.37 21.27 18.25
C MET G 920 52.94 19.92 18.69
N ARG G 921 52.90 19.62 19.99
CA ARG G 921 53.29 18.29 20.45
C ARG G 921 52.35 17.23 19.92
N GLU G 922 51.04 17.52 19.92
CA GLU G 922 50.10 16.58 19.33
C GLU G 922 50.32 16.42 17.84
N ILE G 923 50.77 17.48 17.17
CA ILE G 923 51.13 17.38 15.77
C ILE G 923 52.31 16.44 15.58
N LEU G 924 53.35 16.60 16.40
CA LEU G 924 54.54 15.77 16.25
C LEU G 924 54.37 14.37 16.84
N MET G 925 53.29 14.12 17.58
CA MET G 925 52.98 12.77 18.05
C MET G 925 51.85 12.13 17.26
N SER G 926 51.49 12.72 16.12
CA SER G 926 50.41 12.18 15.29
C SER G 926 50.88 10.93 14.56
N GLY G 929 54.16 9.29 10.54
CA GLY G 929 55.52 8.94 10.17
C GLY G 929 56.28 10.12 9.59
N LYS G 930 56.12 10.33 8.28
CA LYS G 930 56.75 11.47 7.63
C LYS G 930 56.17 12.77 8.17
N LEU G 931 57.06 13.73 8.45
CA LEU G 931 56.65 14.95 9.13
C LEU G 931 55.66 15.77 8.32
N LEU G 932 55.85 15.83 7.00
CA LEU G 932 54.98 16.64 6.16
C LEU G 932 53.58 16.05 6.08
N GLN G 933 53.45 14.73 6.20
CA GLN G 933 52.14 14.11 6.07
C GLN G 933 51.25 14.38 7.28
N LYS G 934 51.86 14.50 8.47
CA LYS G 934 51.07 14.76 9.67
C LYS G 934 50.41 16.13 9.61
N VAL G 935 51.09 17.12 9.02
CA VAL G 935 50.51 18.45 8.89
C VAL G 935 49.28 18.41 8.00
N LYS G 936 49.38 17.71 6.86
CA LYS G 936 48.26 17.66 5.92
C LYS G 936 47.11 16.81 6.42
N VAL G 937 47.36 15.91 7.38
CA VAL G 937 46.27 15.13 7.97
C VAL G 937 45.73 15.78 9.23
N TRP G 938 46.44 16.75 9.80
CA TRP G 938 45.98 17.47 10.99
C TRP G 938 45.31 18.79 10.67
N LEU G 939 45.60 19.39 9.51
CA LEU G 939 44.93 20.60 9.07
C LEU G 939 43.61 20.32 8.36
N GLN G 940 43.03 19.14 8.59
CA GLN G 940 41.73 18.80 8.01
C GLN G 940 40.56 19.25 8.87
N GLU G 941 40.81 19.77 10.05
CA GLU G 941 39.78 20.30 10.93
C GLU G 941 39.85 21.82 10.94
N TYR G 942 38.69 22.46 10.76
CA TYR G 942 38.66 23.92 10.76
C TYR G 942 39.04 24.49 12.12
N TRP G 943 38.75 23.75 13.20
CA TRP G 943 39.09 24.23 14.52
C TRP G 943 40.60 24.37 14.69
N ASN G 944 41.36 23.41 14.18
CA ASN G 944 42.82 23.49 14.30
C ASN G 944 43.38 24.68 13.53
N VAL G 945 42.87 24.91 12.32
CA VAL G 945 43.35 26.05 11.52
C VAL G 945 43.02 27.35 12.21
N THR G 946 41.79 27.48 12.73
CA THR G 946 41.41 28.70 13.43
C THR G 946 42.23 28.90 14.70
N ASP G 947 42.54 27.81 15.42
CA ASP G 947 43.40 27.92 16.58
C ASP G 947 44.78 28.42 16.20
N LEU G 948 45.35 27.89 15.12
CA LEU G 948 46.66 28.35 14.68
C LEU G 948 46.64 29.83 14.31
N ILE G 949 45.61 30.25 13.57
CA ILE G 949 45.52 31.65 13.17
C ILE G 949 45.38 32.56 14.38
N ALA G 950 44.53 32.16 15.33
CA ALA G 950 44.32 32.97 16.53
C ALA G 950 45.58 33.04 17.37
N ILE G 951 46.30 31.93 17.51
CA ILE G 951 47.52 31.93 18.31
C ILE G 951 48.60 32.78 17.66
N LEU G 952 48.73 32.69 16.34
CA LEU G 952 49.72 33.54 15.65
C LEU G 952 49.36 35.01 15.75
N LEU G 953 48.08 35.34 15.61
CA LEU G 953 47.66 36.74 15.77
C LEU G 953 47.91 37.24 17.18
N PHE G 954 47.66 36.38 18.18
CA PHE G 954 47.92 36.77 19.56
C PHE G 954 49.41 36.95 19.81
N SER G 955 50.25 36.12 19.19
CA SER G 955 51.69 36.28 19.31
C SER G 955 52.15 37.60 18.70
N VAL G 956 51.63 37.94 17.51
CA VAL G 956 52.00 39.22 16.91
C VAL G 956 51.44 40.38 17.73
N GLY G 957 50.32 40.17 18.44
CA GLY G 957 49.86 41.19 19.36
C GLY G 957 50.79 41.37 20.53
N MET G 958 51.28 40.26 21.09
CA MET G 958 52.26 40.33 22.18
C MET G 958 53.52 41.05 21.74
N ILE G 959 54.01 40.73 20.53
CA ILE G 959 55.17 41.44 20.00
C ILE G 959 54.86 42.92 19.83
N LEU G 960 53.69 43.24 19.32
CA LEU G 960 53.33 44.63 19.08
C LEU G 960 53.00 45.35 20.37
N ARG G 961 52.57 44.62 21.41
CA ARG G 961 52.13 45.27 22.63
C ARG G 961 53.29 45.84 23.45
N LEU G 962 54.43 45.18 23.42
CA LEU G 962 55.61 45.64 24.18
C LEU G 962 56.51 46.52 23.33
N GLN G 963 55.96 47.64 22.90
CA GLN G 963 56.65 48.60 22.05
C GLN G 963 56.15 50.00 22.40
N ASP G 964 56.36 50.95 21.49
CA ASP G 964 55.99 52.34 21.72
C ASP G 964 54.47 52.49 21.87
N GLN G 965 54.06 53.70 22.27
CA GLN G 965 52.66 53.94 22.62
C GLN G 965 51.67 53.70 21.49
N PRO G 966 51.86 54.22 20.26
CA PRO G 966 50.93 53.85 19.18
C PRO G 966 50.93 52.35 18.89
N PHE G 967 52.09 51.70 18.98
CA PHE G 967 52.14 50.26 18.84
C PHE G 967 51.44 49.55 20.00
N ARG G 968 51.52 50.13 21.20
CA ARG G 968 50.77 49.57 22.32
C ARG G 968 49.27 49.63 22.08
N SER G 969 48.80 50.77 21.55
CA SER G 969 47.37 50.89 21.23
C SER G 969 46.96 49.90 20.16
N ASP G 970 47.80 49.72 19.14
CA ASP G 970 47.49 48.74 18.09
C ASP G 970 47.45 47.33 18.65
N GLY G 971 48.36 47.01 19.57
CA GLY G 971 48.32 45.70 20.20
C GLY G 971 47.07 45.47 21.03
N ARG G 972 46.64 46.50 21.76
CA ARG G 972 45.40 46.39 22.52
C ARG G 972 44.20 46.19 21.59
N VAL G 973 44.19 46.91 20.47
CA VAL G 973 43.12 46.72 19.49
C VAL G 973 43.12 45.31 18.94
N ILE G 974 44.30 44.75 18.68
CA ILE G 974 44.35 43.39 18.16
C ILE G 974 43.89 42.39 19.21
N TYR G 975 44.15 42.67 20.50
CA TYR G 975 43.60 41.82 21.55
C TYR G 975 42.08 41.87 21.57
N CYS G 976 41.53 43.09 21.44
CA CYS G 976 40.07 43.24 21.43
C CYS G 976 39.44 42.50 20.27
N VAL G 977 40.08 42.55 19.10
CA VAL G 977 39.56 41.82 17.96
C VAL G 977 39.70 40.31 18.17
N ASN G 978 40.81 39.88 18.76
CA ASN G 978 41.08 38.45 18.92
C ASN G 978 40.19 37.79 19.97
N ILE G 979 39.69 38.56 20.94
CA ILE G 979 38.85 37.95 21.98
C ILE G 979 37.55 37.38 21.43
N ILE G 980 37.12 37.85 20.27
CA ILE G 980 35.86 37.36 19.70
C ILE G 980 35.96 35.87 19.39
N TYR G 981 37.11 35.42 18.87
CA TYR G 981 37.26 34.00 18.55
C TYR G 981 37.22 33.15 19.82
N TRP G 982 37.91 33.58 20.87
CA TRP G 982 37.91 32.79 22.10
C TRP G 982 36.56 32.82 22.78
N TYR G 983 35.76 33.85 22.54
CA TYR G 983 34.38 33.84 23.02
C TYR G 983 33.51 32.90 22.20
N ILE G 984 33.73 32.86 20.89
CA ILE G 984 32.93 32.03 19.99
C ILE G 984 33.23 30.55 20.20
N ARG G 985 34.49 30.20 20.46
CA ARG G 985 34.91 28.80 20.51
C ARG G 985 34.23 28.00 21.62
N LEU G 986 33.39 28.60 22.44
CA LEU G 986 32.61 27.84 23.41
C LEU G 986 31.60 26.92 22.75
N LEU G 987 31.31 27.12 21.47
CA LEU G 987 30.40 26.21 20.77
C LEU G 987 31.02 24.82 20.63
N ASP G 988 32.34 24.74 20.48
CA ASP G 988 32.99 23.44 20.46
C ASP G 988 32.84 22.71 21.79
N ILE G 989 32.92 23.45 22.90
CA ILE G 989 32.68 22.84 24.21
C ILE G 989 31.22 22.43 24.34
N PHE G 990 30.31 23.26 23.82
CA PHE G 990 28.89 22.93 23.86
C PHE G 990 28.54 21.72 23.02
N GLY G 991 29.37 21.41 22.02
CA GLY G 991 29.10 20.25 21.17
C GLY G 991 29.10 18.93 21.91
N VAL G 992 29.65 18.88 23.13
CA VAL G 992 29.59 17.68 23.94
C VAL G 992 28.18 17.42 24.43
N ASN G 993 27.39 18.47 24.63
CA ASN G 993 26.04 18.32 25.12
C ASN G 993 25.16 17.61 24.09
N LYS G 994 24.21 16.82 24.59
CA LYS G 994 23.40 15.98 23.71
C LYS G 994 22.47 16.79 22.82
N TYR G 995 22.15 18.03 23.21
CA TYR G 995 21.24 18.85 22.42
C TYR G 995 21.92 20.02 21.73
N LEU G 996 23.04 20.50 22.25
CA LEU G 996 23.70 21.67 21.68
C LEU G 996 24.70 21.32 20.59
N GLY G 997 24.89 20.04 20.29
CA GLY G 997 25.75 19.62 19.21
C GLY G 997 25.06 19.65 17.86
N PRO G 998 23.94 18.94 17.75
CA PRO G 998 23.17 18.99 16.49
C PRO G 998 22.75 20.39 16.08
N TYR G 999 22.44 21.28 17.02
CA TYR G 999 22.06 22.63 16.63
C TYR G 999 23.24 23.41 16.07
N VAL G 1000 24.44 23.21 16.64
CA VAL G 1000 25.62 23.86 16.10
C VAL G 1000 25.92 23.34 14.70
N MET G 1001 25.80 22.03 14.49
CA MET G 1001 26.00 21.48 13.16
C MET G 1001 24.97 22.00 12.18
N MET G 1002 23.72 22.14 12.63
CA MET G 1002 22.67 22.69 11.77
C MET G 1002 22.97 24.13 11.38
N ILE G 1003 23.48 24.93 12.32
CA ILE G 1003 23.86 26.30 12.02
C ILE G 1003 24.97 26.32 10.98
N GLY G 1004 25.97 25.45 11.16
CA GLY G 1004 27.05 25.35 10.19
C GLY G 1004 26.55 24.98 8.81
N LYS G 1005 25.52 24.15 8.73
CA LYS G 1005 24.97 23.78 7.43
C LYS G 1005 24.11 24.87 6.81
N MET G 1006 23.38 25.63 7.62
CA MET G 1006 22.55 26.71 7.08
C MET G 1006 23.35 27.94 6.69
N MET G 1007 24.61 28.03 7.13
CA MET G 1007 25.46 29.15 6.71
C MET G 1007 25.55 29.27 5.19
N ILE G 1008 25.49 28.16 4.47
CA ILE G 1008 25.64 28.20 3.01
C ILE G 1008 24.46 28.93 2.36
N ASP G 1009 23.24 28.56 2.75
CA ASP G 1009 22.07 29.27 2.23
C ASP G 1009 22.05 30.72 2.67
N MET G 1010 22.53 30.99 3.90
CA MET G 1010 22.63 32.38 4.34
C MET G 1010 23.54 33.18 3.42
N MET G 1011 24.69 32.60 3.03
CA MET G 1011 25.59 33.28 2.09
C MET G 1011 24.94 33.47 0.73
N TYR G 1012 24.25 32.44 0.24
CA TYR G 1012 23.65 32.51 -1.08
C TYR G 1012 22.59 33.62 -1.16
N PHE G 1013 21.84 33.84 -0.10
CA PHE G 1013 20.93 34.98 -0.11
C PHE G 1013 21.60 36.30 0.21
N VAL G 1014 22.72 36.28 0.94
CA VAL G 1014 23.47 37.49 1.21
C VAL G 1014 24.01 38.08 -0.08
N ILE G 1015 24.36 37.24 -1.05
CA ILE G 1015 24.86 37.75 -2.34
C ILE G 1015 23.83 38.65 -3.01
N ILE G 1016 22.59 38.16 -3.12
CA ILE G 1016 21.54 38.92 -3.81
C ILE G 1016 21.16 40.15 -3.00
N MET G 1017 21.10 40.02 -1.67
CA MET G 1017 20.82 41.18 -0.83
C MET G 1017 21.88 42.26 -1.04
N LEU G 1018 23.15 41.86 -1.15
CA LEU G 1018 24.22 42.82 -1.38
C LEU G 1018 24.06 43.51 -2.73
N VAL G 1019 23.68 42.75 -3.76
CA VAL G 1019 23.50 43.34 -5.08
C VAL G 1019 22.43 44.44 -5.04
N VAL G 1020 21.25 44.11 -4.49
CA VAL G 1020 20.16 45.08 -4.46
C VAL G 1020 20.53 46.28 -3.59
N LEU G 1021 21.16 46.03 -2.44
CA LEU G 1021 21.52 47.10 -1.53
C LEU G 1021 22.52 48.06 -2.16
N MET G 1022 23.53 47.53 -2.84
CA MET G 1022 24.50 48.39 -3.51
C MET G 1022 23.84 49.21 -4.60
N SER G 1023 22.92 48.61 -5.36
CA SER G 1023 22.22 49.36 -6.40
C SER G 1023 21.48 50.56 -5.81
N PHE G 1024 20.69 50.31 -4.76
CA PHE G 1024 19.91 51.40 -4.18
C PHE G 1024 20.81 52.46 -3.56
N GLY G 1025 21.87 52.04 -2.86
CA GLY G 1025 22.75 53.01 -2.23
C GLY G 1025 23.44 53.90 -3.24
N VAL G 1026 23.93 53.31 -4.34
CA VAL G 1026 24.59 54.11 -5.37
C VAL G 1026 23.60 55.07 -6.01
N ALA G 1027 22.38 54.63 -6.27
CA ALA G 1027 21.38 55.53 -6.87
C ALA G 1027 21.08 56.71 -5.94
N ARG G 1028 20.85 56.43 -4.66
CA ARG G 1028 20.53 57.52 -3.74
C ARG G 1028 21.69 58.49 -3.59
N GLN G 1029 22.91 57.96 -3.44
CA GLN G 1029 24.07 58.82 -3.25
C GLN G 1029 24.33 59.68 -4.48
N ALA G 1030 24.13 59.11 -5.67
CA ALA G 1030 24.34 59.88 -6.89
C ALA G 1030 23.27 60.95 -7.09
N ILE G 1031 22.02 60.66 -6.71
CA ILE G 1031 20.98 61.68 -6.84
C ILE G 1031 21.21 62.81 -5.86
N LEU G 1032 21.49 62.49 -4.59
CA LEU G 1032 21.48 63.52 -3.57
C LEU G 1032 22.78 64.32 -3.47
N PHE G 1033 23.87 63.87 -4.07
CA PHE G 1033 25.15 64.56 -3.95
C PHE G 1033 25.83 64.63 -5.31
N PRO G 1034 25.66 65.74 -6.03
CA PRO G 1034 26.19 65.85 -7.39
C PRO G 1034 27.56 66.50 -7.52
N ASN G 1035 28.12 67.05 -6.45
CA ASN G 1035 29.38 67.78 -6.55
C ASN G 1035 30.45 67.22 -5.63
N GLU G 1036 30.60 65.89 -5.62
CA GLU G 1036 31.54 65.24 -4.73
C GLU G 1036 32.88 65.03 -5.43
N GLU G 1037 33.95 65.51 -4.81
CA GLU G 1037 35.28 65.20 -5.28
C GLU G 1037 35.59 63.73 -5.00
N PRO G 1038 36.31 63.04 -5.91
CA PRO G 1038 36.61 61.62 -5.69
C PRO G 1038 37.41 61.38 -4.42
N SER G 1039 36.82 60.67 -3.47
CA SER G 1039 37.46 60.34 -2.21
C SER G 1039 36.91 59.01 -1.72
N TRP G 1040 37.62 58.40 -0.76
CA TRP G 1040 37.16 57.14 -0.21
C TRP G 1040 35.89 57.26 0.60
N LYS G 1041 35.48 58.49 0.96
CA LYS G 1041 34.20 58.67 1.62
C LYS G 1041 33.05 58.25 0.73
N LEU G 1042 33.21 58.37 -0.59
CA LEU G 1042 32.17 57.94 -1.52
C LEU G 1042 31.93 56.44 -1.45
N ALA G 1043 32.99 55.66 -1.25
CA ALA G 1043 32.86 54.22 -1.16
C ALA G 1043 32.19 53.75 0.12
N LYS G 1044 31.97 54.65 1.07
CA LYS G 1044 31.32 54.29 2.32
C LYS G 1044 29.84 54.64 2.34
N ASN G 1045 29.44 55.68 1.62
CA ASN G 1045 28.06 56.13 1.65
C ASN G 1045 27.13 55.29 0.77
N ILE G 1046 27.67 54.34 0.00
CA ILE G 1046 26.82 53.52 -0.86
C ILE G 1046 26.41 52.21 -0.22
N PHE G 1047 26.92 51.90 0.97
CA PHE G 1047 26.64 50.60 1.58
C PHE G 1047 26.15 50.75 3.01
N TYR G 1048 26.58 51.80 3.70
CA TYR G 1048 26.31 51.99 5.12
C TYR G 1048 24.82 52.17 5.43
N MET G 1049 24.27 53.28 4.96
CA MET G 1049 22.87 53.60 5.27
C MET G 1049 21.88 52.59 4.71
N PRO G 1050 21.99 52.14 3.44
CA PRO G 1050 21.05 51.10 2.98
C PRO G 1050 21.16 49.79 3.73
N TYR G 1051 22.29 49.53 4.37
CA TYR G 1051 22.39 48.33 5.20
C TYR G 1051 21.74 48.53 6.56
N TRP G 1052 21.90 49.72 7.15
CA TRP G 1052 21.19 49.94 8.41
C TRP G 1052 19.69 50.13 8.23
N MET G 1053 19.25 50.45 7.01
CA MET G 1053 17.83 50.71 6.80
C MET G 1053 16.98 49.44 6.72
N ILE G 1054 17.59 48.26 6.63
CA ILE G 1054 16.81 47.03 6.59
C ILE G 1054 16.68 46.38 7.96
N TYR G 1055 17.41 46.87 8.96
CA TYR G 1055 17.29 46.38 10.32
C TYR G 1055 16.40 47.28 11.17
N GLY G 1056 15.47 47.98 10.53
CA GLY G 1056 14.54 48.83 11.22
C GLY G 1056 15.00 50.27 11.39
N GLU G 1057 16.25 50.58 11.07
CA GLU G 1057 16.75 51.95 11.19
C GLU G 1057 16.51 52.71 9.89
N VAL G 1058 15.24 52.94 9.60
CA VAL G 1058 14.80 53.69 8.43
C VAL G 1058 14.31 55.04 8.91
N PHE G 1059 14.87 56.11 8.34
CA PHE G 1059 14.55 57.47 8.76
C PHE G 1059 14.17 58.28 7.55
N ALA G 1060 12.88 58.66 7.46
CA ALA G 1060 12.40 59.49 6.36
C ALA G 1060 12.97 60.90 6.43
N ASP G 1061 13.47 61.33 7.58
CA ASP G 1061 14.08 62.64 7.68
C ASP G 1061 15.46 62.69 7.04
N GLN G 1062 16.16 61.56 6.97
CA GLN G 1062 17.51 61.51 6.40
C GLN G 1062 17.51 60.97 4.98
N ILE G 1063 16.38 61.05 4.28
CA ILE G 1063 16.31 60.63 2.89
C ILE G 1063 15.78 61.78 2.04
N CYS G 1084 16.47 72.86 -3.90
CA CYS G 1084 16.21 71.43 -3.96
C CYS G 1084 17.01 70.78 -5.09
N LYS G 1085 17.54 69.59 -4.83
CA LYS G 1085 18.26 68.85 -5.84
C LYS G 1085 17.30 68.39 -6.94
N THR G 1086 17.79 68.41 -8.17
CA THR G 1086 16.96 68.05 -9.30
C THR G 1086 16.61 66.56 -9.24
N GLY G 1087 15.32 66.26 -9.36
CA GLY G 1087 14.87 64.88 -9.24
C GLY G 1087 15.11 64.27 -7.88
N ALA G 1088 15.00 65.06 -6.81
CA ALA G 1088 15.19 64.55 -5.47
C ALA G 1088 14.00 63.75 -4.96
N TRP G 1089 12.85 63.87 -5.63
CA TRP G 1089 11.65 63.16 -5.18
C TRP G 1089 11.66 61.69 -5.57
N ILE G 1090 12.62 61.25 -6.38
CA ILE G 1090 12.69 59.83 -6.73
C ILE G 1090 13.28 59.01 -5.59
N VAL G 1091 13.99 59.65 -4.67
CA VAL G 1091 14.61 58.91 -3.56
C VAL G 1091 13.59 58.20 -2.70
N PRO G 1092 12.50 58.83 -2.24
CA PRO G 1092 11.51 58.06 -1.48
C PRO G 1092 10.85 56.95 -2.27
N ALA G 1093 10.65 57.14 -3.58
CA ALA G 1093 10.01 56.08 -4.38
C ALA G 1093 10.92 54.87 -4.49
N ILE G 1094 12.19 55.09 -4.84
CA ILE G 1094 13.11 53.96 -4.91
C ILE G 1094 13.34 53.36 -3.54
N MET G 1095 13.25 54.18 -2.47
CA MET G 1095 13.36 53.63 -1.12
C MET G 1095 12.20 52.71 -0.80
N ALA G 1096 10.98 53.10 -1.18
CA ALA G 1096 9.83 52.24 -0.95
C ALA G 1096 9.96 50.93 -1.73
N CYS G 1097 10.38 51.02 -2.99
CA CYS G 1097 10.58 49.80 -3.77
C CYS G 1097 11.66 48.92 -3.16
N TYR G 1098 12.76 49.53 -2.72
CA TYR G 1098 13.86 48.75 -2.14
C TYR G 1098 13.44 48.07 -0.85
N LEU G 1099 12.70 48.77 0.01
CA LEU G 1099 12.22 48.16 1.24
C LEU G 1099 11.26 47.02 0.95
N LEU G 1100 10.34 47.23 0.00
CA LEU G 1100 9.36 46.20 -0.34
C LEU G 1100 10.03 44.97 -0.95
N VAL G 1101 11.15 45.15 -1.64
CA VAL G 1101 11.84 44.00 -2.22
C VAL G 1101 12.73 43.31 -1.20
N ALA G 1102 13.58 44.06 -0.51
CA ALA G 1102 14.55 43.42 0.39
C ALA G 1102 13.90 42.87 1.65
N ASN G 1103 12.99 43.62 2.25
CA ASN G 1103 12.44 43.23 3.54
C ASN G 1103 11.29 42.24 3.43
N ILE G 1104 10.77 41.98 2.24
CA ILE G 1104 9.59 41.15 2.10
C ILE G 1104 9.86 39.98 1.15
N LEU G 1105 10.34 40.30 -0.05
CA LEU G 1105 10.44 39.29 -1.11
C LEU G 1105 11.53 38.26 -0.81
N LEU G 1106 12.63 38.69 -0.18
CA LEU G 1106 13.75 37.80 0.06
C LEU G 1106 13.78 37.18 1.45
N VAL G 1107 13.39 37.94 2.47
CA VAL G 1107 13.43 37.41 3.83
C VAL G 1107 12.46 36.25 4.00
N ASN G 1108 11.24 36.40 3.48
CA ASN G 1108 10.27 35.32 3.59
C ASN G 1108 10.67 34.12 2.75
N LEU G 1109 11.31 34.34 1.60
CA LEU G 1109 11.81 33.22 0.82
C LEU G 1109 12.92 32.49 1.57
N LEU G 1110 13.79 33.23 2.26
CA LEU G 1110 14.82 32.60 3.08
C LEU G 1110 14.20 31.79 4.21
N ILE G 1111 13.14 32.31 4.82
CA ILE G 1111 12.43 31.57 5.86
C ILE G 1111 11.88 30.28 5.29
N ALA G 1112 11.26 30.34 4.11
CA ALA G 1112 10.72 29.14 3.49
C ALA G 1112 11.81 28.12 3.18
N VAL G 1113 12.97 28.60 2.70
CA VAL G 1113 14.08 27.71 2.39
C VAL G 1113 14.61 27.04 3.65
N PHE G 1114 14.78 27.79 4.73
CA PHE G 1114 15.20 27.20 5.99
C PHE G 1114 14.17 26.21 6.51
N ASN G 1115 12.89 26.47 6.25
CA ASN G 1115 11.85 25.60 6.77
C ASN G 1115 11.81 24.28 6.04
N ASN G 1116 11.91 24.30 4.71
CA ASN G 1116 11.72 23.10 3.91
C ASN G 1116 13.00 22.31 3.68
N THR G 1117 14.12 22.73 4.28
CA THR G 1117 15.36 21.98 4.20
C THR G 1117 15.88 21.71 5.61
N PHE G 1118 15.01 21.23 6.48
CA PHE G 1118 15.30 21.10 7.91
C PHE G 1118 15.32 19.67 8.41
N PHE G 1119 14.40 18.83 7.96
CA PHE G 1119 14.29 17.47 8.50
C PHE G 1119 15.52 16.64 8.16
N GLU G 1120 15.92 16.63 6.88
CA GLU G 1120 17.11 15.89 6.48
C GLU G 1120 18.36 16.45 7.14
N VAL G 1121 18.44 17.78 7.27
CA VAL G 1121 19.60 18.39 7.88
C VAL G 1121 19.72 17.99 9.34
N LYS G 1122 18.60 17.99 10.07
CA LYS G 1122 18.68 17.61 11.48
C LYS G 1122 18.99 16.12 11.65
N SER G 1123 18.45 15.26 10.78
CA SER G 1123 18.79 13.84 10.88
C SER G 1123 20.26 13.60 10.60
N ILE G 1124 20.80 14.28 9.58
CA ILE G 1124 22.22 14.16 9.27
C ILE G 1124 23.08 14.68 10.42
N SER G 1125 22.67 15.79 11.03
CA SER G 1125 23.43 16.33 12.15
C SER G 1125 23.42 15.39 13.34
N ASN G 1126 22.27 14.77 13.64
CA ASN G 1126 22.22 13.80 14.72
C ASN G 1126 23.15 12.62 14.45
N GLN G 1127 23.12 12.10 13.21
CA GLN G 1127 23.99 10.98 12.88
C GLN G 1127 25.46 11.35 13.00
N VAL G 1128 25.83 12.54 12.51
CA VAL G 1128 27.22 12.95 12.56
C VAL G 1128 27.68 13.17 14.00
N TRP G 1129 26.80 13.71 14.84
CA TRP G 1129 27.17 13.89 16.24
C TRP G 1129 27.37 12.55 16.95
N LYS G 1130 26.48 11.60 16.70
CA LYS G 1130 26.66 10.27 17.28
C LYS G 1130 27.93 9.61 16.77
N PHE G 1131 28.33 9.91 15.53
CA PHE G 1131 29.58 9.37 15.03
C PHE G 1131 30.79 10.02 15.70
N GLN G 1132 30.73 11.33 15.93
CA GLN G 1132 31.89 12.05 16.47
C GLN G 1132 32.05 11.90 17.98
N ARG G 1133 31.05 11.35 18.66
CA ARG G 1133 31.22 11.03 20.08
C ARG G 1133 32.46 10.17 20.31
N TYR G 1134 32.71 9.21 19.41
CA TYR G 1134 33.85 8.31 19.57
C TYR G 1134 35.17 9.08 19.51
N GLN G 1135 35.31 9.98 18.53
CA GLN G 1135 36.53 10.74 18.40
C GLN G 1135 36.73 11.65 19.60
N LEU G 1136 35.65 12.25 20.10
CA LEU G 1136 35.77 13.08 21.30
C LEU G 1136 36.25 12.27 22.50
N ILE G 1137 35.69 11.06 22.68
CA ILE G 1137 36.06 10.22 23.81
C ILE G 1137 37.52 9.82 23.72
N MET G 1138 37.98 9.41 22.54
CA MET G 1138 39.38 9.04 22.39
C MET G 1138 40.31 10.23 22.60
N THR G 1139 39.91 11.41 22.11
CA THR G 1139 40.73 12.60 22.28
C THR G 1139 40.91 12.93 23.75
N PHE G 1140 39.84 12.84 24.54
CA PHE G 1140 39.98 13.15 25.95
C PHE G 1140 40.56 12.00 26.76
N HIS G 1141 40.56 10.78 26.23
CA HIS G 1141 41.26 9.70 26.91
C HIS G 1141 42.77 9.81 26.72
N GLU G 1142 43.22 10.30 25.57
CA GLU G 1142 44.66 10.40 25.33
C GLU G 1142 45.29 11.55 26.12
N ARG G 1143 44.52 12.60 26.39
CA ARG G 1143 45.11 13.84 26.89
C ARG G 1143 45.59 13.69 28.34
N PRO G 1144 46.58 14.48 28.74
CA PRO G 1144 47.06 14.44 30.12
C PRO G 1144 46.01 14.98 31.08
N VAL G 1145 46.23 14.70 32.37
CA VAL G 1145 45.25 15.06 33.39
C VAL G 1145 45.19 16.57 33.57
N LEU G 1146 46.34 17.24 33.55
CA LEU G 1146 46.38 18.65 33.90
C LEU G 1146 45.82 19.51 32.77
N PRO G 1147 45.12 20.59 33.09
CA PRO G 1147 44.65 21.53 32.07
C PRO G 1147 45.80 22.31 31.48
N PRO G 1148 45.59 22.98 30.35
CA PRO G 1148 46.66 23.73 29.70
C PRO G 1148 47.31 24.79 30.59
N PRO G 1149 46.59 25.53 31.43
CA PRO G 1149 47.29 26.51 32.29
C PRO G 1149 48.25 25.88 33.27
N LEU G 1150 48.08 24.60 33.61
CA LEU G 1150 49.00 23.89 34.49
C LEU G 1150 49.68 22.72 33.79
N ILE G 1151 49.58 22.64 32.47
CA ILE G 1151 50.21 21.56 31.71
C ILE G 1151 51.72 21.73 31.60
N ILE G 1152 52.27 22.82 32.14
CA ILE G 1152 53.70 23.05 32.07
C ILE G 1152 54.46 21.93 32.79
N PHE G 1153 53.93 21.47 33.92
CA PHE G 1153 54.60 20.43 34.70
C PHE G 1153 54.67 19.12 33.94
N SER G 1154 53.55 18.66 33.39
CA SER G 1154 53.56 17.44 32.59
C SER G 1154 54.34 17.61 31.30
N HIS G 1155 54.45 18.84 30.78
CA HIS G 1155 55.28 19.09 29.62
C HIS G 1155 56.77 19.12 29.98
N MET G 1156 57.11 19.61 31.17
CA MET G 1156 58.50 19.64 31.59
C MET G 1156 58.97 18.33 32.22
N THR G 1157 58.07 17.36 32.39
CA THR G 1157 58.44 16.04 32.85
C THR G 1157 58.49 15.00 31.75
N MET G 1158 57.98 15.31 30.56
CA MET G 1158 58.10 14.39 29.43
C MET G 1158 59.36 14.69 28.61
N ILE G 1159 60.48 14.81 29.33
CA ILE G 1159 61.80 14.99 28.72
C ILE G 1159 62.73 13.93 29.31
N PHE G 1160 62.79 13.88 30.64
CA PHE G 1160 63.67 12.93 31.31
C PHE G 1160 63.21 11.49 31.09
N GLN G 1161 61.90 11.26 31.06
CA GLN G 1161 61.37 9.91 30.86
C GLN G 1161 61.69 9.37 29.48
N HIS G 1162 61.89 10.24 28.49
CA HIS G 1162 62.26 9.78 27.15
C HIS G 1162 63.64 9.13 27.16
N VAL G 1163 64.59 9.70 27.90
CA VAL G 1163 65.94 9.17 27.98
C VAL G 1163 66.15 8.32 29.22
N CYS G 1164 65.08 7.95 29.91
CA CYS G 1164 65.18 7.12 31.11
C CYS G 1164 65.47 5.67 30.76
N ARG G 1177 46.55 1.04 27.68
CA ARG G 1177 45.19 0.90 27.15
C ARG G 1177 44.54 -0.37 27.67
N ASP G 1178 44.58 -0.58 28.98
CA ASP G 1178 43.94 -1.76 29.56
C ASP G 1178 42.44 -1.75 29.29
N TYR G 1179 41.81 -0.59 29.45
CA TYR G 1179 40.44 -0.39 29.00
C TYR G 1179 40.29 1.07 28.61
N GLY G 1180 39.27 1.34 27.80
CA GLY G 1180 39.10 2.61 27.15
C GLY G 1180 39.55 2.62 25.71
N LEU G 1181 40.38 1.64 25.33
CA LEU G 1181 40.68 1.36 23.93
C LEU G 1181 40.32 -0.06 23.54
N LYS G 1182 40.74 -1.04 24.34
CA LYS G 1182 40.50 -2.45 24.04
C LYS G 1182 40.01 -3.19 25.28
N LEU G 1183 39.92 -4.52 25.19
CA LEU G 1183 39.53 -5.35 26.33
C LEU G 1183 40.19 -6.72 26.13
N PHE G 1184 41.30 -6.94 26.83
CA PHE G 1184 42.01 -8.21 26.71
C PHE G 1184 41.23 -9.31 27.40
N ILE G 1185 41.05 -10.43 26.71
CA ILE G 1185 40.31 -11.57 27.23
C ILE G 1185 41.18 -12.81 27.15
N THR G 1186 40.75 -13.86 27.84
CA THR G 1186 41.47 -15.12 27.87
C THR G 1186 40.95 -16.04 26.76
N ASP G 1187 41.40 -17.30 26.78
CA ASP G 1187 41.02 -18.23 25.72
C ASP G 1187 39.57 -18.70 25.89
N ASP G 1188 39.16 -19.00 27.12
CA ASP G 1188 37.82 -19.54 27.34
C ASP G 1188 36.75 -18.52 26.98
N GLU G 1189 36.95 -17.27 27.39
CA GLU G 1189 36.01 -16.22 27.00
C GLU G 1189 35.99 -16.05 25.48
N LEU G 1190 37.15 -16.18 24.84
CA LEU G 1190 37.21 -16.08 23.39
C LEU G 1190 36.38 -17.16 22.73
N LYS G 1191 36.50 -18.40 23.20
CA LYS G 1191 35.72 -19.49 22.63
C LYS G 1191 34.23 -19.30 22.87
N LYS G 1192 33.86 -18.87 24.08
CA LYS G 1192 32.44 -18.62 24.37
C LYS G 1192 31.88 -17.53 23.47
N VAL G 1193 32.63 -16.46 23.26
CA VAL G 1193 32.17 -15.37 22.41
C VAL G 1193 32.04 -15.84 20.97
N HIS G 1194 32.99 -16.66 20.49
CA HIS G 1194 32.88 -17.18 19.13
C HIS G 1194 31.64 -18.03 18.95
N ASP G 1195 31.34 -18.91 19.93
CA ASP G 1195 30.15 -19.73 19.82
C ASP G 1195 28.88 -18.87 19.88
N PHE G 1196 28.89 -17.83 20.71
CA PHE G 1196 27.76 -16.90 20.76
C PHE G 1196 27.52 -16.22 19.42
N GLU G 1197 28.60 -15.74 18.80
CA GLU G 1197 28.47 -15.07 17.51
C GLU G 1197 27.99 -16.03 16.42
N GLU G 1198 28.48 -17.27 16.45
CA GLU G 1198 28.03 -18.27 15.48
C GLU G 1198 26.54 -18.56 15.66
N GLN G 1199 26.09 -18.70 16.90
CA GLN G 1199 24.66 -18.92 17.14
C GLN G 1199 23.84 -17.74 16.65
N CYS G 1200 24.34 -16.51 16.88
CA CYS G 1200 23.63 -15.32 16.43
C CYS G 1200 23.50 -15.28 14.90
N ILE G 1201 24.59 -15.57 14.18
CA ILE G 1201 24.52 -15.48 12.73
C ILE G 1201 23.63 -16.58 12.16
N GLU G 1202 23.68 -17.79 12.74
CA GLU G 1202 22.77 -18.85 12.30
C GLU G 1202 21.32 -18.47 12.53
N GLU G 1203 21.01 -17.91 13.70
CA GLU G 1203 19.64 -17.49 13.99
C GLU G 1203 19.20 -16.39 13.04
N TYR G 1204 20.09 -15.44 12.74
CA TYR G 1204 19.74 -14.35 11.83
C TYR G 1204 19.42 -14.87 10.44
N PHE G 1205 20.23 -15.78 9.91
CA PHE G 1205 19.95 -16.32 8.59
C PHE G 1205 18.65 -17.11 8.57
N ARG G 1206 18.41 -17.92 9.61
CA ARG G 1206 17.16 -18.67 9.67
C ARG G 1206 15.95 -17.75 9.73
N GLU G 1207 16.04 -16.68 10.53
CA GLU G 1207 14.95 -15.74 10.62
C GLU G 1207 14.71 -15.03 9.29
N LYS G 1208 15.78 -14.66 8.59
CA LYS G 1208 15.61 -14.01 7.29
C LYS G 1208 14.92 -14.93 6.29
N ASP G 1209 15.34 -16.20 6.25
CA ASP G 1209 14.70 -17.14 5.33
C ASP G 1209 13.24 -17.37 5.69
N ASP G 1210 12.94 -17.50 6.98
CA ASP G 1210 11.57 -17.71 7.41
C ASP G 1210 10.69 -16.50 7.09
N ARG G 1211 11.23 -15.29 7.28
CA ARG G 1211 10.49 -14.09 6.91
C ARG G 1211 10.24 -14.02 5.41
N PHE G 1212 11.25 -14.40 4.61
CA PHE G 1212 11.10 -14.29 3.17
C PHE G 1212 10.10 -15.31 2.62
N ASN G 1213 10.08 -16.51 3.18
CA ASN G 1213 9.20 -17.55 2.65
C ASN G 1213 7.74 -17.35 3.04
N SER G 1214 7.43 -16.40 3.92
CA SER G 1214 6.06 -16.17 4.35
C SER G 1214 5.49 -14.85 3.84
N SER G 1215 6.25 -14.11 3.04
CA SER G 1215 5.73 -12.86 2.51
C SER G 1215 4.67 -13.15 1.44
N ASN G 1216 3.86 -12.14 1.14
CA ASN G 1216 2.73 -12.34 0.24
C ASN G 1216 3.18 -12.64 -1.18
N ASP G 1217 4.24 -11.97 -1.64
CA ASP G 1217 4.70 -12.17 -3.01
C ASP G 1217 5.13 -13.61 -3.24
N GLU G 1218 5.88 -14.18 -2.29
CA GLU G 1218 6.35 -15.55 -2.45
C GLU G 1218 5.18 -16.52 -2.47
N ARG G 1219 4.21 -16.34 -1.57
CA ARG G 1219 3.06 -17.23 -1.55
C ARG G 1219 2.26 -17.13 -2.84
N ILE G 1220 2.08 -15.91 -3.36
CA ILE G 1220 1.33 -15.73 -4.60
C ILE G 1220 2.05 -16.44 -5.75
N ARG G 1221 3.36 -16.24 -5.86
CA ARG G 1221 4.10 -16.84 -6.96
C ARG G 1221 4.07 -18.37 -6.89
N VAL G 1222 4.31 -18.92 -5.69
CA VAL G 1222 4.32 -20.37 -5.55
C VAL G 1222 2.93 -20.94 -5.82
N THR G 1223 1.89 -20.28 -5.34
CA THR G 1223 0.53 -20.75 -5.60
C THR G 1223 0.21 -20.73 -7.08
N SER G 1224 0.63 -19.68 -7.78
CA SER G 1224 0.38 -19.61 -9.22
C SER G 1224 1.09 -20.73 -9.97
N GLU G 1225 2.36 -20.98 -9.61
CA GLU G 1225 3.09 -22.06 -10.29
C GLU G 1225 2.47 -23.42 -10.02
N ARG G 1226 2.10 -23.68 -8.76
CA ARG G 1226 1.50 -24.97 -8.45
C ARG G 1226 0.12 -25.12 -9.09
N VAL G 1227 -0.65 -24.03 -9.19
CA VAL G 1227 -1.94 -24.10 -9.87
C VAL G 1227 -1.74 -24.40 -11.35
N GLU G 1228 -0.75 -23.78 -11.98
CA GLU G 1228 -0.48 -24.06 -13.39
C GLU G 1228 -0.10 -25.52 -13.60
N ASN G 1229 0.80 -26.04 -12.77
CA ASN G 1229 1.20 -27.44 -12.90
C ASN G 1229 0.02 -28.38 -12.67
N MET G 1230 -0.79 -28.07 -11.64
CA MET G 1230 -1.95 -28.90 -11.34
C MET G 1230 -2.97 -28.86 -12.46
N SER G 1231 -3.16 -27.69 -13.08
CA SER G 1231 -4.09 -27.58 -14.19
C SER G 1231 -3.63 -28.41 -15.38
N MET G 1232 -2.33 -28.36 -15.69
CA MET G 1232 -1.82 -29.20 -16.77
C MET G 1232 -2.00 -30.68 -16.47
N ARG G 1233 -1.71 -31.08 -15.22
CA ARG G 1233 -1.85 -32.49 -14.85
C ARG G 1233 -3.30 -32.93 -14.91
N LEU G 1234 -4.24 -32.09 -14.47
CA LEU G 1234 -5.64 -32.46 -14.51
C LEU G 1234 -6.18 -32.49 -15.94
N GLU G 1235 -5.66 -31.63 -16.81
CA GLU G 1235 -6.02 -31.73 -18.22
C GLU G 1235 -5.54 -33.04 -18.80
N GLU G 1236 -4.33 -33.47 -18.41
CA GLU G 1236 -3.85 -34.79 -18.85
C GLU G 1236 -4.73 -35.91 -18.32
N VAL G 1237 -5.16 -35.81 -17.05
CA VAL G 1237 -5.98 -36.85 -16.45
C VAL G 1237 -7.33 -36.94 -17.17
N ASN G 1238 -7.98 -35.81 -17.39
CA ASN G 1238 -9.27 -35.81 -18.07
C ASN G 1238 -9.13 -36.11 -19.55
N GLU G 1239 -7.92 -36.00 -20.10
CA GLU G 1239 -7.72 -36.34 -21.52
C GLU G 1239 -7.97 -37.82 -21.77
N ARG G 1240 -7.55 -38.69 -20.85
CA ARG G 1240 -7.74 -40.12 -21.04
C ARG G 1240 -9.22 -40.47 -20.93
N GLU G 1241 -9.63 -41.45 -21.74
CA GLU G 1241 -11.01 -41.91 -21.79
C GLU G 1241 -11.00 -43.43 -21.89
N HIS G 1242 -11.10 -44.10 -20.74
CA HIS G 1242 -11.16 -45.56 -20.74
C HIS G 1242 -12.56 -46.08 -21.02
N SER G 1243 -13.56 -45.21 -20.99
CA SER G 1243 -14.94 -45.62 -21.26
C SER G 1243 -15.12 -45.97 -22.73
N UNK H 1 40.69 -10.82 -49.42
CA UNK H 1 40.05 -11.06 -48.13
C UNK H 1 40.92 -11.98 -47.29
N UNK H 2 40.28 -12.70 -46.37
CA UNK H 2 40.97 -13.69 -45.54
C UNK H 2 40.50 -15.08 -45.93
N UNK H 3 39.43 -15.14 -46.71
CA UNK H 3 38.88 -16.40 -47.16
C UNK H 3 39.44 -16.76 -48.53
N UNK H 4 40.76 -16.67 -48.66
CA UNK H 4 41.43 -17.04 -49.90
C UNK H 4 41.94 -18.48 -49.81
N UNK H 5 41.30 -19.26 -48.96
CA UNK H 5 41.69 -20.65 -48.75
C UNK H 5 40.73 -21.60 -49.44
N UNK H 6 39.44 -21.39 -49.23
CA UNK H 6 38.42 -22.23 -49.83
C UNK H 6 38.09 -21.74 -51.25
N UNK H 7 37.91 -22.68 -52.16
CA UNK H 7 37.55 -22.36 -53.54
C UNK H 7 36.23 -23.02 -53.92
N UNK H 8 35.42 -22.31 -54.70
CA UNK H 8 34.11 -22.81 -55.09
C UNK H 8 34.21 -23.93 -56.13
N UNK H 9 33.10 -24.20 -56.81
CA UNK H 9 33.07 -25.24 -57.83
C UNK H 9 32.01 -24.94 -58.87
N UNK H 10 32.46 -24.71 -60.11
CA UNK H 10 31.54 -24.41 -61.20
C UNK H 10 31.60 -25.50 -62.27
N UNK H 11 30.44 -25.87 -62.80
CA UNK H 11 30.35 -26.94 -63.79
C UNK H 11 31.00 -26.56 -65.12
N UNK H 12 31.31 -27.57 -65.93
CA UNK H 12 31.92 -27.36 -67.23
C UNK H 12 31.00 -27.84 -68.34
N UNK H 13 31.59 -28.40 -69.40
CA UNK H 13 30.82 -28.91 -70.52
C UNK H 13 30.09 -30.20 -70.12
N UNK H 14 28.88 -30.06 -69.60
CA UNK H 14 28.09 -31.21 -69.17
C UNK H 14 27.52 -31.96 -70.37
N UNK H 15 27.66 -33.28 -70.34
CA UNK H 15 27.19 -34.13 -71.43
C UNK H 15 26.24 -35.21 -70.93
N UNK H 16 24.94 -34.92 -70.94
CA UNK H 16 23.94 -35.88 -70.52
C UNK H 16 22.58 -35.53 -71.10
N UNK H 17 21.55 -35.59 -70.26
CA UNK H 17 20.17 -35.26 -70.65
C UNK H 17 19.67 -36.12 -71.80
C01 9Z9 I . -6.74 62.81 -6.29
C02 9Z9 I . -7.79 63.04 -5.19
C03 9Z9 I . -8.13 61.70 -4.52
C04 9Z9 I . -7.26 61.63 -3.25
C05 9Z9 I . -6.35 62.86 -3.30
C06 9Z9 I . -7.25 63.85 -4.01
C07 9Z9 I . -6.69 65.20 -4.44
C08 9Z9 I . -7.72 66.03 -5.21
C09 9Z9 I . -8.58 65.22 -6.19
C10 9Z9 I . -8.98 63.82 -5.72
C11 9Z9 I . -6.95 67.16 -5.91
C12 9Z9 I . -6.05 66.59 -7.02
C13 9Z9 I . -6.09 67.90 -4.90
C14 9Z9 I . -5.84 67.40 -3.69
C15 9Z9 I . -6.22 66.02 -3.26
C16 9Z9 I . -5.35 69.10 -5.41
C17 9Z9 I . -6.25 70.10 -6.16
C18 9Z9 I . -7.18 69.38 -7.13
C19 9Z9 I . -7.91 68.21 -6.49
O20 9Z9 I . -5.49 71.01 -6.92
C21 9Z9 I . -5.63 72.36 -6.54
C22 9Z9 I . -4.77 73.21 -7.47
C23 9Z9 I . -4.39 74.57 -6.86
C24 9Z9 I . -3.04 74.43 -6.17
O25 9Z9 I . -2.80 75.47 -5.26
C26 9Z9 I . -1.81 75.12 -4.32
C48 9Z9 I . -4.37 75.58 -8.00
O49 9Z9 I . -5.26 76.64 -7.76
C50 9Z9 I . -5.99 76.99 -8.90
O72 9Z9 I . -6.56 60.40 -3.31
C73 9Z9 I . -7.23 59.52 -4.19
C74 9Z9 I . -7.75 60.43 -5.30
C75 9Z9 I . -8.87 59.86 -6.15
C76 9Z9 I . -6.19 58.52 -4.70
C77 9Z9 I . -6.43 57.05 -4.34
C78 9Z9 I . -7.91 56.77 -4.37
C79 9Z9 I . -8.49 57.62 -3.28
O80 9Z9 I . -8.37 59.00 -3.54
C81 9Z9 I . -8.25 55.30 -4.17
C01 9Z9 J . 36.10 51.86 -6.09
C02 9Z9 J . 35.21 52.64 -7.07
C03 9Z9 J . 33.95 51.82 -7.39
C04 9Z9 J . 32.86 52.34 -6.44
C05 9Z9 J . 33.53 53.36 -5.51
C06 9Z9 J . 34.62 53.90 -6.44
C07 9Z9 J . 35.68 54.84 -5.89
C08 9Z9 J . 36.70 55.24 -6.95
C09 9Z9 J . 37.11 54.09 -7.89
C10 9Z9 J . 35.99 53.11 -8.28
C11 9Z9 J . 37.91 55.84 -6.22
C12 9Z9 J . 38.63 54.75 -5.40
C13 9Z9 J . 37.44 56.93 -5.28
C14 9Z9 J . 36.15 57.07 -4.95
C15 9Z9 J . 35.07 56.12 -5.33
C16 9Z9 J . 38.52 57.70 -4.56
C17 9Z9 J . 39.62 58.24 -5.49
C18 9Z9 J . 40.06 57.19 -6.50
C19 9Z9 J . 38.88 56.51 -7.20
O20 9Z9 J . 40.76 58.61 -4.77
C21 9Z9 J . 41.12 59.97 -4.87
C22 9Z9 J . 42.38 60.20 -4.05
C23 9Z9 J . 42.55 61.66 -3.61
C24 9Z9 J . 41.96 61.82 -2.21
O25 9Z9 J . 41.66 63.16 -1.91
C26 9Z9 J . 40.75 63.27 -0.84
C48 9Z9 J . 44.04 61.98 -3.65
O49 9Z9 J . 44.30 63.05 -4.53
C50 9Z9 J . 45.35 62.74 -5.42
O72 9Z9 J . 32.34 51.21 -5.76
C73 9Z9 J . 32.62 50.05 -6.48
C74 9Z9 J . 34.02 50.32 -7.07
C75 9Z9 J . 34.42 49.46 -8.24
C76 9Z9 J . 32.62 48.88 -5.50
C77 9Z9 J . 31.58 47.80 -5.75
C78 9Z9 J . 31.40 47.60 -7.23
C79 9Z9 J . 30.83 48.91 -7.74
O80 9Z9 J . 31.76 49.98 -7.60
C81 9Z9 J . 30.48 46.44 -7.59
C01 9Z9 K . -9.89 51.21 36.24
C02 9Z9 K . -8.88 50.88 37.36
C03 9Z9 K . -8.17 49.56 37.04
C04 9Z9 K . -6.84 49.95 36.34
C05 9Z9 K . -6.89 51.47 36.15
C06 9Z9 K . -7.72 51.88 37.37
C07 9Z9 K . -8.17 53.31 37.52
C08 9Z9 K . -9.04 53.51 38.77
C09 9Z9 K . -10.02 52.36 39.04
C10 9Z9 K . -9.52 50.96 38.74
C11 9Z9 K . -9.75 54.87 38.61
C12 9Z9 K . -10.77 54.81 37.46
C13 9Z9 K . -8.73 55.95 38.31
C14 9Z9 K . -7.49 55.66 37.92
C15 9Z9 K . -7.00 54.29 37.62
C16 9Z9 K . -9.27 57.35 38.23
C17 9Z9 K . -10.12 57.76 39.44
C18 9Z9 K . -11.10 56.67 39.81
C19 9Z9 K . -10.44 55.29 39.91
O20 9Z9 K . -10.87 58.93 39.16
C21 9Z9 K . -10.59 60.03 39.99
C22 9Z9 K . -11.50 61.16 39.57
C23 9Z9 K . -10.95 62.54 39.95
C24 9Z9 K . -10.17 63.10 38.76
O25 9Z9 K . -9.30 64.13 39.14
C26 9Z9 K . -8.29 64.33 38.19
C48 9Z9 K . -12.12 63.43 40.34
O49 9Z9 K . -12.00 63.91 41.65
C50 9Z9 K . -13.20 63.84 42.36
O72 9Z9 K . -6.81 49.23 35.13
C73 9Z9 K . -7.65 48.10 35.23
C74 9Z9 K . -8.85 48.63 36.03
C75 9Z9 K . -9.76 47.60 36.67
C76 9Z9 K . -8.03 47.68 33.80
C77 9Z9 K . -7.68 46.26 33.39
C78 9Z9 K . -7.81 45.34 34.61
C79 9Z9 K . -6.75 45.84 35.56
O80 9Z9 K . -7.04 47.14 36.05
C81 9Z9 K . -7.61 43.88 34.27
C01 9Z9 L . 32.95 40.23 36.45
C02 9Z9 L . 34.13 40.49 35.49
C03 9Z9 L . 33.93 39.69 34.20
C04 9Z9 L . 33.29 40.67 33.19
C05 9Z9 L . 33.02 41.96 33.97
C06 9Z9 L . 34.16 41.93 34.97
C07 9Z9 L . 34.20 42.96 36.09
C08 9Z9 L . 35.39 42.72 37.04
C09 9Z9 L . 35.67 41.24 37.35
C10 9Z9 L . 35.47 40.27 36.19
C11 9Z9 L . 35.11 43.55 38.31
C12 9Z9 L . 33.92 42.95 39.08
C13 9Z9 L . 34.81 44.98 37.94
C14 9Z9 L . 34.51 45.33 36.69
C15 9Z9 L . 34.31 44.37 35.57
C16 9Z9 L . 34.62 45.93 39.09
C17 9Z9 L . 35.76 45.89 40.12
C18 9Z9 L . 36.14 44.46 40.46
C19 9Z9 L . 36.36 43.60 39.21
O20 9Z9 L . 35.39 46.52 41.32
C21 9Z9 L . 36.17 47.64 41.68
C22 9Z9 L . 35.66 48.17 43.00
C23 9Z9 L . 35.99 49.65 43.23
C24 9Z9 L . 34.82 50.49 42.72
O25 9Z9 L . 35.19 51.83 42.50
C26 9Z9 L . 34.28 52.49 41.66
C48 9Z9 L . 36.26 49.85 44.70
O49 9Z9 L . 37.55 50.36 44.93
C50 9Z9 L . 38.20 49.69 45.98
O72 9Z9 L . 32.11 40.04 32.71
C73 9Z9 L . 32.20 38.66 32.92
C74 9Z9 L . 32.94 38.53 34.26
C75 9Z9 L . 33.57 37.18 34.54
C76 9Z9 L . 30.77 38.11 32.98
C77 9Z9 L . 30.38 37.11 31.91
C78 9Z9 L . 31.56 36.22 31.60
C79 9Z9 L . 32.60 37.15 31.01
O80 9Z9 L . 33.07 38.09 31.96
C81 9Z9 L . 31.23 35.10 30.62
#